data_7LN1
#
_entry.id   7LN1
#
_cell.length_a   1.00
_cell.length_b   1.00
_cell.length_c   1.00
_cell.angle_alpha   90.00
_cell.angle_beta   90.00
_cell.angle_gamma   90.00
#
_symmetry.space_group_name_H-M   'P 1'
#
loop_
_entity.id
_entity.type
_entity.pdbx_description
1 polymer 'Transitional endoplasmic reticulum ATPase'
2 polymer Hexa-ubiquitin
3 non-polymer "ADENOSINE-5'-DIPHOSPHATE"
4 non-polymer "ADENOSINE-5'-TRIPHOSPHATE"
5 non-polymer 'MAGNESIUM ION'
#
loop_
_entity_poly.entity_id
_entity_poly.type
_entity_poly.pdbx_seq_one_letter_code
_entity_poly.pdbx_strand_id
1 'polypeptide(L)'
;MASGADSKGDDLSTAILKQKNRPNRLIVDEAINEDNSVVSLSQPKMDELQLFRGDTVLLKGKKRREAVCIVLSDDTCSDE
KIRMNRVVRNNLRVRLGDVISIQPCPDVKYGKRIHVLPIDDTVEGITGNLFEVYLKPYFLEAYRPIRKGDIFLVRGGMRA
VEFKVVETDPSPYCIVAPDTVIHCEGEPIKREDEEESLNEVGYDDIGGCRKQLAQIKEMVELPLRHPALFKEIGVKPPRG
ILLYGPPGTGKTLIARAVANETGAFFFLINGPEIMSKLAGESESNLRKAFEEAEKNAPAIIFIDELDAIAPKREKTHGEV
ERRIVSQLLTLMDGLKQRAHVIVMAATNRPNSIDPALRRFGRFDREVDIGIPDATGRLEILQIHTKNMKLADDVDLEQVA
NETHGHVGADLAALCSEAALQAIRKKMDLIDLEDETIDAEVMNSLAVTMDDFRWALSQSNPSALRETVVEVPQVTWEDIG
GLEDVKRELQELVQYPVEHPDKFLKFGMTPSKGVLFYGPPGCGKTLLAKAIANECQANFISIKGPELLTMWFGESEANVR
EIFDKARQAAPCVLFFDQLDSIAKARGGNIGDGGGAADRVINQILTEMDGMSTKKNVFIIGATNRPDIIDPAILRPGRLD
QLIYIPLPDEKSRVAILKANLRKSPVAKDVDLEFLAKMTNGFSGADLTEICQRACKLAIRESIESEIRRERERQTNPSAM
EVEEDDPVPEIRRDHFEEAMRFARRSVSDNDIRKYEMFAQTLQQSRGFGSFRFPSGNQGGAGPSQGSGGGTGGSVYTEDN
DDDLYG
;
A,B,C,D,E,F
2 'polypeptide(L)' (UNK)(UNK)(UNK)(UNK)(UNK)(UNK)(UNK)(UNK)(UNK) G
#
loop_
_chem_comp.id
_chem_comp.type
_chem_comp.name
_chem_comp.formula
ADP non-polymer ADENOSINE-5'-DIPHOSPHATE 'C10 H15 N5 O10 P2'
ATP non-polymer ADENOSINE-5'-TRIPHOSPHATE 'C10 H16 N5 O13 P3'
MG non-polymer 'MAGNESIUM ION' 'Mg 2'
#
# COMPACT_ATOMS: atom_id res chain seq x y z
N PRO A 23 -31.78 -52.67 -28.54
CA PRO A 23 -32.81 -53.65 -28.20
C PRO A 23 -32.87 -53.96 -26.71
N ASN A 24 -31.78 -53.70 -25.99
CA ASN A 24 -31.78 -53.94 -24.54
C ASN A 24 -32.67 -52.93 -23.82
N ARG A 25 -32.72 -51.69 -24.31
CA ARG A 25 -33.57 -50.67 -23.71
C ARG A 25 -35.03 -51.12 -23.77
N LEU A 26 -35.74 -51.01 -22.66
CA LEU A 26 -37.12 -51.46 -22.62
C LEU A 26 -37.86 -50.79 -21.46
N ILE A 27 -39.17 -50.62 -21.64
CA ILE A 27 -40.00 -49.92 -20.67
C ILE A 27 -40.35 -50.85 -19.52
N VAL A 28 -40.49 -50.27 -18.32
CA VAL A 28 -40.88 -51.04 -17.15
C VAL A 28 -42.35 -51.41 -17.24
N ASP A 29 -42.69 -52.63 -16.84
CA ASP A 29 -44.06 -53.10 -16.80
C ASP A 29 -44.30 -53.82 -15.48
N GLU A 30 -45.53 -53.74 -14.99
CA GLU A 30 -45.86 -54.44 -13.75
C GLU A 30 -45.99 -55.94 -13.99
N ALA A 31 -45.90 -56.70 -12.91
CA ALA A 31 -46.03 -58.15 -12.94
C ALA A 31 -47.42 -58.53 -12.48
N ILE A 32 -48.12 -59.35 -13.27
CA ILE A 32 -49.45 -59.80 -12.88
C ILE A 32 -49.37 -60.71 -11.66
N ASN A 33 -48.48 -61.71 -11.73
CA ASN A 33 -48.35 -62.71 -10.68
C ASN A 33 -46.91 -63.03 -10.34
N GLU A 34 -45.93 -62.34 -10.93
CA GLU A 34 -44.55 -62.75 -10.80
C GLU A 34 -43.95 -62.26 -9.49
N ASP A 35 -43.12 -63.11 -8.88
CA ASP A 35 -42.41 -62.73 -7.67
C ASP A 35 -41.11 -62.00 -8.02
N ASN A 36 -40.52 -61.40 -6.99
CA ASN A 36 -39.40 -60.49 -7.19
C ASN A 36 -38.16 -61.21 -7.71
N SER A 37 -38.06 -62.52 -7.44
CA SER A 37 -36.85 -63.26 -7.81
C SER A 37 -36.67 -63.33 -9.31
N VAL A 38 -37.77 -63.40 -10.05
CA VAL A 38 -37.73 -63.55 -11.50
C VAL A 38 -38.58 -62.46 -12.14
N VAL A 39 -38.27 -62.17 -13.41
CA VAL A 39 -39.10 -61.29 -14.23
C VAL A 39 -39.30 -61.97 -15.57
N SER A 40 -40.36 -61.55 -16.27
CA SER A 40 -40.78 -62.18 -17.51
C SER A 40 -40.61 -61.22 -18.67
N LEU A 41 -40.40 -61.78 -19.86
CA LEU A 41 -40.33 -61.02 -21.10
C LEU A 41 -41.33 -61.59 -22.09
N SER A 42 -41.65 -60.78 -23.10
CA SER A 42 -42.48 -61.26 -24.19
C SER A 42 -41.74 -62.32 -24.99
N GLN A 43 -42.47 -63.37 -25.39
CA GLN A 43 -41.87 -64.39 -26.24
C GLN A 43 -41.33 -63.83 -27.55
N PRO A 44 -42.05 -62.98 -28.30
CA PRO A 44 -41.40 -62.33 -29.46
C PRO A 44 -40.19 -61.49 -29.07
N LYS A 45 -40.24 -60.81 -27.93
CA LYS A 45 -39.11 -59.96 -27.54
C LYS A 45 -37.90 -60.78 -27.16
N MET A 46 -38.11 -61.91 -26.46
CA MET A 46 -37.00 -62.82 -26.20
C MET A 46 -36.45 -63.38 -27.51
N ASP A 47 -37.34 -63.72 -28.44
CA ASP A 47 -36.88 -64.22 -29.74
C ASP A 47 -36.05 -63.17 -30.47
N GLU A 48 -36.41 -61.89 -30.31
CA GLU A 48 -35.58 -60.82 -30.87
C GLU A 48 -34.22 -60.79 -30.22
N LEU A 49 -34.17 -60.98 -28.90
CA LEU A 49 -32.91 -61.07 -28.17
C LEU A 49 -32.27 -62.45 -28.28
N GLN A 50 -32.91 -63.40 -28.97
CA GLN A 50 -32.40 -64.76 -29.12
C GLN A 50 -32.15 -65.40 -27.76
N LEU A 51 -33.12 -65.29 -26.86
CA LEU A 51 -33.02 -65.78 -25.50
C LEU A 51 -33.85 -67.04 -25.34
N PHE A 52 -33.23 -68.12 -24.88
CA PHE A 52 -33.96 -69.34 -24.58
C PHE A 52 -34.78 -69.17 -23.31
N ARG A 53 -35.88 -69.91 -23.23
CA ARG A 53 -36.79 -69.79 -22.11
C ARG A 53 -36.16 -70.31 -20.83
N GLY A 54 -36.43 -69.61 -19.72
CA GLY A 54 -35.96 -70.02 -18.41
C GLY A 54 -34.54 -69.63 -18.06
N ASP A 55 -33.87 -68.84 -18.90
CA ASP A 55 -32.49 -68.48 -18.62
C ASP A 55 -32.41 -67.39 -17.56
N THR A 56 -31.19 -67.16 -17.06
CA THR A 56 -30.93 -66.00 -16.23
C THR A 56 -30.84 -64.74 -17.10
N VAL A 57 -31.42 -63.65 -16.61
CA VAL A 57 -31.36 -62.37 -17.31
C VAL A 57 -30.71 -61.34 -16.39
N LEU A 58 -29.69 -60.67 -16.89
CA LEU A 58 -29.06 -59.57 -16.14
C LEU A 58 -29.92 -58.31 -16.26
N LEU A 59 -30.16 -57.66 -15.13
CA LEU A 59 -30.96 -56.45 -15.09
C LEU A 59 -30.09 -55.25 -14.74
N LYS A 60 -30.25 -54.17 -15.49
CA LYS A 60 -29.50 -52.93 -15.26
C LYS A 60 -30.45 -51.82 -14.86
N GLY A 61 -30.11 -51.09 -13.80
CA GLY A 61 -30.92 -49.97 -13.34
C GLY A 61 -30.07 -48.73 -13.14
N LYS A 62 -30.75 -47.65 -12.74
CA LYS A 62 -30.06 -46.39 -12.49
C LYS A 62 -29.17 -46.49 -11.26
N LYS A 63 -28.20 -45.59 -11.18
CA LYS A 63 -27.15 -45.62 -10.17
C LYS A 63 -26.36 -46.92 -10.20
N ARG A 64 -26.27 -47.52 -11.39
CA ARG A 64 -25.53 -48.76 -11.61
C ARG A 64 -25.98 -49.87 -10.66
N ARG A 65 -27.29 -50.02 -10.49
CA ARG A 65 -27.85 -51.10 -9.69
C ARG A 65 -28.22 -52.27 -10.59
N GLU A 66 -27.80 -53.47 -10.21
CA GLU A 66 -27.92 -54.65 -11.06
C GLU A 66 -28.70 -55.74 -10.35
N ALA A 67 -29.28 -56.64 -11.15
CA ALA A 67 -30.06 -57.75 -10.65
C ALA A 67 -30.10 -58.84 -11.71
N VAL A 68 -30.48 -60.05 -11.30
CA VAL A 68 -30.69 -61.16 -12.24
C VAL A 68 -31.96 -61.89 -11.88
N CYS A 69 -32.60 -62.47 -12.90
CA CYS A 69 -33.89 -63.13 -12.79
C CYS A 69 -33.96 -64.27 -13.80
N ILE A 70 -34.89 -65.19 -13.58
CA ILE A 70 -35.20 -66.19 -14.60
C ILE A 70 -36.28 -65.63 -15.51
N VAL A 71 -36.00 -65.62 -16.81
CA VAL A 71 -36.95 -65.10 -17.78
C VAL A 71 -38.11 -66.08 -17.97
N LEU A 72 -39.31 -65.54 -18.08
CA LEU A 72 -40.51 -66.33 -18.34
C LEU A 72 -41.21 -65.78 -19.57
N SER A 73 -41.80 -66.68 -20.35
CA SER A 73 -42.47 -66.32 -21.60
C SER A 73 -43.96 -66.21 -21.35
N ASP A 74 -44.46 -64.98 -21.23
CA ASP A 74 -45.86 -64.73 -20.94
C ASP A 74 -46.45 -63.89 -22.07
N ASP A 75 -47.58 -64.34 -22.62
CA ASP A 75 -48.14 -63.72 -23.81
C ASP A 75 -48.65 -62.31 -23.54
N THR A 76 -49.14 -62.06 -22.32
CA THR A 76 -49.73 -60.77 -22.02
C THR A 76 -48.70 -59.65 -22.11
N CYS A 77 -47.49 -59.90 -21.65
CA CYS A 77 -46.46 -58.87 -21.62
C CYS A 77 -46.16 -58.37 -23.02
N SER A 78 -46.29 -57.05 -23.20
CA SER A 78 -46.09 -56.45 -24.52
C SER A 78 -44.62 -56.48 -24.91
N ASP A 79 -44.38 -56.46 -26.23
CA ASP A 79 -43.01 -56.62 -26.72
C ASP A 79 -42.12 -55.47 -26.29
N GLU A 80 -42.69 -54.30 -26.05
CA GLU A 80 -41.93 -53.11 -25.69
C GLU A 80 -41.84 -52.88 -24.18
N LYS A 81 -42.25 -53.83 -23.35
CA LYS A 81 -42.25 -53.68 -21.91
C LYS A 81 -41.74 -54.95 -21.23
N ILE A 82 -41.22 -54.81 -20.01
CA ILE A 82 -40.72 -55.93 -19.22
C ILE A 82 -41.48 -55.99 -17.90
N ARG A 83 -42.06 -57.15 -17.62
CA ARG A 83 -42.86 -57.31 -16.41
C ARG A 83 -41.97 -57.30 -15.18
N MET A 84 -42.05 -56.22 -14.40
CA MET A 84 -41.25 -56.06 -13.20
C MET A 84 -42.16 -55.75 -12.02
N ASN A 85 -41.92 -56.42 -10.91
CA ASN A 85 -42.69 -56.21 -9.69
C ASN A 85 -42.24 -54.93 -8.98
N ARG A 86 -42.99 -54.58 -7.94
CA ARG A 86 -42.62 -53.47 -7.06
C ARG A 86 -41.23 -53.69 -6.46
N VAL A 87 -40.92 -54.92 -6.06
CA VAL A 87 -39.68 -55.17 -5.32
C VAL A 87 -38.47 -55.09 -6.25
N VAL A 88 -38.57 -55.63 -7.46
CA VAL A 88 -37.45 -55.52 -8.41
C VAL A 88 -37.37 -54.10 -8.96
N ARG A 89 -38.51 -53.41 -9.02
CA ARG A 89 -38.51 -51.99 -9.35
C ARG A 89 -37.77 -51.18 -8.28
N ASN A 90 -37.94 -51.53 -7.01
CA ASN A 90 -37.18 -50.88 -5.95
C ASN A 90 -35.73 -51.33 -5.95
N ASN A 91 -35.45 -52.51 -6.51
CA ASN A 91 -34.06 -52.90 -6.71
C ASN A 91 -33.35 -51.94 -7.64
N LEU A 92 -34.03 -51.51 -8.71
CA LEU A 92 -33.42 -50.64 -9.70
C LEU A 92 -33.80 -49.17 -9.53
N ARG A 93 -34.63 -48.84 -8.53
CA ARG A 93 -35.11 -47.48 -8.31
C ARG A 93 -35.74 -46.88 -9.57
N VAL A 94 -36.43 -47.72 -10.34
CA VAL A 94 -37.04 -47.27 -11.59
C VAL A 94 -38.54 -47.51 -11.52
N ARG A 95 -39.29 -46.62 -12.16
CA ARG A 95 -40.75 -46.61 -12.14
C ARG A 95 -41.28 -47.05 -13.50
N LEU A 96 -42.62 -47.04 -13.61
CA LEU A 96 -43.27 -47.35 -14.87
C LEU A 96 -42.95 -46.28 -15.89
N GLY A 97 -42.60 -46.72 -17.10
CA GLY A 97 -42.16 -45.80 -18.12
C GLY A 97 -40.68 -45.53 -18.13
N ASP A 98 -39.94 -46.04 -17.15
CA ASP A 98 -38.49 -45.90 -17.15
C ASP A 98 -37.87 -46.88 -18.14
N VAL A 99 -36.70 -46.51 -18.65
CA VAL A 99 -35.98 -47.29 -19.64
C VAL A 99 -34.84 -48.01 -18.93
N ILE A 100 -34.84 -49.33 -19.00
CA ILE A 100 -33.80 -50.15 -18.40
C ILE A 100 -33.21 -51.05 -19.48
N SER A 101 -31.92 -51.35 -19.35
CA SER A 101 -31.22 -52.19 -20.30
C SER A 101 -31.18 -53.62 -19.78
N ILE A 102 -31.58 -54.57 -20.61
CA ILE A 102 -31.70 -55.97 -20.23
C ILE A 102 -30.95 -56.84 -21.22
N GLN A 103 -30.09 -57.70 -20.70
CA GLN A 103 -29.34 -58.68 -21.46
C GLN A 103 -29.21 -59.95 -20.65
N PRO A 104 -29.22 -61.12 -21.31
CA PRO A 104 -29.03 -62.37 -20.57
C PRO A 104 -27.65 -62.41 -19.91
N CYS A 105 -27.59 -63.02 -18.73
CA CYS A 105 -26.36 -63.09 -17.97
C CYS A 105 -25.68 -64.44 -18.19
N PRO A 106 -24.44 -64.46 -18.66
CA PRO A 106 -23.73 -65.73 -18.83
C PRO A 106 -23.04 -66.16 -17.55
N ASP A 107 -22.57 -67.41 -17.56
CA ASP A 107 -21.74 -67.96 -16.50
C ASP A 107 -22.34 -67.73 -15.12
N VAL A 108 -23.63 -68.04 -14.99
CA VAL A 108 -24.30 -67.99 -13.70
C VAL A 108 -24.27 -69.40 -13.12
N LYS A 109 -23.42 -69.61 -12.12
CA LYS A 109 -23.22 -70.92 -11.53
C LYS A 109 -24.13 -71.13 -10.34
N TYR A 110 -24.26 -72.40 -9.94
CA TYR A 110 -25.10 -72.73 -8.79
C TYR A 110 -24.34 -72.50 -7.48
N GLY A 111 -25.01 -71.84 -6.54
CA GLY A 111 -24.36 -71.29 -5.36
C GLY A 111 -24.33 -72.27 -4.19
N LYS A 112 -23.12 -72.48 -3.66
CA LYS A 112 -22.96 -73.34 -2.49
C LYS A 112 -23.66 -72.74 -1.28
N ARG A 113 -23.54 -71.43 -1.08
CA ARG A 113 -24.13 -70.76 0.06
C ARG A 113 -24.62 -69.39 -0.37
N ILE A 114 -25.61 -68.86 0.35
CA ILE A 114 -26.06 -67.49 0.18
C ILE A 114 -26.20 -66.85 1.55
N HIS A 115 -25.74 -65.61 1.65
CA HIS A 115 -25.79 -64.83 2.87
C HIS A 115 -26.74 -63.65 2.66
N VAL A 116 -27.75 -63.55 3.52
CA VAL A 116 -28.74 -62.49 3.42
C VAL A 116 -28.91 -61.86 4.79
N LEU A 117 -29.33 -60.60 4.79
CA LEU A 117 -29.46 -59.81 6.01
C LEU A 117 -30.75 -59.03 5.99
N PRO A 118 -31.68 -59.29 6.92
CA PRO A 118 -32.95 -58.56 6.91
C PRO A 118 -32.82 -57.17 7.51
N ILE A 119 -33.86 -56.36 7.30
CA ILE A 119 -33.84 -54.99 7.80
C ILE A 119 -34.23 -54.97 9.27
N ASP A 120 -33.82 -53.90 9.97
CA ASP A 120 -34.06 -53.79 11.41
C ASP A 120 -35.55 -53.73 11.73
N ASP A 121 -36.35 -53.12 10.85
CA ASP A 121 -37.79 -53.09 11.09
C ASP A 121 -38.43 -54.43 10.78
N THR A 122 -37.74 -55.30 10.03
CA THR A 122 -38.30 -56.60 9.67
C THR A 122 -38.28 -57.56 10.85
N VAL A 123 -37.18 -57.58 11.61
CA VAL A 123 -36.99 -58.59 12.64
C VAL A 123 -38.02 -58.44 13.75
N GLU A 124 -38.41 -57.21 14.06
CA GLU A 124 -39.36 -56.97 15.14
C GLU A 124 -40.75 -57.45 14.76
N GLY A 125 -41.47 -57.97 15.75
CA GLY A 125 -42.83 -58.42 15.55
C GLY A 125 -42.98 -59.81 14.98
N ILE A 126 -41.89 -60.47 14.62
CA ILE A 126 -41.91 -61.84 14.12
C ILE A 126 -41.31 -62.72 15.19
N THR A 127 -42.15 -63.49 15.89
CA THR A 127 -41.68 -64.31 16.99
C THR A 127 -40.77 -65.43 16.50
N GLY A 128 -41.16 -66.10 15.42
CA GLY A 128 -40.35 -67.19 14.90
C GLY A 128 -39.14 -66.70 14.13
N ASN A 129 -38.12 -67.57 14.07
CA ASN A 129 -36.92 -67.26 13.30
C ASN A 129 -37.26 -67.04 11.84
N LEU A 130 -36.71 -65.95 11.27
CA LEU A 130 -37.11 -65.55 9.92
C LEU A 130 -36.70 -66.59 8.88
N PHE A 131 -35.51 -67.18 9.04
CA PHE A 131 -35.04 -68.16 8.06
C PHE A 131 -35.99 -69.36 7.99
N GLU A 132 -36.44 -69.85 9.16
CA GLU A 132 -37.37 -70.97 9.17
C GLU A 132 -38.72 -70.59 8.58
N VAL A 133 -39.11 -69.32 8.73
CA VAL A 133 -40.41 -68.89 8.23
C VAL A 133 -40.33 -68.48 6.76
N TYR A 134 -39.32 -67.69 6.40
CA TYR A 134 -39.27 -67.04 5.09
C TYR A 134 -38.16 -67.60 4.20
N LEU A 135 -36.92 -67.61 4.67
CA LEU A 135 -35.79 -67.94 3.80
C LEU A 135 -35.78 -69.41 3.41
N LYS A 136 -36.09 -70.30 4.35
CA LYS A 136 -36.07 -71.73 4.05
C LYS A 136 -37.06 -72.13 2.97
N PRO A 137 -38.36 -71.80 3.06
CA PRO A 137 -39.28 -72.32 2.03
C PRO A 137 -39.13 -71.60 0.69
N TYR A 138 -38.70 -70.34 0.71
CA TYR A 138 -38.58 -69.60 -0.54
C TYR A 138 -37.38 -70.06 -1.35
N PHE A 139 -36.25 -70.30 -0.69
CA PHE A 139 -35.02 -70.68 -1.37
C PHE A 139 -34.93 -72.18 -1.59
N LEU A 140 -35.94 -72.93 -1.19
CA LEU A 140 -36.03 -74.36 -1.49
C LEU A 140 -36.59 -74.55 -2.89
N GLU A 141 -35.86 -75.29 -3.73
CA GLU A 141 -36.22 -75.51 -5.13
C GLU A 141 -36.35 -74.17 -5.86
N ALA A 142 -35.51 -73.21 -5.49
CA ALA A 142 -35.63 -71.86 -6.01
C ALA A 142 -35.20 -71.81 -7.49
N TYR A 143 -33.96 -72.19 -7.77
CA TYR A 143 -33.37 -72.09 -9.10
C TYR A 143 -33.36 -70.63 -9.57
N ARG A 144 -33.24 -69.72 -8.61
CA ARG A 144 -33.33 -68.30 -8.86
C ARG A 144 -31.96 -67.66 -8.74
N PRO A 145 -31.36 -67.23 -9.85
CA PRO A 145 -30.06 -66.53 -9.75
C PRO A 145 -30.21 -65.18 -9.07
N ILE A 146 -29.17 -64.80 -8.32
CA ILE A 146 -29.21 -63.58 -7.52
C ILE A 146 -27.89 -62.82 -7.68
N ARG A 147 -27.96 -61.52 -7.38
CA ARG A 147 -26.87 -60.57 -7.54
C ARG A 147 -26.72 -59.74 -6.28
N LYS A 148 -25.51 -59.23 -6.07
CA LYS A 148 -25.21 -58.42 -4.89
C LYS A 148 -26.11 -57.19 -4.83
N GLY A 149 -26.52 -56.84 -3.62
CA GLY A 149 -27.30 -55.64 -3.38
C GLY A 149 -28.78 -55.76 -3.64
N ASP A 150 -29.27 -56.93 -4.02
CA ASP A 150 -30.67 -57.07 -4.39
C ASP A 150 -31.57 -57.16 -3.17
N ILE A 151 -32.81 -56.72 -3.34
CA ILE A 151 -33.84 -56.77 -2.31
C ILE A 151 -34.93 -57.70 -2.81
N PHE A 152 -35.36 -58.62 -1.95
CA PHE A 152 -36.48 -59.51 -2.24
C PHE A 152 -37.39 -59.56 -1.03
N LEU A 153 -38.70 -59.58 -1.31
CA LEU A 153 -39.70 -59.66 -0.25
C LEU A 153 -40.60 -60.87 -0.51
N VAL A 154 -40.78 -61.69 0.51
CA VAL A 154 -41.70 -62.82 0.50
C VAL A 154 -42.68 -62.65 1.65
N ARG A 155 -43.95 -62.92 1.39
CA ARG A 155 -45.02 -62.67 2.35
C ARG A 155 -45.13 -63.85 3.32
N GLY A 156 -45.18 -63.54 4.61
CA GLY A 156 -45.34 -64.57 5.62
C GLY A 156 -45.61 -63.95 6.97
N GLY A 157 -46.21 -64.77 7.84
CA GLY A 157 -46.45 -64.36 9.22
C GLY A 157 -47.43 -63.20 9.33
N MET A 158 -47.39 -62.56 10.50
CA MET A 158 -48.20 -61.38 10.73
C MET A 158 -47.66 -60.17 9.97
N ARG A 159 -46.36 -60.16 9.68
CA ARG A 159 -45.73 -59.13 8.87
C ARG A 159 -44.76 -59.75 7.89
N ALA A 160 -44.82 -59.30 6.63
CA ALA A 160 -43.86 -59.73 5.63
C ALA A 160 -42.47 -59.18 5.97
N VAL A 161 -41.45 -59.99 5.73
CA VAL A 161 -40.08 -59.69 6.13
C VAL A 161 -39.20 -59.63 4.89
N GLU A 162 -38.55 -58.49 4.68
CA GLU A 162 -37.70 -58.28 3.52
C GLU A 162 -36.24 -58.47 3.91
N PHE A 163 -35.49 -59.15 3.06
CA PHE A 163 -34.09 -59.46 3.32
C PHE A 163 -33.24 -58.77 2.27
N LYS A 164 -31.98 -58.49 2.63
CA LYS A 164 -31.03 -57.91 1.69
C LYS A 164 -29.90 -58.90 1.46
N VAL A 165 -29.67 -59.25 0.20
CA VAL A 165 -28.70 -60.28 -0.15
C VAL A 165 -27.31 -59.66 -0.33
N VAL A 166 -26.63 -59.41 0.80
CA VAL A 166 -25.38 -58.65 0.76
C VAL A 166 -24.27 -59.46 0.12
N GLU A 167 -24.12 -60.73 0.50
CA GLU A 167 -23.07 -61.59 -0.02
C GLU A 167 -23.67 -62.80 -0.71
N THR A 168 -23.19 -63.08 -1.93
CA THR A 168 -23.61 -64.25 -2.69
C THR A 168 -22.38 -65.10 -2.96
N ASP A 169 -22.47 -66.39 -2.65
CA ASP A 169 -21.40 -67.33 -2.89
C ASP A 169 -21.79 -68.27 -4.02
N PRO A 170 -21.02 -68.32 -5.12
CA PRO A 170 -19.85 -67.47 -5.38
C PRO A 170 -20.21 -66.07 -5.90
N SER A 171 -19.28 -65.14 -5.77
CA SER A 171 -19.50 -63.79 -6.28
C SER A 171 -19.37 -63.75 -7.80
N PRO A 172 -20.17 -62.92 -8.48
CA PRO A 172 -21.28 -62.19 -7.87
C PRO A 172 -22.65 -62.76 -8.24
N TYR A 173 -22.68 -63.67 -9.21
CA TYR A 173 -23.92 -64.23 -9.73
C TYR A 173 -23.99 -65.70 -9.38
N CYS A 174 -25.10 -66.12 -8.77
CA CYS A 174 -25.27 -67.49 -8.33
C CYS A 174 -26.75 -67.86 -8.36
N ILE A 175 -27.04 -69.11 -8.68
CA ILE A 175 -28.39 -69.65 -8.71
C ILE A 175 -28.65 -70.38 -7.40
N VAL A 176 -29.79 -70.09 -6.77
CA VAL A 176 -30.13 -70.69 -5.48
C VAL A 176 -30.40 -72.18 -5.71
N ALA A 177 -29.51 -73.03 -5.21
CA ALA A 177 -29.68 -74.46 -5.31
C ALA A 177 -30.47 -75.00 -4.12
N PRO A 178 -31.18 -76.11 -4.31
CA PRO A 178 -31.92 -76.70 -3.19
C PRO A 178 -31.04 -77.09 -2.00
N ASP A 179 -29.80 -77.51 -2.26
CA ASP A 179 -28.94 -77.96 -1.17
C ASP A 179 -28.24 -76.78 -0.48
N THR A 180 -28.44 -75.56 -0.99
CA THR A 180 -27.87 -74.38 -0.35
C THR A 180 -28.58 -74.07 0.97
N VAL A 181 -27.78 -73.76 1.99
CA VAL A 181 -28.28 -73.39 3.31
C VAL A 181 -28.19 -71.89 3.48
N ILE A 182 -29.25 -71.29 4.02
CA ILE A 182 -29.39 -69.84 4.10
C ILE A 182 -29.23 -69.42 5.56
N HIS A 183 -28.26 -68.52 5.82
CA HIS A 183 -27.97 -68.07 7.17
C HIS A 183 -28.20 -66.57 7.27
N CYS A 184 -28.89 -66.14 8.32
CA CYS A 184 -29.14 -64.74 8.57
C CYS A 184 -28.33 -64.19 9.74
N GLU A 185 -27.33 -64.92 10.21
CA GLU A 185 -26.49 -64.45 11.31
C GLU A 185 -25.64 -63.26 10.86
N GLY A 186 -25.40 -62.34 11.78
CA GLY A 186 -24.61 -61.17 11.50
C GLY A 186 -25.32 -59.92 11.98
N GLU A 187 -25.05 -58.81 11.28
CA GLU A 187 -25.62 -57.52 11.64
C GLU A 187 -26.81 -57.23 10.73
N PRO A 188 -28.04 -57.18 11.25
CA PRO A 188 -29.18 -56.79 10.42
C PRO A 188 -28.99 -55.37 9.87
N ILE A 189 -29.42 -55.18 8.62
CA ILE A 189 -29.23 -53.90 7.94
C ILE A 189 -30.13 -52.84 8.55
N LYS A 190 -29.56 -51.68 8.84
CA LYS A 190 -30.31 -50.60 9.46
C LYS A 190 -31.35 -50.03 8.50
N ARG A 191 -32.50 -49.64 9.04
CA ARG A 191 -33.53 -49.01 8.23
C ARG A 191 -33.06 -47.65 7.71
N GLU A 192 -32.28 -46.93 8.53
CA GLU A 192 -31.71 -45.67 8.07
C GLU A 192 -30.76 -45.89 6.90
N ASP A 193 -29.94 -46.93 6.97
CA ASP A 193 -29.02 -47.21 5.87
C ASP A 193 -29.79 -47.57 4.60
N GLU A 194 -30.84 -48.38 4.73
CA GLU A 194 -31.64 -48.74 3.56
C GLU A 194 -32.33 -47.51 2.97
N GLU A 195 -32.87 -46.63 3.82
CA GLU A 195 -33.49 -45.42 3.33
C GLU A 195 -32.47 -44.52 2.64
N GLU A 196 -31.26 -44.45 3.19
CA GLU A 196 -30.19 -43.70 2.51
C GLU A 196 -29.86 -44.33 1.15
N SER A 197 -29.98 -45.65 1.05
CA SER A 197 -29.83 -46.30 -0.26
C SER A 197 -30.95 -45.86 -1.20
N LEU A 198 -32.18 -45.72 -0.67
CA LEU A 198 -33.29 -45.29 -1.52
C LEU A 198 -33.06 -43.90 -2.09
N ASN A 199 -32.62 -42.95 -1.28
CA ASN A 199 -32.50 -41.56 -1.71
C ASN A 199 -31.12 -41.20 -2.25
N GLU A 200 -30.37 -42.18 -2.76
CA GLU A 200 -29.13 -41.86 -3.47
C GLU A 200 -29.46 -41.09 -4.75
N VAL A 201 -28.60 -40.12 -5.08
CA VAL A 201 -28.94 -39.14 -6.08
C VAL A 201 -28.67 -39.67 -7.49
N GLY A 202 -29.63 -39.44 -8.40
CA GLY A 202 -29.44 -39.72 -9.80
C GLY A 202 -29.61 -38.45 -10.62
N TYR A 203 -29.48 -38.60 -11.94
CA TYR A 203 -29.65 -37.46 -12.84
C TYR A 203 -31.05 -36.86 -12.72
N ASP A 204 -32.00 -37.64 -12.21
CA ASP A 204 -33.37 -37.15 -12.11
C ASP A 204 -33.50 -36.02 -11.09
N ASP A 205 -32.75 -36.11 -9.98
CA ASP A 205 -32.87 -35.09 -8.95
C ASP A 205 -32.36 -33.74 -9.42
N ILE A 206 -31.56 -33.73 -10.48
CA ILE A 206 -31.08 -32.47 -11.04
C ILE A 206 -31.83 -32.13 -12.32
N GLY A 207 -32.56 -31.03 -12.29
CA GLY A 207 -33.39 -30.64 -13.42
C GLY A 207 -33.15 -29.18 -13.77
N GLY A 208 -33.50 -28.83 -14.99
CA GLY A 208 -33.05 -27.57 -15.55
C GLY A 208 -31.63 -27.61 -16.04
N CYS A 209 -30.98 -28.77 -15.97
CA CYS A 209 -29.59 -28.95 -16.37
C CYS A 209 -29.45 -30.01 -17.46
N ARG A 210 -30.56 -30.36 -18.12
CA ARG A 210 -30.52 -31.44 -19.09
C ARG A 210 -29.56 -31.13 -20.22
N LYS A 211 -29.58 -29.90 -20.73
CA LYS A 211 -28.58 -29.51 -21.73
C LYS A 211 -27.19 -29.58 -21.13
N GLN A 212 -27.04 -29.09 -19.90
CA GLN A 212 -25.76 -29.20 -19.22
C GLN A 212 -25.43 -30.66 -18.95
N LEU A 213 -26.43 -31.48 -18.68
CA LEU A 213 -26.17 -32.90 -18.47
C LEU A 213 -25.66 -33.57 -19.74
N ALA A 214 -26.21 -33.19 -20.89
CA ALA A 214 -25.70 -33.70 -22.17
C ALA A 214 -24.28 -33.20 -22.41
N GLN A 215 -24.02 -31.92 -22.13
CA GLN A 215 -22.68 -31.38 -22.29
C GLN A 215 -21.68 -32.13 -21.42
N ILE A 216 -22.04 -32.40 -20.17
CA ILE A 216 -21.16 -33.08 -19.24
C ILE A 216 -20.99 -34.55 -19.62
N LYS A 217 -22.08 -35.19 -20.08
CA LYS A 217 -21.98 -36.58 -20.51
C LYS A 217 -21.04 -36.72 -21.70
N GLU A 218 -21.12 -35.79 -22.65
CA GLU A 218 -20.14 -35.79 -23.73
C GLU A 218 -18.75 -35.46 -23.19
N MET A 219 -18.66 -34.64 -22.15
CA MET A 219 -17.37 -34.25 -21.61
C MET A 219 -16.77 -35.37 -20.77
N VAL A 220 -17.58 -36.13 -20.05
CA VAL A 220 -17.12 -37.06 -19.04
C VAL A 220 -17.21 -38.51 -19.50
N GLU A 221 -18.43 -38.97 -19.82
CA GLU A 221 -18.60 -40.39 -20.12
C GLU A 221 -17.98 -40.75 -21.48
N LEU A 222 -17.91 -39.80 -22.40
CA LEU A 222 -17.26 -40.09 -23.67
C LEU A 222 -15.79 -40.44 -23.49
N PRO A 223 -14.96 -39.65 -22.78
CA PRO A 223 -13.60 -40.11 -22.52
C PRO A 223 -13.53 -41.39 -21.70
N LEU A 224 -14.54 -41.65 -20.87
CA LEU A 224 -14.55 -42.90 -20.11
C LEU A 224 -14.78 -44.11 -21.00
N ARG A 225 -15.58 -43.94 -22.05
CA ARG A 225 -15.97 -45.09 -22.87
C ARG A 225 -15.07 -45.24 -24.10
N HIS A 226 -14.43 -44.16 -24.53
CA HIS A 226 -13.73 -44.11 -25.81
C HIS A 226 -12.29 -43.66 -25.64
N PRO A 227 -11.42 -44.52 -25.12
CA PRO A 227 -9.98 -44.20 -25.18
C PRO A 227 -9.37 -44.44 -26.56
N ALA A 228 -9.65 -45.59 -27.16
CA ALA A 228 -9.05 -45.93 -28.44
C ALA A 228 -9.61 -45.05 -29.55
N LEU A 229 -10.86 -44.61 -29.40
CA LEU A 229 -11.40 -43.62 -30.32
C LEU A 229 -10.55 -42.35 -30.33
N PHE A 230 -10.21 -41.83 -29.16
CA PHE A 230 -9.45 -40.59 -29.11
C PHE A 230 -8.00 -40.83 -29.52
N LYS A 231 -7.49 -42.03 -29.28
CA LYS A 231 -6.16 -42.36 -29.78
C LYS A 231 -6.14 -42.35 -31.31
N GLU A 232 -7.17 -42.93 -31.94
CA GLU A 232 -7.26 -42.92 -33.39
C GLU A 232 -7.45 -41.49 -33.91
N ILE A 233 -8.31 -40.71 -33.27
CA ILE A 233 -8.61 -39.37 -33.75
C ILE A 233 -7.40 -38.46 -33.59
N GLY A 234 -6.44 -38.84 -32.74
CA GLY A 234 -5.25 -38.05 -32.51
C GLY A 234 -5.41 -36.89 -31.56
N VAL A 235 -6.55 -36.78 -30.89
CA VAL A 235 -6.83 -35.67 -29.98
C VAL A 235 -6.79 -36.17 -28.55
N LYS A 236 -6.01 -35.47 -27.72
CA LYS A 236 -5.98 -35.77 -26.30
C LYS A 236 -7.34 -35.43 -25.67
N PRO A 237 -7.95 -36.38 -24.97
CA PRO A 237 -9.27 -36.13 -24.37
C PRO A 237 -9.18 -35.06 -23.29
N PRO A 238 -10.28 -34.34 -23.04
CA PRO A 238 -10.25 -33.28 -22.01
C PRO A 238 -9.97 -33.86 -20.64
N ARG A 239 -8.88 -33.38 -20.01
CA ARG A 239 -8.56 -33.87 -18.67
C ARG A 239 -9.49 -33.27 -17.63
N GLY A 240 -9.75 -31.97 -17.71
CA GLY A 240 -10.46 -31.28 -16.65
C GLY A 240 -11.58 -30.40 -17.18
N ILE A 241 -12.69 -30.38 -16.43
CA ILE A 241 -13.88 -29.62 -16.78
C ILE A 241 -14.26 -28.77 -15.58
N LEU A 242 -14.47 -27.48 -15.82
CA LEU A 242 -14.78 -26.51 -14.77
C LEU A 242 -16.26 -26.18 -14.82
N LEU A 243 -16.89 -26.15 -13.65
CA LEU A 243 -18.30 -25.81 -13.51
C LEU A 243 -18.40 -24.47 -12.80
N TYR A 244 -19.03 -23.49 -13.43
CA TYR A 244 -19.28 -22.20 -12.80
C TYR A 244 -20.71 -21.76 -12.99
N GLY A 245 -21.25 -21.08 -11.99
CA GLY A 245 -22.59 -20.55 -12.02
C GLY A 245 -22.89 -19.71 -10.80
N PRO A 246 -24.10 -19.17 -10.71
CA PRO A 246 -24.50 -18.44 -9.52
C PRO A 246 -24.63 -19.39 -8.35
N PRO A 247 -24.51 -18.89 -7.12
CA PRO A 247 -24.64 -19.77 -5.95
C PRO A 247 -26.03 -20.40 -5.91
N GLY A 248 -26.07 -21.68 -5.54
CA GLY A 248 -27.33 -22.36 -5.37
C GLY A 248 -27.88 -23.06 -6.60
N THR A 249 -27.06 -23.35 -7.59
CA THR A 249 -27.50 -24.15 -8.73
C THR A 249 -27.16 -25.63 -8.58
N GLY A 250 -26.60 -26.03 -7.45
CA GLY A 250 -26.41 -27.44 -7.15
C GLY A 250 -25.37 -28.18 -7.96
N LYS A 251 -24.20 -27.57 -8.15
CA LYS A 251 -23.10 -28.30 -8.77
C LYS A 251 -22.73 -29.53 -7.97
N THR A 252 -22.65 -29.37 -6.65
CA THR A 252 -22.28 -30.49 -5.78
C THR A 252 -23.24 -31.65 -5.97
N LEU A 253 -24.55 -31.37 -5.97
CA LEU A 253 -25.53 -32.47 -6.04
C LEU A 253 -25.54 -33.09 -7.43
N ILE A 254 -25.28 -32.29 -8.48
CA ILE A 254 -25.11 -32.84 -9.82
C ILE A 254 -23.97 -33.86 -9.82
N ALA A 255 -22.83 -33.52 -9.22
CA ALA A 255 -21.73 -34.46 -9.26
C ALA A 255 -21.96 -35.62 -8.30
N ARG A 256 -22.79 -35.43 -7.27
CA ARG A 256 -23.20 -36.59 -6.48
C ARG A 256 -23.97 -37.57 -7.33
N ALA A 257 -24.90 -37.06 -8.15
CA ALA A 257 -25.62 -37.91 -9.09
C ALA A 257 -24.66 -38.58 -10.08
N VAL A 258 -23.68 -37.81 -10.56
CA VAL A 258 -22.71 -38.35 -11.51
C VAL A 258 -21.91 -39.49 -10.86
N ALA A 259 -21.49 -39.29 -9.61
CA ALA A 259 -20.73 -40.33 -8.91
C ALA A 259 -21.58 -41.57 -8.71
N ASN A 260 -22.83 -41.41 -8.28
CA ASN A 260 -23.67 -42.56 -8.04
C ASN A 260 -24.06 -43.25 -9.34
N GLU A 261 -23.98 -42.55 -10.47
CA GLU A 261 -24.45 -43.07 -11.74
C GLU A 261 -23.33 -43.36 -12.73
N THR A 262 -22.09 -43.49 -12.28
CA THR A 262 -20.98 -43.91 -13.12
C THR A 262 -20.30 -45.11 -12.51
N GLY A 263 -19.92 -46.08 -13.34
CA GLY A 263 -19.27 -47.26 -12.83
C GLY A 263 -17.82 -47.01 -12.44
N ALA A 264 -17.28 -45.86 -12.83
CA ALA A 264 -15.88 -45.56 -12.56
C ALA A 264 -15.64 -45.34 -11.07
N PHE A 265 -14.40 -45.55 -10.65
CA PHE A 265 -14.01 -45.25 -9.28
C PHE A 265 -14.08 -43.75 -9.04
N PHE A 266 -14.56 -43.36 -7.88
CA PHE A 266 -14.85 -41.97 -7.55
C PHE A 266 -14.11 -41.56 -6.29
N PHE A 267 -13.67 -40.31 -6.24
CA PHE A 267 -13.06 -39.72 -5.06
C PHE A 267 -13.56 -38.29 -4.92
N LEU A 268 -13.94 -37.90 -3.70
CA LEU A 268 -14.55 -36.60 -3.44
C LEU A 268 -13.55 -35.66 -2.78
N ILE A 269 -13.36 -34.50 -3.37
CA ILE A 269 -12.50 -33.46 -2.82
C ILE A 269 -13.35 -32.23 -2.54
N ASN A 270 -13.33 -31.77 -1.29
CA ASN A 270 -13.96 -30.53 -0.88
C ASN A 270 -12.90 -29.54 -0.46
N GLY A 271 -13.16 -28.25 -0.69
CA GLY A 271 -12.28 -27.21 -0.22
C GLY A 271 -12.13 -27.11 1.29
N PRO A 272 -13.22 -27.15 2.05
CA PRO A 272 -13.07 -27.14 3.51
C PRO A 272 -12.22 -28.27 4.06
N GLU A 273 -12.31 -29.48 3.49
CA GLU A 273 -11.48 -30.56 3.99
C GLU A 273 -10.00 -30.28 3.74
N ILE A 274 -9.67 -29.76 2.55
CA ILE A 274 -8.27 -29.53 2.21
C ILE A 274 -7.68 -28.42 3.07
N MET A 275 -8.43 -27.32 3.26
CA MET A 275 -7.99 -26.30 4.22
C MET A 275 -7.99 -26.80 5.66
N SER A 276 -8.77 -27.83 5.95
CA SER A 276 -8.76 -28.39 7.30
C SER A 276 -7.45 -29.11 7.59
N LYS A 277 -6.86 -29.70 6.56
CA LYS A 277 -5.61 -30.43 6.74
C LYS A 277 -4.47 -29.48 7.05
N LEU A 278 -3.60 -29.90 7.94
CA LEU A 278 -2.56 -29.00 8.43
C LEU A 278 -1.58 -28.66 7.30
N ALA A 279 -0.83 -27.58 7.53
CA ALA A 279 0.15 -27.13 6.53
C ALA A 279 1.16 -28.23 6.25
N GLY A 280 1.39 -28.50 4.97
CA GLY A 280 2.20 -29.63 4.55
C GLY A 280 1.45 -30.94 4.48
N GLU A 281 0.16 -30.97 4.82
CA GLU A 281 -0.63 -32.19 4.75
C GLU A 281 -1.68 -32.14 3.64
N SER A 282 -2.18 -30.95 3.29
CA SER A 282 -3.13 -30.84 2.20
C SER A 282 -2.52 -31.32 0.89
N GLU A 283 -1.27 -30.92 0.63
CA GLU A 283 -0.58 -31.37 -0.57
C GLU A 283 -0.44 -32.88 -0.60
N SER A 284 -0.05 -33.49 0.52
CA SER A 284 0.13 -34.94 0.55
C SER A 284 -1.20 -35.66 0.36
N ASN A 285 -2.27 -35.16 0.97
CA ASN A 285 -3.58 -35.77 0.79
C ASN A 285 -4.04 -35.68 -0.66
N LEU A 286 -3.84 -34.53 -1.29
CA LEU A 286 -4.23 -34.38 -2.69
C LEU A 286 -3.40 -35.28 -3.60
N ARG A 287 -2.10 -35.39 -3.34
CA ARG A 287 -1.25 -36.27 -4.12
C ARG A 287 -1.66 -37.73 -3.94
N LYS A 288 -2.04 -38.12 -2.72
CA LYS A 288 -2.54 -39.47 -2.51
C LYS A 288 -3.83 -39.71 -3.27
N ALA A 289 -4.71 -38.71 -3.29
CA ALA A 289 -5.95 -38.85 -4.04
C ALA A 289 -5.67 -39.05 -5.52
N PHE A 290 -4.78 -38.24 -6.09
CA PHE A 290 -4.42 -38.38 -7.50
C PHE A 290 -3.78 -39.74 -7.76
N GLU A 291 -2.89 -40.18 -6.87
CA GLU A 291 -2.26 -41.48 -7.04
C GLU A 291 -3.27 -42.62 -7.01
N GLU A 292 -4.22 -42.57 -6.07
CA GLU A 292 -5.25 -43.59 -6.02
C GLU A 292 -6.12 -43.55 -7.27
N ALA A 293 -6.40 -42.35 -7.78
CA ALA A 293 -7.14 -42.24 -9.03
C ALA A 293 -6.40 -42.90 -10.16
N GLU A 294 -5.09 -42.66 -10.26
CA GLU A 294 -4.30 -43.32 -11.31
C GLU A 294 -4.27 -44.83 -11.11
N LYS A 295 -4.29 -45.28 -9.86
CA LYS A 295 -4.26 -46.73 -9.61
C LYS A 295 -5.56 -47.39 -10.08
N ASN A 296 -6.70 -46.81 -9.71
CA ASN A 296 -8.00 -47.36 -10.05
C ASN A 296 -8.54 -46.67 -11.28
N ALA A 297 -8.60 -47.39 -12.40
CA ALA A 297 -9.06 -46.87 -13.67
C ALA A 297 -10.33 -47.59 -14.08
N PRO A 298 -11.35 -46.89 -14.59
CA PRO A 298 -11.31 -45.42 -14.73
C PRO A 298 -11.61 -44.71 -13.41
N ALA A 299 -11.10 -43.49 -13.25
CA ALA A 299 -11.35 -42.71 -12.05
C ALA A 299 -11.88 -41.34 -12.43
N ILE A 300 -12.75 -40.82 -11.56
CA ILE A 300 -13.35 -39.50 -11.69
C ILE A 300 -13.23 -38.77 -10.37
N ILE A 301 -12.65 -37.57 -10.39
CA ILE A 301 -12.40 -36.79 -9.19
C ILE A 301 -13.16 -35.49 -9.27
N PHE A 302 -13.95 -35.19 -8.24
CA PHE A 302 -14.59 -33.90 -8.10
C PHE A 302 -13.75 -33.08 -7.14
N ILE A 303 -13.72 -31.77 -7.35
CA ILE A 303 -13.18 -30.83 -6.37
C ILE A 303 -14.27 -29.82 -6.06
N ASP A 304 -14.63 -29.70 -4.79
CA ASP A 304 -15.63 -28.73 -4.37
C ASP A 304 -14.98 -27.42 -4.00
N GLU A 305 -15.56 -26.32 -4.49
CA GLU A 305 -15.12 -24.98 -4.15
C GLU A 305 -13.63 -24.80 -4.44
N LEU A 306 -13.19 -25.26 -5.61
CA LEU A 306 -11.76 -25.27 -5.91
C LEU A 306 -11.16 -23.89 -5.79
N ASP A 307 -11.97 -22.86 -6.06
CA ASP A 307 -11.51 -21.48 -5.89
C ASP A 307 -11.22 -21.17 -4.43
N ALA A 308 -11.89 -21.87 -3.51
CA ALA A 308 -11.58 -21.70 -2.08
C ALA A 308 -10.19 -22.20 -1.76
N ILE A 309 -9.73 -23.26 -2.45
CA ILE A 309 -8.39 -23.79 -2.21
C ILE A 309 -7.40 -23.36 -3.28
N ALA A 310 -7.86 -22.73 -4.35
CA ALA A 310 -6.98 -22.23 -5.41
C ALA A 310 -7.34 -20.79 -5.76
N PRO A 311 -7.07 -19.86 -4.86
CA PRO A 311 -7.22 -18.45 -5.21
C PRO A 311 -6.03 -17.96 -6.02
N LYS A 312 -6.10 -16.71 -6.44
CA LYS A 312 -5.01 -16.13 -7.21
C LYS A 312 -3.75 -16.08 -6.38
N ARG A 313 -2.67 -16.67 -6.91
CA ARG A 313 -1.40 -16.68 -6.18
C ARG A 313 -0.87 -15.26 -5.98
N GLU A 314 -1.29 -14.31 -6.83
CA GLU A 314 -0.87 -12.93 -6.66
C GLU A 314 -1.59 -12.27 -5.48
N LYS A 315 -2.88 -12.57 -5.30
CA LYS A 315 -3.66 -12.03 -4.19
C LYS A 315 -4.12 -13.19 -3.31
N THR A 316 -3.24 -13.60 -2.38
CA THR A 316 -3.50 -14.69 -1.46
C THR A 316 -2.94 -14.32 -0.10
N HIS A 317 -3.72 -14.61 0.97
CA HIS A 317 -3.24 -14.31 2.32
C HIS A 317 -2.00 -15.13 2.67
N GLY A 318 -2.07 -16.45 2.49
CA GLY A 318 -1.02 -17.32 2.99
C GLY A 318 -0.20 -17.99 1.91
N GLU A 319 1.12 -18.03 2.10
CA GLU A 319 2.01 -18.61 1.11
C GLU A 319 1.82 -20.12 0.99
N VAL A 320 1.49 -20.79 2.10
CA VAL A 320 1.28 -22.23 2.06
C VAL A 320 0.19 -22.59 1.08
N GLU A 321 -0.88 -21.80 1.04
CA GLU A 321 -1.96 -22.08 0.11
C GLU A 321 -1.52 -21.87 -1.34
N ARG A 322 -0.66 -20.88 -1.58
CA ARG A 322 -0.09 -20.73 -2.92
C ARG A 322 0.74 -21.94 -3.30
N ARG A 323 1.49 -22.49 -2.33
CA ARG A 323 2.21 -23.73 -2.57
C ARG A 323 1.25 -24.85 -2.92
N ILE A 324 0.11 -24.91 -2.23
CA ILE A 324 -0.91 -25.91 -2.53
C ILE A 324 -1.40 -25.75 -3.96
N VAL A 325 -1.61 -24.51 -4.39
CA VAL A 325 -2.08 -24.25 -5.75
C VAL A 325 -1.06 -24.74 -6.77
N SER A 326 0.20 -24.36 -6.60
CA SER A 326 1.21 -24.76 -7.59
C SER A 326 1.49 -26.26 -7.53
N GLN A 327 1.31 -26.87 -6.36
CA GLN A 327 1.38 -28.32 -6.28
C GLN A 327 0.27 -28.96 -7.10
N LEU A 328 -0.93 -28.41 -7.04
CA LEU A 328 -2.01 -28.90 -7.90
C LEU A 328 -1.69 -28.67 -9.37
N LEU A 329 -1.09 -27.51 -9.69
CA LEU A 329 -0.58 -27.26 -11.03
C LEU A 329 0.29 -28.41 -11.50
N THR A 330 1.34 -28.73 -10.74
CA THR A 330 2.28 -29.77 -11.13
C THR A 330 1.60 -31.14 -11.20
N LEU A 331 0.69 -31.42 -10.26
CA LEU A 331 0.03 -32.71 -10.23
C LEU A 331 -0.79 -32.93 -11.49
N MET A 332 -1.66 -31.98 -11.83
CA MET A 332 -2.54 -32.19 -12.96
C MET A 332 -1.78 -32.04 -14.27
N ASP A 333 -0.62 -31.37 -14.23
CA ASP A 333 0.31 -31.42 -15.37
C ASP A 333 0.86 -32.83 -15.55
N GLY A 334 1.21 -33.50 -14.45
CA GLY A 334 1.93 -34.77 -14.54
C GLY A 334 1.08 -35.87 -15.15
N LEU A 335 -0.23 -35.72 -15.12
CA LEU A 335 -1.12 -36.70 -15.74
C LEU A 335 -0.84 -36.81 -17.22
N LYS A 336 -0.41 -38.00 -17.66
CA LYS A 336 -0.14 -38.27 -19.05
C LYS A 336 -1.15 -39.26 -19.64
N GLN A 337 -2.36 -39.30 -19.09
CA GLN A 337 -3.56 -39.89 -19.69
C GLN A 337 -3.55 -41.42 -19.67
N ARG A 338 -2.44 -42.04 -19.27
CA ARG A 338 -2.36 -43.50 -19.28
C ARG A 338 -3.36 -44.13 -18.33
N ALA A 339 -3.62 -43.49 -17.18
CA ALA A 339 -4.55 -44.05 -16.20
C ALA A 339 -5.99 -43.63 -16.50
N HIS A 340 -6.18 -42.69 -17.43
CA HIS A 340 -7.50 -42.23 -17.86
C HIS A 340 -8.32 -41.64 -16.73
N VAL A 341 -7.73 -40.75 -15.94
CA VAL A 341 -8.46 -40.05 -14.90
C VAL A 341 -9.00 -38.73 -15.45
N ILE A 342 -10.26 -38.44 -15.15
CA ILE A 342 -10.89 -37.17 -15.50
C ILE A 342 -11.27 -36.46 -14.20
N VAL A 343 -10.94 -35.18 -14.10
CA VAL A 343 -11.11 -34.41 -12.88
C VAL A 343 -12.03 -33.22 -13.15
N MET A 344 -13.00 -33.01 -12.28
CA MET A 344 -13.95 -31.90 -12.39
C MET A 344 -13.96 -31.10 -11.10
N ALA A 345 -14.38 -29.84 -11.19
CA ALA A 345 -14.43 -28.95 -10.04
C ALA A 345 -15.56 -27.94 -10.21
N ALA A 346 -15.91 -27.30 -9.10
CA ALA A 346 -16.97 -26.29 -9.07
C ALA A 346 -16.39 -24.98 -8.56
N THR A 347 -17.01 -23.86 -8.94
CA THR A 347 -16.62 -22.53 -8.48
C THR A 347 -17.83 -21.61 -8.47
N ASN A 348 -18.05 -20.94 -7.35
CA ASN A 348 -19.17 -19.99 -7.26
C ASN A 348 -18.80 -18.66 -7.92
N ARG A 349 -17.57 -18.18 -7.69
CA ARG A 349 -17.07 -16.96 -8.31
C ARG A 349 -16.11 -17.32 -9.43
N PRO A 350 -16.39 -16.93 -10.67
CA PRO A 350 -15.41 -17.17 -11.74
C PRO A 350 -14.08 -16.47 -11.50
N ASN A 351 -14.11 -15.31 -10.84
CA ASN A 351 -12.89 -14.54 -10.63
C ASN A 351 -12.04 -15.16 -9.53
N SER A 352 -12.66 -15.76 -8.54
CA SER A 352 -11.90 -16.28 -7.41
C SER A 352 -11.14 -17.55 -7.79
N ILE A 353 -11.38 -18.07 -8.99
CA ILE A 353 -10.65 -19.25 -9.45
C ILE A 353 -9.24 -18.82 -9.83
N ASP A 354 -8.30 -19.75 -9.80
CA ASP A 354 -6.94 -19.42 -10.19
C ASP A 354 -6.82 -19.44 -11.71
N PRO A 355 -6.38 -18.34 -12.33
CA PRO A 355 -6.28 -18.32 -13.80
C PRO A 355 -5.28 -19.31 -14.37
N ALA A 356 -4.36 -19.81 -13.53
CA ALA A 356 -3.46 -20.87 -13.99
C ALA A 356 -4.23 -22.14 -14.32
N LEU A 357 -5.26 -22.47 -13.54
CA LEU A 357 -6.03 -23.67 -13.79
C LEU A 357 -7.09 -23.42 -14.86
N ARG A 358 -7.16 -22.20 -15.39
CA ARG A 358 -8.16 -21.90 -16.42
C ARG A 358 -7.67 -22.23 -17.83
N ARG A 359 -6.38 -22.05 -18.10
CA ARG A 359 -5.91 -22.13 -19.48
C ARG A 359 -5.89 -23.57 -19.96
N PHE A 360 -5.62 -23.74 -21.26
CA PHE A 360 -5.50 -25.08 -21.84
C PHE A 360 -4.34 -25.83 -21.22
N GLY A 361 -4.50 -27.15 -21.14
CA GLY A 361 -3.69 -27.97 -20.27
C GLY A 361 -4.22 -28.02 -18.85
N ARG A 362 -5.31 -27.32 -18.58
CA ARG A 362 -5.95 -27.28 -17.27
C ARG A 362 -7.45 -27.31 -17.48
N PHE A 363 -8.24 -26.93 -16.48
CA PHE A 363 -9.69 -27.07 -16.54
C PHE A 363 -10.21 -26.11 -17.62
N ASP A 364 -9.80 -26.40 -18.85
CA ASP A 364 -10.06 -25.50 -19.97
C ASP A 364 -11.51 -25.60 -20.45
N ARG A 365 -12.13 -26.75 -20.24
CA ARG A 365 -13.52 -26.91 -20.64
C ARG A 365 -14.43 -26.31 -19.57
N GLU A 366 -15.05 -25.18 -19.88
CA GLU A 366 -15.80 -24.40 -18.92
C GLU A 366 -17.27 -24.37 -19.31
N VAL A 367 -18.15 -24.68 -18.37
CA VAL A 367 -19.59 -24.71 -18.59
C VAL A 367 -20.24 -23.76 -17.59
N ASP A 368 -21.16 -22.94 -18.09
CA ASP A 368 -21.83 -21.93 -17.27
C ASP A 368 -23.23 -22.40 -16.92
N ILE A 369 -23.46 -22.67 -15.64
CA ILE A 369 -24.72 -23.20 -15.15
C ILE A 369 -25.48 -22.06 -14.48
N GLY A 370 -26.44 -21.47 -15.19
CA GLY A 370 -27.18 -20.35 -14.64
C GLY A 370 -28.34 -20.77 -13.76
N ILE A 371 -29.25 -19.82 -13.53
CA ILE A 371 -30.46 -20.10 -12.76
C ILE A 371 -31.38 -20.99 -13.58
N PRO A 372 -32.23 -21.80 -12.96
CA PRO A 372 -33.17 -22.62 -13.72
C PRO A 372 -34.22 -21.77 -14.42
N ASP A 373 -34.83 -22.34 -15.46
CA ASP A 373 -36.00 -21.72 -16.07
C ASP A 373 -37.25 -22.05 -15.27
N ALA A 374 -38.39 -21.60 -15.78
CA ALA A 374 -39.66 -21.82 -15.08
C ALA A 374 -39.98 -23.29 -14.97
N THR A 375 -39.98 -24.00 -16.10
CA THR A 375 -40.33 -25.43 -16.06
C THR A 375 -39.25 -26.24 -15.36
N GLY A 376 -38.00 -25.83 -15.48
CA GLY A 376 -36.94 -26.52 -14.75
C GLY A 376 -37.11 -26.44 -13.25
N ARG A 377 -37.36 -25.23 -12.73
CA ARG A 377 -37.57 -25.10 -11.30
C ARG A 377 -38.88 -25.75 -10.89
N LEU A 378 -39.85 -25.85 -11.80
CA LEU A 378 -41.07 -26.60 -11.50
C LEU A 378 -40.75 -28.07 -11.30
N GLU A 379 -39.93 -28.64 -12.18
CA GLU A 379 -39.52 -30.03 -12.02
C GLU A 379 -38.69 -30.21 -10.75
N ILE A 380 -37.95 -29.17 -10.36
CA ILE A 380 -37.22 -29.22 -9.10
C ILE A 380 -38.18 -29.24 -7.91
N LEU A 381 -39.23 -28.41 -7.98
CA LEU A 381 -40.28 -28.46 -6.98
C LEU A 381 -40.88 -29.85 -6.89
N GLN A 382 -41.06 -30.50 -8.04
CA GLN A 382 -41.58 -31.86 -8.04
C GLN A 382 -40.60 -32.80 -7.35
N ILE A 383 -39.30 -32.62 -7.59
CA ILE A 383 -38.29 -33.44 -6.94
C ILE A 383 -38.38 -33.28 -5.43
N HIS A 384 -38.50 -32.03 -4.96
CA HIS A 384 -38.53 -31.77 -3.53
C HIS A 384 -39.84 -32.25 -2.89
N THR A 385 -40.93 -32.20 -3.64
CA THR A 385 -42.25 -32.50 -3.11
C THR A 385 -42.72 -33.91 -3.41
N LYS A 386 -41.89 -34.73 -4.06
CA LYS A 386 -42.27 -36.12 -4.29
C LYS A 386 -42.39 -36.89 -2.97
N ASN A 387 -41.74 -36.40 -1.92
CA ASN A 387 -41.81 -37.07 -0.62
C ASN A 387 -42.89 -36.47 0.27
N MET A 388 -43.01 -35.15 0.29
CA MET A 388 -43.99 -34.50 1.17
C MET A 388 -45.39 -34.64 0.60
N LYS A 389 -46.36 -34.83 1.49
CA LYS A 389 -47.75 -34.88 1.05
C LYS A 389 -48.18 -33.56 0.44
N LEU A 390 -48.87 -33.65 -0.69
CA LEU A 390 -49.45 -32.51 -1.36
C LEU A 390 -50.94 -32.79 -1.59
N ALA A 391 -51.79 -31.94 -1.03
CA ALA A 391 -53.22 -32.14 -1.19
C ALA A 391 -53.65 -31.72 -2.60
N ASP A 392 -54.96 -31.78 -2.85
CA ASP A 392 -55.46 -31.43 -4.18
C ASP A 392 -55.18 -29.96 -4.49
N ASP A 393 -55.39 -29.09 -3.50
CA ASP A 393 -55.39 -27.66 -3.76
C ASP A 393 -54.04 -27.15 -4.21
N VAL A 394 -52.96 -27.84 -3.85
CA VAL A 394 -51.62 -27.33 -4.09
C VAL A 394 -51.14 -27.77 -5.48
N ASP A 395 -50.68 -26.79 -6.27
CA ASP A 395 -50.07 -26.99 -7.57
C ASP A 395 -48.68 -26.38 -7.56
N LEU A 396 -47.73 -27.03 -8.22
CA LEU A 396 -46.33 -26.63 -8.12
C LEU A 396 -45.97 -25.57 -9.15
N GLU A 397 -46.65 -25.57 -10.29
CA GLU A 397 -46.32 -24.63 -11.36
C GLU A 397 -46.53 -23.19 -10.89
N GLN A 398 -47.40 -22.99 -9.91
CA GLN A 398 -47.69 -21.64 -9.44
C GLN A 398 -46.47 -21.03 -8.74
N VAL A 399 -45.92 -21.77 -7.78
CA VAL A 399 -44.75 -21.27 -7.06
C VAL A 399 -43.49 -21.49 -7.88
N ALA A 400 -43.62 -22.15 -9.02
CA ALA A 400 -42.53 -22.13 -10.00
C ALA A 400 -42.53 -20.83 -10.79
N ASN A 401 -43.67 -20.47 -11.39
CA ASN A 401 -43.71 -19.35 -12.31
C ASN A 401 -43.68 -18.02 -11.55
N GLU A 402 -44.22 -18.00 -10.33
CA GLU A 402 -44.39 -16.72 -9.65
C GLU A 402 -43.05 -16.03 -9.37
N THR A 403 -42.03 -16.80 -9.01
CA THR A 403 -40.69 -16.26 -8.75
C THR A 403 -39.76 -16.74 -9.86
N HIS A 404 -38.92 -15.81 -10.36
CA HIS A 404 -38.05 -16.17 -11.47
C HIS A 404 -36.58 -16.23 -11.05
N GLY A 405 -36.13 -15.27 -10.24
CA GLY A 405 -34.73 -15.21 -9.87
C GLY A 405 -34.30 -16.22 -8.82
N HIS A 406 -35.23 -16.92 -8.20
CA HIS A 406 -34.87 -17.91 -7.19
C HIS A 406 -34.17 -19.09 -7.84
N VAL A 407 -33.25 -19.72 -7.10
CA VAL A 407 -32.53 -20.88 -7.58
C VAL A 407 -32.96 -22.11 -6.78
N GLY A 408 -32.45 -23.27 -7.19
CA GLY A 408 -32.93 -24.52 -6.61
C GLY A 408 -32.75 -24.60 -5.10
N ALA A 409 -31.64 -24.07 -4.58
CA ALA A 409 -31.46 -24.00 -3.14
C ALA A 409 -32.51 -23.10 -2.51
N ASP A 410 -32.79 -21.97 -3.15
CA ASP A 410 -33.84 -21.08 -2.65
C ASP A 410 -35.19 -21.77 -2.65
N LEU A 411 -35.47 -22.58 -3.68
CA LEU A 411 -36.72 -23.32 -3.71
C LEU A 411 -36.76 -24.43 -2.66
N ALA A 412 -35.63 -25.05 -2.37
CA ALA A 412 -35.59 -26.01 -1.27
C ALA A 412 -35.92 -25.33 0.05
N ALA A 413 -35.34 -24.15 0.27
CA ALA A 413 -35.68 -23.39 1.47
C ALA A 413 -37.15 -22.99 1.47
N LEU A 414 -37.67 -22.61 0.31
CA LEU A 414 -39.07 -22.19 0.21
C LEU A 414 -40.02 -23.34 0.53
N CYS A 415 -39.73 -24.52 0.02
CA CYS A 415 -40.57 -25.68 0.31
C CYS A 415 -40.42 -26.12 1.76
N SER A 416 -39.21 -26.01 2.33
CA SER A 416 -39.05 -26.36 3.73
C SER A 416 -39.84 -25.42 4.62
N GLU A 417 -39.82 -24.12 4.33
CA GLU A 417 -40.60 -23.20 5.14
C GLU A 417 -42.08 -23.30 4.83
N ALA A 418 -42.44 -23.81 3.64
CA ALA A 418 -43.84 -24.14 3.38
C ALA A 418 -44.31 -25.29 4.26
N ALA A 419 -43.49 -26.34 4.38
CA ALA A 419 -43.82 -27.44 5.29
C ALA A 419 -43.89 -26.96 6.73
N LEU A 420 -42.95 -26.10 7.13
CA LEU A 420 -42.96 -25.56 8.48
C LEU A 420 -44.16 -24.65 8.72
N GLN A 421 -44.60 -23.92 7.69
CA GLN A 421 -45.83 -23.14 7.81
C GLN A 421 -47.03 -24.06 7.99
N ALA A 422 -47.06 -25.16 7.25
CA ALA A 422 -48.12 -26.15 7.45
C ALA A 422 -48.12 -26.66 8.87
N ILE A 423 -46.94 -26.85 9.45
CA ILE A 423 -46.83 -27.27 10.85
C ILE A 423 -47.36 -26.18 11.77
N ARG A 424 -47.05 -24.92 11.45
CA ARG A 424 -47.56 -23.81 12.25
C ARG A 424 -49.07 -23.75 12.22
N LYS A 425 -49.68 -24.11 11.09
CA LYS A 425 -51.13 -24.10 10.98
C LYS A 425 -51.76 -25.07 11.97
N LYS A 426 -51.20 -26.27 12.10
CA LYS A 426 -51.68 -27.25 13.06
C LYS A 426 -50.93 -27.18 14.38
N MET A 427 -50.10 -26.16 14.58
CA MET A 427 -49.31 -26.04 15.80
C MET A 427 -50.23 -25.95 17.03
N ASP A 428 -51.32 -25.20 16.92
CA ASP A 428 -52.30 -25.16 18.01
C ASP A 428 -52.93 -26.53 18.19
N LEU A 429 -53.23 -27.23 17.10
CA LEU A 429 -53.85 -28.55 17.18
C LEU A 429 -52.97 -29.52 17.94
N ILE A 430 -51.68 -29.58 17.60
CA ILE A 430 -50.76 -30.42 18.34
C ILE A 430 -50.40 -29.75 19.66
N ASP A 431 -49.80 -30.53 20.56
CA ASP A 431 -49.32 -30.01 21.83
C ASP A 431 -47.84 -30.33 21.93
N LEU A 432 -47.01 -29.28 22.07
CA LEU A 432 -45.57 -29.49 22.17
C LEU A 432 -45.21 -30.18 23.47
N GLU A 433 -45.95 -29.87 24.54
CA GLU A 433 -45.74 -30.56 25.80
C GLU A 433 -46.15 -32.03 25.71
N ASP A 434 -47.07 -32.35 24.79
CA ASP A 434 -47.63 -33.69 24.70
C ASP A 434 -46.55 -34.71 24.35
N GLU A 435 -46.64 -35.89 24.98
CA GLU A 435 -45.66 -36.93 24.69
C GLU A 435 -45.78 -37.42 23.26
N THR A 436 -47.01 -37.60 22.77
CA THR A 436 -47.26 -38.15 21.45
C THR A 436 -48.34 -37.33 20.77
N ILE A 437 -48.09 -36.96 19.51
CA ILE A 437 -49.07 -36.20 18.75
C ILE A 437 -50.21 -37.11 18.32
N ASP A 438 -51.43 -36.58 18.36
CA ASP A 438 -52.60 -37.36 17.95
C ASP A 438 -52.47 -37.78 16.48
N ALA A 439 -52.80 -39.04 16.22
CA ALA A 439 -52.59 -39.60 14.87
C ALA A 439 -53.46 -38.90 13.84
N GLU A 440 -54.68 -38.52 14.20
CA GLU A 440 -55.55 -37.84 13.25
C GLU A 440 -54.94 -36.51 12.81
N VAL A 441 -54.34 -35.77 13.75
CA VAL A 441 -53.71 -34.51 13.40
C VAL A 441 -52.54 -34.74 12.45
N MET A 442 -51.74 -35.78 12.73
CA MET A 442 -50.56 -36.05 11.92
C MET A 442 -50.94 -36.46 10.50
N ASN A 443 -51.96 -37.32 10.37
CA ASN A 443 -52.34 -37.80 9.05
C ASN A 443 -53.12 -36.74 8.28
N SER A 444 -53.88 -35.89 8.98
CA SER A 444 -54.67 -34.86 8.31
C SER A 444 -53.79 -33.72 7.82
N LEU A 445 -52.59 -33.59 8.38
CA LEU A 445 -51.74 -32.45 8.06
C LEU A 445 -51.11 -32.61 6.68
N ALA A 446 -51.19 -31.56 5.88
CA ALA A 446 -50.50 -31.48 4.60
C ALA A 446 -50.40 -30.02 4.20
N VAL A 447 -49.46 -29.73 3.30
CA VAL A 447 -49.23 -28.35 2.89
C VAL A 447 -50.38 -27.88 1.99
N THR A 448 -50.60 -26.56 1.98
CA THR A 448 -51.62 -25.93 1.15
C THR A 448 -51.01 -24.72 0.46
N MET A 449 -51.78 -24.11 -0.45
CA MET A 449 -51.38 -22.84 -1.04
C MET A 449 -50.99 -21.81 0.00
N ASP A 450 -51.73 -21.73 1.10
CA ASP A 450 -51.46 -20.68 2.06
C ASP A 450 -50.01 -20.69 2.49
N ASP A 451 -49.46 -21.88 2.73
CA ASP A 451 -48.07 -22.02 3.15
C ASP A 451 -47.12 -21.48 2.10
N PHE A 452 -47.36 -21.79 0.83
CA PHE A 452 -46.44 -21.38 -0.21
C PHE A 452 -46.55 -19.89 -0.48
N ARG A 453 -47.77 -19.33 -0.38
CA ARG A 453 -47.92 -17.89 -0.46
C ARG A 453 -47.17 -17.21 0.67
N TRP A 454 -47.26 -17.76 1.88
CA TRP A 454 -46.46 -17.23 2.98
C TRP A 454 -44.99 -17.23 2.63
N ALA A 455 -44.47 -18.39 2.23
CA ALA A 455 -43.04 -18.49 1.90
C ALA A 455 -42.63 -17.46 0.86
N LEU A 456 -43.45 -17.28 -0.18
CA LEU A 456 -43.15 -16.25 -1.17
C LEU A 456 -43.19 -14.86 -0.56
N SER A 457 -44.04 -14.66 0.45
CA SER A 457 -44.14 -13.33 1.08
C SER A 457 -42.90 -13.00 1.90
N GLN A 458 -42.46 -13.94 2.76
CA GLN A 458 -41.30 -13.62 3.59
C GLN A 458 -39.99 -13.82 2.84
N SER A 459 -39.85 -14.91 2.09
CA SER A 459 -38.57 -15.22 1.47
C SER A 459 -38.19 -14.16 0.45
N ASN A 460 -36.88 -13.90 0.34
CA ASN A 460 -36.35 -12.85 -0.51
C ASN A 460 -35.19 -13.41 -1.32
N PRO A 461 -35.13 -13.18 -2.64
CA PRO A 461 -33.97 -13.52 -3.47
C PRO A 461 -32.69 -12.88 -2.96
N VAL A 471 -37.70 -2.34 -19.64
CA VAL A 471 -38.48 -1.77 -20.73
C VAL A 471 -39.22 -0.53 -20.25
N PRO A 472 -39.47 0.41 -21.16
CA PRO A 472 -40.29 1.57 -20.82
C PRO A 472 -41.73 1.14 -20.58
N GLN A 473 -42.42 1.87 -19.70
CA GLN A 473 -43.80 1.52 -19.38
C GLN A 473 -44.76 1.99 -20.46
N VAL A 474 -44.44 3.09 -21.15
CA VAL A 474 -45.35 3.66 -22.13
C VAL A 474 -45.59 2.66 -23.25
N THR A 475 -46.85 2.54 -23.66
CA THR A 475 -47.25 1.63 -24.73
C THR A 475 -47.98 2.43 -25.80
N TRP A 476 -48.27 1.77 -26.92
CA TRP A 476 -48.96 2.46 -28.01
C TRP A 476 -50.37 2.86 -27.60
N GLU A 477 -50.97 2.11 -26.67
CA GLU A 477 -52.24 2.52 -26.08
C GLU A 477 -52.09 3.82 -25.33
N ASP A 478 -50.89 4.09 -24.80
CA ASP A 478 -50.66 5.38 -24.14
C ASP A 478 -50.49 6.49 -25.17
N ILE A 479 -49.81 6.20 -26.28
CA ILE A 479 -49.66 7.23 -27.30
C ILE A 479 -50.96 7.42 -28.05
N GLY A 480 -51.39 8.67 -28.18
CA GLY A 480 -52.58 9.01 -28.92
C GLY A 480 -52.21 9.59 -30.28
N GLY A 481 -52.79 9.01 -31.31
CA GLY A 481 -52.51 9.47 -32.64
C GLY A 481 -51.14 9.05 -33.12
N LEU A 482 -50.69 9.71 -34.19
CA LEU A 482 -49.42 9.40 -34.84
C LEU A 482 -49.35 7.92 -35.23
N GLU A 483 -50.48 7.39 -35.69
CA GLU A 483 -50.56 5.96 -36.00
C GLU A 483 -49.64 5.59 -37.15
N ASP A 484 -49.48 6.49 -38.12
CA ASP A 484 -48.54 6.23 -39.22
C ASP A 484 -47.12 6.11 -38.70
N VAL A 485 -46.73 6.98 -37.77
CA VAL A 485 -45.40 6.90 -37.18
C VAL A 485 -45.27 5.63 -36.34
N LYS A 486 -46.32 5.27 -35.61
CA LYS A 486 -46.30 4.01 -34.86
C LYS A 486 -46.07 2.83 -35.79
N ARG A 487 -46.80 2.79 -36.90
CA ARG A 487 -46.64 1.71 -37.86
C ARG A 487 -45.24 1.68 -38.44
N GLU A 488 -44.72 2.83 -38.87
CA GLU A 488 -43.39 2.87 -39.47
C GLU A 488 -42.31 2.49 -38.47
N LEU A 489 -42.47 2.89 -37.22
CA LEU A 489 -41.51 2.51 -36.19
C LEU A 489 -41.55 1.01 -35.92
N GLN A 490 -42.74 0.41 -35.99
CA GLN A 490 -42.80 -1.05 -35.95
C GLN A 490 -42.06 -1.64 -37.15
N GLU A 491 -42.25 -1.06 -38.33
CA GLU A 491 -41.61 -1.60 -39.53
C GLU A 491 -40.09 -1.53 -39.42
N LEU A 492 -39.56 -0.43 -38.90
CA LEU A 492 -38.11 -0.25 -38.84
C LEU A 492 -37.50 -1.10 -37.74
N VAL A 493 -38.22 -1.26 -36.62
CA VAL A 493 -37.66 -1.86 -35.41
C VAL A 493 -38.23 -3.26 -35.19
N GLN A 494 -39.57 -3.37 -35.18
CA GLN A 494 -40.20 -4.63 -34.82
C GLN A 494 -40.05 -5.67 -35.92
N TYR A 495 -40.28 -5.28 -37.17
CA TYR A 495 -40.25 -6.26 -38.26
C TYR A 495 -38.92 -7.00 -38.39
N PRO A 496 -37.75 -6.34 -38.38
CA PRO A 496 -36.51 -7.10 -38.58
C PRO A 496 -36.25 -8.16 -37.53
N VAL A 497 -36.77 -7.98 -36.30
CA VAL A 497 -36.58 -8.99 -35.28
C VAL A 497 -37.72 -10.00 -35.29
N GLU A 498 -38.89 -9.59 -35.77
CA GLU A 498 -40.00 -10.54 -35.90
C GLU A 498 -39.74 -11.55 -37.01
N HIS A 499 -39.27 -11.09 -38.16
CA HIS A 499 -39.07 -11.93 -39.34
C HIS A 499 -37.63 -11.78 -39.82
N PRO A 500 -36.68 -12.33 -39.07
CA PRO A 500 -35.28 -12.27 -39.54
C PRO A 500 -35.06 -12.99 -40.85
N ASP A 501 -35.85 -14.04 -41.11
CA ASP A 501 -35.57 -14.92 -42.25
C ASP A 501 -35.83 -14.21 -43.56
N LYS A 502 -36.82 -13.34 -43.62
CA LYS A 502 -37.06 -12.57 -44.84
C LYS A 502 -35.87 -11.66 -45.14
N PHE A 503 -35.32 -11.02 -44.12
CA PHE A 503 -34.16 -10.15 -44.31
C PHE A 503 -32.92 -10.97 -44.68
N LEU A 504 -32.81 -12.17 -44.13
CA LEU A 504 -31.74 -13.08 -44.55
C LEU A 504 -31.87 -13.45 -46.01
N LYS A 505 -33.10 -13.71 -46.47
CA LYS A 505 -33.33 -14.00 -47.88
C LYS A 505 -32.94 -12.83 -48.76
N PHE A 506 -33.43 -11.64 -48.44
CA PHE A 506 -33.28 -10.51 -49.34
C PHE A 506 -31.96 -9.77 -49.16
N GLY A 507 -31.13 -10.17 -48.20
CA GLY A 507 -29.79 -9.61 -48.10
C GLY A 507 -29.75 -8.12 -47.87
N MET A 508 -30.52 -7.63 -46.90
CA MET A 508 -30.53 -6.22 -46.58
C MET A 508 -30.27 -6.01 -45.09
N THR A 509 -29.67 -4.87 -44.77
CA THR A 509 -29.47 -4.43 -43.41
C THR A 509 -30.41 -3.28 -43.10
N PRO A 510 -31.41 -3.46 -42.25
CA PRO A 510 -32.39 -2.41 -42.02
C PRO A 510 -31.74 -1.18 -41.40
N SER A 511 -32.31 -0.02 -41.68
CA SER A 511 -31.80 1.21 -41.10
C SER A 511 -31.90 1.16 -39.58
N LYS A 512 -30.81 1.50 -38.91
CA LYS A 512 -30.73 1.48 -37.46
C LYS A 512 -30.87 2.85 -36.85
N GLY A 513 -31.32 3.84 -37.62
CA GLY A 513 -31.43 5.20 -37.15
C GLY A 513 -32.79 5.80 -37.51
N VAL A 514 -33.34 6.55 -36.57
CA VAL A 514 -34.56 7.30 -36.76
C VAL A 514 -34.35 8.67 -36.16
N LEU A 515 -34.78 9.71 -36.87
CA LEU A 515 -34.73 11.06 -36.34
C LEU A 515 -36.15 11.60 -36.25
N PHE A 516 -36.52 12.06 -35.05
CA PHE A 516 -37.81 12.69 -34.80
C PHE A 516 -37.57 14.18 -34.65
N TYR A 517 -38.11 14.98 -35.57
CA TYR A 517 -37.93 16.42 -35.50
C TYR A 517 -39.29 17.08 -35.41
N GLY A 518 -39.49 17.91 -34.40
CA GLY A 518 -40.77 18.54 -34.20
C GLY A 518 -40.82 19.47 -33.01
N PRO A 519 -41.98 20.10 -32.81
CA PRO A 519 -42.13 21.00 -31.67
C PRO A 519 -42.08 20.25 -30.36
N PRO A 520 -41.68 20.91 -29.27
CA PRO A 520 -41.55 20.21 -27.98
C PRO A 520 -42.88 19.72 -27.45
N GLY A 521 -42.82 18.61 -26.72
CA GLY A 521 -43.98 18.11 -26.02
C GLY A 521 -44.96 17.32 -26.86
N CYS A 522 -44.57 16.91 -28.07
CA CYS A 522 -45.43 16.11 -28.93
C CYS A 522 -45.13 14.62 -28.83
N GLY A 523 -44.49 14.19 -27.75
CA GLY A 523 -44.33 12.76 -27.47
C GLY A 523 -43.40 11.99 -28.37
N LYS A 524 -42.27 12.58 -28.75
CA LYS A 524 -41.22 11.82 -29.41
C LYS A 524 -40.61 10.80 -28.44
N THR A 525 -40.36 11.24 -27.20
CA THR A 525 -39.82 10.33 -26.19
C THR A 525 -40.80 9.21 -25.87
N LEU A 526 -42.09 9.52 -25.87
CA LEU A 526 -43.10 8.47 -25.72
C LEU A 526 -43.04 7.50 -26.88
N LEU A 527 -42.80 8.01 -28.08
CA LEU A 527 -42.68 7.13 -29.24
C LEU A 527 -41.51 6.16 -29.06
N ALA A 528 -40.36 6.68 -28.64
CA ALA A 528 -39.19 5.82 -28.45
C ALA A 528 -39.45 4.80 -27.33
N LYS A 529 -40.05 5.25 -26.23
CA LYS A 529 -40.35 4.34 -25.13
C LYS A 529 -41.31 3.24 -25.55
N ALA A 530 -42.33 3.61 -26.32
CA ALA A 530 -43.32 2.63 -26.76
C ALA A 530 -42.69 1.60 -27.69
N ILE A 531 -41.85 2.03 -28.62
CA ILE A 531 -41.26 1.06 -29.54
C ILE A 531 -40.29 0.16 -28.80
N ALA A 532 -39.53 0.72 -27.85
CA ALA A 532 -38.62 -0.07 -27.05
C ALA A 532 -39.36 -1.13 -26.26
N ASN A 533 -40.50 -0.76 -25.67
CA ASN A 533 -41.30 -1.73 -24.92
C ASN A 533 -41.91 -2.77 -25.86
N GLU A 534 -42.34 -2.34 -27.04
CA GLU A 534 -42.98 -3.25 -27.99
C GLU A 534 -42.02 -4.35 -28.41
N CYS A 535 -40.76 -4.00 -28.62
CA CYS A 535 -39.77 -5.03 -28.94
C CYS A 535 -39.10 -5.62 -27.70
N GLN A 536 -39.49 -5.19 -26.50
CA GLN A 536 -38.97 -5.74 -25.25
C GLN A 536 -37.44 -5.56 -25.15
N ALA A 537 -36.93 -4.51 -25.77
CA ALA A 537 -35.50 -4.24 -25.79
C ALA A 537 -35.15 -3.17 -24.77
N ASN A 538 -33.93 -3.26 -24.24
CA ASN A 538 -33.50 -2.32 -23.20
C ASN A 538 -33.50 -0.90 -23.75
N PHE A 539 -33.85 0.05 -22.90
CA PHE A 539 -33.96 1.44 -23.29
C PHE A 539 -32.87 2.23 -22.58
N ILE A 540 -32.05 2.93 -23.37
CA ILE A 540 -30.98 3.77 -22.86
C ILE A 540 -31.17 5.17 -23.42
N SER A 541 -31.35 6.13 -22.52
CA SER A 541 -31.65 7.51 -22.90
C SER A 541 -30.60 8.44 -22.31
N ILE A 542 -30.13 9.38 -23.13
CA ILE A 542 -29.26 10.45 -22.67
C ILE A 542 -29.69 11.74 -23.35
N LYS A 543 -29.24 12.85 -22.79
CA LYS A 543 -29.50 14.17 -23.35
C LYS A 543 -28.17 14.88 -23.54
N GLY A 544 -28.02 15.57 -24.68
CA GLY A 544 -26.75 16.13 -25.09
C GLY A 544 -26.03 16.94 -24.04
N PRO A 545 -26.72 17.85 -23.34
CA PRO A 545 -26.05 18.53 -22.22
C PRO A 545 -25.49 17.60 -21.17
N GLU A 546 -26.13 16.46 -20.90
CA GLU A 546 -25.56 15.53 -19.92
C GLU A 546 -24.23 14.97 -20.39
N LEU A 547 -24.00 14.96 -21.71
CA LEU A 547 -22.72 14.44 -22.20
C LEU A 547 -21.68 15.54 -22.34
N LEU A 548 -22.11 16.80 -22.55
CA LEU A 548 -21.20 17.81 -23.09
C LEU A 548 -19.95 18.02 -22.22
N THR A 549 -20.12 18.23 -20.91
CA THR A 549 -19.05 18.57 -19.97
C THR A 549 -18.11 19.65 -20.48
N MET A 550 -16.95 19.83 -19.83
CA MET A 550 -16.09 20.97 -20.13
C MET A 550 -14.61 20.65 -20.25
N TRP A 551 -14.16 19.50 -19.74
CA TRP A 551 -12.77 19.11 -19.87
C TRP A 551 -12.44 18.79 -21.33
N PHE A 552 -11.15 18.59 -21.60
CA PHE A 552 -10.69 18.57 -22.98
C PHE A 552 -11.24 17.38 -23.74
N GLY A 553 -11.14 16.18 -23.19
CA GLY A 553 -11.57 15.01 -23.93
C GLY A 553 -12.65 14.21 -23.24
N GLU A 554 -13.29 14.80 -22.23
CA GLU A 554 -14.26 14.06 -21.44
C GLU A 554 -15.57 13.88 -22.20
N SER A 555 -15.94 14.84 -23.05
CA SER A 555 -17.21 14.76 -23.75
C SER A 555 -17.25 13.56 -24.69
N GLU A 556 -16.21 13.42 -25.50
CA GLU A 556 -16.14 12.28 -26.40
C GLU A 556 -16.05 10.97 -25.63
N ALA A 557 -15.42 11.01 -24.45
CA ALA A 557 -15.39 9.82 -23.61
C ALA A 557 -16.80 9.45 -23.16
N ASN A 558 -17.62 10.45 -22.84
CA ASN A 558 -19.01 10.18 -22.48
C ASN A 558 -19.78 9.59 -23.65
N VAL A 559 -19.57 10.12 -24.85
CA VAL A 559 -20.27 9.60 -26.02
C VAL A 559 -19.87 8.15 -26.27
N ARG A 560 -18.57 7.85 -26.25
CA ARG A 560 -18.13 6.48 -26.38
C ARG A 560 -18.71 5.61 -25.28
N GLU A 561 -18.83 6.17 -24.09
CA GLU A 561 -19.35 5.41 -22.96
C GLU A 561 -20.79 4.98 -23.20
N ILE A 562 -21.64 5.91 -23.64
CA ILE A 562 -23.04 5.56 -23.80
C ILE A 562 -23.21 4.60 -24.97
N PHE A 563 -22.41 4.73 -26.02
CA PHE A 563 -22.51 3.75 -27.10
C PHE A 563 -22.06 2.36 -26.63
N ASP A 564 -21.01 2.30 -25.82
CA ASP A 564 -20.60 1.01 -25.26
C ASP A 564 -21.71 0.45 -24.38
N LYS A 565 -22.36 1.31 -23.60
CA LYS A 565 -23.47 0.88 -22.76
C LYS A 565 -24.60 0.29 -23.58
N ALA A 566 -24.89 0.90 -24.73
CA ALA A 566 -25.89 0.34 -25.63
C ALA A 566 -25.44 -1.02 -26.14
N ARG A 567 -24.15 -1.19 -26.40
CA ARG A 567 -23.67 -2.52 -26.81
C ARG A 567 -23.87 -3.55 -25.72
N GLN A 568 -23.54 -3.22 -24.48
CA GLN A 568 -23.64 -4.20 -23.39
C GLN A 568 -25.09 -4.63 -23.20
N ALA A 569 -26.01 -3.66 -23.21
CA ALA A 569 -27.43 -3.92 -23.02
C ALA A 569 -28.15 -4.28 -24.30
N ALA A 570 -27.45 -4.85 -25.28
CA ALA A 570 -28.09 -5.24 -26.52
C ALA A 570 -29.05 -6.41 -26.27
N PRO A 571 -30.21 -6.44 -26.94
CA PRO A 571 -30.71 -5.42 -27.87
C PRO A 571 -31.16 -4.17 -27.15
N CYS A 572 -30.93 -3.00 -27.72
CA CYS A 572 -31.27 -1.75 -27.07
C CYS A 572 -31.82 -0.75 -28.07
N VAL A 573 -32.61 0.19 -27.56
CA VAL A 573 -33.04 1.36 -28.31
C VAL A 573 -32.37 2.56 -27.68
N LEU A 574 -31.38 3.09 -28.39
CA LEU A 574 -30.55 4.18 -27.87
C LEU A 574 -31.20 5.50 -28.26
N PHE A 575 -31.63 6.26 -27.25
CA PHE A 575 -32.41 7.46 -27.49
C PHE A 575 -31.55 8.67 -27.17
N PHE A 576 -31.31 9.51 -28.17
CA PHE A 576 -30.61 10.76 -28.00
C PHE A 576 -31.63 11.89 -28.01
N ASP A 577 -31.83 12.51 -26.86
CA ASP A 577 -32.75 13.64 -26.78
C ASP A 577 -31.91 14.90 -26.85
N GLN A 578 -32.53 15.99 -27.33
CA GLN A 578 -31.83 17.25 -27.51
C GLN A 578 -30.62 17.09 -28.44
N LEU A 579 -30.81 16.37 -29.53
CA LEU A 579 -29.71 16.12 -30.46
C LEU A 579 -29.24 17.40 -31.14
N ASP A 580 -30.06 18.44 -31.13
CA ASP A 580 -29.66 19.68 -31.77
C ASP A 580 -28.49 20.35 -31.04
N SER A 581 -28.29 19.99 -29.77
CA SER A 581 -27.21 20.60 -28.99
C SER A 581 -25.92 19.81 -29.14
N ILE A 582 -26.00 18.49 -29.04
CA ILE A 582 -24.81 17.66 -29.06
C ILE A 582 -24.23 17.57 -30.48
N ALA A 583 -25.05 17.84 -31.48
CA ALA A 583 -24.64 17.77 -32.87
C ALA A 583 -25.13 19.00 -33.61
N LYS A 584 -24.21 19.85 -34.04
CA LYS A 584 -24.52 21.06 -34.76
C LYS A 584 -23.79 21.05 -36.10
N ALA A 585 -23.77 22.20 -36.75
CA ALA A 585 -23.01 22.33 -37.98
C ALA A 585 -21.52 22.40 -37.66
N ARG A 586 -20.76 21.44 -38.18
CA ARG A 586 -19.31 21.49 -38.00
C ARG A 586 -18.70 22.70 -38.70
N GLY A 587 -19.27 23.10 -39.83
CA GLY A 587 -18.70 24.21 -40.57
C GLY A 587 -18.79 25.53 -39.84
N GLY A 588 -19.93 25.82 -39.22
CA GLY A 588 -20.13 27.14 -38.66
C GLY A 588 -20.04 27.20 -37.15
N ASN A 589 -18.87 27.64 -36.67
CA ASN A 589 -18.54 27.69 -35.25
C ASN A 589 -17.35 28.60 -35.09
N ILE A 590 -17.53 29.72 -34.38
CA ILE A 590 -16.46 30.70 -34.26
C ILE A 590 -15.49 30.31 -33.15
N GLY A 591 -16.00 30.09 -31.95
CA GLY A 591 -15.12 29.97 -30.80
C GLY A 591 -14.41 28.63 -30.74
N ASP A 592 -13.53 28.49 -29.75
CA ASP A 592 -12.85 27.22 -29.53
C ASP A 592 -13.82 26.17 -29.00
N GLY A 593 -14.87 26.61 -28.30
CA GLY A 593 -15.97 25.72 -28.02
C GLY A 593 -16.58 25.16 -29.29
N GLY A 594 -16.48 25.92 -30.38
CA GLY A 594 -16.84 25.38 -31.68
C GLY A 594 -15.96 24.22 -32.09
N GLY A 595 -14.66 24.31 -31.81
CA GLY A 595 -13.77 23.19 -32.07
C GLY A 595 -14.13 21.97 -31.24
N ALA A 596 -14.41 22.18 -29.95
CA ALA A 596 -14.81 21.06 -29.10
C ALA A 596 -16.12 20.44 -29.58
N ALA A 597 -17.07 21.27 -30.02
CA ALA A 597 -18.31 20.75 -30.57
C ALA A 597 -18.07 19.92 -31.82
N ASP A 598 -17.21 20.40 -32.72
CA ASP A 598 -16.88 19.62 -33.90
C ASP A 598 -16.26 18.29 -33.50
N ARG A 599 -15.46 18.30 -32.44
CA ARG A 599 -14.80 17.08 -32.00
C ARG A 599 -15.83 16.06 -31.47
N VAL A 600 -16.82 16.53 -30.71
CA VAL A 600 -17.83 15.60 -30.20
C VAL A 600 -18.71 15.09 -31.34
N ILE A 601 -18.97 15.93 -32.34
CA ILE A 601 -19.75 15.49 -33.50
C ILE A 601 -19.01 14.39 -34.24
N ASN A 602 -17.71 14.57 -34.46
CA ASN A 602 -16.94 13.53 -35.14
C ASN A 602 -16.93 12.24 -34.33
N GLN A 603 -16.89 12.36 -32.99
CA GLN A 603 -16.96 11.15 -32.18
C GLN A 603 -18.29 10.42 -32.36
N ILE A 604 -19.40 11.16 -32.38
CA ILE A 604 -20.69 10.52 -32.58
C ILE A 604 -20.77 9.89 -33.96
N LEU A 605 -20.29 10.58 -34.99
CA LEU A 605 -20.31 10.00 -36.34
C LEU A 605 -19.55 8.69 -36.38
N THR A 606 -18.34 8.67 -35.82
CA THR A 606 -17.56 7.44 -35.87
C THR A 606 -18.20 6.34 -35.04
N GLU A 607 -18.83 6.70 -33.92
CA GLU A 607 -19.55 5.70 -33.13
C GLU A 607 -20.71 5.11 -33.91
N MET A 608 -21.45 5.95 -34.65
CA MET A 608 -22.54 5.44 -35.47
C MET A 608 -22.02 4.49 -36.54
N ASP A 609 -20.89 4.83 -37.15
CA ASP A 609 -20.28 3.89 -38.11
C ASP A 609 -19.85 2.60 -37.43
N GLY A 610 -19.41 2.68 -36.17
CA GLY A 610 -19.08 1.46 -35.45
C GLY A 610 -20.29 0.67 -35.00
N MET A 611 -21.46 1.33 -34.98
CA MET A 611 -22.68 0.68 -34.52
C MET A 611 -23.22 -0.29 -35.55
N SER A 612 -23.02 0.01 -36.84
CA SER A 612 -23.71 -0.72 -37.90
C SER A 612 -23.28 -2.18 -37.93
N THR A 613 -22.17 -2.50 -37.25
CA THR A 613 -21.72 -3.89 -37.17
C THR A 613 -22.77 -4.77 -36.50
N LYS A 614 -23.42 -4.25 -35.47
CA LYS A 614 -24.40 -5.01 -34.69
C LYS A 614 -25.79 -4.49 -35.05
N LYS A 615 -26.65 -5.38 -35.56
CA LYS A 615 -28.00 -4.97 -35.95
C LYS A 615 -28.90 -4.74 -34.75
N ASN A 616 -28.65 -5.46 -33.65
CA ASN A 616 -29.60 -5.50 -32.54
C ASN A 616 -29.77 -4.14 -31.87
N VAL A 617 -28.67 -3.38 -31.71
CA VAL A 617 -28.79 -2.07 -31.06
C VAL A 617 -29.39 -1.07 -32.04
N PHE A 618 -30.44 -0.39 -31.62
CA PHE A 618 -31.15 0.58 -32.45
C PHE A 618 -30.92 1.98 -31.88
N ILE A 619 -30.67 2.92 -32.77
CA ILE A 619 -30.36 4.30 -32.39
C ILE A 619 -31.50 5.18 -32.85
N ILE A 620 -32.06 5.95 -31.93
CA ILE A 620 -33.09 6.93 -32.23
C ILE A 620 -32.67 8.25 -31.65
N GLY A 621 -32.71 9.30 -32.46
CA GLY A 621 -32.39 10.62 -31.98
C GLY A 621 -33.55 11.57 -32.16
N ALA A 622 -33.84 12.38 -31.15
CA ALA A 622 -34.95 13.32 -31.20
C ALA A 622 -34.40 14.73 -31.09
N THR A 623 -34.81 15.59 -32.00
CA THR A 623 -34.38 16.99 -31.99
C THR A 623 -35.61 17.89 -31.99
N ASN A 624 -35.51 19.02 -31.30
CA ASN A 624 -36.52 20.06 -31.45
C ASN A 624 -36.35 20.78 -32.77
N ARG A 625 -35.11 21.11 -33.12
CA ARG A 625 -34.81 21.90 -34.30
C ARG A 625 -33.88 21.12 -35.22
N PRO A 626 -34.29 20.81 -36.45
CA PRO A 626 -33.50 19.92 -37.30
C PRO A 626 -32.57 20.60 -38.28
N ASP A 627 -32.61 21.92 -38.41
CA ASP A 627 -31.77 22.58 -39.41
C ASP A 627 -30.30 22.56 -39.00
N ILE A 628 -30.00 22.80 -37.72
CA ILE A 628 -28.61 22.91 -37.32
C ILE A 628 -27.93 21.56 -37.21
N ILE A 629 -28.68 20.46 -37.32
CA ILE A 629 -28.09 19.13 -37.25
C ILE A 629 -27.03 18.99 -38.35
N ASP A 630 -25.95 18.28 -38.02
CA ASP A 630 -24.89 18.09 -39.00
C ASP A 630 -25.42 17.23 -40.14
N PRO A 631 -25.33 17.71 -41.38
CA PRO A 631 -25.84 16.90 -42.50
C PRO A 631 -25.18 15.54 -42.63
N ALA A 632 -23.97 15.37 -42.09
CA ALA A 632 -23.33 14.06 -42.13
C ALA A 632 -24.07 13.07 -41.25
N ILE A 633 -24.84 13.55 -40.27
CA ILE A 633 -25.61 12.63 -39.45
C ILE A 633 -26.88 12.18 -40.19
N LEU A 634 -27.49 13.10 -40.94
CA LEU A 634 -28.68 12.74 -41.71
C LEU A 634 -28.34 11.86 -42.90
N ARG A 635 -27.04 11.63 -43.13
CA ARG A 635 -26.58 10.81 -44.23
C ARG A 635 -27.05 9.37 -44.03
N PRO A 636 -27.55 8.70 -45.07
CA PRO A 636 -28.05 7.33 -44.91
C PRO A 636 -26.96 6.40 -44.41
N GLY A 637 -27.37 5.42 -43.60
CA GLY A 637 -26.47 4.60 -42.83
C GLY A 637 -26.24 5.11 -41.43
N ARG A 638 -26.54 6.37 -41.19
CA ARG A 638 -26.62 6.95 -39.86
C ARG A 638 -27.93 7.72 -39.79
N LEU A 639 -28.81 7.32 -38.88
CA LEU A 639 -30.12 7.98 -38.77
C LEU A 639 -30.76 8.18 -40.14
N ASP A 640 -31.01 7.08 -40.85
CA ASP A 640 -31.50 7.14 -42.21
C ASP A 640 -32.87 7.79 -42.32
N GLN A 641 -33.78 7.44 -41.42
CA GLN A 641 -35.19 7.82 -41.52
C GLN A 641 -35.43 9.09 -40.73
N LEU A 642 -35.89 10.13 -41.41
CA LEU A 642 -36.22 11.41 -40.78
C LEU A 642 -37.73 11.57 -40.74
N ILE A 643 -38.29 11.56 -39.54
CA ILE A 643 -39.74 11.54 -39.34
C ILE A 643 -40.17 12.83 -38.66
N TYR A 644 -41.19 13.46 -39.19
CA TYR A 644 -41.75 14.68 -38.61
C TYR A 644 -42.91 14.31 -37.69
N ILE A 645 -42.81 14.72 -36.43
CA ILE A 645 -43.85 14.51 -35.44
C ILE A 645 -44.63 15.81 -35.30
N PRO A 646 -45.74 15.99 -36.02
CA PRO A 646 -46.37 17.31 -36.10
C PRO A 646 -47.27 17.57 -34.91
N LEU A 647 -47.87 18.75 -34.91
CA LEU A 647 -48.87 19.06 -33.91
C LEU A 647 -50.06 18.11 -34.07
N PRO A 648 -50.58 17.56 -32.98
CA PRO A 648 -51.72 16.65 -33.10
C PRO A 648 -52.97 17.39 -33.59
N ASP A 649 -53.66 16.78 -34.54
CA ASP A 649 -54.92 17.32 -35.03
C ASP A 649 -56.08 16.79 -34.19
N GLU A 650 -57.30 17.13 -34.62
CA GLU A 650 -58.47 16.90 -33.76
C GLU A 650 -58.63 15.42 -33.44
N LYS A 651 -58.44 14.54 -34.43
CA LYS A 651 -58.50 13.11 -34.14
C LYS A 651 -57.36 12.70 -33.22
N SER A 652 -56.16 13.20 -33.47
CA SER A 652 -55.05 12.94 -32.56
C SER A 652 -55.29 13.57 -31.20
N ARG A 653 -55.95 14.74 -31.17
CA ARG A 653 -56.26 15.36 -29.89
C ARG A 653 -57.18 14.48 -29.06
N VAL A 654 -58.28 14.01 -29.65
CA VAL A 654 -59.20 13.17 -28.90
C VAL A 654 -58.55 11.85 -28.53
N ALA A 655 -57.64 11.34 -29.38
CA ALA A 655 -56.92 10.13 -29.02
C ALA A 655 -56.05 10.35 -27.78
N ILE A 656 -55.34 11.48 -27.74
CA ILE A 656 -54.47 11.77 -26.60
C ILE A 656 -55.32 11.96 -25.34
N LEU A 657 -56.44 12.66 -25.47
CA LEU A 657 -57.32 12.85 -24.32
C LEU A 657 -57.89 11.53 -23.82
N LYS A 658 -58.25 10.63 -24.74
CA LYS A 658 -58.70 9.30 -24.34
C LYS A 658 -57.62 8.57 -23.57
N ALA A 659 -56.38 8.64 -24.06
CA ALA A 659 -55.28 7.96 -23.38
C ALA A 659 -55.03 8.52 -22.00
N ASN A 660 -55.12 9.85 -21.85
CA ASN A 660 -54.93 10.45 -20.54
C ASN A 660 -56.07 10.14 -19.58
N LEU A 661 -57.30 10.10 -20.10
CA LEU A 661 -58.48 9.89 -19.27
C LEU A 661 -58.86 8.43 -19.13
N ARG A 662 -58.04 7.51 -19.62
CA ARG A 662 -58.22 6.11 -19.26
C ARG A 662 -58.19 5.93 -17.75
N LYS A 663 -57.43 6.77 -17.05
CA LYS A 663 -57.26 6.61 -15.62
C LYS A 663 -58.34 7.36 -14.83
N SER A 664 -58.88 8.44 -15.39
CA SER A 664 -59.83 9.26 -14.66
C SER A 664 -61.19 9.26 -15.34
N PRO A 665 -62.28 9.12 -14.58
CA PRO A 665 -63.61 9.26 -15.20
C PRO A 665 -63.86 10.69 -15.63
N VAL A 666 -64.70 10.87 -16.65
CA VAL A 666 -65.06 12.18 -17.15
C VAL A 666 -66.57 12.34 -17.09
N ALA A 667 -67.03 13.54 -16.76
CA ALA A 667 -68.45 13.84 -16.80
C ALA A 667 -68.94 13.73 -18.24
N LYS A 668 -70.12 13.13 -18.40
CA LYS A 668 -70.62 12.82 -19.73
C LYS A 668 -70.89 14.08 -20.55
N ASP A 669 -71.21 15.18 -19.87
CA ASP A 669 -71.46 16.43 -20.57
C ASP A 669 -70.18 16.97 -21.21
N VAL A 670 -69.04 16.76 -20.56
CA VAL A 670 -67.77 17.13 -21.16
C VAL A 670 -67.48 16.23 -22.34
N ASP A 671 -67.48 16.82 -23.53
CA ASP A 671 -67.35 16.07 -24.77
C ASP A 671 -65.93 16.21 -25.30
N LEU A 672 -65.31 15.09 -25.61
CA LEU A 672 -63.92 15.10 -26.06
C LEU A 672 -63.78 15.87 -27.37
N GLU A 673 -64.73 15.71 -28.28
CA GLU A 673 -64.67 16.42 -29.56
C GLU A 673 -64.73 17.93 -29.36
N PHE A 674 -65.53 18.39 -28.40
CA PHE A 674 -65.54 19.81 -28.08
C PHE A 674 -64.17 20.24 -27.56
N LEU A 675 -63.54 19.43 -26.72
CA LEU A 675 -62.19 19.73 -26.24
C LEU A 675 -61.21 19.85 -27.40
N ALA A 676 -61.29 18.92 -28.36
CA ALA A 676 -60.42 18.99 -29.53
C ALA A 676 -60.70 20.24 -30.34
N LYS A 677 -61.97 20.67 -30.40
CA LYS A 677 -62.27 21.93 -31.07
C LYS A 677 -61.62 23.11 -30.35
N MET A 678 -61.61 23.09 -29.00
CA MET A 678 -60.96 24.17 -28.27
C MET A 678 -59.46 24.20 -28.53
N THR A 679 -58.78 23.06 -28.41
CA THR A 679 -57.32 22.99 -28.51
C THR A 679 -56.87 22.82 -29.96
N ASN A 680 -57.26 23.78 -30.80
CA ASN A 680 -56.91 23.70 -32.21
C ASN A 680 -55.42 23.92 -32.44
N GLY A 681 -54.89 25.02 -31.92
CA GLY A 681 -53.47 25.33 -32.05
C GLY A 681 -52.64 24.90 -30.86
N PHE A 682 -53.27 24.30 -29.86
CA PHE A 682 -52.57 23.89 -28.65
C PHE A 682 -51.67 22.68 -28.94
N SER A 683 -50.89 22.29 -27.94
CA SER A 683 -49.98 21.15 -28.07
C SER A 683 -50.52 19.96 -27.27
N GLY A 684 -49.78 18.84 -27.35
CA GLY A 684 -50.15 17.66 -26.57
C GLY A 684 -49.72 17.75 -25.12
N ALA A 685 -48.58 18.41 -24.87
CA ALA A 685 -48.17 18.65 -23.49
C ALA A 685 -49.22 19.47 -22.76
N ASP A 686 -49.85 20.41 -23.46
CA ASP A 686 -50.95 21.14 -22.87
C ASP A 686 -52.11 20.22 -22.54
N LEU A 687 -52.34 19.20 -23.36
CA LEU A 687 -53.42 18.26 -23.09
C LEU A 687 -53.15 17.45 -21.83
N THR A 688 -51.92 16.96 -21.67
CA THR A 688 -51.60 16.29 -20.41
C THR A 688 -51.68 17.27 -19.24
N GLU A 689 -51.33 18.53 -19.49
CA GLU A 689 -51.49 19.56 -18.46
C GLU A 689 -52.94 19.68 -18.00
N ILE A 690 -53.88 19.80 -18.95
CA ILE A 690 -55.28 20.02 -18.60
C ILE A 690 -55.83 18.79 -17.88
N CYS A 691 -55.44 17.59 -18.33
CA CYS A 691 -55.87 16.38 -17.63
C CYS A 691 -55.32 16.32 -16.21
N GLN A 692 -54.04 16.67 -16.02
CA GLN A 692 -53.45 16.62 -14.68
C GLN A 692 -54.09 17.63 -13.75
N ARG A 693 -54.38 18.83 -14.26
CA ARG A 693 -55.04 19.83 -13.42
C ARG A 693 -56.47 19.41 -13.11
N ALA A 694 -57.15 18.75 -14.04
CA ALA A 694 -58.45 18.19 -13.75
C ALA A 694 -58.37 17.20 -12.60
N CYS A 695 -57.37 16.31 -12.64
CA CYS A 695 -57.23 15.33 -11.57
C CYS A 695 -56.88 16.00 -10.24
N LYS A 696 -56.07 17.06 -10.27
CA LYS A 696 -55.73 17.75 -9.03
C LYS A 696 -56.96 18.42 -8.40
N LEU A 697 -57.75 19.12 -9.20
CA LEU A 697 -58.97 19.69 -8.66
C LEU A 697 -59.93 18.58 -8.22
N ALA A 698 -59.88 17.42 -8.88
CA ALA A 698 -60.71 16.29 -8.47
C ALA A 698 -60.32 15.78 -7.09
N ILE A 699 -59.02 15.71 -6.80
CA ILE A 699 -58.62 15.31 -5.45
C ILE A 699 -59.01 16.40 -4.45
N ARG A 700 -59.05 17.66 -4.89
CA ARG A 700 -59.60 18.69 -4.01
C ARG A 700 -61.06 18.41 -3.68
N GLU A 701 -61.84 18.01 -4.68
CA GLU A 701 -63.24 17.66 -4.44
C GLU A 701 -63.34 16.45 -3.51
N SER A 702 -62.42 15.50 -3.64
CA SER A 702 -62.39 14.35 -2.72
C SER A 702 -62.06 14.78 -1.30
N ILE A 703 -61.20 15.79 -1.14
CA ILE A 703 -60.93 16.34 0.18
C ILE A 703 -62.20 16.96 0.76
N GLU A 704 -62.94 17.70 -0.06
CA GLU A 704 -64.21 18.23 0.41
C GLU A 704 -65.16 17.09 0.80
N SER A 705 -65.13 16.00 0.05
CA SER A 705 -65.96 14.84 0.39
C SER A 705 -65.55 14.22 1.71
N GLU A 706 -64.25 14.17 2.00
CA GLU A 706 -63.83 13.56 3.25
C GLU A 706 -64.14 14.46 4.43
N ILE A 707 -64.09 15.77 4.22
CA ILE A 707 -64.62 16.69 5.24
C ILE A 707 -66.13 16.48 5.42
N ARG A 708 -66.85 16.22 4.32
CA ARG A 708 -68.29 15.99 4.39
C ARG A 708 -68.62 14.73 5.19
N ARG A 709 -67.90 13.64 4.94
CA ARG A 709 -68.16 12.42 5.70
C ARG A 709 -67.75 12.58 7.16
N GLU A 710 -66.69 13.37 7.41
CA GLU A 710 -66.33 13.65 8.79
C GLU A 710 -67.43 14.43 9.49
N ARG A 711 -68.07 15.34 8.77
CA ARG A 711 -69.25 16.04 9.30
C ARG A 711 -70.37 15.04 9.60
N GLU A 712 -70.60 14.09 8.68
CA GLU A 712 -71.59 13.05 8.92
C GLU A 712 -71.28 12.29 10.20
N ARG A 713 -70.00 12.02 10.47
CA ARG A 713 -69.64 11.35 11.71
C ARG A 713 -70.01 12.19 12.93
N GLN A 714 -69.83 13.51 12.83
CA GLN A 714 -70.21 14.41 13.91
C GLN A 714 -71.73 14.46 14.07
N PRO A 727 -67.18 10.65 -3.27
CA PRO A 727 -67.61 11.63 -4.28
C PRO A 727 -67.92 10.96 -5.60
N VAL A 728 -68.36 11.76 -6.58
CA VAL A 728 -68.50 11.21 -7.92
C VAL A 728 -67.11 10.92 -8.48
N PRO A 729 -66.83 9.71 -8.96
CA PRO A 729 -65.53 9.48 -9.61
C PRO A 729 -65.30 10.38 -10.80
N GLU A 730 -66.37 10.77 -11.48
CA GLU A 730 -66.26 11.67 -12.62
C GLU A 730 -65.84 13.06 -12.16
N ILE A 731 -65.23 13.81 -13.07
CA ILE A 731 -64.71 15.14 -12.73
C ILE A 731 -65.70 16.21 -13.17
N ARG A 732 -66.01 17.14 -12.27
CA ARG A 732 -67.06 18.12 -12.52
C ARG A 732 -66.62 19.13 -13.59
N ARG A 733 -67.61 19.88 -14.08
CA ARG A 733 -67.40 20.86 -15.15
C ARG A 733 -66.41 21.94 -14.73
N ASP A 734 -66.57 22.49 -13.52
CA ASP A 734 -65.72 23.57 -13.07
C ASP A 734 -64.26 23.11 -12.95
N HIS A 735 -64.05 21.85 -12.58
CA HIS A 735 -62.69 21.33 -12.53
C HIS A 735 -62.01 21.46 -13.88
N PHE A 736 -62.68 20.98 -14.94
CA PHE A 736 -62.11 21.04 -16.28
C PHE A 736 -61.98 22.48 -16.76
N GLU A 737 -62.91 23.35 -16.36
CA GLU A 737 -62.84 24.72 -16.83
C GLU A 737 -61.68 25.49 -16.18
N GLU A 738 -61.45 25.27 -14.88
CA GLU A 738 -60.27 25.89 -14.27
C GLU A 738 -58.98 25.29 -14.80
N ALA A 739 -58.99 23.98 -15.10
CA ALA A 739 -57.86 23.39 -15.79
C ALA A 739 -57.63 24.06 -17.14
N MET A 740 -58.71 24.39 -17.85
CA MET A 740 -58.58 25.11 -19.11
C MET A 740 -57.96 26.47 -18.89
N ARG A 741 -58.44 27.22 -17.89
CA ARG A 741 -57.98 28.58 -17.70
C ARG A 741 -56.52 28.65 -17.29
N PHE A 742 -56.10 27.78 -16.37
CA PHE A 742 -54.69 27.82 -15.97
C PHE A 742 -53.80 27.42 -17.12
N ALA A 743 -54.27 26.49 -17.96
CA ALA A 743 -53.51 26.05 -19.12
C ALA A 743 -53.32 27.18 -20.11
N ARG A 744 -52.15 27.21 -20.74
CA ARG A 744 -51.79 28.22 -21.72
C ARG A 744 -51.15 27.51 -22.90
N ARG A 745 -51.12 28.20 -24.05
CA ARG A 745 -50.52 27.60 -25.23
C ARG A 745 -49.01 27.47 -25.06
N SER A 746 -48.47 26.30 -25.40
CA SER A 746 -47.06 26.02 -25.13
C SER A 746 -46.16 26.50 -26.26
N VAL A 747 -46.50 26.16 -27.50
CA VAL A 747 -45.62 26.35 -28.64
C VAL A 747 -46.25 27.36 -29.59
N SER A 748 -45.43 28.27 -30.10
CA SER A 748 -45.94 29.36 -30.93
C SER A 748 -46.00 28.95 -32.40
N ASP A 749 -46.66 29.77 -33.20
CA ASP A 749 -46.92 29.35 -34.59
C ASP A 749 -45.70 29.57 -35.49
N ASN A 750 -44.79 30.47 -35.10
CA ASN A 750 -43.64 30.76 -35.95
C ASN A 750 -42.67 29.58 -36.03
N ASP A 751 -42.29 29.02 -34.88
CA ASP A 751 -41.32 27.92 -34.90
C ASP A 751 -41.92 26.68 -35.54
N ILE A 752 -43.21 26.45 -35.30
CA ILE A 752 -43.89 25.34 -35.95
C ILE A 752 -43.88 25.54 -37.46
N ARG A 753 -44.14 26.77 -37.90
CA ARG A 753 -44.04 27.07 -39.33
C ARG A 753 -42.63 26.82 -39.84
N LYS A 754 -41.62 27.10 -39.03
CA LYS A 754 -40.24 26.87 -39.43
C LYS A 754 -39.96 25.37 -39.61
N TYR A 755 -40.48 24.55 -38.69
CA TYR A 755 -40.31 23.10 -38.85
C TYR A 755 -41.05 22.60 -40.08
N GLU A 756 -42.22 23.18 -40.36
CA GLU A 756 -42.94 22.84 -41.58
C GLU A 756 -42.15 23.26 -42.82
N MET A 757 -41.43 24.38 -42.72
CA MET A 757 -40.57 24.80 -43.82
C MET A 757 -39.43 23.80 -44.04
N PHE A 758 -38.86 23.29 -42.95
CA PHE A 758 -37.85 22.24 -43.07
C PHE A 758 -38.42 21.00 -43.77
N ALA A 759 -39.62 20.59 -43.37
CA ALA A 759 -40.26 19.45 -44.02
C ALA A 759 -40.54 19.73 -45.49
N GLN A 760 -40.94 20.96 -45.81
CA GLN A 760 -41.20 21.34 -47.19
C GLN A 760 -39.94 21.25 -48.04
N THR A 761 -38.82 21.69 -47.48
CA THR A 761 -37.54 21.54 -48.17
C THR A 761 -37.18 20.07 -48.35
N LEU A 762 -37.46 19.26 -47.32
CA LEU A 762 -37.19 17.83 -47.44
C LEU A 762 -37.97 17.22 -48.60
N GLN A 763 -39.25 17.57 -48.72
CA GLN A 763 -40.06 17.05 -49.82
C GLN A 763 -39.60 17.60 -51.16
N GLN A 764 -39.26 18.89 -51.20
CA GLN A 764 -38.81 19.52 -52.44
C GLN A 764 -37.53 18.88 -52.95
N SER A 765 -36.68 18.41 -52.04
CA SER A 765 -35.48 17.70 -52.46
C SER A 765 -35.83 16.35 -53.08
N ARG A 766 -36.99 15.80 -52.74
CA ARG A 766 -37.48 14.58 -53.38
C ARG A 766 -38.28 14.98 -54.63
N GLY A 767 -37.56 15.30 -55.69
CA GLY A 767 -38.14 15.65 -56.96
C GLY A 767 -38.46 14.49 -57.86
N PHE A 768 -38.84 13.34 -57.30
CA PHE A 768 -39.03 12.12 -58.05
C PHE A 768 -40.45 11.58 -57.98
N GLY A 769 -41.46 12.45 -57.99
CA GLY A 769 -42.82 11.98 -58.09
C GLY A 769 -43.14 11.45 -59.48
N SER A 770 -43.01 12.30 -60.50
CA SER A 770 -43.26 11.92 -61.88
C SER A 770 -42.09 11.09 -62.41
N PHE A 771 -42.00 9.86 -61.91
CA PHE A 771 -40.88 8.97 -62.15
C PHE A 771 -41.37 7.65 -62.73
N ARG A 772 -40.73 7.19 -63.80
CA ARG A 772 -41.13 5.97 -64.48
C ARG A 772 -39.91 5.33 -65.15
N PHE A 773 -39.75 4.02 -64.98
CA PHE A 773 -38.85 3.29 -65.85
C PHE A 773 -39.44 3.18 -67.25
N PRO A 774 -38.68 3.52 -68.29
CA PRO A 774 -39.26 3.63 -69.63
C PRO A 774 -39.68 2.27 -70.18
N SER A 775 -40.53 2.32 -71.21
CA SER A 775 -40.98 1.13 -71.95
C SER A 775 -41.71 0.14 -71.05
N PRO B 23 33.00 -39.33 -44.68
CA PRO B 23 31.53 -39.20 -44.74
C PRO B 23 30.82 -39.80 -43.54
N ASN B 24 31.02 -39.22 -42.36
CA ASN B 24 30.28 -39.65 -41.18
C ASN B 24 28.83 -39.16 -41.23
N ARG B 25 28.64 -37.89 -41.59
CA ARG B 25 27.29 -37.35 -41.68
C ARG B 25 26.58 -37.91 -42.91
N LEU B 26 25.28 -38.17 -42.78
CA LEU B 26 24.54 -38.90 -43.80
C LEU B 26 23.05 -38.58 -43.72
N ILE B 27 22.33 -38.98 -44.77
CA ILE B 27 20.89 -38.80 -44.88
C ILE B 27 20.22 -40.16 -44.69
N VAL B 28 19.16 -40.20 -43.87
CA VAL B 28 18.54 -41.47 -43.52
C VAL B 28 17.66 -41.97 -44.67
N ASP B 29 17.69 -43.27 -44.91
CA ASP B 29 16.81 -43.92 -45.87
C ASP B 29 15.94 -44.94 -45.16
N GLU B 30 15.03 -45.56 -45.90
CA GLU B 30 14.32 -46.73 -45.42
C GLU B 30 15.12 -48.00 -45.74
N ALA B 31 15.03 -48.98 -44.84
CA ALA B 31 15.65 -50.28 -45.05
C ALA B 31 14.64 -51.20 -45.71
N ILE B 32 14.92 -51.58 -46.96
CA ILE B 32 13.99 -52.45 -47.69
C ILE B 32 14.01 -53.85 -47.08
N ASN B 33 15.21 -54.40 -46.87
CA ASN B 33 15.37 -55.77 -46.41
C ASN B 33 16.18 -55.91 -45.12
N GLU B 34 16.97 -54.90 -44.76
CA GLU B 34 17.69 -54.93 -43.50
C GLU B 34 16.71 -54.89 -42.33
N ASP B 35 17.09 -55.53 -41.23
CA ASP B 35 16.35 -55.42 -39.99
C ASP B 35 16.92 -54.29 -39.14
N ASN B 36 16.41 -54.17 -37.91
CA ASN B 36 16.90 -53.14 -37.00
C ASN B 36 18.34 -53.39 -36.61
N SER B 37 18.73 -54.67 -36.52
CA SER B 37 20.04 -55.01 -35.97
C SER B 37 21.19 -54.66 -36.93
N VAL B 38 20.92 -54.58 -38.24
CA VAL B 38 21.95 -54.25 -39.21
C VAL B 38 21.52 -53.02 -40.01
N VAL B 39 22.52 -52.29 -40.51
CA VAL B 39 22.30 -51.10 -41.32
C VAL B 39 23.14 -51.22 -42.58
N SER B 40 22.57 -50.81 -43.71
CA SER B 40 23.22 -50.95 -45.01
C SER B 40 23.71 -49.59 -45.50
N LEU B 41 24.97 -49.55 -45.93
CA LEU B 41 25.59 -48.35 -46.46
C LEU B 41 26.24 -48.66 -47.80
N SER B 42 26.24 -47.67 -48.70
CA SER B 42 26.63 -47.92 -50.08
C SER B 42 28.09 -48.33 -50.17
N GLN B 43 28.42 -49.07 -51.24
CA GLN B 43 29.79 -49.53 -51.44
C GLN B 43 30.80 -48.38 -51.59
N PRO B 44 30.61 -47.40 -52.47
CA PRO B 44 31.63 -46.33 -52.59
C PRO B 44 31.82 -45.52 -51.32
N LYS B 45 30.73 -45.19 -50.64
CA LYS B 45 30.82 -44.49 -49.37
C LYS B 45 31.55 -45.33 -48.33
N MET B 46 31.23 -46.61 -48.24
CA MET B 46 31.85 -47.44 -47.21
C MET B 46 33.32 -47.70 -47.51
N ASP B 47 33.68 -47.73 -48.80
CA ASP B 47 35.08 -47.72 -49.19
C ASP B 47 35.78 -46.43 -48.75
N GLU B 48 35.10 -45.28 -48.90
CA GLU B 48 35.65 -44.05 -48.35
C GLU B 48 35.79 -44.14 -46.84
N LEU B 49 34.87 -44.85 -46.18
CA LEU B 49 34.87 -44.92 -44.72
C LEU B 49 36.02 -45.77 -44.19
N GLN B 50 36.60 -46.63 -45.03
CA GLN B 50 37.72 -47.48 -44.65
C GLN B 50 37.32 -48.46 -43.55
N LEU B 51 36.05 -48.87 -43.55
CA LEU B 51 35.51 -49.76 -42.54
C LEU B 51 35.28 -51.15 -43.15
N PHE B 52 35.81 -52.17 -42.48
CA PHE B 52 35.67 -53.54 -42.92
C PHE B 52 34.21 -54.00 -42.79
N ARG B 53 33.80 -54.90 -43.67
CA ARG B 53 32.45 -55.47 -43.59
C ARG B 53 32.34 -56.38 -42.37
N GLY B 54 31.26 -56.18 -41.60
CA GLY B 54 31.04 -56.92 -40.37
C GLY B 54 31.39 -56.18 -39.09
N ASP B 55 31.73 -54.90 -39.17
CA ASP B 55 32.02 -54.12 -37.98
C ASP B 55 30.74 -53.58 -37.37
N THR B 56 30.82 -53.15 -36.11
CA THR B 56 29.70 -52.47 -35.47
C THR B 56 29.87 -50.95 -35.60
N VAL B 57 28.78 -50.28 -35.98
CA VAL B 57 28.74 -48.83 -36.09
C VAL B 57 27.72 -48.26 -35.12
N LEU B 58 28.14 -47.24 -34.38
CA LEU B 58 27.30 -46.54 -33.43
C LEU B 58 26.39 -45.59 -34.20
N LEU B 59 25.13 -45.50 -33.77
CA LEU B 59 24.12 -44.72 -34.49
C LEU B 59 23.78 -43.49 -33.65
N LYS B 60 23.95 -42.31 -34.25
CA LYS B 60 23.60 -41.09 -33.54
C LYS B 60 22.20 -40.61 -33.91
N GLY B 61 21.49 -40.09 -32.91
CA GLY B 61 20.13 -39.61 -33.12
C GLY B 61 19.86 -38.36 -32.30
N LYS B 62 18.69 -37.78 -32.57
CA LYS B 62 18.30 -36.53 -31.92
C LYS B 62 17.97 -36.75 -30.46
N LYS B 63 18.19 -35.71 -29.65
CA LYS B 63 18.03 -35.77 -28.20
C LYS B 63 18.87 -36.88 -27.56
N ARG B 64 20.07 -37.09 -28.11
CA ARG B 64 21.09 -37.93 -27.49
C ARG B 64 20.58 -39.36 -27.27
N ARG B 65 19.99 -39.93 -28.32
CA ARG B 65 19.60 -41.33 -28.33
C ARG B 65 20.53 -42.09 -29.27
N GLU B 66 20.98 -43.27 -28.83
CA GLU B 66 22.04 -43.98 -29.53
C GLU B 66 21.59 -45.40 -29.85
N ALA B 67 22.20 -45.98 -30.89
CA ALA B 67 22.00 -47.37 -31.27
C ALA B 67 23.28 -47.89 -31.90
N VAL B 68 23.41 -49.22 -31.98
CA VAL B 68 24.56 -49.88 -32.59
C VAL B 68 24.06 -50.97 -33.54
N CYS B 69 24.73 -51.10 -34.68
CA CYS B 69 24.36 -52.09 -35.69
C CYS B 69 25.60 -52.58 -36.41
N ILE B 70 25.43 -53.70 -37.13
CA ILE B 70 26.46 -54.18 -38.01
C ILE B 70 26.40 -53.42 -39.33
N VAL B 71 27.51 -52.80 -39.71
CA VAL B 71 27.56 -52.04 -40.95
C VAL B 71 27.53 -52.98 -42.14
N LEU B 72 26.89 -52.56 -43.21
CA LEU B 72 26.71 -53.40 -44.40
C LEU B 72 27.07 -52.62 -45.64
N SER B 73 27.52 -53.34 -46.66
CA SER B 73 27.72 -52.78 -47.99
C SER B 73 26.63 -53.31 -48.90
N ASP B 74 25.69 -52.44 -49.26
CA ASP B 74 24.62 -52.79 -50.17
C ASP B 74 24.58 -51.76 -51.28
N ASP B 75 24.61 -52.23 -52.53
CA ASP B 75 24.76 -51.33 -53.67
C ASP B 75 23.48 -50.52 -53.93
N THR B 76 22.34 -50.98 -53.40
CA THR B 76 21.10 -50.25 -53.62
C THR B 76 21.11 -48.90 -52.91
N CYS B 77 21.74 -48.84 -51.74
CA CYS B 77 21.82 -47.60 -50.98
C CYS B 77 22.64 -46.55 -51.72
N SER B 78 22.26 -45.29 -51.55
CA SER B 78 22.96 -44.20 -52.22
C SER B 78 24.23 -43.82 -51.46
N ASP B 79 25.12 -43.11 -52.14
CA ASP B 79 26.40 -42.77 -51.54
C ASP B 79 26.27 -41.64 -50.52
N GLU B 80 25.37 -40.68 -50.76
CA GLU B 80 25.17 -39.61 -49.78
C GLU B 80 24.02 -39.89 -48.83
N LYS B 81 23.49 -41.12 -48.83
CA LYS B 81 22.39 -41.50 -47.95
C LYS B 81 22.74 -42.80 -47.23
N ILE B 82 22.09 -43.02 -46.09
CA ILE B 82 22.26 -44.21 -45.27
C ILE B 82 20.89 -44.87 -45.09
N ARG B 83 20.83 -46.19 -45.25
CA ARG B 83 19.58 -46.91 -45.12
C ARG B 83 19.39 -47.44 -43.70
N MET B 84 18.19 -47.23 -43.15
CA MET B 84 17.85 -47.71 -41.82
C MET B 84 16.39 -48.13 -41.78
N ASN B 85 16.06 -48.94 -40.78
CA ASN B 85 14.70 -49.39 -40.55
C ASN B 85 13.93 -48.36 -39.73
N ARG B 86 12.61 -48.52 -39.69
CA ARG B 86 11.75 -47.57 -38.99
C ARG B 86 12.05 -47.54 -37.50
N VAL B 87 12.25 -48.71 -36.90
CA VAL B 87 12.46 -48.78 -35.45
C VAL B 87 13.85 -48.27 -35.10
N VAL B 88 14.79 -48.31 -36.06
CA VAL B 88 16.08 -47.67 -35.87
C VAL B 88 15.89 -46.17 -35.66
N ARG B 89 15.11 -45.53 -36.54
CA ARG B 89 14.80 -44.12 -36.38
C ARG B 89 14.04 -43.88 -35.09
N ASN B 90 13.17 -44.83 -34.72
CA ASN B 90 12.41 -44.71 -33.48
C ASN B 90 13.34 -44.68 -32.28
N ASN B 91 14.37 -45.53 -32.27
CA ASN B 91 15.37 -45.49 -31.21
C ASN B 91 16.11 -44.16 -31.21
N LEU B 92 16.65 -43.77 -32.36
CA LEU B 92 17.45 -42.55 -32.44
C LEU B 92 16.61 -41.28 -32.29
N ARG B 93 15.29 -41.40 -32.30
CA ARG B 93 14.39 -40.24 -32.35
C ARG B 93 14.74 -39.36 -33.55
N VAL B 94 15.03 -39.99 -34.68
CA VAL B 94 15.21 -39.29 -35.93
C VAL B 94 14.09 -39.71 -36.88
N ARG B 95 13.84 -38.88 -37.88
CA ARG B 95 12.86 -39.17 -38.91
C ARG B 95 13.61 -39.46 -40.21
N LEU B 96 12.85 -39.80 -41.24
CA LEU B 96 13.47 -40.11 -42.53
C LEU B 96 14.18 -38.89 -43.10
N GLY B 97 15.36 -39.11 -43.65
CA GLY B 97 16.13 -38.05 -44.25
C GLY B 97 16.98 -37.24 -43.30
N ASP B 98 17.07 -37.64 -42.03
CA ASP B 98 17.76 -36.83 -41.04
C ASP B 98 19.27 -36.89 -41.24
N VAL B 99 19.94 -35.79 -40.89
CA VAL B 99 21.38 -35.67 -41.04
C VAL B 99 22.05 -36.21 -39.78
N ILE B 100 22.67 -37.38 -39.90
CA ILE B 100 23.16 -38.11 -38.73
C ILE B 100 24.59 -38.57 -38.98
N SER B 101 25.30 -38.82 -37.87
CA SER B 101 26.70 -39.21 -37.88
C SER B 101 26.84 -40.68 -37.55
N ILE B 102 27.78 -41.35 -38.23
CA ILE B 102 28.14 -42.73 -37.93
C ILE B 102 29.60 -42.76 -37.49
N GLN B 103 29.84 -43.42 -36.36
CA GLN B 103 31.17 -43.58 -35.81
C GLN B 103 31.33 -44.99 -35.25
N PRO B 104 32.38 -45.72 -35.64
CA PRO B 104 32.51 -47.11 -35.19
C PRO B 104 32.70 -47.18 -33.67
N CYS B 105 32.19 -48.27 -33.09
CA CYS B 105 32.33 -48.49 -31.66
C CYS B 105 33.59 -49.29 -31.41
N PRO B 106 34.58 -48.76 -30.70
CA PRO B 106 35.80 -49.51 -30.45
C PRO B 106 35.68 -50.44 -29.25
N ASP B 107 36.43 -51.54 -29.31
CA ASP B 107 36.51 -52.51 -28.22
C ASP B 107 35.14 -53.06 -27.85
N VAL B 108 34.38 -53.48 -28.86
CA VAL B 108 33.14 -54.20 -28.59
C VAL B 108 33.47 -55.59 -28.06
N LYS B 109 32.86 -55.96 -26.94
CA LYS B 109 33.14 -57.22 -26.27
C LYS B 109 31.86 -58.03 -26.11
N TYR B 110 31.97 -59.34 -26.33
CA TYR B 110 30.81 -60.22 -26.34
C TYR B 110 30.13 -60.24 -24.98
N GLY B 111 28.79 -60.22 -25.02
CA GLY B 111 28.03 -60.09 -23.79
C GLY B 111 27.90 -61.41 -23.07
N LYS B 112 28.15 -61.38 -21.75
CA LYS B 112 27.93 -62.56 -20.93
C LYS B 112 26.44 -62.81 -20.70
N ARG B 113 25.68 -61.76 -20.42
CA ARG B 113 24.24 -61.87 -20.20
C ARG B 113 23.58 -60.55 -20.56
N ILE B 114 22.34 -60.62 -21.04
CA ILE B 114 21.57 -59.43 -21.37
C ILE B 114 20.15 -59.62 -20.88
N HIS B 115 19.49 -58.52 -20.53
CA HIS B 115 18.09 -58.54 -20.13
C HIS B 115 17.28 -57.77 -21.16
N VAL B 116 16.34 -58.45 -21.80
CA VAL B 116 15.52 -57.89 -22.86
C VAL B 116 14.10 -57.80 -22.35
N LEU B 117 13.53 -56.60 -22.38
CA LEU B 117 12.19 -56.38 -21.86
C LEU B 117 11.25 -56.07 -23.02
N PRO B 118 10.24 -56.90 -23.25
CA PRO B 118 9.24 -56.57 -24.27
C PRO B 118 8.42 -55.36 -23.83
N ILE B 119 7.85 -54.67 -24.82
CA ILE B 119 6.99 -53.54 -24.51
C ILE B 119 5.73 -54.06 -23.83
N ASP B 120 5.14 -53.22 -22.98
CA ASP B 120 4.03 -53.66 -22.14
C ASP B 120 2.81 -54.07 -22.97
N ASP B 121 2.53 -53.33 -24.04
CA ASP B 121 1.38 -53.66 -24.89
C ASP B 121 1.62 -54.96 -25.65
N THR B 122 2.88 -55.23 -26.04
CA THR B 122 3.18 -56.37 -26.90
C THR B 122 3.17 -57.68 -26.12
N VAL B 123 3.60 -57.68 -24.86
CA VAL B 123 3.69 -58.92 -24.11
C VAL B 123 2.31 -59.50 -23.87
N GLU B 124 1.31 -58.65 -23.68
CA GLU B 124 -0.06 -59.10 -23.43
C GLU B 124 -0.63 -59.75 -24.68
N GLY B 125 -1.31 -60.89 -24.48
CA GLY B 125 -1.92 -61.62 -25.57
C GLY B 125 -1.02 -62.61 -26.27
N ILE B 126 0.21 -62.81 -25.82
CA ILE B 126 1.13 -63.78 -26.41
C ILE B 126 1.20 -64.98 -25.50
N THR B 127 0.47 -66.05 -25.85
CA THR B 127 0.47 -67.26 -25.03
C THR B 127 1.84 -67.94 -25.04
N GLY B 128 2.51 -67.97 -26.20
CA GLY B 128 3.83 -68.56 -26.26
C GLY B 128 4.86 -67.72 -25.53
N ASN B 129 5.90 -68.40 -25.06
CA ASN B 129 6.94 -67.72 -24.28
C ASN B 129 7.74 -66.79 -25.17
N LEU B 130 7.88 -65.53 -24.74
CA LEU B 130 8.57 -64.54 -25.55
C LEU B 130 10.04 -64.88 -25.70
N PHE B 131 10.61 -65.54 -24.68
CA PHE B 131 11.98 -66.03 -24.77
C PHE B 131 12.13 -67.06 -25.88
N GLU B 132 11.19 -67.99 -25.99
CA GLU B 132 11.34 -69.13 -26.89
C GLU B 132 11.05 -68.75 -28.34
N VAL B 133 9.85 -68.24 -28.60
CA VAL B 133 9.44 -67.99 -29.98
C VAL B 133 10.26 -66.87 -30.60
N TYR B 134 10.62 -65.87 -29.81
CA TYR B 134 11.27 -64.67 -30.31
C TYR B 134 12.74 -64.60 -29.91
N LEU B 135 13.05 -64.59 -28.61
CA LEU B 135 14.41 -64.31 -28.17
C LEU B 135 15.36 -65.43 -28.54
N LYS B 136 14.94 -66.68 -28.37
CA LYS B 136 15.85 -67.80 -28.61
C LYS B 136 16.36 -67.87 -30.04
N PRO B 137 15.52 -67.92 -31.08
CA PRO B 137 16.07 -68.04 -32.43
C PRO B 137 16.73 -66.77 -32.92
N TYR B 138 16.20 -65.61 -32.52
CA TYR B 138 16.77 -64.35 -32.96
C TYR B 138 18.15 -64.13 -32.36
N PHE B 139 18.32 -64.44 -31.08
CA PHE B 139 19.61 -64.32 -30.40
C PHE B 139 20.46 -65.57 -30.47
N LEU B 140 19.97 -66.62 -31.13
CA LEU B 140 20.81 -67.76 -31.48
C LEU B 140 21.65 -67.39 -32.68
N GLU B 141 22.97 -67.34 -32.50
CA GLU B 141 23.90 -66.99 -33.57
C GLU B 141 23.61 -65.59 -34.13
N ALA B 142 23.09 -64.69 -33.28
CA ALA B 142 22.65 -63.38 -33.75
C ALA B 142 23.83 -62.55 -34.24
N TYR B 143 24.87 -62.42 -33.41
CA TYR B 143 26.00 -61.53 -33.68
C TYR B 143 25.52 -60.11 -33.98
N ARG B 144 24.41 -59.73 -33.35
CA ARG B 144 23.81 -58.42 -33.52
C ARG B 144 24.13 -57.57 -32.30
N PRO B 145 24.92 -56.52 -32.45
CA PRO B 145 25.20 -55.66 -31.30
C PRO B 145 23.93 -54.99 -30.80
N ILE B 146 23.89 -54.76 -29.50
CA ILE B 146 22.73 -54.11 -28.87
C ILE B 146 23.23 -53.05 -27.91
N ARG B 147 22.35 -52.10 -27.60
CA ARG B 147 22.63 -51.04 -26.65
C ARG B 147 21.46 -50.91 -25.69
N LYS B 148 21.77 -50.52 -24.45
CA LYS B 148 20.72 -50.29 -23.47
C LYS B 148 19.77 -49.21 -23.97
N GLY B 149 18.47 -49.50 -23.92
CA GLY B 149 17.47 -48.61 -24.46
C GLY B 149 17.12 -48.84 -25.91
N ASP B 150 17.81 -49.74 -26.61
CA ASP B 150 17.49 -50.00 -28.00
C ASP B 150 16.21 -50.83 -28.12
N ILE B 151 15.50 -50.65 -29.23
CA ILE B 151 14.28 -51.38 -29.54
C ILE B 151 14.47 -52.11 -30.85
N PHE B 152 14.12 -53.39 -30.88
CA PHE B 152 14.16 -54.19 -32.10
C PHE B 152 12.92 -55.06 -32.15
N LEU B 153 12.56 -55.48 -33.37
CA LEU B 153 11.37 -56.29 -33.60
C LEU B 153 11.78 -57.65 -34.15
N VAL B 154 11.19 -58.71 -33.59
CA VAL B 154 11.39 -60.08 -34.06
C VAL B 154 10.02 -60.65 -34.43
N ARG B 155 9.93 -61.20 -35.64
CA ARG B 155 8.67 -61.79 -36.09
C ARG B 155 8.44 -63.15 -35.44
N GLY B 156 7.17 -63.47 -35.21
CA GLY B 156 6.80 -64.73 -34.62
C GLY B 156 5.49 -64.59 -33.85
N GLY B 157 4.90 -65.74 -33.55
CA GLY B 157 3.67 -65.78 -32.79
C GLY B 157 2.45 -65.28 -33.56
N MET B 158 1.37 -65.07 -32.80
CA MET B 158 0.16 -64.50 -33.36
C MET B 158 0.39 -63.07 -33.83
N ARG B 159 1.13 -62.28 -33.05
CA ARG B 159 1.54 -60.94 -33.43
C ARG B 159 2.94 -60.69 -32.88
N ALA B 160 3.87 -60.32 -33.77
CA ALA B 160 5.27 -60.19 -33.40
C ALA B 160 5.42 -59.15 -32.29
N VAL B 161 6.41 -59.38 -31.43
CA VAL B 161 6.58 -58.62 -30.19
C VAL B 161 7.84 -57.77 -30.29
N GLU B 162 7.67 -56.46 -30.13
CA GLU B 162 8.80 -55.55 -30.06
C GLU B 162 9.50 -55.66 -28.71
N PHE B 163 10.82 -55.69 -28.74
CA PHE B 163 11.63 -55.91 -27.55
C PHE B 163 12.46 -54.67 -27.25
N LYS B 164 12.73 -54.44 -25.96
CA LYS B 164 13.65 -53.40 -25.52
C LYS B 164 14.71 -54.04 -24.64
N VAL B 165 15.97 -53.95 -25.07
CA VAL B 165 17.10 -54.44 -24.29
C VAL B 165 17.50 -53.40 -23.25
N VAL B 166 16.83 -53.42 -22.10
CA VAL B 166 17.09 -52.43 -21.07
C VAL B 166 18.45 -52.66 -20.41
N GLU B 167 18.81 -53.92 -20.20
CA GLU B 167 20.05 -54.26 -19.52
C GLU B 167 20.94 -55.08 -20.44
N THR B 168 22.18 -54.63 -20.59
CA THR B 168 23.21 -55.35 -21.34
C THR B 168 24.42 -55.51 -20.43
N ASP B 169 24.88 -56.75 -20.28
CA ASP B 169 26.09 -57.00 -19.51
C ASP B 169 27.14 -57.66 -20.40
N PRO B 170 28.31 -57.04 -20.58
CA PRO B 170 28.72 -55.77 -19.96
C PRO B 170 28.08 -54.53 -20.59
N SER B 171 27.82 -53.52 -19.77
CA SER B 171 27.20 -52.29 -20.22
C SER B 171 28.21 -51.40 -20.93
N PRO B 172 27.78 -50.61 -21.93
CA PRO B 172 26.45 -50.68 -22.54
C PRO B 172 26.44 -51.46 -23.87
N TYR B 173 27.61 -51.61 -24.48
CA TYR B 173 27.75 -52.28 -25.77
C TYR B 173 28.16 -53.73 -25.53
N CYS B 174 27.48 -54.65 -26.19
CA CYS B 174 27.86 -56.06 -26.15
C CYS B 174 27.38 -56.74 -27.42
N ILE B 175 28.06 -57.82 -27.79
CA ILE B 175 27.78 -58.56 -29.01
C ILE B 175 27.11 -59.87 -28.62
N VAL B 176 25.89 -60.09 -29.12
CA VAL B 176 25.12 -61.27 -28.73
C VAL B 176 25.80 -62.52 -29.26
N ALA B 177 25.83 -63.56 -28.42
CA ALA B 177 26.51 -64.80 -28.72
C ALA B 177 25.64 -65.97 -28.29
N PRO B 178 25.89 -67.16 -28.82
CA PRO B 178 25.13 -68.34 -28.37
C PRO B 178 25.31 -68.63 -26.88
N ASP B 179 26.49 -68.30 -26.32
CA ASP B 179 26.70 -68.53 -24.90
C ASP B 179 26.09 -67.40 -24.06
N THR B 180 25.73 -66.29 -24.70
CA THR B 180 25.03 -65.22 -24.00
C THR B 180 23.70 -65.74 -23.46
N VAL B 181 23.41 -65.42 -22.20
CA VAL B 181 22.18 -65.85 -21.55
C VAL B 181 21.11 -64.81 -21.83
N ILE B 182 19.97 -65.26 -22.37
CA ILE B 182 18.87 -64.39 -22.78
C ILE B 182 17.62 -64.82 -22.02
N HIS B 183 16.88 -63.85 -21.49
CA HIS B 183 15.72 -64.11 -20.66
C HIS B 183 14.66 -63.04 -20.89
N CYS B 184 13.42 -63.47 -21.11
CA CYS B 184 12.33 -62.51 -21.18
C CYS B 184 11.91 -62.03 -19.80
N GLU B 185 12.00 -62.92 -18.79
CA GLU B 185 11.55 -62.58 -17.45
C GLU B 185 12.47 -61.55 -16.81
N GLY B 186 11.90 -60.72 -15.95
CA GLY B 186 12.68 -59.73 -15.25
C GLY B 186 11.80 -58.64 -14.69
N GLU B 187 12.41 -57.49 -14.48
CA GLU B 187 11.69 -56.34 -13.94
C GLU B 187 10.57 -55.95 -14.90
N PRO B 188 9.42 -55.50 -14.39
CA PRO B 188 8.34 -55.08 -15.28
C PRO B 188 8.77 -53.92 -16.17
N ILE B 189 8.27 -53.94 -17.41
CA ILE B 189 8.59 -52.90 -18.38
C ILE B 189 7.71 -51.68 -18.14
N LYS B 190 8.27 -50.50 -18.41
CA LYS B 190 7.55 -49.24 -18.29
C LYS B 190 7.52 -48.55 -19.64
N ARG B 191 6.33 -48.48 -20.25
CA ARG B 191 6.18 -47.78 -21.53
C ARG B 191 6.46 -46.29 -21.39
N GLU B 192 6.39 -45.77 -20.17
CA GLU B 192 6.67 -44.36 -19.94
C GLU B 192 8.08 -44.02 -20.39
N ASP B 193 9.03 -44.94 -20.25
CA ASP B 193 10.42 -44.66 -20.60
C ASP B 193 10.57 -44.35 -22.08
N GLU B 194 9.92 -45.12 -22.94
CA GLU B 194 9.98 -44.83 -24.37
C GLU B 194 9.07 -43.67 -24.75
N GLU B 195 7.89 -43.59 -24.13
CA GLU B 195 6.95 -42.53 -24.46
C GLU B 195 7.51 -41.16 -24.15
N GLU B 196 8.18 -41.00 -23.00
CA GLU B 196 8.78 -39.71 -22.67
C GLU B 196 9.81 -39.31 -23.71
N SER B 197 10.64 -40.26 -24.16
CA SER B 197 11.60 -39.97 -25.22
C SER B 197 10.90 -39.55 -26.50
N LEU B 198 9.79 -40.22 -26.83
CA LEU B 198 8.98 -39.75 -27.96
C LEU B 198 8.32 -38.42 -27.64
N ASN B 199 7.85 -38.26 -26.40
CA ASN B 199 7.16 -37.03 -26.02
C ASN B 199 8.11 -35.85 -25.89
N GLU B 200 9.42 -36.10 -25.94
CA GLU B 200 10.38 -35.01 -25.92
C GLU B 200 10.12 -34.08 -27.09
N VAL B 201 9.60 -32.89 -26.81
CA VAL B 201 9.41 -31.91 -27.86
C VAL B 201 10.78 -31.34 -28.24
N GLY B 202 10.92 -30.99 -29.53
CA GLY B 202 12.21 -30.60 -30.04
C GLY B 202 12.11 -29.46 -31.04
N TYR B 203 13.28 -29.07 -31.56
CA TYR B 203 13.34 -28.07 -32.62
C TYR B 203 12.48 -28.48 -33.81
N ASP B 204 12.56 -29.75 -34.21
CA ASP B 204 11.76 -30.23 -35.33
C ASP B 204 10.30 -30.39 -34.93
N ASP B 205 10.03 -30.49 -33.63
CA ASP B 205 8.64 -30.51 -33.17
C ASP B 205 8.06 -29.11 -33.12
N ILE B 206 8.92 -28.08 -33.16
CA ILE B 206 8.45 -26.71 -33.19
C ILE B 206 8.40 -26.21 -34.64
N GLY B 207 7.31 -25.54 -34.98
CA GLY B 207 7.18 -24.96 -36.30
C GLY B 207 6.69 -23.53 -36.25
N GLY B 208 6.97 -22.80 -37.32
CA GLY B 208 6.55 -21.42 -37.45
C GLY B 208 7.58 -20.39 -37.04
N CYS B 209 8.69 -20.80 -36.41
CA CYS B 209 9.75 -19.89 -35.99
C CYS B 209 11.11 -20.49 -36.36
N ARG B 210 11.24 -20.91 -37.62
CA ARG B 210 12.44 -21.61 -38.05
C ARG B 210 13.68 -20.73 -37.92
N LYS B 211 13.56 -19.46 -38.26
CA LYS B 211 14.69 -18.55 -38.04
C LYS B 211 14.98 -18.42 -36.55
N GLN B 212 13.93 -18.28 -35.73
CA GLN B 212 14.11 -18.24 -34.29
C GLN B 212 14.70 -19.55 -33.78
N LEU B 213 14.22 -20.67 -34.32
CA LEU B 213 14.78 -21.97 -33.95
C LEU B 213 16.27 -22.02 -34.22
N ALA B 214 16.69 -21.62 -35.42
CA ALA B 214 18.11 -21.67 -35.78
C ALA B 214 18.93 -20.72 -34.93
N GLN B 215 18.40 -19.52 -34.66
CA GLN B 215 19.10 -18.58 -33.79
C GLN B 215 19.31 -19.18 -32.41
N ILE B 216 18.29 -19.84 -31.87
CA ILE B 216 18.43 -20.48 -30.57
C ILE B 216 19.42 -21.64 -30.63
N LYS B 217 19.44 -22.38 -31.74
CA LYS B 217 20.48 -23.40 -31.88
C LYS B 217 21.86 -22.79 -31.79
N GLU B 218 22.10 -21.72 -32.55
CA GLU B 218 23.41 -21.09 -32.55
C GLU B 218 23.75 -20.53 -31.18
N MET B 219 22.74 -20.12 -30.41
CA MET B 219 23.01 -19.57 -29.10
C MET B 219 23.33 -20.65 -28.07
N VAL B 220 22.64 -21.78 -28.12
CA VAL B 220 22.71 -22.77 -27.05
C VAL B 220 23.69 -23.88 -27.38
N GLU B 221 23.54 -24.51 -28.55
CA GLU B 221 24.36 -25.67 -28.88
C GLU B 221 25.83 -25.30 -29.02
N LEU B 222 26.12 -24.20 -29.70
CA LEU B 222 27.51 -23.82 -29.98
C LEU B 222 28.37 -23.69 -28.73
N PRO B 223 27.92 -23.09 -27.62
CA PRO B 223 28.75 -23.09 -26.42
C PRO B 223 29.09 -24.49 -25.92
N LEU B 224 28.10 -25.38 -25.84
CA LEU B 224 28.39 -26.75 -25.41
C LEU B 224 29.15 -27.51 -26.48
N ARG B 225 28.87 -27.22 -27.76
CA ARG B 225 29.39 -28.05 -28.83
C ARG B 225 30.87 -27.76 -29.08
N HIS B 226 31.32 -26.57 -28.70
CA HIS B 226 32.71 -26.15 -28.93
C HIS B 226 33.30 -25.54 -27.66
N PRO B 227 33.47 -26.35 -26.60
CA PRO B 227 34.08 -25.79 -25.39
C PRO B 227 35.55 -25.49 -25.58
N ALA B 228 36.28 -26.35 -26.29
CA ALA B 228 37.69 -26.10 -26.56
C ALA B 228 37.89 -24.85 -27.39
N LEU B 229 37.01 -24.63 -28.38
CA LEU B 229 37.10 -23.43 -29.21
C LEU B 229 37.04 -22.17 -28.35
N PHE B 230 36.00 -22.05 -27.53
CA PHE B 230 35.84 -20.85 -26.71
C PHE B 230 36.94 -20.76 -25.66
N LYS B 231 37.36 -21.91 -25.12
CA LYS B 231 38.40 -21.89 -24.10
C LYS B 231 39.71 -21.35 -24.66
N GLU B 232 40.04 -21.70 -25.91
CA GLU B 232 41.28 -21.17 -26.48
C GLU B 232 41.10 -19.71 -26.88
N ILE B 233 39.93 -19.34 -27.39
CA ILE B 233 39.72 -17.94 -27.73
C ILE B 233 39.62 -17.09 -26.47
N GLY B 234 39.12 -17.68 -25.39
CA GLY B 234 38.97 -16.97 -24.13
C GLY B 234 37.74 -16.10 -24.06
N VAL B 235 36.90 -16.08 -25.09
CA VAL B 235 35.70 -15.28 -25.02
C VAL B 235 34.67 -15.99 -24.14
N LYS B 236 33.76 -15.21 -23.58
CA LYS B 236 32.72 -15.76 -22.74
C LYS B 236 31.55 -16.19 -23.59
N PRO B 237 31.13 -17.45 -23.52
CA PRO B 237 29.88 -17.83 -24.17
C PRO B 237 28.73 -17.04 -23.58
N PRO B 238 27.68 -16.79 -24.34
CA PRO B 238 26.63 -15.87 -23.89
C PRO B 238 25.97 -16.35 -22.60
N ARG B 239 25.61 -15.39 -21.75
CA ARG B 239 25.02 -15.72 -20.46
C ARG B 239 23.57 -16.17 -20.62
N GLY B 240 22.68 -15.25 -20.98
CA GLY B 240 21.27 -15.56 -21.02
C GLY B 240 20.62 -14.98 -22.26
N ILE B 241 19.49 -15.59 -22.64
CA ILE B 241 18.78 -15.26 -23.87
C ILE B 241 17.35 -14.88 -23.53
N LEU B 242 16.96 -13.69 -23.98
CA LEU B 242 15.66 -13.11 -23.67
C LEU B 242 14.72 -13.35 -24.85
N LEU B 243 13.60 -14.00 -24.58
CA LEU B 243 12.60 -14.30 -25.59
C LEU B 243 11.35 -13.48 -25.28
N TYR B 244 10.91 -12.70 -26.25
CA TYR B 244 9.78 -11.80 -26.05
C TYR B 244 8.81 -11.96 -27.21
N GLY B 245 7.53 -11.83 -26.93
CA GLY B 245 6.51 -12.01 -27.93
C GLY B 245 5.11 -12.02 -27.35
N PRO B 246 4.13 -12.35 -28.18
CA PRO B 246 2.77 -12.52 -27.68
C PRO B 246 2.64 -13.83 -26.93
N PRO B 247 1.68 -13.94 -26.02
CA PRO B 247 1.45 -15.22 -25.35
C PRO B 247 0.92 -16.25 -26.33
N GLY B 248 1.24 -17.51 -26.06
CA GLY B 248 0.77 -18.59 -26.90
C GLY B 248 1.53 -18.81 -28.19
N THR B 249 2.59 -18.05 -28.42
CA THR B 249 3.37 -18.24 -29.64
C THR B 249 4.22 -19.51 -29.53
N GLY B 250 4.69 -19.82 -28.34
CA GLY B 250 5.44 -21.03 -28.09
C GLY B 250 6.82 -20.86 -27.49
N LYS B 251 7.11 -19.71 -26.89
CA LYS B 251 8.44 -19.51 -26.33
C LYS B 251 8.70 -20.47 -25.17
N THR B 252 7.70 -20.70 -24.32
CA THR B 252 7.84 -21.71 -23.29
C THR B 252 8.00 -23.09 -23.91
N LEU B 253 7.25 -23.37 -24.97
CA LEU B 253 7.42 -24.62 -25.69
C LEU B 253 8.81 -24.71 -26.32
N ILE B 254 9.32 -23.60 -26.85
CA ILE B 254 10.66 -23.62 -27.42
C ILE B 254 11.69 -23.95 -26.36
N ALA B 255 11.56 -23.35 -25.16
CA ALA B 255 12.51 -23.62 -24.10
C ALA B 255 12.43 -25.07 -23.62
N ARG B 256 11.21 -25.59 -23.45
CA ARG B 256 11.08 -27.00 -23.11
C ARG B 256 11.72 -27.88 -24.17
N ALA B 257 11.52 -27.54 -25.45
CA ALA B 257 12.09 -28.32 -26.53
C ALA B 257 13.61 -28.28 -26.50
N VAL B 258 14.19 -27.11 -26.22
CA VAL B 258 15.64 -26.99 -26.12
C VAL B 258 16.16 -27.86 -24.98
N ALA B 259 15.50 -27.81 -23.83
CA ALA B 259 15.95 -28.62 -22.70
C ALA B 259 15.82 -30.10 -23.00
N ASN B 260 14.79 -30.49 -23.76
CA ASN B 260 14.64 -31.89 -24.12
C ASN B 260 15.72 -32.33 -25.10
N GLU B 261 16.04 -31.50 -26.08
CA GLU B 261 17.02 -31.87 -27.10
C GLU B 261 18.42 -32.00 -26.50
N THR B 262 18.87 -30.99 -25.78
CA THR B 262 20.21 -30.96 -25.23
C THR B 262 20.17 -31.19 -23.73
N GLY B 263 21.06 -32.03 -23.23
CA GLY B 263 21.06 -32.37 -21.82
C GLY B 263 21.26 -31.18 -20.89
N ALA B 264 20.18 -30.76 -20.25
CA ALA B 264 20.24 -29.73 -19.21
C ALA B 264 18.97 -29.81 -18.38
N PHE B 265 19.04 -29.24 -17.19
CA PHE B 265 17.91 -29.23 -16.26
C PHE B 265 17.07 -27.98 -16.49
N PHE B 266 15.85 -28.18 -16.96
CA PHE B 266 14.95 -27.07 -17.23
C PHE B 266 14.30 -26.60 -15.93
N PHE B 267 14.47 -25.31 -15.63
CA PHE B 267 13.87 -24.71 -14.45
C PHE B 267 12.86 -23.67 -14.88
N LEU B 268 11.62 -23.84 -14.43
CA LEU B 268 10.56 -22.88 -14.64
C LEU B 268 10.47 -21.96 -13.44
N ILE B 269 10.58 -20.66 -13.67
CA ILE B 269 10.42 -19.66 -12.63
C ILE B 269 9.18 -18.84 -12.97
N ASN B 270 8.18 -18.91 -12.12
CA ASN B 270 6.91 -18.22 -12.33
C ASN B 270 6.91 -16.96 -11.48
N GLY B 271 6.56 -15.84 -12.08
CA GLY B 271 6.54 -14.56 -11.40
C GLY B 271 5.64 -14.55 -10.18
N PRO B 272 4.38 -14.96 -10.33
CA PRO B 272 3.48 -14.95 -9.17
C PRO B 272 3.95 -15.79 -8.00
N GLU B 273 4.57 -16.95 -8.24
CA GLU B 273 5.08 -17.73 -7.10
C GLU B 273 6.40 -17.16 -6.60
N ILE B 274 7.09 -16.39 -7.45
CA ILE B 274 8.34 -15.77 -7.03
C ILE B 274 8.09 -14.45 -6.32
N MET B 275 7.25 -13.59 -6.91
CA MET B 275 6.91 -12.34 -6.24
C MET B 275 6.15 -12.60 -4.96
N SER B 276 6.43 -11.80 -3.93
CA SER B 276 5.81 -11.97 -2.63
C SER B 276 5.32 -10.62 -2.12
N LYS B 277 4.07 -10.60 -1.61
CA LYS B 277 3.56 -9.42 -0.94
C LYS B 277 4.24 -9.17 0.39
N LEU B 278 5.01 -10.13 0.89
CA LEU B 278 5.52 -10.04 2.26
C LEU B 278 6.77 -9.16 2.32
N ALA B 279 7.10 -8.51 1.20
CA ALA B 279 8.10 -7.45 1.16
C ALA B 279 9.46 -7.91 1.66
N GLY B 280 10.06 -8.87 0.95
CA GLY B 280 11.33 -9.44 1.36
C GLY B 280 11.40 -10.94 1.24
N GLU B 281 10.26 -11.62 1.09
CA GLU B 281 10.28 -13.04 0.80
C GLU B 281 10.65 -13.29 -0.65
N SER B 282 10.35 -12.33 -1.54
CA SER B 282 10.63 -12.52 -2.96
C SER B 282 12.13 -12.60 -3.22
N GLU B 283 12.92 -11.80 -2.50
CA GLU B 283 14.37 -11.86 -2.67
C GLU B 283 14.91 -13.23 -2.26
N SER B 284 14.46 -13.75 -1.12
CA SER B 284 14.89 -15.07 -0.71
C SER B 284 14.40 -16.14 -1.68
N ASN B 285 13.22 -15.92 -2.26
CA ASN B 285 12.72 -16.82 -3.29
C ASN B 285 13.68 -16.88 -4.47
N LEU B 286 14.12 -15.71 -4.94
CA LEU B 286 15.09 -15.66 -6.03
C LEU B 286 16.37 -16.37 -5.64
N ARG B 287 16.84 -16.14 -4.42
CA ARG B 287 18.08 -16.76 -3.98
C ARG B 287 17.97 -18.28 -3.97
N LYS B 288 16.88 -18.82 -3.42
CA LYS B 288 16.75 -20.26 -3.34
C LYS B 288 16.53 -20.87 -4.72
N ALA B 289 15.77 -20.20 -5.58
CA ALA B 289 15.58 -20.71 -6.95
C ALA B 289 16.91 -20.78 -7.69
N PHE B 290 17.71 -19.72 -7.60
CA PHE B 290 19.03 -19.75 -8.24
C PHE B 290 19.92 -20.79 -7.60
N GLU B 291 19.80 -21.01 -6.29
CA GLU B 291 20.61 -22.02 -5.62
C GLU B 291 20.29 -23.41 -6.14
N GLU B 292 19.00 -23.75 -6.21
CA GLU B 292 18.60 -25.06 -6.73
C GLU B 292 19.02 -25.22 -8.18
N ALA B 293 18.88 -24.16 -8.99
CA ALA B 293 19.29 -24.25 -10.39
C ALA B 293 20.81 -24.46 -10.52
N GLU B 294 21.60 -23.73 -9.75
CA GLU B 294 23.04 -23.83 -9.88
C GLU B 294 23.57 -25.12 -9.28
N LYS B 295 22.77 -25.78 -8.43
CA LYS B 295 23.14 -27.13 -7.99
C LYS B 295 23.21 -28.08 -9.18
N ASN B 296 22.25 -27.97 -10.10
CA ASN B 296 22.29 -28.75 -11.33
C ASN B 296 23.31 -28.15 -12.29
N ALA B 297 24.31 -28.93 -12.68
CA ALA B 297 25.38 -28.39 -13.51
C ALA B 297 24.88 -27.93 -14.88
N PRO B 298 24.21 -28.76 -15.70
CA PRO B 298 23.59 -28.22 -16.92
C PRO B 298 22.18 -27.74 -16.62
N ALA B 299 21.92 -26.46 -16.87
CA ALA B 299 20.65 -25.87 -16.45
C ALA B 299 20.21 -24.81 -17.45
N ILE B 300 18.91 -24.84 -17.74
CA ILE B 300 18.25 -23.79 -18.51
C ILE B 300 17.19 -23.19 -17.60
N ILE B 301 17.40 -21.96 -17.16
CA ILE B 301 16.51 -21.29 -16.22
C ILE B 301 15.48 -20.52 -17.04
N PHE B 302 14.21 -20.83 -16.84
CA PHE B 302 13.14 -20.20 -17.59
C PHE B 302 12.35 -19.30 -16.66
N ILE B 303 12.30 -18.02 -17.00
CA ILE B 303 11.50 -17.02 -16.28
C ILE B 303 10.33 -16.65 -17.15
N ASP B 304 9.12 -16.82 -16.63
CA ASP B 304 7.91 -16.42 -17.33
C ASP B 304 7.46 -15.08 -16.78
N GLU B 305 7.20 -14.14 -17.69
CA GLU B 305 6.82 -12.78 -17.34
C GLU B 305 7.86 -12.15 -16.41
N LEU B 306 9.08 -11.99 -16.93
CA LEU B 306 10.09 -11.27 -16.17
C LEU B 306 9.64 -9.84 -15.88
N ASP B 307 8.92 -9.22 -16.81
CA ASP B 307 8.54 -7.83 -16.65
C ASP B 307 7.80 -7.58 -15.34
N ALA B 308 6.90 -8.49 -14.96
CA ALA B 308 6.21 -8.35 -13.69
C ALA B 308 7.18 -8.49 -12.52
N ILE B 309 8.16 -9.40 -12.64
CA ILE B 309 9.15 -9.55 -11.59
C ILE B 309 10.01 -8.30 -11.47
N ALA B 310 10.48 -7.76 -12.59
CA ALA B 310 11.37 -6.61 -12.61
C ALA B 310 10.89 -5.57 -13.61
N PRO B 311 9.98 -4.70 -13.19
CA PRO B 311 9.72 -3.47 -13.97
C PRO B 311 10.87 -2.48 -13.80
N LYS B 312 10.73 -1.36 -14.50
CA LYS B 312 11.77 -0.32 -14.48
C LYS B 312 11.94 0.24 -13.08
N ARG B 313 13.16 0.67 -12.75
CA ARG B 313 13.41 1.15 -11.40
C ARG B 313 12.71 2.48 -11.13
N GLU B 314 12.81 3.43 -12.06
CA GLU B 314 12.24 4.75 -11.81
C GLU B 314 10.73 4.76 -12.07
N LYS B 315 10.21 3.72 -12.72
CA LYS B 315 8.78 3.68 -13.02
C LYS B 315 7.95 3.49 -11.77
N THR B 316 8.37 2.60 -10.87
CA THR B 316 7.59 2.21 -9.70
C THR B 316 8.21 2.80 -8.43
N HIS B 317 7.36 3.28 -7.52
CA HIS B 317 7.84 3.80 -6.25
C HIS B 317 8.30 2.69 -5.31
N GLY B 318 7.67 1.52 -5.41
CA GLY B 318 7.86 0.51 -4.39
C GLY B 318 9.34 0.18 -4.22
N GLU B 319 9.81 0.28 -2.97
CA GLU B 319 11.21 0.02 -2.69
C GLU B 319 11.53 -1.46 -2.78
N VAL B 320 10.56 -2.31 -2.46
CA VAL B 320 10.76 -3.74 -2.61
C VAL B 320 10.98 -4.09 -4.07
N GLU B 321 10.45 -3.25 -4.98
CA GLU B 321 10.73 -3.44 -6.40
C GLU B 321 12.19 -3.12 -6.72
N ARG B 322 12.73 -2.06 -6.13
CA ARG B 322 14.16 -1.79 -6.30
C ARG B 322 15.00 -2.93 -5.74
N ARG B 323 14.61 -3.46 -4.59
CA ARG B 323 15.35 -4.56 -4.00
C ARG B 323 15.25 -5.82 -4.85
N ILE B 324 14.07 -6.10 -5.41
CA ILE B 324 13.93 -7.30 -6.24
C ILE B 324 14.75 -7.16 -7.52
N VAL B 325 14.78 -5.95 -8.10
CA VAL B 325 15.61 -5.73 -9.28
C VAL B 325 17.08 -5.90 -8.95
N SER B 326 17.53 -5.34 -7.83
CA SER B 326 18.95 -5.43 -7.47
C SER B 326 19.34 -6.86 -7.12
N GLN B 327 18.46 -7.61 -6.46
CA GLN B 327 18.76 -9.01 -6.18
C GLN B 327 18.84 -9.81 -7.47
N LEU B 328 17.92 -9.56 -8.41
CA LEU B 328 18.02 -10.22 -9.71
C LEU B 328 19.33 -9.85 -10.39
N LEU B 329 19.74 -8.58 -10.30
CA LEU B 329 20.98 -8.16 -10.93
C LEU B 329 22.18 -8.88 -10.32
N THR B 330 22.24 -8.96 -9.00
CA THR B 330 23.41 -9.58 -8.38
C THR B 330 23.43 -11.08 -8.60
N LEU B 331 22.25 -11.70 -8.73
CA LEU B 331 22.23 -13.12 -9.07
C LEU B 331 22.65 -13.36 -10.50
N MET B 332 22.21 -12.49 -11.43
CA MET B 332 22.49 -12.70 -12.84
C MET B 332 23.90 -12.27 -13.20
N ASP B 333 24.53 -11.46 -12.35
CA ASP B 333 25.93 -11.09 -12.57
C ASP B 333 26.85 -12.30 -12.46
N GLY B 334 26.57 -13.19 -11.52
CA GLY B 334 27.35 -14.39 -11.35
C GLY B 334 26.59 -15.68 -11.50
N LEU B 335 25.58 -15.74 -12.37
CA LEU B 335 24.83 -16.99 -12.52
C LEU B 335 25.71 -18.06 -13.14
N LYS B 336 26.62 -17.66 -14.05
CA LYS B 336 27.41 -18.62 -14.81
C LYS B 336 28.21 -19.54 -13.89
N GLN B 337 28.92 -18.94 -12.92
CA GLN B 337 29.69 -19.69 -11.93
C GLN B 337 30.68 -20.63 -12.60
N ARG B 338 31.16 -20.24 -13.78
CA ARG B 338 32.00 -21.09 -14.64
C ARG B 338 31.33 -22.44 -14.89
N ALA B 339 30.01 -22.41 -15.10
CA ALA B 339 29.22 -23.62 -15.21
C ALA B 339 28.24 -23.49 -16.37
N HIS B 340 27.56 -24.60 -16.67
CA HIS B 340 26.62 -24.69 -17.79
C HIS B 340 25.29 -24.01 -17.50
N VAL B 341 25.19 -23.23 -16.43
CA VAL B 341 23.93 -22.59 -16.09
C VAL B 341 23.58 -21.54 -17.12
N ILE B 342 22.42 -21.68 -17.74
CA ILE B 342 21.93 -20.68 -18.70
C ILE B 342 20.53 -20.29 -18.26
N VAL B 343 20.12 -19.07 -18.63
CA VAL B 343 18.86 -18.50 -18.19
C VAL B 343 18.11 -17.97 -19.40
N MET B 344 16.83 -18.33 -19.50
CA MET B 344 15.95 -17.91 -20.57
C MET B 344 14.79 -17.12 -19.98
N ALA B 345 14.36 -16.08 -20.68
CA ALA B 345 13.27 -15.22 -20.22
C ALA B 345 12.13 -15.27 -21.22
N ALA B 346 10.91 -15.10 -20.73
CA ALA B 346 9.73 -15.01 -21.56
C ALA B 346 8.96 -13.76 -21.18
N THR B 347 9.01 -12.75 -22.04
CA THR B 347 8.40 -11.46 -21.75
C THR B 347 7.45 -11.09 -22.87
N ASN B 348 6.63 -10.06 -22.63
CA ASN B 348 5.71 -9.62 -23.67
C ASN B 348 6.33 -8.54 -24.53
N ARG B 349 6.88 -7.50 -23.91
CA ARG B 349 7.48 -6.37 -24.61
C ARG B 349 8.80 -6.03 -23.95
N PRO B 350 9.85 -5.83 -24.75
CA PRO B 350 11.15 -5.42 -24.17
C PRO B 350 11.08 -4.09 -23.43
N ASN B 351 10.13 -3.23 -23.80
CA ASN B 351 10.03 -1.92 -23.16
C ASN B 351 9.63 -2.01 -21.71
N SER B 352 8.95 -3.10 -21.32
CA SER B 352 8.57 -3.28 -19.92
C SER B 352 9.75 -3.68 -19.06
N ILE B 353 10.86 -4.09 -19.70
CA ILE B 353 11.99 -4.62 -18.96
C ILE B 353 12.88 -3.49 -18.46
N ASP B 354 13.49 -3.71 -17.30
CA ASP B 354 14.38 -2.72 -16.70
C ASP B 354 15.59 -2.47 -17.60
N PRO B 355 16.13 -1.25 -17.61
CA PRO B 355 17.33 -1.00 -18.46
C PRO B 355 18.52 -1.89 -18.15
N ALA B 356 18.79 -2.15 -16.86
CA ALA B 356 19.99 -2.89 -16.50
C ALA B 356 19.88 -4.36 -16.91
N LEU B 357 18.67 -4.83 -17.20
CA LEU B 357 18.49 -6.21 -17.63
C LEU B 357 18.94 -6.38 -19.08
N ARG B 358 19.03 -5.28 -19.82
CA ARG B 358 19.47 -5.32 -21.20
C ARG B 358 20.95 -5.00 -21.32
N ARG B 359 21.62 -4.74 -20.21
CA ARG B 359 23.05 -4.47 -20.18
C ARG B 359 23.83 -5.75 -20.45
N PHE B 360 25.13 -5.58 -20.76
CA PHE B 360 26.01 -6.71 -21.01
C PHE B 360 26.18 -7.56 -19.75
N GLY B 361 26.41 -8.85 -19.96
CA GLY B 361 26.59 -9.80 -18.89
C GLY B 361 25.31 -10.37 -18.35
N ARG B 362 24.17 -9.81 -18.74
CA ARG B 362 22.86 -10.28 -18.32
C ARG B 362 21.92 -10.13 -19.51
N PHE B 363 21.58 -11.24 -20.16
CA PHE B 363 20.67 -11.24 -21.31
C PHE B 363 21.26 -10.45 -22.48
N ASP B 364 22.56 -10.68 -22.74
CA ASP B 364 23.24 -9.92 -23.78
C ASP B 364 22.65 -10.18 -25.16
N ARG B 365 21.98 -11.32 -25.34
CA ARG B 365 21.30 -11.64 -26.58
C ARG B 365 19.80 -11.64 -26.36
N GLU B 366 19.07 -11.01 -27.28
CA GLU B 366 17.62 -10.90 -27.19
C GLU B 366 17.01 -11.43 -28.48
N VAL B 367 16.01 -12.29 -28.35
CA VAL B 367 15.42 -13.00 -29.48
C VAL B 367 13.94 -12.67 -29.56
N ASP B 368 13.48 -12.28 -30.76
CA ASP B 368 12.11 -11.89 -31.00
C ASP B 368 11.33 -13.11 -31.47
N ILE B 369 10.33 -13.51 -30.69
CA ILE B 369 9.44 -14.60 -31.05
C ILE B 369 8.14 -13.98 -31.54
N GLY B 370 7.83 -14.20 -32.81
CA GLY B 370 6.75 -13.49 -33.46
C GLY B 370 5.63 -14.43 -33.87
N ILE B 371 4.48 -13.81 -34.19
CA ILE B 371 3.32 -14.61 -34.57
C ILE B 371 3.59 -15.32 -35.89
N PRO B 372 3.40 -16.64 -35.97
CA PRO B 372 3.63 -17.32 -37.25
C PRO B 372 2.64 -16.86 -38.29
N ASP B 373 3.12 -16.76 -39.53
CA ASP B 373 2.31 -16.34 -40.65
C ASP B 373 1.43 -17.49 -41.13
N ALA B 374 0.89 -17.34 -42.34
CA ALA B 374 0.03 -18.39 -42.90
C ALA B 374 0.81 -19.69 -43.07
N THR B 375 2.02 -19.61 -43.62
CA THR B 375 2.84 -20.80 -43.75
C THR B 375 3.22 -21.36 -42.38
N GLY B 376 3.54 -20.48 -41.44
CA GLY B 376 3.89 -20.94 -40.11
C GLY B 376 2.75 -21.69 -39.44
N ARG B 377 1.55 -21.12 -39.48
CA ARG B 377 0.42 -21.77 -38.84
C ARG B 377 0.05 -23.07 -39.56
N LEU B 378 0.23 -23.11 -40.89
CA LEU B 378 0.05 -24.37 -41.59
C LEU B 378 1.02 -25.42 -41.08
N GLU B 379 2.29 -25.05 -40.92
CA GLU B 379 3.28 -26.01 -40.42
C GLU B 379 2.90 -26.47 -39.03
N ILE B 380 2.46 -25.55 -38.17
CA ILE B 380 2.06 -25.91 -36.81
C ILE B 380 0.88 -26.89 -36.85
N LEU B 381 -0.09 -26.63 -37.73
CA LEU B 381 -1.23 -27.52 -37.85
C LEU B 381 -0.80 -28.91 -38.30
N GLN B 382 0.19 -28.97 -39.20
CA GLN B 382 0.71 -30.27 -39.59
C GLN B 382 1.35 -30.99 -38.41
N ILE B 383 2.12 -30.26 -37.60
CA ILE B 383 2.71 -30.88 -36.41
C ILE B 383 1.64 -31.43 -35.50
N HIS B 384 0.59 -30.66 -35.25
CA HIS B 384 -0.49 -31.12 -34.40
C HIS B 384 -1.18 -32.33 -34.99
N THR B 385 -1.39 -32.31 -36.30
CA THR B 385 -2.14 -33.33 -37.03
C THR B 385 -1.30 -34.58 -37.31
N LYS B 386 -0.01 -34.55 -36.94
CA LYS B 386 0.87 -35.68 -37.26
C LYS B 386 0.29 -37.01 -36.79
N ASN B 387 -0.42 -37.00 -35.66
CA ASN B 387 -1.12 -38.20 -35.19
C ASN B 387 -2.62 -38.14 -35.43
N MET B 388 -3.09 -37.20 -36.24
CA MET B 388 -4.52 -37.03 -36.52
C MET B 388 -4.84 -37.56 -37.91
N LYS B 389 -5.94 -38.29 -38.02
CA LYS B 389 -6.45 -38.69 -39.33
C LYS B 389 -7.08 -37.49 -40.03
N LEU B 390 -6.81 -37.37 -41.32
CA LEU B 390 -7.34 -36.30 -42.15
C LEU B 390 -8.27 -36.88 -43.20
N ALA B 391 -9.40 -36.22 -43.43
CA ALA B 391 -10.30 -36.62 -44.50
C ALA B 391 -9.75 -36.15 -45.85
N ASP B 392 -10.42 -36.61 -46.90
CA ASP B 392 -10.05 -36.17 -48.24
C ASP B 392 -10.54 -34.75 -48.50
N ASP B 393 -11.68 -34.37 -47.90
CA ASP B 393 -12.24 -33.05 -48.14
C ASP B 393 -11.60 -31.99 -47.27
N VAL B 394 -11.12 -32.37 -46.08
CA VAL B 394 -10.55 -31.38 -45.16
C VAL B 394 -9.26 -30.82 -45.74
N ASP B 395 -9.08 -29.51 -45.59
CA ASP B 395 -7.93 -28.81 -46.14
C ASP B 395 -7.17 -28.16 -45.00
N LEU B 396 -5.90 -28.54 -44.83
CA LEU B 396 -5.04 -27.85 -43.87
C LEU B 396 -4.74 -26.43 -44.35
N GLU B 397 -4.52 -26.26 -45.64
CA GLU B 397 -4.23 -24.94 -46.19
C GLU B 397 -5.39 -23.99 -46.00
N GLN B 398 -6.62 -24.48 -46.19
CA GLN B 398 -7.78 -23.60 -46.09
C GLN B 398 -8.00 -23.11 -44.66
N VAL B 399 -7.88 -24.00 -43.68
CA VAL B 399 -8.05 -23.59 -42.30
C VAL B 399 -6.88 -22.71 -41.87
N ALA B 400 -5.68 -22.97 -42.39
CA ALA B 400 -4.58 -22.05 -42.17
C ALA B 400 -4.91 -20.66 -42.68
N ASN B 401 -5.47 -20.58 -43.89
CA ASN B 401 -5.81 -19.28 -44.45
C ASN B 401 -6.90 -18.58 -43.66
N GLU B 402 -7.89 -19.34 -43.17
CA GLU B 402 -9.01 -18.71 -42.47
C GLU B 402 -8.57 -18.08 -41.15
N THR B 403 -7.61 -18.69 -40.46
CA THR B 403 -7.03 -18.12 -39.25
C THR B 403 -5.93 -17.12 -39.63
N HIS B 404 -6.30 -15.84 -39.59
CA HIS B 404 -5.28 -14.81 -39.80
C HIS B 404 -4.39 -14.65 -38.57
N GLY B 405 -4.99 -14.59 -37.38
CA GLY B 405 -4.26 -14.25 -36.17
C GLY B 405 -4.20 -15.30 -35.09
N HIS B 406 -4.45 -16.57 -35.39
CA HIS B 406 -4.49 -17.60 -34.36
C HIS B 406 -3.10 -18.10 -34.03
N VAL B 407 -2.80 -18.21 -32.73
CA VAL B 407 -1.51 -18.66 -32.24
C VAL B 407 -1.46 -20.19 -32.22
N GLY B 408 -0.27 -20.75 -31.97
CA GLY B 408 -0.14 -22.19 -31.93
C GLY B 408 -1.05 -22.83 -30.91
N ALA B 409 -1.19 -22.20 -29.74
CA ALA B 409 -2.17 -22.65 -28.76
C ALA B 409 -3.58 -22.61 -29.34
N ASP B 410 -3.89 -21.54 -30.07
CA ASP B 410 -5.19 -21.46 -30.71
C ASP B 410 -5.37 -22.56 -31.75
N LEU B 411 -4.32 -22.88 -32.50
CA LEU B 411 -4.42 -23.93 -33.50
C LEU B 411 -4.71 -25.28 -32.85
N ALA B 412 -3.96 -25.61 -31.79
CA ALA B 412 -4.18 -26.87 -31.11
C ALA B 412 -5.57 -26.93 -30.49
N ALA B 413 -6.00 -25.83 -29.87
CA ALA B 413 -7.33 -25.78 -29.28
C ALA B 413 -8.41 -25.98 -30.35
N LEU B 414 -8.28 -25.28 -31.47
CA LEU B 414 -9.27 -25.37 -32.53
C LEU B 414 -9.36 -26.78 -33.09
N CYS B 415 -8.22 -27.42 -33.34
CA CYS B 415 -8.26 -28.80 -33.84
C CYS B 415 -8.88 -29.74 -32.82
N SER B 416 -8.52 -29.60 -31.54
CA SER B 416 -9.05 -30.50 -30.54
C SER B 416 -10.57 -30.37 -30.41
N GLU B 417 -11.06 -29.14 -30.25
CA GLU B 417 -12.50 -29.00 -30.07
C GLU B 417 -13.23 -29.18 -31.39
N ALA B 418 -12.51 -29.10 -32.51
CA ALA B 418 -13.08 -29.56 -33.77
C ALA B 418 -13.33 -31.06 -33.76
N ALA B 419 -12.37 -31.82 -33.24
CA ALA B 419 -12.62 -33.27 -33.13
C ALA B 419 -13.73 -33.57 -32.14
N LEU B 420 -13.82 -32.78 -31.07
CA LEU B 420 -14.96 -32.92 -30.15
C LEU B 420 -16.28 -32.65 -30.85
N GLN B 421 -16.31 -31.62 -31.72
CA GLN B 421 -17.51 -31.39 -32.53
C GLN B 421 -17.74 -32.51 -33.52
N ALA B 422 -16.67 -33.16 -33.98
CA ALA B 422 -16.84 -34.33 -34.83
C ALA B 422 -17.58 -35.43 -34.09
N ILE B 423 -17.16 -35.70 -32.85
CA ILE B 423 -17.86 -36.69 -32.04
C ILE B 423 -19.31 -36.27 -31.83
N ARG B 424 -19.53 -35.00 -31.53
CA ARG B 424 -20.89 -34.52 -31.28
C ARG B 424 -21.76 -34.66 -32.53
N LYS B 425 -21.19 -34.36 -33.70
CA LYS B 425 -21.92 -34.52 -34.95
C LYS B 425 -22.29 -35.97 -35.19
N LYS B 426 -21.34 -36.88 -34.93
CA LYS B 426 -21.56 -38.30 -35.10
C LYS B 426 -22.22 -38.95 -33.88
N MET B 427 -22.75 -38.13 -32.97
CA MET B 427 -23.38 -38.67 -31.75
C MET B 427 -24.60 -39.51 -32.08
N ASP B 428 -25.42 -39.08 -33.04
CA ASP B 428 -26.59 -39.88 -33.42
C ASP B 428 -26.16 -41.20 -34.07
N LEU B 429 -25.08 -41.18 -34.83
CA LEU B 429 -24.60 -42.38 -35.49
C LEU B 429 -24.17 -43.44 -34.48
N ILE B 430 -23.51 -43.01 -33.40
CA ILE B 430 -23.04 -43.91 -32.35
C ILE B 430 -24.21 -44.15 -31.39
N ASP B 431 -24.85 -45.30 -31.53
CA ASP B 431 -25.87 -45.66 -30.54
C ASP B 431 -25.23 -45.98 -29.19
N LEU B 432 -24.03 -46.59 -29.22
CA LEU B 432 -23.22 -46.85 -28.02
C LEU B 432 -24.05 -47.45 -26.88
N GLU B 433 -25.10 -48.18 -27.27
CA GLU B 433 -25.99 -48.80 -26.30
C GLU B 433 -25.28 -49.86 -25.47
N ASP B 434 -24.28 -50.53 -26.04
CA ASP B 434 -23.44 -51.41 -25.25
C ASP B 434 -22.23 -50.66 -24.70
N GLU B 435 -21.28 -51.42 -24.13
CA GLU B 435 -20.10 -50.78 -23.58
C GLU B 435 -19.19 -50.24 -24.68
N THR B 436 -19.16 -50.90 -25.84
CA THR B 436 -18.31 -50.50 -26.95
C THR B 436 -19.13 -50.38 -28.23
N ILE B 437 -18.95 -49.26 -28.94
CA ILE B 437 -19.59 -49.12 -30.24
C ILE B 437 -18.82 -49.93 -31.27
N ASP B 438 -19.53 -50.31 -32.33
CA ASP B 438 -18.99 -51.26 -33.30
C ASP B 438 -17.76 -50.70 -34.00
N ALA B 439 -16.88 -51.60 -34.42
CA ALA B 439 -15.66 -51.20 -35.12
C ALA B 439 -16.00 -50.52 -36.45
N GLU B 440 -17.03 -51.01 -37.14
CA GLU B 440 -17.45 -50.37 -38.39
C GLU B 440 -17.98 -48.96 -38.13
N VAL B 441 -18.69 -48.77 -37.03
CA VAL B 441 -19.18 -47.44 -36.69
C VAL B 441 -18.01 -46.52 -36.35
N MET B 442 -16.98 -47.06 -35.70
CA MET B 442 -15.79 -46.28 -35.41
C MET B 442 -15.07 -45.89 -36.70
N ASN B 443 -14.97 -46.81 -37.66
CA ASN B 443 -14.36 -46.50 -38.93
C ASN B 443 -15.22 -45.54 -39.74
N SER B 444 -16.52 -45.49 -39.45
CA SER B 444 -17.42 -44.61 -40.17
C SER B 444 -17.13 -43.14 -39.89
N LEU B 445 -16.91 -42.80 -38.62
CA LEU B 445 -16.73 -41.41 -38.24
C LEU B 445 -15.39 -40.88 -38.73
N ALA B 446 -15.40 -39.65 -39.23
CA ALA B 446 -14.19 -38.98 -39.69
C ALA B 446 -14.39 -37.48 -39.56
N VAL B 447 -13.26 -36.76 -39.44
CA VAL B 447 -13.31 -35.31 -39.33
C VAL B 447 -13.65 -34.69 -40.68
N THR B 448 -14.42 -33.61 -40.64
CA THR B 448 -14.91 -32.97 -41.86
C THR B 448 -14.62 -31.48 -41.83
N MET B 449 -14.76 -30.84 -43.00
CA MET B 449 -14.34 -29.45 -43.15
C MET B 449 -15.36 -28.49 -42.52
N ASP B 450 -16.66 -28.78 -42.65
CA ASP B 450 -17.66 -27.95 -41.98
C ASP B 450 -17.48 -27.99 -40.47
N ASP B 451 -17.03 -29.13 -39.96
CA ASP B 451 -16.67 -29.22 -38.55
C ASP B 451 -15.61 -28.20 -38.19
N PHE B 452 -14.56 -28.10 -39.01
CA PHE B 452 -13.51 -27.12 -38.76
C PHE B 452 -14.04 -25.71 -38.90
N ARG B 453 -14.98 -25.49 -39.82
CA ARG B 453 -15.58 -24.17 -39.95
C ARG B 453 -16.32 -23.75 -38.68
N TRP B 454 -17.11 -24.67 -38.12
CA TRP B 454 -17.77 -24.38 -36.85
C TRP B 454 -16.75 -24.10 -35.75
N ALA B 455 -15.74 -24.96 -35.66
CA ALA B 455 -14.73 -24.82 -34.62
C ALA B 455 -14.03 -23.47 -34.72
N LEU B 456 -13.73 -23.04 -35.93
CA LEU B 456 -13.10 -21.74 -36.13
C LEU B 456 -14.05 -20.61 -35.80
N SER B 457 -15.33 -20.78 -36.11
CA SER B 457 -16.33 -19.80 -35.72
C SER B 457 -16.36 -19.62 -34.21
N GLN B 458 -16.24 -20.72 -33.47
CA GLN B 458 -16.22 -20.63 -32.01
C GLN B 458 -14.91 -20.02 -31.50
N SER B 459 -13.79 -20.34 -32.15
CA SER B 459 -12.50 -19.87 -31.68
C SER B 459 -12.34 -18.38 -31.93
N ASN B 460 -11.61 -17.73 -31.03
CA ASN B 460 -11.26 -16.32 -31.14
C ASN B 460 -9.74 -16.20 -31.29
N PRO B 461 -9.24 -15.14 -31.95
CA PRO B 461 -7.80 -14.98 -32.10
C PRO B 461 -7.16 -14.17 -30.97
N PRO B 472 -11.71 -7.07 -41.85
CA PRO B 472 -12.97 -6.38 -41.58
C PRO B 472 -14.15 -6.95 -42.38
N GLN B 473 -13.91 -8.04 -43.10
CA GLN B 473 -14.93 -8.69 -43.92
C GLN B 473 -15.50 -7.74 -44.96
N VAL B 474 -14.64 -6.95 -45.58
CA VAL B 474 -15.02 -6.07 -46.69
C VAL B 474 -14.03 -6.29 -47.83
N THR B 475 -14.57 -6.66 -48.99
CA THR B 475 -13.75 -6.95 -50.17
C THR B 475 -14.06 -5.91 -51.25
N TRP B 476 -13.16 -5.83 -52.24
CA TRP B 476 -13.31 -4.80 -53.27
C TRP B 476 -14.64 -4.90 -54.00
N GLU B 477 -15.23 -6.09 -54.06
CA GLU B 477 -16.53 -6.22 -54.71
C GLU B 477 -17.59 -5.41 -53.99
N ASP B 478 -17.41 -5.19 -52.69
CA ASP B 478 -18.34 -4.35 -51.95
C ASP B 478 -18.36 -2.95 -52.54
N ILE B 479 -17.22 -2.49 -53.04
CA ILE B 479 -17.12 -1.12 -53.53
C ILE B 479 -17.40 -1.08 -55.03
N GLY B 480 -18.18 -0.10 -55.44
CA GLY B 480 -18.46 0.08 -56.86
C GLY B 480 -17.87 1.34 -57.42
N GLY B 481 -17.21 1.23 -58.57
CA GLY B 481 -16.52 2.38 -59.13
C GLY B 481 -15.19 2.60 -58.43
N LEU B 482 -14.65 3.80 -58.59
CA LEU B 482 -13.39 4.19 -57.96
C LEU B 482 -12.27 3.19 -58.27
N GLU B 483 -12.23 2.70 -59.51
CA GLU B 483 -11.29 1.65 -59.85
C GLU B 483 -9.85 2.16 -59.76
N ASP B 484 -9.62 3.39 -60.22
CA ASP B 484 -8.28 3.97 -60.16
C ASP B 484 -7.79 4.13 -58.72
N VAL B 485 -8.69 4.56 -57.82
CA VAL B 485 -8.33 4.69 -56.41
C VAL B 485 -8.00 3.32 -55.83
N LYS B 486 -8.75 2.29 -56.22
CA LYS B 486 -8.46 0.94 -55.76
C LYS B 486 -7.08 0.49 -56.22
N ARG B 487 -6.74 0.78 -57.48
CA ARG B 487 -5.41 0.44 -57.98
C ARG B 487 -4.35 1.18 -57.20
N GLU B 488 -4.56 2.46 -56.91
CA GLU B 488 -3.58 3.23 -56.13
C GLU B 488 -3.36 2.61 -54.76
N LEU B 489 -4.45 2.24 -54.07
CA LEU B 489 -4.32 1.69 -52.73
C LEU B 489 -3.62 0.34 -52.73
N GLN B 490 -3.99 -0.53 -53.66
CA GLN B 490 -3.32 -1.82 -53.74
C GLN B 490 -1.85 -1.65 -54.07
N GLU B 491 -1.54 -0.84 -55.07
CA GLU B 491 -0.15 -0.58 -55.45
C GLU B 491 0.62 -0.02 -54.27
N LEU B 492 -0.05 0.75 -53.41
CA LEU B 492 0.60 1.34 -52.25
C LEU B 492 0.92 0.31 -51.19
N VAL B 493 -0.06 -0.48 -50.77
CA VAL B 493 0.06 -1.31 -49.58
C VAL B 493 0.72 -2.65 -49.91
N GLN B 494 0.40 -3.25 -51.06
CA GLN B 494 0.92 -4.58 -51.37
C GLN B 494 2.39 -4.53 -51.78
N TYR B 495 2.79 -3.52 -52.54
CA TYR B 495 4.10 -3.55 -53.19
C TYR B 495 5.27 -3.66 -52.22
N PRO B 496 5.40 -2.82 -51.19
CA PRO B 496 6.57 -2.94 -50.31
C PRO B 496 6.68 -4.26 -49.58
N VAL B 497 5.55 -4.87 -49.20
CA VAL B 497 5.64 -6.15 -48.51
C VAL B 497 5.86 -7.29 -49.50
N GLU B 498 5.24 -7.21 -50.68
CA GLU B 498 5.39 -8.28 -51.65
C GLU B 498 6.73 -8.22 -52.38
N HIS B 499 7.18 -7.03 -52.76
CA HIS B 499 8.32 -6.85 -53.64
C HIS B 499 9.32 -5.86 -53.06
N PRO B 500 10.00 -6.21 -51.98
CA PRO B 500 11.05 -5.31 -51.48
C PRO B 500 12.23 -5.21 -52.43
N ASP B 501 12.45 -6.25 -53.24
CA ASP B 501 13.64 -6.31 -54.07
C ASP B 501 13.68 -5.18 -55.09
N LYS B 502 12.53 -4.86 -55.69
CA LYS B 502 12.50 -3.81 -56.70
C LYS B 502 12.71 -2.44 -56.06
N PHE B 503 12.20 -2.25 -54.84
CA PHE B 503 12.47 -1.00 -54.14
C PHE B 503 13.96 -0.88 -53.84
N LEU B 504 14.59 -1.97 -53.42
CA LEU B 504 16.02 -1.92 -53.12
C LEU B 504 16.85 -1.68 -54.38
N LYS B 505 16.47 -2.30 -55.49
CA LYS B 505 17.15 -2.05 -56.76
C LYS B 505 17.05 -0.58 -57.14
N PHE B 506 15.83 -0.04 -57.15
CA PHE B 506 15.66 1.37 -57.48
C PHE B 506 16.14 2.26 -56.34
N GLY B 507 16.37 1.68 -55.16
CA GLY B 507 17.04 2.38 -54.08
C GLY B 507 16.21 3.39 -53.33
N MET B 508 14.88 3.33 -53.42
CA MET B 508 14.02 4.35 -52.84
C MET B 508 12.97 3.71 -51.96
N THR B 509 12.57 4.43 -50.91
CA THR B 509 11.62 3.89 -49.96
C THR B 509 10.19 4.07 -50.47
N PRO B 510 9.26 3.22 -50.07
CA PRO B 510 7.88 3.37 -50.53
C PRO B 510 7.17 4.51 -49.82
N SER B 511 6.10 5.00 -50.44
CA SER B 511 5.21 5.93 -49.77
C SER B 511 4.36 5.18 -48.75
N LYS B 512 3.93 5.90 -47.71
CA LYS B 512 3.25 5.26 -46.57
C LYS B 512 2.09 6.09 -46.03
N GLY B 513 1.49 6.96 -46.83
CA GLY B 513 0.42 7.77 -46.30
C GLY B 513 -0.58 8.18 -47.35
N VAL B 514 -1.87 8.14 -47.02
CA VAL B 514 -2.95 8.50 -47.92
C VAL B 514 -4.01 9.27 -47.17
N LEU B 515 -4.48 10.37 -47.75
CA LEU B 515 -5.60 11.12 -47.21
C LEU B 515 -6.78 11.00 -48.18
N PHE B 516 -7.96 10.70 -47.64
CA PHE B 516 -9.19 10.64 -48.41
C PHE B 516 -10.06 11.80 -47.97
N TYR B 517 -10.44 12.67 -48.90
CA TYR B 517 -11.33 13.78 -48.59
C TYR B 517 -12.43 13.80 -49.62
N GLY B 518 -13.66 13.99 -49.16
CA GLY B 518 -14.78 13.97 -50.06
C GLY B 518 -16.11 14.15 -49.36
N PRO B 519 -17.19 14.12 -50.13
CA PRO B 519 -18.50 14.27 -49.52
C PRO B 519 -18.81 13.09 -48.62
N PRO B 520 -19.68 13.28 -47.62
CA PRO B 520 -20.01 12.17 -46.73
C PRO B 520 -20.64 11.01 -47.48
N GLY B 521 -20.25 9.80 -47.11
CA GLY B 521 -20.90 8.62 -47.64
C GLY B 521 -20.53 8.23 -49.05
N CYS B 522 -19.33 8.57 -49.52
CA CYS B 522 -18.89 8.20 -50.85
C CYS B 522 -17.92 7.03 -50.86
N GLY B 523 -17.68 6.40 -49.70
CA GLY B 523 -16.84 5.21 -49.66
C GLY B 523 -15.42 5.41 -49.21
N LYS B 524 -15.17 6.25 -48.19
CA LYS B 524 -13.82 6.39 -47.68
C LYS B 524 -13.50 5.34 -46.63
N THR B 525 -14.31 5.27 -45.57
CA THR B 525 -14.17 4.21 -44.58
C THR B 525 -14.19 2.85 -45.26
N LEU B 526 -14.99 2.73 -46.32
CA LEU B 526 -15.16 1.46 -47.00
C LEU B 526 -13.90 1.06 -47.75
N LEU B 527 -13.26 2.02 -48.43
CA LEU B 527 -11.98 1.74 -49.08
C LEU B 527 -10.94 1.34 -48.05
N ALA B 528 -10.93 2.01 -46.89
CA ALA B 528 -9.96 1.65 -45.87
C ALA B 528 -10.17 0.23 -45.37
N LYS B 529 -11.42 -0.16 -45.11
CA LYS B 529 -11.67 -1.53 -44.67
C LYS B 529 -11.28 -2.53 -45.75
N ALA B 530 -11.64 -2.23 -47.00
CA ALA B 530 -11.33 -3.15 -48.10
C ALA B 530 -9.84 -3.35 -48.25
N ILE B 531 -9.06 -2.26 -48.16
CA ILE B 531 -7.62 -2.42 -48.25
C ILE B 531 -7.08 -3.13 -47.02
N ALA B 532 -7.80 -3.06 -45.91
CA ALA B 532 -7.43 -3.87 -44.76
C ALA B 532 -7.54 -5.35 -45.07
N ASN B 533 -8.64 -5.75 -45.72
CA ASN B 533 -8.80 -7.17 -46.06
C ASN B 533 -7.84 -7.60 -47.15
N GLU B 534 -7.70 -6.79 -48.20
CA GLU B 534 -7.08 -7.25 -49.45
C GLU B 534 -5.62 -7.63 -49.25
N CYS B 535 -4.87 -6.82 -48.52
CA CYS B 535 -3.44 -7.06 -48.39
C CYS B 535 -3.08 -7.99 -47.25
N GLN B 536 -4.07 -8.49 -46.51
CA GLN B 536 -3.84 -9.42 -45.41
C GLN B 536 -2.84 -8.87 -44.41
N ALA B 537 -3.05 -7.62 -44.01
CA ALA B 537 -2.21 -6.95 -43.03
C ALA B 537 -3.06 -6.56 -41.82
N ASN B 538 -2.41 -6.45 -40.68
CA ASN B 538 -3.09 -6.05 -39.45
C ASN B 538 -3.71 -4.67 -39.63
N PHE B 539 -4.92 -4.49 -39.13
CA PHE B 539 -5.66 -3.25 -39.32
C PHE B 539 -6.02 -2.65 -37.98
N ILE B 540 -5.70 -1.37 -37.81
CA ILE B 540 -6.00 -0.62 -36.58
C ILE B 540 -6.80 0.61 -36.96
N SER B 541 -8.06 0.65 -36.54
CA SER B 541 -8.94 1.77 -36.82
C SER B 541 -9.05 2.64 -35.59
N ILE B 542 -8.69 3.90 -35.74
CA ILE B 542 -8.73 4.88 -34.66
C ILE B 542 -9.88 5.83 -34.91
N LYS B 543 -10.87 5.79 -34.03
CA LYS B 543 -11.95 6.76 -34.08
C LYS B 543 -11.38 8.17 -33.99
N GLY B 544 -12.16 9.15 -34.43
CA GLY B 544 -11.64 10.48 -34.61
C GLY B 544 -10.90 11.02 -33.40
N PRO B 545 -11.64 11.39 -32.37
CA PRO B 545 -11.02 11.86 -31.12
C PRO B 545 -10.80 10.79 -30.06
N GLU B 546 -10.73 9.52 -30.44
CA GLU B 546 -10.60 8.45 -29.47
C GLU B 546 -9.34 8.61 -28.61
N LEU B 547 -8.32 9.28 -29.15
CA LEU B 547 -7.02 9.32 -28.49
C LEU B 547 -7.00 10.29 -27.31
N LEU B 548 -7.82 11.33 -27.36
CA LEU B 548 -7.70 12.43 -26.39
C LEU B 548 -8.16 12.02 -24.99
N THR B 549 -7.67 12.77 -24.00
CA THR B 549 -7.94 12.56 -22.59
C THR B 549 -7.93 13.92 -21.93
N MET B 550 -8.55 14.00 -20.74
CA MET B 550 -8.59 15.28 -20.03
C MET B 550 -7.30 15.54 -19.28
N TRP B 551 -6.45 14.53 -19.15
CA TRP B 551 -5.24 14.68 -18.37
C TRP B 551 -4.11 15.27 -19.20
N PHE B 552 -3.09 15.79 -18.52
CA PHE B 552 -2.13 16.68 -19.18
C PHE B 552 -1.37 15.98 -20.29
N GLY B 553 -0.53 15.01 -19.95
CA GLY B 553 0.32 14.42 -20.95
C GLY B 553 -0.17 13.09 -21.46
N GLU B 554 -1.46 12.82 -21.26
CA GLU B 554 -1.98 11.49 -21.56
C GLU B 554 -2.48 11.37 -22.99
N SER B 555 -2.97 12.46 -23.57
CA SER B 555 -3.38 12.41 -24.96
C SER B 555 -2.20 12.05 -25.86
N GLU B 556 -1.08 12.72 -25.65
CA GLU B 556 0.11 12.47 -26.45
C GLU B 556 0.66 11.08 -26.17
N ALA B 557 0.56 10.62 -24.93
CA ALA B 557 0.96 9.25 -24.62
C ALA B 557 0.09 8.25 -25.38
N ASN B 558 -1.21 8.51 -25.45
CA ASN B 558 -2.10 7.65 -26.22
C ASN B 558 -1.70 7.64 -27.68
N VAL B 559 -1.36 8.80 -28.22
CA VAL B 559 -0.95 8.87 -29.63
C VAL B 559 0.29 8.03 -29.85
N ARG B 560 1.32 8.21 -29.02
CA ARG B 560 2.54 7.47 -29.30
C ARG B 560 2.33 5.99 -29.03
N GLU B 561 1.40 5.63 -28.16
CA GLU B 561 1.19 4.21 -27.89
C GLU B 561 0.43 3.53 -29.01
N ILE B 562 -0.53 4.23 -29.62
CA ILE B 562 -1.19 3.62 -30.77
C ILE B 562 -0.20 3.50 -31.92
N PHE B 563 0.68 4.48 -32.08
CA PHE B 563 1.70 4.36 -33.11
C PHE B 563 2.65 3.22 -32.81
N ASP B 564 2.98 3.02 -31.54
CA ASP B 564 3.86 1.91 -31.18
C ASP B 564 3.20 0.57 -31.46
N LYS B 565 1.92 0.43 -31.11
CA LYS B 565 1.20 -0.80 -31.42
C LYS B 565 1.23 -1.07 -32.92
N ALA B 566 1.10 -0.03 -33.72
CA ALA B 566 1.24 -0.22 -35.17
C ALA B 566 2.64 -0.69 -35.53
N ARG B 567 3.67 -0.06 -34.97
CA ARG B 567 5.04 -0.38 -35.40
C ARG B 567 5.42 -1.80 -35.01
N GLN B 568 4.98 -2.27 -33.84
CA GLN B 568 5.30 -3.63 -33.42
C GLN B 568 4.59 -4.66 -34.30
N ALA B 569 3.35 -4.40 -34.66
CA ALA B 569 2.55 -5.30 -35.47
C ALA B 569 2.65 -5.04 -36.96
N ALA B 570 3.73 -4.44 -37.43
CA ALA B 570 3.93 -4.29 -38.86
C ALA B 570 4.08 -5.66 -39.51
N PRO B 571 3.58 -5.85 -40.74
CA PRO B 571 2.90 -4.85 -41.58
C PRO B 571 1.50 -4.53 -41.08
N CYS B 572 1.13 -3.26 -41.11
CA CYS B 572 -0.10 -2.80 -40.50
C CYS B 572 -0.66 -1.63 -41.28
N VAL B 573 -1.96 -1.40 -41.14
CA VAL B 573 -2.63 -0.22 -41.66
C VAL B 573 -3.18 0.56 -40.48
N LEU B 574 -2.83 1.83 -40.40
CA LEU B 574 -3.27 2.71 -39.34
C LEU B 574 -4.29 3.68 -39.92
N PHE B 575 -5.56 3.49 -39.60
CA PHE B 575 -6.63 4.27 -40.20
C PHE B 575 -7.13 5.28 -39.18
N PHE B 576 -7.04 6.57 -39.53
CA PHE B 576 -7.50 7.66 -38.69
C PHE B 576 -8.82 8.16 -39.24
N ASP B 577 -9.92 7.54 -38.82
CA ASP B 577 -11.22 7.98 -39.31
C ASP B 577 -11.53 9.36 -38.76
N GLN B 578 -12.09 10.21 -39.60
CA GLN B 578 -12.42 11.59 -39.24
C GLN B 578 -11.19 12.30 -38.68
N LEU B 579 -10.13 12.31 -39.48
CA LEU B 579 -8.84 12.83 -39.03
C LEU B 579 -8.88 14.31 -38.71
N ASP B 580 -9.87 15.05 -39.22
CA ASP B 580 -9.91 16.48 -38.96
C ASP B 580 -10.19 16.77 -37.49
N SER B 581 -10.67 15.78 -36.73
CA SER B 581 -10.90 15.99 -35.31
C SER B 581 -9.60 16.00 -34.54
N ILE B 582 -8.70 15.07 -34.87
CA ILE B 582 -7.49 14.90 -34.07
C ILE B 582 -6.40 15.85 -34.54
N ALA B 583 -6.43 16.26 -35.80
CA ALA B 583 -5.40 17.10 -36.39
C ALA B 583 -6.03 18.31 -37.05
N LYS B 584 -6.08 19.41 -36.31
CA LYS B 584 -6.51 20.70 -36.84
C LYS B 584 -5.27 21.51 -37.17
N ALA B 585 -5.45 22.63 -37.85
CA ALA B 585 -4.33 23.53 -38.03
C ALA B 585 -3.88 24.05 -36.68
N ARG B 586 -2.58 24.01 -36.43
CA ARG B 586 -2.07 24.49 -35.16
C ARG B 586 -2.27 25.99 -35.06
N GLY B 587 -2.65 26.45 -33.88
CA GLY B 587 -3.05 27.83 -33.72
C GLY B 587 -4.48 28.13 -34.08
N GLY B 588 -5.24 27.11 -34.50
CA GLY B 588 -6.64 27.33 -34.84
C GLY B 588 -7.48 27.68 -33.63
N ASN B 589 -7.20 27.06 -32.49
CA ASN B 589 -7.98 27.25 -31.27
C ASN B 589 -7.05 27.64 -30.13
N ILE B 590 -7.36 28.76 -29.46
CA ILE B 590 -6.54 29.21 -28.34
C ILE B 590 -6.91 28.45 -27.06
N GLY B 591 -8.20 28.28 -26.80
CA GLY B 591 -8.69 27.61 -25.62
C GLY B 591 -8.90 26.12 -25.76
N ASP B 592 -8.31 25.50 -26.79
CA ASP B 592 -8.45 24.06 -27.01
C ASP B 592 -7.60 23.33 -25.97
N GLY B 593 -8.15 23.27 -24.76
CA GLY B 593 -7.43 22.65 -23.66
C GLY B 593 -6.15 23.37 -23.30
N GLY B 594 -6.10 24.69 -23.46
CA GLY B 594 -4.89 25.43 -23.23
C GLY B 594 -3.75 25.03 -24.14
N GLY B 595 -4.06 24.63 -25.37
CA GLY B 595 -3.04 24.15 -26.29
C GLY B 595 -2.76 22.68 -26.23
N ALA B 596 -3.68 21.87 -25.73
CA ALA B 596 -3.46 20.43 -25.68
C ALA B 596 -3.62 19.79 -27.05
N ALA B 597 -4.54 20.30 -27.85
CA ALA B 597 -4.69 19.78 -29.20
C ALA B 597 -3.43 20.00 -30.02
N ASP B 598 -2.76 21.13 -29.80
CA ASP B 598 -1.53 21.40 -30.53
C ASP B 598 -0.43 20.42 -30.13
N ARG B 599 -0.36 20.06 -28.85
CA ARG B 599 0.62 19.06 -28.44
C ARG B 599 0.29 17.69 -29.02
N VAL B 600 -1.00 17.38 -29.15
CA VAL B 600 -1.38 16.13 -29.82
C VAL B 600 -0.91 16.14 -31.27
N ILE B 601 -1.12 17.27 -31.96
CA ILE B 601 -0.70 17.37 -33.35
C ILE B 601 0.80 17.25 -33.47
N ASN B 602 1.54 17.91 -32.58
CA ASN B 602 3.00 17.82 -32.63
C ASN B 602 3.47 16.40 -32.36
N GLN B 603 2.82 15.70 -31.45
CA GLN B 603 3.18 14.30 -31.24
C GLN B 603 2.92 13.47 -32.48
N ILE B 604 1.80 13.69 -33.15
CA ILE B 604 1.52 12.94 -34.38
C ILE B 604 2.56 13.25 -35.44
N LEU B 605 2.95 14.52 -35.58
CA LEU B 605 3.97 14.89 -36.56
C LEU B 605 5.28 14.20 -36.25
N THR B 606 5.67 14.17 -34.98
CA THR B 606 6.93 13.54 -34.63
C THR B 606 6.86 12.03 -34.81
N GLU B 607 5.65 11.46 -34.75
CA GLU B 607 5.53 10.02 -34.88
C GLU B 607 5.52 9.58 -36.35
N MET B 608 4.83 10.34 -37.20
CA MET B 608 4.83 9.98 -38.62
C MET B 608 6.22 10.13 -39.23
N ASP B 609 6.73 11.35 -39.28
CA ASP B 609 8.05 11.62 -39.84
C ASP B 609 8.93 12.25 -38.77
N GLY B 610 9.61 11.41 -38.01
CA GLY B 610 10.52 11.87 -36.99
C GLY B 610 11.88 11.26 -37.23
N MET B 611 12.60 11.04 -36.15
CA MET B 611 13.93 10.42 -36.23
C MET B 611 13.86 8.93 -35.94
N SER B 612 13.08 8.22 -36.77
CA SER B 612 12.89 6.80 -36.61
C SER B 612 12.70 6.17 -37.98
N THR B 613 13.22 4.96 -38.16
CA THR B 613 13.05 4.26 -39.41
C THR B 613 11.60 3.83 -39.58
N LYS B 614 11.03 4.13 -40.75
CA LYS B 614 9.65 3.81 -41.01
C LYS B 614 9.47 2.31 -41.20
N LYS B 615 8.49 1.74 -40.52
CA LYS B 615 8.18 0.33 -40.66
C LYS B 615 7.14 0.14 -41.76
N ASN B 616 6.58 -1.06 -41.86
CA ASN B 616 5.52 -1.33 -42.82
C ASN B 616 4.17 -0.90 -42.23
N VAL B 617 4.10 0.37 -41.88
CA VAL B 617 2.92 0.97 -41.27
C VAL B 617 2.36 2.00 -42.24
N PHE B 618 1.19 1.72 -42.79
CA PHE B 618 0.55 2.61 -43.74
C PHE B 618 -0.53 3.39 -43.01
N ILE B 619 -0.47 4.71 -43.12
CA ILE B 619 -1.37 5.60 -42.40
C ILE B 619 -2.37 6.15 -43.38
N ILE B 620 -3.65 5.82 -43.16
CA ILE B 620 -4.74 6.27 -44.02
C ILE B 620 -5.65 7.16 -43.19
N GLY B 621 -5.89 8.36 -43.67
CA GLY B 621 -6.76 9.27 -42.94
C GLY B 621 -7.94 9.70 -43.77
N ALA B 622 -9.14 9.43 -43.29
CA ALA B 622 -10.37 9.82 -43.97
C ALA B 622 -10.90 11.07 -43.31
N THR B 623 -11.28 12.05 -44.12
CA THR B 623 -11.78 13.30 -43.59
C THR B 623 -12.83 13.89 -44.51
N ASN B 624 -13.66 14.76 -43.95
CA ASN B 624 -14.64 15.54 -44.70
C ASN B 624 -14.34 17.03 -44.67
N ARG B 625 -13.29 17.45 -43.98
CA ARG B 625 -12.90 18.86 -43.90
C ARG B 625 -11.42 18.94 -44.20
N PRO B 626 -11.04 18.92 -45.49
CA PRO B 626 -9.62 18.89 -45.83
C PRO B 626 -8.93 20.21 -45.63
N ASP B 627 -9.68 21.31 -45.61
CA ASP B 627 -9.06 22.62 -45.53
C ASP B 627 -8.56 22.95 -44.13
N ILE B 628 -9.16 22.34 -43.10
CA ILE B 628 -8.75 22.68 -41.74
C ILE B 628 -7.55 21.87 -41.29
N ILE B 629 -7.21 20.78 -41.99
CA ILE B 629 -6.17 19.91 -41.50
C ILE B 629 -4.82 20.61 -41.57
N ASP B 630 -3.94 20.27 -40.63
CA ASP B 630 -2.67 20.95 -40.50
C ASP B 630 -1.78 20.65 -41.70
N PRO B 631 -1.13 21.67 -42.28
CA PRO B 631 -0.27 21.41 -43.44
C PRO B 631 0.88 20.47 -43.17
N ALA B 632 1.46 20.51 -41.97
CA ALA B 632 2.58 19.64 -41.68
C ALA B 632 2.18 18.18 -41.69
N ILE B 633 0.88 17.91 -41.52
CA ILE B 633 0.36 16.55 -41.70
C ILE B 633 0.42 16.16 -43.17
N LEU B 634 0.07 17.08 -44.05
CA LEU B 634 -0.14 16.76 -45.46
C LEU B 634 1.10 16.88 -46.32
N ARG B 635 2.24 17.28 -45.76
CA ARG B 635 3.41 17.40 -46.60
C ARG B 635 3.92 16.01 -46.93
N PRO B 636 4.42 15.80 -48.15
CA PRO B 636 4.90 14.47 -48.53
C PRO B 636 5.94 13.94 -47.57
N GLY B 637 5.83 12.66 -47.25
CA GLY B 637 6.48 12.08 -46.11
C GLY B 637 5.55 11.79 -44.95
N ARG B 638 4.48 12.57 -44.83
CA ARG B 638 3.37 12.28 -43.94
C ARG B 638 2.11 12.43 -44.77
N LEU B 639 1.33 11.36 -44.91
CA LEU B 639 0.16 11.40 -45.79
C LEU B 639 0.54 11.94 -47.16
N ASP B 640 1.36 11.16 -47.87
CA ASP B 640 1.90 11.61 -49.15
C ASP B 640 0.81 11.97 -50.15
N GLN B 641 -0.14 11.06 -50.35
CA GLN B 641 -1.09 11.16 -51.46
C GLN B 641 -2.42 11.68 -50.95
N LEU B 642 -2.93 12.71 -51.60
CA LEU B 642 -4.23 13.29 -51.27
C LEU B 642 -5.23 12.86 -52.33
N ILE B 643 -6.04 11.86 -52.02
CA ILE B 643 -6.94 11.24 -52.97
C ILE B 643 -8.34 11.76 -52.73
N TYR B 644 -8.99 12.22 -53.79
CA TYR B 644 -10.31 12.81 -53.70
C TYR B 644 -11.36 11.78 -54.11
N ILE B 645 -12.36 11.60 -53.27
CA ILE B 645 -13.47 10.68 -53.54
C ILE B 645 -14.71 11.50 -53.85
N PRO B 646 -14.98 11.83 -55.11
CA PRO B 646 -16.08 12.74 -55.43
C PRO B 646 -17.40 12.00 -55.48
N LEU B 647 -18.46 12.76 -55.71
CA LEU B 647 -19.76 12.14 -55.91
C LEU B 647 -19.69 11.23 -57.14
N PRO B 648 -19.98 9.94 -56.98
CA PRO B 648 -19.78 9.01 -58.09
C PRO B 648 -20.60 9.39 -59.31
N ASP B 649 -20.03 9.16 -60.50
CA ASP B 649 -20.70 9.47 -61.75
C ASP B 649 -21.46 8.24 -62.27
N GLU B 650 -22.04 8.38 -63.46
CA GLU B 650 -23.08 7.46 -63.89
C GLU B 650 -22.57 6.02 -63.98
N LYS B 651 -21.37 5.81 -64.52
CA LYS B 651 -20.81 4.47 -64.54
C LYS B 651 -20.50 3.98 -63.13
N SER B 652 -19.97 4.87 -62.29
CA SER B 652 -19.76 4.54 -60.89
C SER B 652 -21.08 4.25 -60.21
N ARG B 653 -22.14 5.01 -60.54
CA ARG B 653 -23.44 4.77 -59.94
C ARG B 653 -23.99 3.41 -60.33
N VAL B 654 -23.80 3.01 -61.59
CA VAL B 654 -24.15 1.65 -62.00
C VAL B 654 -23.41 0.64 -61.13
N ALA B 655 -22.10 0.82 -60.98
CA ALA B 655 -21.31 -0.16 -60.23
C ALA B 655 -21.78 -0.24 -58.79
N ILE B 656 -22.09 0.91 -58.19
CA ILE B 656 -22.57 0.95 -56.82
C ILE B 656 -23.90 0.21 -56.69
N LEU B 657 -24.82 0.44 -57.63
CA LEU B 657 -26.10 -0.24 -57.56
C LEU B 657 -25.94 -1.75 -57.67
N LYS B 658 -25.10 -2.20 -58.59
CA LYS B 658 -24.90 -3.64 -58.74
C LYS B 658 -24.27 -4.24 -57.49
N ALA B 659 -23.30 -3.54 -56.90
CA ALA B 659 -22.65 -4.05 -55.70
C ALA B 659 -23.63 -4.11 -54.53
N ASN B 660 -24.51 -3.11 -54.41
CA ASN B 660 -25.52 -3.14 -53.36
C ASN B 660 -26.50 -4.27 -53.58
N LEU B 661 -26.92 -4.50 -54.82
CA LEU B 661 -27.99 -5.44 -55.13
C LEU B 661 -27.49 -6.84 -55.40
N ARG B 662 -26.19 -7.10 -55.26
CA ARG B 662 -25.65 -8.39 -55.67
C ARG B 662 -26.26 -9.54 -54.86
N LYS B 663 -26.43 -9.36 -53.55
CA LYS B 663 -27.05 -10.42 -52.76
C LYS B 663 -28.57 -10.43 -52.93
N SER B 664 -29.17 -9.27 -53.18
CA SER B 664 -30.61 -9.21 -53.37
C SER B 664 -31.00 -9.83 -54.71
N PRO B 665 -32.03 -10.67 -54.74
CA PRO B 665 -32.61 -11.06 -56.03
C PRO B 665 -33.39 -9.91 -56.65
N VAL B 666 -33.09 -9.62 -57.91
CA VAL B 666 -33.57 -8.42 -58.59
C VAL B 666 -34.27 -8.82 -59.87
N ALA B 667 -35.41 -8.19 -60.15
CA ALA B 667 -36.15 -8.45 -61.38
C ALA B 667 -35.46 -7.83 -62.58
N LYS B 668 -36.03 -8.07 -63.77
CA LYS B 668 -35.43 -7.57 -65.00
C LYS B 668 -36.10 -6.29 -65.47
N ASP B 669 -37.36 -6.07 -65.06
CA ASP B 669 -38.06 -4.85 -65.45
C ASP B 669 -37.30 -3.62 -64.98
N VAL B 670 -36.72 -3.69 -63.78
CA VAL B 670 -35.92 -2.59 -63.26
C VAL B 670 -34.68 -2.41 -64.12
N ASP B 671 -34.42 -1.17 -64.52
CA ASP B 671 -33.22 -0.83 -65.27
C ASP B 671 -32.30 -0.03 -64.37
N LEU B 672 -31.19 -0.64 -63.96
CA LEU B 672 -30.25 0.06 -63.10
C LEU B 672 -29.51 1.14 -63.88
N GLU B 673 -29.35 0.95 -65.19
CA GLU B 673 -28.69 1.95 -66.01
C GLU B 673 -29.52 3.22 -66.13
N PHE B 674 -30.84 3.08 -66.30
CA PHE B 674 -31.70 4.25 -66.28
C PHE B 674 -31.63 4.96 -64.94
N LEU B 675 -31.62 4.17 -63.85
CA LEU B 675 -31.46 4.75 -62.53
C LEU B 675 -30.19 5.58 -62.44
N ALA B 676 -29.05 4.96 -62.78
CA ALA B 676 -27.76 5.63 -62.63
C ALA B 676 -27.66 6.84 -63.54
N LYS B 677 -28.42 6.84 -64.64
CA LYS B 677 -28.59 8.06 -65.40
C LYS B 677 -29.30 9.13 -64.58
N MET B 678 -30.44 8.77 -63.99
CA MET B 678 -31.33 9.82 -63.50
C MET B 678 -30.80 10.44 -62.20
N THR B 679 -30.07 9.66 -61.41
CA THR B 679 -29.58 10.11 -60.10
C THR B 679 -28.29 10.92 -60.26
N ASN B 680 -28.43 12.14 -60.78
CA ASN B 680 -27.26 12.95 -61.09
C ASN B 680 -26.45 13.28 -59.85
N GLY B 681 -27.10 13.74 -58.79
CA GLY B 681 -26.41 14.25 -57.63
C GLY B 681 -26.40 13.38 -56.40
N PHE B 682 -26.73 12.10 -56.53
CA PHE B 682 -26.74 11.23 -55.36
C PHE B 682 -25.33 10.83 -54.98
N SER B 683 -25.13 10.61 -53.69
CA SER B 683 -23.94 9.96 -53.20
C SER B 683 -24.08 8.44 -53.36
N GLY B 684 -23.07 7.71 -52.92
CA GLY B 684 -23.20 6.27 -52.85
C GLY B 684 -24.20 5.84 -51.79
N ALA B 685 -24.20 6.55 -50.66
CA ALA B 685 -25.11 6.21 -49.57
C ALA B 685 -26.55 6.36 -49.98
N ASP B 686 -26.86 7.36 -50.80
CA ASP B 686 -28.24 7.51 -51.26
C ASP B 686 -28.65 6.37 -52.17
N LEU B 687 -27.74 5.89 -53.01
CA LEU B 687 -28.06 4.75 -53.86
C LEU B 687 -28.32 3.50 -53.02
N THR B 688 -27.44 3.22 -52.05
CA THR B 688 -27.71 2.11 -51.15
C THR B 688 -29.00 2.32 -50.39
N GLU B 689 -29.33 3.58 -50.09
CA GLU B 689 -30.58 3.86 -49.39
C GLU B 689 -31.78 3.45 -50.22
N ILE B 690 -31.78 3.78 -51.51
CA ILE B 690 -32.92 3.40 -52.35
C ILE B 690 -32.98 1.90 -52.51
N CYS B 691 -31.83 1.22 -52.58
CA CYS B 691 -31.85 -0.24 -52.61
C CYS B 691 -32.50 -0.81 -51.34
N GLN B 692 -32.12 -0.27 -50.18
CA GLN B 692 -32.66 -0.80 -48.92
C GLN B 692 -34.15 -0.48 -48.79
N ARG B 693 -34.58 0.70 -49.27
CA ARG B 693 -35.99 1.03 -49.23
C ARG B 693 -36.81 0.09 -50.11
N ALA B 694 -36.30 -0.22 -51.31
CA ALA B 694 -37.00 -1.16 -52.17
C ALA B 694 -37.10 -2.53 -51.52
N CYS B 695 -36.01 -2.99 -50.89
CA CYS B 695 -36.07 -4.26 -50.19
C CYS B 695 -37.06 -4.23 -49.04
N LYS B 696 -37.15 -3.09 -48.35
CA LYS B 696 -38.13 -2.96 -47.27
C LYS B 696 -39.54 -3.10 -47.78
N LEU B 697 -39.85 -2.43 -48.91
CA LEU B 697 -41.19 -2.56 -49.48
C LEU B 697 -41.48 -4.00 -49.87
N ALA B 698 -40.51 -4.68 -50.48
CA ALA B 698 -40.70 -6.08 -50.84
C ALA B 698 -40.96 -6.93 -49.60
N ILE B 699 -40.27 -6.65 -48.50
CA ILE B 699 -40.47 -7.43 -47.29
C ILE B 699 -41.83 -7.14 -46.67
N ARG B 700 -42.30 -5.90 -46.75
CA ARG B 700 -43.67 -5.62 -46.32
C ARG B 700 -44.66 -6.46 -47.10
N GLU B 701 -44.50 -6.51 -48.43
CA GLU B 701 -45.42 -7.31 -49.24
C GLU B 701 -45.33 -8.78 -48.86
N SER B 702 -44.12 -9.30 -48.66
CA SER B 702 -43.96 -10.71 -48.33
C SER B 702 -44.61 -11.04 -46.99
N ILE B 703 -44.42 -10.17 -45.99
CA ILE B 703 -45.03 -10.39 -44.68
C ILE B 703 -46.54 -10.34 -44.79
N GLU B 704 -47.08 -9.40 -45.58
CA GLU B 704 -48.54 -9.33 -45.69
C GLU B 704 -49.10 -10.56 -46.41
N SER B 705 -48.36 -11.09 -47.39
CA SER B 705 -48.81 -12.30 -48.06
C SER B 705 -48.79 -13.49 -47.12
N GLU B 706 -47.75 -13.62 -46.29
CA GLU B 706 -47.73 -14.70 -45.31
C GLU B 706 -48.86 -14.56 -44.30
N ILE B 707 -49.15 -13.32 -43.89
CA ILE B 707 -50.27 -13.08 -42.98
C ILE B 707 -51.58 -13.49 -43.63
N ARG B 708 -51.78 -13.15 -44.91
CA ARG B 708 -53.01 -13.52 -45.60
C ARG B 708 -53.12 -15.03 -45.76
N ARG B 709 -52.01 -15.71 -46.01
CA ARG B 709 -52.05 -17.16 -46.06
C ARG B 709 -52.48 -17.75 -44.72
N GLU B 710 -51.87 -17.28 -43.63
CA GLU B 710 -52.25 -17.78 -42.31
C GLU B 710 -53.69 -17.41 -41.97
N ARG B 711 -54.18 -16.31 -42.53
CA ARG B 711 -55.56 -15.90 -42.32
C ARG B 711 -56.53 -16.82 -43.06
N GLU B 712 -56.23 -17.13 -44.32
CA GLU B 712 -57.17 -17.92 -45.12
C GLU B 712 -57.11 -19.39 -44.74
N ARG B 713 -56.03 -19.82 -44.06
CA ARG B 713 -56.03 -21.16 -43.51
C ARG B 713 -57.11 -21.33 -42.44
N GLN B 714 -57.24 -20.38 -41.54
CA GLN B 714 -58.19 -20.48 -40.44
C GLN B 714 -59.46 -19.70 -40.73
N PRO B 727 -43.13 -15.95 -50.74
CA PRO B 727 -44.15 -15.98 -51.80
C PRO B 727 -43.84 -14.98 -52.91
N VAL B 728 -43.15 -13.90 -52.56
CA VAL B 728 -42.75 -12.87 -53.52
C VAL B 728 -41.34 -13.20 -53.98
N PRO B 729 -41.13 -13.52 -55.26
CA PRO B 729 -39.79 -13.97 -55.68
C PRO B 729 -38.74 -12.88 -55.70
N GLU B 730 -38.99 -11.77 -56.38
CA GLU B 730 -37.99 -10.74 -56.59
C GLU B 730 -38.65 -9.37 -56.53
N ILE B 731 -37.82 -8.34 -56.35
CA ILE B 731 -38.32 -7.00 -56.18
C ILE B 731 -38.96 -6.53 -57.47
N ARG B 732 -40.19 -6.04 -57.39
CA ARG B 732 -40.86 -5.54 -58.57
C ARG B 732 -40.40 -4.12 -58.87
N ARG B 733 -40.75 -3.66 -60.08
CA ARG B 733 -40.37 -2.32 -60.51
C ARG B 733 -41.04 -1.24 -59.67
N ASP B 734 -42.29 -1.46 -59.26
CA ASP B 734 -43.00 -0.45 -58.49
C ASP B 734 -42.39 -0.27 -57.10
N HIS B 735 -41.82 -1.34 -56.54
CA HIS B 735 -41.07 -1.20 -55.29
C HIS B 735 -39.92 -0.23 -55.46
N PHE B 736 -39.12 -0.40 -56.52
CA PHE B 736 -38.03 0.52 -56.77
C PHE B 736 -38.55 1.92 -57.04
N GLU B 737 -39.72 2.03 -57.66
CA GLU B 737 -40.25 3.36 -57.96
C GLU B 737 -40.67 4.09 -56.69
N GLU B 738 -41.29 3.38 -55.75
CA GLU B 738 -41.59 4.00 -54.45
C GLU B 738 -40.31 4.37 -53.70
N ALA B 739 -39.31 3.48 -53.74
CA ALA B 739 -38.03 3.80 -53.12
C ALA B 739 -37.43 5.05 -53.74
N MET B 740 -37.59 5.21 -55.06
CA MET B 740 -37.13 6.42 -55.73
C MET B 740 -37.92 7.63 -55.28
N ARG B 741 -39.20 7.46 -55.00
CA ARG B 741 -39.97 8.57 -54.45
C ARG B 741 -39.44 8.96 -53.07
N PHE B 742 -38.87 8.00 -52.35
CA PHE B 742 -38.23 8.34 -51.07
C PHE B 742 -36.85 8.96 -51.28
N ALA B 743 -36.25 8.76 -52.45
CA ALA B 743 -34.86 9.13 -52.68
C ALA B 743 -34.65 10.63 -52.57
N ARG B 744 -33.43 11.02 -52.21
CA ARG B 744 -33.09 12.41 -51.98
C ARG B 744 -31.58 12.60 -52.06
N ARG B 745 -31.18 13.76 -52.60
CA ARG B 745 -29.77 14.14 -52.68
C ARG B 745 -29.30 14.51 -51.27
N SER B 746 -28.50 13.62 -50.66
CA SER B 746 -28.04 13.85 -49.29
C SER B 746 -27.13 15.07 -49.19
N VAL B 747 -26.27 15.27 -50.19
CA VAL B 747 -25.26 16.31 -50.14
C VAL B 747 -25.71 17.46 -51.03
N SER B 748 -25.78 18.66 -50.45
CA SER B 748 -26.15 19.83 -51.23
C SER B 748 -25.04 20.17 -52.23
N ASP B 749 -25.37 21.08 -53.15
CA ASP B 749 -24.37 21.51 -54.11
C ASP B 749 -23.24 22.27 -53.44
N ASN B 750 -23.52 22.90 -52.29
CA ASN B 750 -22.51 23.70 -51.62
C ASN B 750 -21.34 22.85 -51.15
N ASP B 751 -21.62 21.69 -50.57
CA ASP B 751 -20.55 20.87 -50.02
C ASP B 751 -19.65 20.34 -51.15
N ILE B 752 -20.27 19.88 -52.24
CA ILE B 752 -19.47 19.32 -53.33
C ILE B 752 -18.67 20.43 -54.02
N ARG B 753 -19.23 21.62 -54.17
CA ARG B 753 -18.44 22.67 -54.77
C ARG B 753 -17.31 23.09 -53.85
N LYS B 754 -17.51 22.97 -52.53
CA LYS B 754 -16.43 23.29 -51.60
C LYS B 754 -15.27 22.32 -51.76
N TYR B 755 -15.56 21.01 -51.86
CA TYR B 755 -14.46 20.08 -52.08
C TYR B 755 -13.83 20.26 -53.45
N GLU B 756 -14.64 20.64 -54.45
CA GLU B 756 -14.07 20.94 -55.76
C GLU B 756 -13.14 22.14 -55.69
N MET B 757 -13.49 23.14 -54.90
CA MET B 757 -12.59 24.28 -54.68
C MET B 757 -11.28 23.82 -54.06
N PHE B 758 -11.35 22.92 -53.09
CA PHE B 758 -10.10 22.43 -52.49
C PHE B 758 -9.25 21.70 -53.52
N ALA B 759 -9.87 20.85 -54.34
CA ALA B 759 -9.10 20.13 -55.35
C ALA B 759 -8.47 21.08 -56.37
N GLN B 760 -9.23 22.09 -56.81
CA GLN B 760 -8.68 23.05 -57.77
C GLN B 760 -7.59 23.89 -57.13
N THR B 761 -7.70 24.18 -55.83
CA THR B 761 -6.61 24.84 -55.14
C THR B 761 -5.35 23.98 -55.17
N LEU B 762 -5.50 22.68 -54.96
CA LEU B 762 -4.34 21.79 -55.08
C LEU B 762 -3.71 21.85 -56.47
N GLN B 763 -4.53 21.70 -57.51
CA GLN B 763 -3.99 21.65 -58.87
C GLN B 763 -3.40 23.00 -59.29
N GLN B 764 -4.00 24.10 -58.87
CA GLN B 764 -3.46 25.42 -59.19
C GLN B 764 -2.21 25.72 -58.36
N SER B 765 -2.14 25.16 -57.15
CA SER B 765 -0.93 25.30 -56.36
C SER B 765 0.23 24.55 -56.99
N ARG B 766 -0.06 23.42 -57.64
CA ARG B 766 0.98 22.75 -58.39
C ARG B 766 1.52 23.66 -59.50
N GLY B 767 0.66 24.46 -60.09
CA GLY B 767 1.03 25.30 -61.21
C GLY B 767 1.00 24.54 -62.52
N PHE B 768 0.61 25.26 -63.58
CA PHE B 768 0.61 24.76 -64.95
C PHE B 768 -0.09 23.41 -65.11
N GLY B 769 0.16 22.74 -66.23
CA GLY B 769 -0.38 21.42 -66.49
C GLY B 769 0.33 20.77 -67.64
N SER B 770 0.25 19.44 -67.68
CA SER B 770 0.85 18.64 -68.75
C SER B 770 2.36 18.89 -68.86
N PHE B 771 3.08 18.52 -67.81
CA PHE B 771 4.52 18.72 -67.80
C PHE B 771 5.19 17.86 -68.86
N ARG B 772 6.27 18.38 -69.43
CA ARG B 772 7.07 17.68 -70.43
C ARG B 772 8.51 18.15 -70.33
N PHE B 773 9.43 17.32 -70.80
CA PHE B 773 10.83 17.69 -70.82
C PHE B 773 11.17 18.45 -72.10
N PRO B 774 12.13 19.37 -72.08
CA PRO B 774 12.52 20.07 -73.30
C PRO B 774 13.47 19.23 -74.15
N SER B 775 13.25 19.28 -75.46
CA SER B 775 14.06 18.54 -76.43
C SER B 775 14.13 17.04 -76.09
N PRO C 23 66.63 1.43 -5.44
CA PRO C 23 67.52 0.30 -5.70
C PRO C 23 66.80 -1.04 -5.86
N ASN C 24 65.95 -1.39 -4.89
CA ASN C 24 65.27 -2.68 -4.94
C ASN C 24 64.34 -2.76 -6.14
N ARG C 25 63.62 -1.67 -6.44
CA ARG C 25 62.66 -1.69 -7.53
C ARG C 25 63.39 -1.75 -8.88
N LEU C 26 63.04 -2.75 -9.68
CA LEU C 26 63.67 -3.00 -10.97
C LEU C 26 62.63 -3.32 -12.02
N ILE C 27 63.01 -3.09 -13.28
CA ILE C 27 62.13 -3.37 -14.41
C ILE C 27 62.21 -4.85 -14.75
N VAL C 28 61.15 -5.38 -15.38
CA VAL C 28 61.14 -6.77 -15.80
C VAL C 28 62.02 -6.96 -17.02
N ASP C 29 62.80 -8.05 -17.01
CA ASP C 29 63.60 -8.47 -18.16
C ASP C 29 63.24 -9.90 -18.52
N GLU C 30 63.52 -10.27 -19.77
CA GLU C 30 63.15 -11.58 -20.28
C GLU C 30 64.20 -12.62 -19.90
N ALA C 31 63.75 -13.84 -19.65
CA ALA C 31 64.64 -14.92 -19.29
C ALA C 31 65.39 -15.46 -20.50
N ILE C 32 66.68 -15.73 -20.31
CA ILE C 32 67.50 -16.30 -21.38
C ILE C 32 67.70 -17.78 -21.13
N ASN C 33 68.40 -18.11 -20.05
CA ASN C 33 68.63 -19.48 -19.63
C ASN C 33 68.14 -19.74 -18.21
N GLU C 34 67.52 -18.73 -17.59
CA GLU C 34 67.11 -18.87 -16.19
C GLU C 34 66.13 -20.02 -16.03
N ASP C 35 66.40 -20.86 -15.04
CA ASP C 35 65.51 -21.95 -14.71
C ASP C 35 64.40 -21.45 -13.80
N ASN C 36 63.64 -22.39 -13.25
CA ASN C 36 62.42 -22.01 -12.53
C ASN C 36 62.74 -21.29 -11.23
N SER C 37 63.81 -21.68 -10.54
CA SER C 37 64.06 -21.20 -9.19
C SER C 37 65.16 -20.15 -9.10
N VAL C 38 65.67 -19.66 -10.23
CA VAL C 38 66.79 -18.72 -10.22
C VAL C 38 66.43 -17.49 -11.03
N VAL C 39 67.16 -16.40 -10.77
CA VAL C 39 67.03 -15.16 -11.53
C VAL C 39 68.43 -14.68 -11.91
N SER C 40 68.48 -13.88 -12.97
CA SER C 40 69.70 -13.22 -13.41
C SER C 40 69.59 -11.73 -13.15
N LEU C 41 70.60 -11.16 -12.49
CA LEU C 41 70.66 -9.74 -12.20
C LEU C 41 72.00 -9.20 -12.65
N SER C 42 72.00 -7.94 -13.07
CA SER C 42 73.22 -7.32 -13.56
C SER C 42 74.26 -7.22 -12.44
N GLN C 43 75.49 -7.61 -12.78
CA GLN C 43 76.57 -7.62 -11.79
C GLN C 43 76.75 -6.27 -11.10
N PRO C 44 76.70 -5.11 -11.78
CA PRO C 44 76.72 -3.84 -11.05
C PRO C 44 75.57 -3.70 -10.07
N LYS C 45 74.38 -4.19 -10.45
CA LYS C 45 73.26 -4.17 -9.53
C LYS C 45 73.52 -5.07 -8.33
N MET C 46 74.22 -6.19 -8.57
CA MET C 46 74.60 -7.10 -7.48
C MET C 46 75.53 -6.43 -6.48
N ASP C 47 76.58 -5.78 -6.97
CA ASP C 47 77.53 -5.15 -6.07
C ASP C 47 76.95 -3.88 -5.46
N GLU C 48 76.00 -3.23 -6.14
CA GLU C 48 75.30 -2.09 -5.54
C GLU C 48 74.43 -2.54 -4.37
N LEU C 49 73.86 -3.74 -4.46
CA LEU C 49 73.10 -4.31 -3.35
C LEU C 49 73.92 -5.27 -2.51
N GLN C 50 75.21 -5.45 -2.80
CA GLN C 50 76.10 -6.32 -2.03
C GLN C 50 75.60 -7.76 -2.01
N LEU C 51 75.04 -8.22 -3.13
CA LEU C 51 74.45 -9.55 -3.21
C LEU C 51 75.45 -10.57 -3.74
N PHE C 52 75.10 -11.85 -3.58
CA PHE C 52 76.05 -12.93 -3.80
C PHE C 52 75.40 -14.06 -4.60
N ARG C 53 76.25 -14.87 -5.22
CA ARG C 53 75.77 -16.02 -5.97
C ARG C 53 75.36 -17.15 -5.03
N GLY C 54 74.29 -17.85 -5.39
CA GLY C 54 73.80 -18.96 -4.60
C GLY C 54 72.98 -18.59 -3.39
N ASP C 55 72.71 -17.30 -3.17
CA ASP C 55 72.02 -16.82 -1.99
C ASP C 55 70.57 -16.50 -2.32
N THR C 56 69.66 -16.90 -1.44
CA THR C 56 68.24 -16.67 -1.66
C THR C 56 67.88 -15.19 -1.55
N VAL C 57 66.99 -14.74 -2.41
CA VAL C 57 66.47 -13.37 -2.37
C VAL C 57 64.95 -13.42 -2.46
N LEU C 58 64.29 -12.52 -1.74
CA LEU C 58 62.84 -12.42 -1.79
C LEU C 58 62.41 -11.48 -2.92
N LEU C 59 61.28 -11.83 -3.54
CA LEU C 59 60.71 -11.05 -4.65
C LEU C 59 59.32 -10.55 -4.26
N LYS C 60 58.97 -9.37 -4.77
CA LYS C 60 57.66 -8.75 -4.50
C LYS C 60 56.91 -8.57 -5.80
N GLY C 61 55.61 -8.91 -5.79
CA GLY C 61 54.80 -8.87 -6.98
C GLY C 61 53.46 -8.22 -6.75
N LYS C 62 52.67 -8.16 -7.82
CA LYS C 62 51.33 -7.59 -7.76
C LYS C 62 50.41 -8.46 -6.90
N LYS C 63 49.39 -7.81 -6.32
CA LYS C 63 48.38 -8.49 -5.50
C LYS C 63 49.00 -9.19 -4.30
N ARG C 64 50.12 -8.67 -3.80
CA ARG C 64 50.82 -9.26 -2.65
C ARG C 64 51.16 -10.73 -2.89
N ARG C 65 51.67 -11.02 -4.09
CA ARG C 65 52.24 -12.32 -4.42
C ARG C 65 53.74 -12.25 -4.29
N GLU C 66 54.33 -13.23 -3.61
CA GLU C 66 55.77 -13.22 -3.36
C GLU C 66 56.37 -14.60 -3.64
N ALA C 67 57.58 -14.58 -4.18
CA ALA C 67 58.33 -15.80 -4.47
C ALA C 67 59.80 -15.54 -4.17
N VAL C 68 60.51 -16.60 -3.80
CA VAL C 68 61.93 -16.52 -3.47
C VAL C 68 62.72 -17.33 -4.47
N CYS C 69 63.89 -16.82 -4.84
CA CYS C 69 64.69 -17.43 -5.88
C CYS C 69 66.17 -17.16 -5.61
N ILE C 70 67.03 -17.97 -6.24
CA ILE C 70 68.46 -17.75 -6.17
C ILE C 70 68.87 -16.75 -7.24
N VAL C 71 69.61 -15.72 -6.84
CA VAL C 71 70.01 -14.65 -7.74
C VAL C 71 71.41 -14.96 -8.25
N LEU C 72 71.59 -14.88 -9.56
CA LEU C 72 72.83 -15.24 -10.22
C LEU C 72 73.27 -14.12 -11.15
N SER C 73 74.58 -13.91 -11.23
CA SER C 73 75.12 -12.82 -12.04
C SER C 73 74.95 -13.11 -13.52
N ASP C 74 74.57 -12.08 -14.27
CA ASP C 74 74.59 -12.10 -15.73
C ASP C 74 75.08 -10.74 -16.21
N ASP C 75 75.99 -10.75 -17.18
CA ASP C 75 76.46 -9.50 -17.77
C ASP C 75 75.42 -8.93 -18.72
N THR C 76 74.69 -9.80 -19.42
CA THR C 76 73.69 -9.35 -20.37
C THR C 76 72.49 -8.69 -19.66
N CYS C 77 72.25 -9.07 -18.42
CA CYS C 77 71.11 -8.49 -17.68
C CYS C 77 71.32 -7.00 -17.49
N SER C 78 70.25 -6.23 -17.72
CA SER C 78 70.33 -4.79 -17.59
C SER C 78 70.53 -4.39 -16.14
N ASP C 79 71.17 -3.23 -15.94
CA ASP C 79 71.36 -2.73 -14.59
C ASP C 79 70.05 -2.25 -13.99
N GLU C 80 69.13 -1.76 -14.84
CA GLU C 80 67.81 -1.35 -14.41
C GLU C 80 66.74 -2.41 -14.64
N LYS C 81 67.11 -3.63 -15.00
CA LYS C 81 66.17 -4.73 -15.16
C LYS C 81 66.65 -5.97 -14.43
N ILE C 82 65.74 -6.94 -14.28
CA ILE C 82 66.02 -8.23 -13.69
C ILE C 82 65.46 -9.32 -14.60
N ARG C 83 66.29 -10.32 -14.91
CA ARG C 83 65.85 -11.44 -15.73
C ARG C 83 65.12 -12.46 -14.87
N MET C 84 63.89 -12.81 -15.28
CA MET C 84 63.05 -13.73 -14.54
C MET C 84 62.47 -14.78 -15.48
N ASN C 85 62.31 -15.99 -14.97
CA ASN C 85 61.72 -17.05 -15.75
C ASN C 85 60.22 -16.80 -15.96
N ARG C 86 59.58 -17.68 -16.71
CA ARG C 86 58.14 -17.55 -16.89
C ARG C 86 57.38 -17.96 -15.64
N VAL C 87 57.87 -18.99 -14.94
CA VAL C 87 57.16 -19.52 -13.78
C VAL C 87 57.13 -18.52 -12.64
N VAL C 88 58.24 -17.82 -12.41
CA VAL C 88 58.28 -16.85 -11.32
C VAL C 88 57.34 -15.69 -11.61
N ARG C 89 57.24 -15.27 -12.87
CA ARG C 89 56.25 -14.27 -13.24
C ARG C 89 54.84 -14.78 -13.00
N ASN C 90 54.58 -16.04 -13.39
CA ASN C 90 53.24 -16.59 -13.25
C ASN C 90 52.84 -16.75 -11.79
N ASN C 91 53.82 -16.92 -10.90
CA ASN C 91 53.53 -16.87 -9.47
C ASN C 91 53.23 -15.45 -9.01
N LEU C 92 54.04 -14.50 -9.46
CA LEU C 92 54.01 -13.13 -8.96
C LEU C 92 52.98 -12.25 -9.65
N ARG C 93 52.24 -12.78 -10.62
CA ARG C 93 51.19 -12.03 -11.31
C ARG C 93 51.75 -10.75 -11.94
N VAL C 94 52.93 -10.87 -12.55
CA VAL C 94 53.57 -9.73 -13.19
C VAL C 94 53.74 -10.03 -14.67
N ARG C 95 53.62 -8.98 -15.48
CA ARG C 95 53.75 -9.06 -16.92
C ARG C 95 55.10 -8.49 -17.30
N LEU C 96 55.58 -8.87 -18.49
CA LEU C 96 56.88 -8.40 -18.94
C LEU C 96 56.87 -6.88 -19.12
N GLY C 97 57.90 -6.23 -18.56
CA GLY C 97 57.99 -4.79 -18.52
C GLY C 97 57.56 -4.15 -17.23
N ASP C 98 57.08 -4.93 -16.25
CA ASP C 98 56.59 -4.37 -15.00
C ASP C 98 57.74 -4.02 -14.06
N VAL C 99 57.40 -3.53 -12.89
CA VAL C 99 58.36 -3.11 -11.89
C VAL C 99 58.17 -3.96 -10.64
N ILE C 100 59.25 -4.53 -10.15
CA ILE C 100 59.22 -5.38 -8.96
C ILE C 100 60.29 -4.91 -8.00
N SER C 101 60.14 -5.27 -6.72
CA SER C 101 61.15 -5.02 -5.70
C SER C 101 61.83 -6.34 -5.33
N ILE C 102 63.16 -6.31 -5.27
CA ILE C 102 63.97 -7.49 -4.97
C ILE C 102 64.84 -7.19 -3.76
N GLN C 103 64.79 -8.06 -2.76
CA GLN C 103 65.60 -7.95 -1.57
C GLN C 103 66.02 -9.35 -1.11
N PRO C 104 67.11 -9.45 -0.35
CA PRO C 104 67.48 -10.75 0.24
C PRO C 104 66.42 -11.23 1.24
N CYS C 105 66.26 -12.55 1.31
CA CYS C 105 65.40 -13.15 2.32
C CYS C 105 66.25 -13.99 3.26
N PRO C 106 66.51 -13.53 4.48
CA PRO C 106 67.49 -14.21 5.34
C PRO C 106 66.91 -15.36 6.15
N ASP C 107 67.82 -16.15 6.72
CA ASP C 107 67.48 -17.33 7.53
C ASP C 107 66.64 -18.33 6.74
N VAL C 108 67.07 -18.62 5.52
CA VAL C 108 66.46 -19.69 4.75
C VAL C 108 66.99 -21.03 5.23
N LYS C 109 66.11 -21.98 5.48
CA LYS C 109 66.46 -23.20 6.19
C LYS C 109 65.91 -24.42 5.47
N TYR C 110 66.57 -25.56 5.71
CA TYR C 110 66.13 -26.82 5.13
C TYR C 110 64.82 -27.27 5.75
N GLY C 111 63.77 -27.35 4.93
CA GLY C 111 62.45 -27.65 5.46
C GLY C 111 62.39 -29.05 6.04
N LYS C 112 61.56 -29.20 7.09
CA LYS C 112 61.34 -30.50 7.68
C LYS C 112 60.51 -31.40 6.76
N ARG C 113 59.42 -30.86 6.22
CA ARG C 113 58.61 -31.54 5.22
C ARG C 113 57.97 -30.48 4.34
N ILE C 114 57.93 -30.75 3.04
CA ILE C 114 57.34 -29.84 2.07
C ILE C 114 56.37 -30.62 1.20
N HIS C 115 55.13 -30.15 1.14
CA HIS C 115 54.06 -30.77 0.35
C HIS C 115 53.96 -30.06 -0.99
N VAL C 116 54.32 -30.76 -2.06
CA VAL C 116 54.14 -30.28 -3.42
C VAL C 116 53.06 -31.14 -4.06
N LEU C 117 51.96 -30.50 -4.46
CA LEU C 117 50.79 -31.21 -4.95
C LEU C 117 50.57 -30.81 -6.41
N PRO C 118 50.64 -31.74 -7.36
CA PRO C 118 50.45 -31.36 -8.76
C PRO C 118 49.00 -31.02 -9.08
N ILE C 119 48.85 -30.17 -10.11
CA ILE C 119 47.53 -29.79 -10.59
C ILE C 119 46.85 -31.01 -11.21
N ASP C 120 45.52 -31.00 -11.21
CA ASP C 120 44.77 -32.17 -11.68
C ASP C 120 45.03 -32.45 -13.15
N ASP C 121 45.08 -31.40 -13.99
CA ASP C 121 45.12 -31.62 -15.42
C ASP C 121 46.44 -32.25 -15.88
N THR C 122 47.55 -31.83 -15.29
CA THR C 122 48.85 -32.40 -15.66
C THR C 122 49.03 -33.81 -15.11
N VAL C 123 48.29 -34.15 -14.05
CA VAL C 123 48.38 -35.49 -13.46
C VAL C 123 47.95 -36.54 -14.47
N GLU C 124 46.86 -36.28 -15.18
CA GLU C 124 46.35 -37.25 -16.15
C GLU C 124 47.37 -37.49 -17.25
N GLY C 125 47.52 -38.76 -17.64
CA GLY C 125 48.50 -39.16 -18.62
C GLY C 125 49.87 -39.47 -18.08
N ILE C 126 50.06 -39.52 -16.75
CA ILE C 126 51.32 -39.87 -16.14
C ILE C 126 51.08 -41.09 -15.26
N THR C 127 51.67 -42.23 -15.63
CA THR C 127 51.42 -43.46 -14.90
C THR C 127 52.36 -43.63 -13.71
N GLY C 128 53.62 -43.22 -13.86
CA GLY C 128 54.60 -43.45 -12.81
C GLY C 128 54.45 -42.49 -11.66
N ASN C 129 55.24 -42.74 -10.60
CA ASN C 129 55.22 -41.85 -9.45
C ASN C 129 55.75 -40.48 -9.83
N LEU C 130 54.98 -39.45 -9.49
CA LEU C 130 55.35 -38.08 -9.85
C LEU C 130 56.56 -37.62 -9.02
N PHE C 131 56.60 -38.03 -7.75
CA PHE C 131 57.71 -37.65 -6.88
C PHE C 131 59.03 -38.23 -7.38
N GLU C 132 59.01 -39.49 -7.81
CA GLU C 132 60.23 -40.13 -8.29
C GLU C 132 60.66 -39.59 -9.65
N VAL C 133 59.71 -39.45 -10.58
CA VAL C 133 60.05 -39.01 -11.93
C VAL C 133 60.45 -37.53 -11.91
N TYR C 134 59.75 -36.72 -11.13
CA TYR C 134 59.96 -35.28 -11.16
C TYR C 134 60.49 -34.73 -9.84
N LEU C 135 59.76 -34.89 -8.74
CA LEU C 135 60.09 -34.17 -7.51
C LEU C 135 61.45 -34.61 -6.95
N LYS C 136 61.71 -35.91 -6.91
CA LYS C 136 62.96 -36.39 -6.34
C LYS C 136 64.20 -35.92 -7.09
N PRO C 137 64.29 -36.02 -8.43
CA PRO C 137 65.51 -35.53 -9.10
C PRO C 137 65.54 -34.03 -9.29
N TYR C 138 64.38 -33.37 -9.36
CA TYR C 138 64.37 -31.92 -9.53
C TYR C 138 65.03 -31.21 -8.37
N PHE C 139 64.74 -31.65 -7.15
CA PHE C 139 65.27 -31.03 -5.94
C PHE C 139 66.56 -31.70 -5.49
N LEU C 140 67.10 -32.62 -6.28
CA LEU C 140 68.27 -33.40 -5.87
C LEU C 140 69.47 -32.47 -5.80
N GLU C 141 69.72 -31.96 -4.60
CA GLU C 141 70.78 -31.03 -4.25
C GLU C 141 70.64 -29.69 -4.94
N ALA C 142 69.45 -29.36 -5.45
CA ALA C 142 69.23 -28.02 -6.02
C ALA C 142 69.07 -26.99 -4.92
N TYR C 143 68.47 -27.38 -3.79
CA TYR C 143 68.22 -26.47 -2.67
C TYR C 143 67.44 -25.23 -3.12
N ARG C 144 66.41 -25.45 -3.91
CA ARG C 144 65.64 -24.36 -4.47
C ARG C 144 64.83 -23.69 -3.38
N PRO C 145 64.87 -22.36 -3.26
CA PRO C 145 63.95 -21.67 -2.35
C PRO C 145 62.58 -21.51 -2.99
N ILE C 146 61.54 -21.79 -2.20
CA ILE C 146 60.18 -21.77 -2.69
C ILE C 146 59.32 -21.00 -1.69
N ARG C 147 58.10 -20.69 -2.12
CA ARG C 147 57.11 -20.05 -1.27
C ARG C 147 55.81 -20.83 -1.40
N LYS C 148 55.01 -20.79 -0.35
CA LYS C 148 53.78 -21.58 -0.32
C LYS C 148 52.87 -21.18 -1.47
N GLY C 149 52.39 -22.19 -2.20
CA GLY C 149 51.57 -21.95 -3.38
C GLY C 149 52.33 -21.62 -4.64
N ASP C 150 53.64 -21.82 -4.67
CA ASP C 150 54.41 -21.54 -5.88
C ASP C 150 54.04 -22.51 -6.98
N ILE C 151 54.03 -22.01 -8.22
CA ILE C 151 53.63 -22.78 -9.38
C ILE C 151 54.83 -22.93 -10.32
N PHE C 152 55.18 -24.17 -10.61
CA PHE C 152 56.27 -24.48 -11.53
C PHE C 152 55.95 -25.75 -12.31
N LEU C 153 56.55 -25.86 -13.49
CA LEU C 153 56.42 -27.03 -14.35
C LEU C 153 57.75 -27.77 -14.39
N VAL C 154 57.71 -29.07 -14.11
CA VAL C 154 58.91 -29.88 -14.04
C VAL C 154 59.02 -30.68 -15.34
N ARG C 155 60.13 -30.47 -16.04
CA ARG C 155 60.37 -31.17 -17.29
C ARG C 155 60.72 -32.63 -17.02
N GLY C 156 60.69 -33.43 -18.08
CA GLY C 156 60.88 -34.86 -17.95
C GLY C 156 59.57 -35.61 -17.89
N GLY C 157 59.69 -36.93 -17.78
CA GLY C 157 58.52 -37.79 -17.72
C GLY C 157 57.86 -37.96 -19.07
N MET C 158 56.72 -38.66 -19.05
CA MET C 158 55.91 -38.79 -20.26
C MET C 158 55.38 -37.44 -20.69
N ARG C 159 54.84 -36.68 -19.73
CA ARG C 159 54.43 -35.30 -19.93
C ARG C 159 54.92 -34.49 -18.74
N ALA C 160 55.37 -33.28 -19.03
CA ALA C 160 55.78 -32.38 -17.95
C ALA C 160 54.60 -32.09 -17.04
N VAL C 161 54.81 -32.25 -15.74
CA VAL C 161 53.75 -32.19 -14.74
C VAL C 161 53.89 -30.89 -13.95
N GLU C 162 52.82 -30.10 -13.94
CA GLU C 162 52.81 -28.86 -13.20
C GLU C 162 52.59 -29.14 -11.71
N PHE C 163 53.47 -28.60 -10.88
CA PHE C 163 53.48 -28.89 -9.45
C PHE C 163 53.18 -27.61 -8.67
N LYS C 164 52.39 -27.75 -7.61
CA LYS C 164 52.07 -26.64 -6.72
C LYS C 164 52.40 -27.04 -5.29
N VAL C 165 53.21 -26.22 -4.62
CA VAL C 165 53.59 -26.46 -3.23
C VAL C 165 52.55 -25.81 -2.34
N VAL C 166 51.60 -26.64 -1.86
CA VAL C 166 50.49 -26.12 -1.07
C VAL C 166 50.89 -25.92 0.38
N GLU C 167 51.94 -26.61 0.83
CA GLU C 167 52.40 -26.55 2.21
C GLU C 167 53.90 -26.35 2.25
N THR C 168 54.33 -25.32 2.98
CA THR C 168 55.75 -25.04 3.20
C THR C 168 56.03 -24.99 4.70
N ASP C 169 56.92 -25.88 5.15
CA ASP C 169 57.41 -25.83 6.51
C ASP C 169 58.93 -25.66 6.45
N PRO C 170 59.49 -24.61 7.06
CA PRO C 170 58.69 -23.58 7.75
C PRO C 170 58.08 -22.55 6.80
N SER C 171 56.85 -22.12 7.10
CA SER C 171 56.20 -21.10 6.29
C SER C 171 56.91 -19.76 6.46
N PRO C 172 56.98 -18.94 5.39
CA PRO C 172 56.54 -19.20 4.02
C PRO C 172 57.69 -19.48 3.05
N TYR C 173 58.91 -19.33 3.54
CA TYR C 173 60.12 -19.57 2.75
C TYR C 173 60.85 -20.77 3.32
N CYS C 174 61.34 -21.64 2.45
CA CYS C 174 62.06 -22.84 2.87
C CYS C 174 62.90 -23.36 1.72
N ILE C 175 63.83 -24.25 2.05
CA ILE C 175 64.73 -24.88 1.08
C ILE C 175 64.27 -26.32 0.89
N VAL C 176 64.25 -26.76 -0.37
CA VAL C 176 63.96 -28.16 -0.69
C VAL C 176 65.25 -28.99 -0.54
N ALA C 177 65.43 -29.58 0.64
CA ALA C 177 66.55 -30.46 0.91
C ALA C 177 66.21 -31.90 0.53
N PRO C 178 67.22 -32.70 0.17
CA PRO C 178 66.93 -34.11 -0.19
C PRO C 178 66.33 -34.91 0.95
N ASP C 179 66.75 -34.63 2.19
CA ASP C 179 66.25 -35.39 3.34
C ASP C 179 64.85 -34.95 3.70
N THR C 180 64.46 -33.74 3.29
CA THR C 180 63.09 -33.28 3.49
C THR C 180 62.13 -34.21 2.77
N VAL C 181 61.11 -34.67 3.49
CA VAL C 181 60.19 -35.67 2.97
C VAL C 181 59.19 -34.99 2.05
N ILE C 182 59.17 -35.42 0.78
CA ILE C 182 58.37 -34.78 -0.26
C ILE C 182 57.42 -35.82 -0.83
N HIS C 183 56.13 -35.49 -0.87
CA HIS C 183 55.10 -36.42 -1.31
C HIS C 183 54.30 -35.77 -2.43
N CYS C 184 54.29 -36.40 -3.61
CA CYS C 184 53.48 -35.88 -4.71
C CYS C 184 52.00 -36.20 -4.52
N GLU C 185 51.70 -37.30 -3.81
CA GLU C 185 50.33 -37.75 -3.69
C GLU C 185 49.49 -36.73 -2.93
N GLY C 186 48.24 -36.60 -3.34
CA GLY C 186 47.32 -35.67 -2.70
C GLY C 186 46.11 -35.48 -3.58
N GLU C 187 45.13 -34.75 -3.04
CA GLU C 187 43.94 -34.43 -3.82
C GLU C 187 44.32 -33.43 -4.91
N PRO C 188 44.32 -33.83 -6.18
CA PRO C 188 44.86 -32.97 -7.24
C PRO C 188 44.11 -31.64 -7.36
N ILE C 189 44.86 -30.58 -7.57
CA ILE C 189 44.32 -29.23 -7.59
C ILE C 189 43.66 -28.97 -8.94
N LYS C 190 42.48 -28.38 -8.92
CA LYS C 190 41.79 -28.06 -10.17
C LYS C 190 42.51 -26.95 -10.92
N ARG C 191 42.59 -27.09 -12.25
CA ARG C 191 43.11 -26.02 -13.08
C ARG C 191 42.21 -24.80 -13.03
N GLU C 192 40.90 -25.01 -12.87
CA GLU C 192 39.96 -23.90 -12.84
C GLU C 192 40.28 -22.94 -11.69
N ASP C 193 40.59 -23.51 -10.52
CA ASP C 193 40.96 -22.68 -9.37
C ASP C 193 42.26 -21.93 -9.62
N GLU C 194 43.25 -22.61 -10.22
CA GLU C 194 44.52 -21.95 -10.51
C GLU C 194 44.34 -20.79 -11.48
N GLU C 195 43.52 -20.97 -12.51
CA GLU C 195 43.22 -19.89 -13.44
C GLU C 195 42.52 -18.74 -12.74
N GLU C 196 41.56 -19.07 -11.86
CA GLU C 196 40.85 -18.03 -11.12
C GLU C 196 41.81 -17.21 -10.27
N SER C 197 42.74 -17.87 -9.58
CA SER C 197 43.75 -17.14 -8.81
C SER C 197 44.63 -16.31 -9.73
N LEU C 198 45.02 -16.87 -10.87
CA LEU C 198 45.88 -16.14 -11.80
C LEU C 198 45.18 -14.91 -12.35
N ASN C 199 43.88 -15.03 -12.61
CA ASN C 199 43.06 -13.93 -13.10
C ASN C 199 42.40 -13.14 -11.97
N GLU C 200 42.95 -13.21 -10.76
CA GLU C 200 42.37 -12.46 -9.65
C GLU C 200 42.46 -10.96 -9.94
N VAL C 201 41.34 -10.26 -9.70
CA VAL C 201 41.26 -8.86 -10.09
C VAL C 201 42.19 -8.02 -9.22
N GLY C 202 42.99 -7.18 -9.87
CA GLY C 202 43.86 -6.27 -9.17
C GLY C 202 43.73 -4.87 -9.69
N TYR C 203 44.70 -4.03 -9.35
CA TYR C 203 44.66 -2.62 -9.76
C TYR C 203 44.70 -2.47 -11.27
N ASP C 204 45.49 -3.29 -11.96
CA ASP C 204 45.66 -3.10 -13.40
C ASP C 204 44.36 -3.39 -14.16
N ASP C 205 43.42 -4.09 -13.53
CA ASP C 205 42.14 -4.31 -14.18
C ASP C 205 41.26 -3.08 -14.15
N ILE C 206 41.68 -2.04 -13.43
CA ILE C 206 41.00 -0.75 -13.45
C ILE C 206 41.68 0.18 -14.44
N GLY C 207 40.89 0.72 -15.36
CA GLY C 207 41.32 1.85 -16.17
C GLY C 207 40.24 2.91 -16.14
N GLY C 208 40.67 4.16 -16.34
CA GLY C 208 39.76 5.27 -16.36
C GLY C 208 39.43 5.86 -15.02
N CYS C 209 40.08 5.40 -13.95
CA CYS C 209 39.77 5.87 -12.60
C CYS C 209 41.03 6.29 -11.86
N ARG C 210 41.99 6.91 -12.57
CA ARG C 210 43.30 7.15 -11.97
C ARG C 210 43.20 8.08 -10.77
N LYS C 211 42.45 9.17 -10.88
CA LYS C 211 42.28 10.07 -9.74
C LYS C 211 41.50 9.39 -8.62
N GLN C 212 40.40 8.73 -8.97
CA GLN C 212 39.60 8.01 -7.97
C GLN C 212 40.40 6.88 -7.36
N LEU C 213 41.17 6.15 -8.17
CA LEU C 213 42.02 5.10 -7.63
C LEU C 213 43.02 5.69 -6.66
N ALA C 214 43.59 6.85 -6.98
CA ALA C 214 44.52 7.48 -6.06
C ALA C 214 43.84 7.83 -4.75
N GLN C 215 42.60 8.34 -4.81
CA GLN C 215 41.88 8.64 -3.59
C GLN C 215 41.70 7.39 -2.74
N ILE C 216 41.25 6.29 -3.35
CA ILE C 216 40.99 5.08 -2.60
C ILE C 216 42.29 4.51 -2.04
N LYS C 217 43.38 4.65 -2.79
CA LYS C 217 44.69 4.28 -2.28
C LYS C 217 45.02 5.04 -1.01
N GLU C 218 44.83 6.36 -1.03
CA GLU C 218 45.14 7.16 0.15
C GLU C 218 44.25 6.79 1.32
N MET C 219 43.01 6.37 1.04
CA MET C 219 42.15 5.96 2.14
C MET C 219 42.61 4.66 2.77
N VAL C 220 42.93 3.65 1.96
CA VAL C 220 43.09 2.28 2.43
C VAL C 220 44.55 1.90 2.62
N GLU C 221 45.37 2.08 1.59
CA GLU C 221 46.69 1.47 1.57
C GLU C 221 47.64 2.14 2.56
N LEU C 222 47.63 3.47 2.62
CA LEU C 222 48.58 4.18 3.49
C LEU C 222 48.41 3.85 4.96
N PRO C 223 47.21 3.85 5.55
CA PRO C 223 47.12 3.55 6.99
C PRO C 223 47.68 2.19 7.34
N LEU C 224 47.60 1.24 6.42
CA LEU C 224 48.08 -0.12 6.69
C LEU C 224 49.60 -0.18 6.64
N ARG C 225 50.21 0.58 5.72
CA ARG C 225 51.65 0.48 5.53
C ARG C 225 52.40 1.51 6.36
N HIS C 226 51.81 2.69 6.58
CA HIS C 226 52.45 3.77 7.33
C HIS C 226 51.54 4.23 8.46
N PRO C 227 51.36 3.40 9.49
CA PRO C 227 50.65 3.90 10.68
C PRO C 227 51.40 5.03 11.37
N ALA C 228 52.72 5.08 11.18
CA ALA C 228 53.54 6.05 11.91
C ALA C 228 53.18 7.48 11.53
N LEU C 229 52.90 7.71 10.25
CA LEU C 229 52.54 9.05 9.81
C LEU C 229 51.32 9.56 10.55
N PHE C 230 50.29 8.72 10.66
CA PHE C 230 49.04 9.15 11.26
C PHE C 230 49.11 9.15 12.79
N LYS C 231 50.01 8.35 13.37
CA LYS C 231 50.26 8.49 14.80
C LYS C 231 50.96 9.81 15.10
N GLU C 232 51.95 10.18 14.28
CA GLU C 232 52.68 11.41 14.54
C GLU C 232 51.82 12.64 14.28
N ILE C 233 51.13 12.69 13.14
CA ILE C 233 50.38 13.90 12.80
C ILE C 233 49.13 14.01 13.67
N GLY C 234 48.64 12.88 14.18
CA GLY C 234 47.63 12.90 15.22
C GLY C 234 46.19 12.71 14.78
N VAL C 235 45.95 12.25 13.55
CA VAL C 235 44.60 12.11 13.03
C VAL C 235 44.39 10.66 12.59
N LYS C 236 43.22 10.13 12.89
CA LYS C 236 42.87 8.80 12.41
C LYS C 236 42.46 8.90 10.94
N PRO C 237 42.83 7.92 10.12
CA PRO C 237 42.52 8.00 8.69
C PRO C 237 41.03 7.88 8.46
N PRO C 238 40.52 8.42 7.37
CA PRO C 238 39.10 8.23 7.05
C PRO C 238 38.78 6.76 6.79
N ARG C 239 37.79 6.25 7.51
CA ARG C 239 37.45 4.84 7.48
C ARG C 239 36.12 4.52 6.81
N GLY C 240 35.47 5.49 6.19
CA GLY C 240 34.27 5.19 5.44
C GLY C 240 34.30 5.79 4.05
N ILE C 241 34.06 4.98 3.03
CA ILE C 241 34.17 5.41 1.64
C ILE C 241 32.88 5.08 0.93
N LEU C 242 32.34 6.04 0.19
CA LEU C 242 31.14 5.81 -0.61
C LEU C 242 31.48 6.08 -2.06
N LEU C 243 31.32 5.06 -2.90
CA LEU C 243 31.56 5.18 -4.33
C LEU C 243 30.20 5.36 -5.01
N TYR C 244 30.06 6.39 -5.84
CA TYR C 244 28.81 6.61 -6.52
C TYR C 244 29.05 6.91 -8.00
N GLY C 245 28.16 6.41 -8.84
CA GLY C 245 28.24 6.59 -10.26
C GLY C 245 27.28 5.64 -10.93
N PRO C 246 27.03 5.84 -12.22
CA PRO C 246 26.03 5.01 -12.91
C PRO C 246 26.47 3.56 -12.93
N PRO C 247 25.54 2.63 -13.16
CA PRO C 247 25.92 1.22 -13.21
C PRO C 247 26.92 0.94 -14.32
N GLY C 248 27.86 0.04 -14.04
CA GLY C 248 28.84 -0.32 -15.03
C GLY C 248 30.12 0.49 -14.98
N THR C 249 30.21 1.51 -14.14
CA THR C 249 31.44 2.27 -14.05
C THR C 249 32.50 1.51 -13.26
N GLY C 250 32.17 0.34 -12.74
CA GLY C 250 33.15 -0.50 -12.09
C GLY C 250 33.31 -0.33 -10.60
N LYS C 251 32.28 0.15 -9.90
CA LYS C 251 32.42 0.36 -8.46
C LYS C 251 32.66 -0.95 -7.73
N THR C 252 31.91 -2.00 -8.07
CA THR C 252 32.13 -3.30 -7.46
C THR C 252 33.54 -3.79 -7.75
N LEU C 253 33.99 -3.65 -8.99
CA LEU C 253 35.28 -4.19 -9.35
C LEU C 253 36.39 -3.31 -8.79
N ILE C 254 36.15 -2.01 -8.62
CA ILE C 254 37.13 -1.17 -7.94
C ILE C 254 37.28 -1.62 -6.50
N ALA C 255 36.16 -1.89 -5.82
CA ALA C 255 36.23 -2.37 -4.45
C ALA C 255 36.96 -3.70 -4.36
N ARG C 256 36.66 -4.62 -5.28
CA ARG C 256 37.33 -5.91 -5.27
C ARG C 256 38.83 -5.76 -5.53
N ALA C 257 39.20 -4.88 -6.46
CA ALA C 257 40.61 -4.65 -6.74
C ALA C 257 41.33 -4.09 -5.52
N VAL C 258 40.71 -3.13 -4.82
CA VAL C 258 41.33 -2.57 -3.63
C VAL C 258 41.47 -3.64 -2.56
N ALA C 259 40.45 -4.49 -2.42
CA ALA C 259 40.51 -5.54 -1.41
C ALA C 259 41.62 -6.55 -1.71
N ASN C 260 41.78 -6.93 -2.98
CA ASN C 260 42.83 -7.90 -3.32
C ASN C 260 44.21 -7.29 -3.18
N GLU C 261 44.43 -6.10 -3.74
CA GLU C 261 45.79 -5.55 -3.75
C GLU C 261 46.29 -5.26 -2.34
N THR C 262 45.39 -4.92 -1.43
CA THR C 262 45.82 -4.70 -0.06
C THR C 262 45.70 -5.99 0.75
N GLY C 263 46.36 -6.01 1.88
CA GLY C 263 46.29 -7.15 2.77
C GLY C 263 45.01 -7.12 3.59
N ALA C 264 43.87 -7.29 2.93
CA ALA C 264 42.58 -7.22 3.58
C ALA C 264 41.63 -8.24 2.96
N PHE C 265 40.81 -8.86 3.79
CA PHE C 265 39.85 -9.83 3.31
C PHE C 265 38.61 -9.10 2.79
N PHE C 266 38.14 -9.51 1.61
CA PHE C 266 37.02 -8.86 0.96
C PHE C 266 35.74 -9.54 1.41
N PHE C 267 34.88 -8.80 2.09
CA PHE C 267 33.62 -9.31 2.59
C PHE C 267 32.50 -8.51 1.96
N LEU C 268 31.76 -9.12 1.05
CA LEU C 268 30.78 -8.40 0.26
C LEU C 268 29.40 -8.55 0.88
N ILE C 269 28.70 -7.44 0.98
CA ILE C 269 27.32 -7.38 1.44
C ILE C 269 26.51 -6.80 0.29
N ASN C 270 25.41 -7.45 -0.06
CA ASN C 270 24.49 -6.91 -1.05
C ASN C 270 23.24 -6.44 -0.32
N GLY C 271 22.71 -5.30 -0.74
CA GLY C 271 21.64 -4.64 -0.04
C GLY C 271 20.42 -5.51 0.13
N PRO C 272 19.76 -5.82 -0.99
CA PRO C 272 18.54 -6.63 -0.92
C PRO C 272 18.69 -7.97 -0.23
N GLU C 273 19.86 -8.62 -0.30
CA GLU C 273 19.97 -9.93 0.33
C GLU C 273 20.00 -9.81 1.85
N ILE C 274 20.46 -8.66 2.36
CA ILE C 274 20.40 -8.41 3.79
C ILE C 274 18.97 -8.17 4.23
N MET C 275 18.23 -7.42 3.44
CA MET C 275 16.82 -7.14 3.74
C MET C 275 16.09 -8.43 4.04
N SER C 276 15.66 -8.59 5.29
CA SER C 276 15.03 -9.81 5.73
C SER C 276 13.57 -9.54 6.04
N LYS C 277 12.80 -10.62 6.15
CA LYS C 277 11.36 -10.49 6.22
C LYS C 277 10.87 -10.23 7.63
N LEU C 278 11.25 -11.06 8.59
CA LEU C 278 10.76 -10.88 9.95
C LEU C 278 11.49 -9.74 10.64
N ALA C 279 10.91 -9.28 11.75
CA ALA C 279 11.55 -8.25 12.55
C ALA C 279 12.77 -8.82 13.25
N GLY C 280 13.89 -8.12 13.15
CA GLY C 280 15.08 -8.49 13.88
C GLY C 280 16.06 -9.39 13.17
N GLU C 281 15.75 -9.89 11.97
CA GLU C 281 16.75 -10.65 11.23
C GLU C 281 17.59 -9.77 10.32
N SER C 282 17.05 -8.63 9.89
CA SER C 282 17.81 -7.78 8.99
C SER C 282 19.04 -7.21 9.68
N GLU C 283 18.82 -6.39 10.72
CA GLU C 283 19.95 -5.86 11.45
C GLU C 283 20.71 -6.95 12.21
N SER C 284 20.09 -8.10 12.44
CA SER C 284 20.87 -9.23 12.94
C SER C 284 21.90 -9.67 11.91
N ASN C 285 21.49 -9.76 10.65
CA ASN C 285 22.44 -10.11 9.59
C ASN C 285 23.53 -9.05 9.48
N LEU C 286 23.16 -7.78 9.63
CA LEU C 286 24.18 -6.72 9.61
C LEU C 286 25.17 -6.88 10.76
N ARG C 287 24.69 -7.16 11.96
CA ARG C 287 25.58 -7.37 13.09
C ARG C 287 26.51 -8.55 12.82
N LYS C 288 25.95 -9.65 12.32
CA LYS C 288 26.77 -10.83 12.06
C LYS C 288 27.81 -10.55 11.00
N ALA C 289 27.44 -9.79 9.97
CA ALA C 289 28.39 -9.43 8.92
C ALA C 289 29.53 -8.60 9.45
N PHE C 290 29.23 -7.57 10.25
CA PHE C 290 30.30 -6.76 10.81
C PHE C 290 31.17 -7.58 11.75
N GLU C 291 30.56 -8.48 12.51
CA GLU C 291 31.33 -9.33 13.42
C GLU C 291 32.29 -10.23 12.64
N GLU C 292 31.83 -10.82 11.54
CA GLU C 292 32.72 -11.63 10.72
C GLU C 292 33.84 -10.79 10.14
N ALA C 293 33.51 -9.61 9.60
CA ALA C 293 34.54 -8.77 9.00
C ALA C 293 35.54 -8.32 10.04
N GLU C 294 35.14 -8.23 11.30
CA GLU C 294 36.12 -7.97 12.35
C GLU C 294 36.95 -9.22 12.64
N LYS C 295 36.35 -10.41 12.52
CA LYS C 295 37.12 -11.63 12.73
C LYS C 295 38.22 -11.76 11.68
N ASN C 296 37.94 -11.39 10.44
CA ASN C 296 38.93 -11.39 9.37
C ASN C 296 39.63 -10.04 9.28
N ALA C 297 40.06 -9.54 10.44
CA ALA C 297 40.74 -8.26 10.49
C ALA C 297 42.18 -8.42 9.98
N PRO C 298 42.64 -7.51 9.10
CA PRO C 298 41.86 -6.42 8.50
C PRO C 298 41.01 -6.88 7.32
N ALA C 299 39.90 -6.20 7.08
CA ALA C 299 38.97 -6.57 6.02
C ALA C 299 38.34 -5.32 5.42
N ILE C 300 37.77 -5.50 4.23
CA ILE C 300 37.04 -4.45 3.53
C ILE C 300 35.61 -4.91 3.37
N ILE C 301 34.68 -4.17 3.96
CA ILE C 301 33.26 -4.46 3.85
C ILE C 301 32.73 -3.67 2.67
N PHE C 302 32.18 -4.35 1.69
CA PHE C 302 31.59 -3.67 0.54
C PHE C 302 30.10 -3.89 0.58
N ILE C 303 29.34 -2.81 0.63
CA ILE C 303 27.89 -2.87 0.74
C ILE C 303 27.32 -2.42 -0.59
N ASP C 304 27.14 -3.35 -1.51
CA ASP C 304 26.56 -3.03 -2.81
C ASP C 304 25.12 -2.59 -2.63
N GLU C 305 24.71 -1.64 -3.46
CA GLU C 305 23.36 -1.08 -3.40
C GLU C 305 23.02 -0.62 -1.99
N LEU C 306 23.72 0.41 -1.54
CA LEU C 306 23.39 1.00 -0.25
C LEU C 306 22.09 1.78 -0.31
N ASP C 307 21.69 2.22 -1.49
CA ASP C 307 20.45 2.97 -1.62
C ASP C 307 19.24 2.10 -1.29
N ALA C 308 19.32 0.82 -1.59
CA ALA C 308 18.20 -0.08 -1.30
C ALA C 308 18.13 -0.40 0.19
N ILE C 309 19.28 -0.64 0.81
CA ILE C 309 19.30 -1.06 2.20
C ILE C 309 18.99 0.11 3.12
N ALA C 310 19.47 1.31 2.81
CA ALA C 310 19.48 2.43 3.73
C ALA C 310 18.88 3.68 3.10
N PRO C 311 17.56 3.74 2.94
CA PRO C 311 16.91 4.99 2.54
C PRO C 311 16.67 5.88 3.73
N LYS C 312 16.12 7.06 3.46
CA LYS C 312 15.94 8.05 4.51
C LYS C 312 14.88 7.59 5.51
N ARG C 313 15.21 7.73 6.79
CA ARG C 313 14.28 7.29 7.84
C ARG C 313 13.03 8.15 7.87
N GLU C 314 13.16 9.43 7.55
CA GLU C 314 11.96 10.27 7.46
C GLU C 314 11.09 9.88 6.28
N LYS C 315 11.71 9.54 5.15
CA LYS C 315 10.94 9.31 3.93
C LYS C 315 10.16 8.02 3.97
N THR C 316 10.80 6.94 4.41
CA THR C 316 10.19 5.61 4.33
C THR C 316 9.16 5.42 5.43
N HIS C 317 8.12 4.64 5.12
CA HIS C 317 7.09 4.38 6.12
C HIS C 317 7.36 3.07 6.87
N GLY C 318 7.92 2.08 6.18
CA GLY C 318 8.21 0.80 6.81
C GLY C 318 9.17 0.92 7.97
N GLU C 319 8.86 0.24 9.08
CA GLU C 319 9.74 0.30 10.23
C GLU C 319 11.09 -0.36 9.96
N VAL C 320 11.08 -1.45 9.20
CA VAL C 320 12.27 -2.27 9.06
C VAL C 320 13.41 -1.47 8.44
N GLU C 321 13.11 -0.65 7.44
CA GLU C 321 14.14 0.16 6.82
C GLU C 321 14.74 1.15 7.81
N ARG C 322 13.90 1.75 8.66
CA ARG C 322 14.40 2.69 9.65
C ARG C 322 15.29 1.99 10.67
N ARG C 323 14.91 0.79 11.09
CA ARG C 323 15.75 0.07 12.04
C ARG C 323 17.04 -0.39 11.40
N ILE C 324 17.02 -0.71 10.09
CA ILE C 324 18.25 -1.06 9.40
C ILE C 324 19.20 0.13 9.37
N VAL C 325 18.68 1.31 9.03
CA VAL C 325 19.54 2.49 9.00
C VAL C 325 20.10 2.77 10.38
N SER C 326 19.28 2.66 11.43
CA SER C 326 19.77 2.93 12.78
C SER C 326 20.86 1.93 13.18
N GLN C 327 20.67 0.65 12.86
CA GLN C 327 21.68 -0.34 13.20
C GLN C 327 22.97 -0.09 12.44
N LEU C 328 22.86 0.29 11.16
CA LEU C 328 24.06 0.58 10.39
C LEU C 328 24.80 1.78 10.97
N LEU C 329 24.07 2.82 11.35
CA LEU C 329 24.70 3.97 12.00
C LEU C 329 25.41 3.54 13.28
N THR C 330 24.74 2.73 14.10
CA THR C 330 25.33 2.32 15.37
C THR C 330 26.57 1.47 15.16
N LEU C 331 26.53 0.54 14.20
CA LEU C 331 27.69 -0.30 13.93
C LEU C 331 28.84 0.53 13.40
N MET C 332 28.54 1.54 12.61
CA MET C 332 29.57 2.30 11.92
C MET C 332 30.20 3.29 12.89
N ASP C 333 29.37 4.02 13.62
CA ASP C 333 29.81 5.00 14.60
C ASP C 333 28.84 5.03 15.78
N GLY C 334 29.34 4.74 16.98
CA GLY C 334 28.51 4.80 18.16
C GLY C 334 29.35 4.94 19.40
N LEU C 335 28.72 4.65 20.55
CA LEU C 335 29.48 4.62 21.79
C LEU C 335 30.54 3.52 21.71
N LYS C 336 30.27 2.49 20.92
CA LYS C 336 31.27 1.53 20.47
C LYS C 336 31.44 1.66 18.96
N GLN C 337 32.65 1.98 18.52
CA GLN C 337 32.92 2.21 17.11
C GLN C 337 33.75 1.08 16.55
N ARG C 338 33.76 0.97 15.23
CA ARG C 338 34.69 0.07 14.58
C ARG C 338 36.11 0.55 14.81
N ALA C 339 37.03 -0.40 14.99
CA ALA C 339 38.41 -0.03 15.31
C ALA C 339 39.26 0.14 14.06
N HIS C 340 39.30 -0.87 13.18
CA HIS C 340 40.29 -0.88 12.11
C HIS C 340 39.73 -1.36 10.78
N VAL C 341 38.41 -1.31 10.61
CA VAL C 341 37.80 -1.74 9.34
C VAL C 341 37.50 -0.53 8.48
N ILE C 342 37.61 -0.69 7.17
CA ILE C 342 37.21 0.31 6.20
C ILE C 342 35.94 -0.19 5.51
N VAL C 343 34.89 0.62 5.54
CA VAL C 343 33.59 0.27 4.98
C VAL C 343 33.44 1.02 3.68
N MET C 344 33.10 0.29 2.61
CA MET C 344 32.91 0.90 1.30
C MET C 344 31.54 0.53 0.78
N ALA C 345 30.79 1.51 0.32
CA ALA C 345 29.46 1.28 -0.19
C ALA C 345 29.34 1.88 -1.58
N ALA C 346 28.58 1.23 -2.45
CA ALA C 346 28.37 1.70 -3.81
C ALA C 346 26.90 2.02 -3.97
N THR C 347 26.62 3.11 -4.68
CA THR C 347 25.25 3.53 -4.94
C THR C 347 25.19 4.34 -6.21
N ASN C 348 24.21 4.04 -7.07
CA ASN C 348 24.04 4.82 -8.28
C ASN C 348 23.62 6.24 -7.96
N ARG C 349 22.77 6.39 -6.95
CA ARG C 349 22.24 7.68 -6.55
C ARG C 349 22.60 7.93 -5.08
N PRO C 350 23.44 8.92 -4.78
CA PRO C 350 23.84 9.10 -3.39
C PRO C 350 22.83 9.87 -2.57
N ASN C 351 21.99 10.70 -3.21
CA ASN C 351 21.05 11.51 -2.47
C ASN C 351 19.97 10.68 -1.78
N SER C 352 19.69 9.48 -2.29
CA SER C 352 18.70 8.64 -1.65
C SER C 352 19.22 8.07 -0.33
N ILE C 353 20.54 8.11 -0.11
CA ILE C 353 21.08 7.65 1.15
C ILE C 353 20.61 8.58 2.26
N ASP C 354 20.26 8.00 3.40
CA ASP C 354 19.93 8.80 4.56
C ASP C 354 21.09 9.71 4.92
N PRO C 355 20.83 10.99 5.17
CA PRO C 355 21.95 11.92 5.38
C PRO C 355 22.86 11.57 6.55
N ALA C 356 22.34 10.95 7.60
CA ALA C 356 23.17 10.66 8.77
C ALA C 356 24.30 9.71 8.41
N LEU C 357 24.09 8.85 7.41
CA LEU C 357 25.19 8.00 6.96
C LEU C 357 26.29 8.80 6.29
N ARG C 358 25.93 9.87 5.58
CA ARG C 358 26.87 10.71 4.89
C ARG C 358 27.60 11.69 5.81
N ARG C 359 27.54 11.46 7.12
CA ARG C 359 28.24 12.30 8.09
C ARG C 359 29.73 12.04 8.02
N PHE C 360 30.49 12.83 8.79
CA PHE C 360 31.92 12.57 8.92
C PHE C 360 32.18 11.16 9.41
N GLY C 361 31.86 10.87 10.66
CA GLY C 361 32.35 9.65 11.29
C GLY C 361 32.04 8.40 10.49
N ARG C 362 30.95 8.43 9.72
CA ARG C 362 30.48 7.21 9.09
C ARG C 362 31.00 7.08 7.67
N PHE C 363 30.52 7.91 6.74
CA PHE C 363 30.99 7.84 5.36
C PHE C 363 31.80 9.10 5.09
N ASP C 364 33.09 9.03 5.43
CA ASP C 364 33.96 10.19 5.41
C ASP C 364 33.97 10.85 4.03
N ARG C 365 34.34 10.11 3.00
CA ARG C 365 34.59 10.66 1.68
C ARG C 365 33.74 9.96 0.65
N GLU C 366 33.25 10.73 -0.31
CA GLU C 366 32.45 10.21 -1.42
C GLU C 366 33.25 10.36 -2.70
N VAL C 367 33.45 9.25 -3.41
CA VAL C 367 34.29 9.19 -4.59
C VAL C 367 33.40 8.93 -5.79
N ASP C 368 33.43 9.83 -6.77
CA ASP C 368 32.54 9.76 -7.92
C ASP C 368 33.21 8.98 -9.04
N ILE C 369 32.79 7.74 -9.25
CA ILE C 369 33.25 6.93 -10.36
C ILE C 369 32.35 7.18 -11.54
N GLY C 370 32.81 8.00 -12.49
CA GLY C 370 31.98 8.46 -13.58
C GLY C 370 32.42 7.86 -14.90
N ILE C 371 31.77 8.34 -15.96
CA ILE C 371 32.10 7.86 -17.31
C ILE C 371 33.54 8.25 -17.64
N PRO C 372 34.37 7.34 -18.12
CA PRO C 372 35.78 7.66 -18.33
C PRO C 372 35.97 8.61 -19.51
N ASP C 373 37.07 9.37 -19.46
CA ASP C 373 37.47 10.18 -20.59
C ASP C 373 38.24 9.32 -21.60
N ALA C 374 38.75 9.99 -22.65
CA ALA C 374 39.32 9.28 -23.79
C ALA C 374 40.47 8.36 -23.38
N THR C 375 41.43 8.90 -22.63
CA THR C 375 42.54 8.09 -22.17
C THR C 375 42.06 6.94 -21.29
N GLY C 376 41.09 7.22 -20.40
CA GLY C 376 40.61 6.19 -19.51
C GLY C 376 39.93 5.04 -20.22
N ARG C 377 39.07 5.35 -21.19
CA ARG C 377 38.43 4.27 -21.92
C ARG C 377 39.42 3.57 -22.85
N LEU C 378 40.47 4.28 -23.27
CA LEU C 378 41.57 3.60 -23.93
C LEU C 378 42.15 2.51 -23.02
N GLU C 379 42.38 2.87 -21.75
CA GLU C 379 42.92 1.90 -20.81
C GLU C 379 41.95 0.74 -20.60
N ILE C 380 40.67 1.02 -20.47
CA ILE C 380 39.67 -0.03 -20.26
C ILE C 380 39.66 -0.99 -21.44
N LEU C 381 39.71 -0.46 -22.65
CA LEU C 381 39.75 -1.29 -23.84
C LEU C 381 41.00 -2.16 -23.88
N GLN C 382 42.15 -1.58 -23.54
CA GLN C 382 43.37 -2.37 -23.48
C GLN C 382 43.22 -3.50 -22.47
N ILE C 383 42.66 -3.20 -21.30
CA ILE C 383 42.56 -4.20 -20.22
C ILE C 383 41.66 -5.36 -20.64
N HIS C 384 40.49 -5.07 -21.20
CA HIS C 384 39.63 -6.17 -21.63
C HIS C 384 40.16 -6.85 -22.88
N THR C 385 41.09 -6.21 -23.58
CA THR C 385 41.62 -6.82 -24.79
C THR C 385 42.95 -7.54 -24.59
N LYS C 386 43.51 -7.52 -23.37
CA LYS C 386 44.80 -8.17 -23.15
C LYS C 386 44.72 -9.66 -23.40
N ASN C 387 43.64 -10.30 -22.95
CA ASN C 387 43.52 -11.75 -23.10
C ASN C 387 43.28 -12.15 -24.55
N MET C 388 42.47 -11.38 -25.27
CA MET C 388 42.09 -11.74 -26.61
C MET C 388 43.17 -11.31 -27.61
N LYS C 389 43.43 -12.17 -28.60
CA LYS C 389 44.45 -11.88 -29.58
C LYS C 389 43.98 -10.78 -30.53
N LEU C 390 44.90 -9.91 -30.92
CA LEU C 390 44.59 -8.72 -31.70
C LEU C 390 45.44 -8.68 -32.96
N ALA C 391 44.82 -8.32 -34.07
CA ALA C 391 45.56 -8.16 -35.32
C ALA C 391 46.35 -6.86 -35.31
N ASP C 392 47.22 -6.71 -36.31
CA ASP C 392 48.12 -5.56 -36.35
C ASP C 392 47.39 -4.30 -36.78
N ASP C 393 46.26 -4.47 -37.48
CA ASP C 393 45.49 -3.30 -37.91
C ASP C 393 44.73 -2.67 -36.75
N VAL C 394 44.59 -3.38 -35.65
CA VAL C 394 43.78 -2.92 -34.52
C VAL C 394 44.43 -1.69 -33.92
N ASP C 395 43.63 -0.62 -33.80
CA ASP C 395 44.07 0.64 -33.19
C ASP C 395 43.03 1.03 -32.14
N LEU C 396 43.34 0.80 -30.86
CA LEU C 396 42.36 1.02 -29.81
C LEU C 396 42.07 2.50 -29.64
N GLU C 397 42.87 3.36 -30.26
CA GLU C 397 42.61 4.80 -30.15
C GLU C 397 41.37 5.20 -30.97
N GLN C 398 41.07 4.47 -32.04
CA GLN C 398 39.85 4.74 -32.78
C GLN C 398 38.63 4.61 -31.88
N VAL C 399 38.47 3.44 -31.25
CA VAL C 399 37.34 3.22 -30.35
C VAL C 399 37.46 4.08 -29.11
N ALA C 400 38.68 4.40 -28.68
CA ALA C 400 38.86 5.24 -27.50
C ALA C 400 38.33 6.65 -27.74
N ASN C 401 38.51 7.18 -28.95
CA ASN C 401 37.88 8.47 -29.26
C ASN C 401 36.39 8.32 -29.56
N GLU C 402 36.01 7.24 -30.25
CA GLU C 402 34.63 7.15 -30.74
C GLU C 402 33.62 6.98 -29.62
N THR C 403 33.93 6.14 -28.62
CA THR C 403 32.96 5.83 -27.56
C THR C 403 32.95 6.96 -26.53
N HIS C 404 32.07 7.93 -26.76
CA HIS C 404 32.13 9.18 -26.01
C HIS C 404 31.59 9.04 -24.59
N GLY C 405 30.54 8.25 -24.42
CA GLY C 405 29.93 8.10 -23.12
C GLY C 405 29.76 6.68 -22.61
N HIS C 406 30.51 5.72 -23.13
CA HIS C 406 30.38 4.35 -22.67
C HIS C 406 30.89 4.20 -21.24
N VAL C 407 30.15 3.46 -20.42
CA VAL C 407 30.45 3.41 -18.99
C VAL C 407 31.70 2.60 -18.71
N GLY C 408 31.84 1.40 -19.31
CA GLY C 408 32.94 0.50 -19.01
C GLY C 408 32.51 -0.95 -18.89
N ALA C 409 31.29 -1.20 -18.43
CA ALA C 409 30.71 -2.52 -18.62
C ALA C 409 30.25 -2.68 -20.06
N ASP C 410 29.83 -1.57 -20.67
CA ASP C 410 29.43 -1.60 -22.06
C ASP C 410 30.65 -1.64 -22.99
N LEU C 411 31.79 -1.12 -22.53
CA LEU C 411 33.02 -1.38 -23.28
C LEU C 411 33.38 -2.87 -23.25
N ALA C 412 33.16 -3.52 -22.11
CA ALA C 412 33.29 -4.96 -22.08
C ALA C 412 32.31 -5.61 -23.05
N ALA C 413 31.11 -5.04 -23.18
CA ALA C 413 30.17 -5.52 -24.19
C ALA C 413 30.75 -5.37 -25.58
N LEU C 414 31.34 -4.21 -25.87
CA LEU C 414 31.94 -3.96 -27.18
C LEU C 414 33.03 -4.96 -27.49
N CYS C 415 33.93 -5.19 -26.52
CA CYS C 415 35.02 -6.12 -26.74
C CYS C 415 34.51 -7.55 -26.92
N SER C 416 33.53 -7.96 -26.10
CA SER C 416 33.02 -9.31 -26.20
C SER C 416 32.29 -9.52 -27.52
N GLU C 417 31.57 -8.51 -27.99
CA GLU C 417 30.87 -8.64 -29.26
C GLU C 417 31.84 -8.55 -30.43
N ALA C 418 32.94 -7.81 -30.29
CA ALA C 418 33.96 -7.82 -31.33
C ALA C 418 34.61 -9.18 -31.45
N ALA C 419 34.93 -9.80 -30.31
CA ALA C 419 35.45 -11.17 -30.34
C ALA C 419 34.43 -12.12 -30.93
N LEU C 420 33.16 -11.99 -30.53
CA LEU C 420 32.15 -12.88 -31.07
C LEU C 420 31.87 -12.59 -32.53
N GLN C 421 32.15 -11.37 -32.99
CA GLN C 421 31.97 -11.03 -34.40
C GLN C 421 33.04 -11.67 -35.26
N ALA C 422 34.30 -11.57 -34.82
CA ALA C 422 35.36 -12.30 -35.50
C ALA C 422 35.07 -13.80 -35.48
N ILE C 423 34.61 -14.30 -34.35
CA ILE C 423 34.37 -15.74 -34.21
C ILE C 423 33.23 -16.19 -35.10
N ARG C 424 32.21 -15.34 -35.27
CA ARG C 424 31.06 -15.72 -36.08
C ARG C 424 31.38 -15.64 -37.56
N LYS C 425 32.19 -14.65 -37.96
CA LYS C 425 32.70 -14.67 -39.33
C LYS C 425 33.49 -15.95 -39.58
N LYS C 426 34.28 -16.37 -38.60
CA LYS C 426 35.07 -17.58 -38.78
C LYS C 426 34.19 -18.83 -38.87
N MET C 427 33.19 -18.97 -37.99
CA MET C 427 32.28 -20.12 -38.14
C MET C 427 31.51 -20.05 -39.45
N ASP C 428 31.29 -18.86 -39.97
CA ASP C 428 30.68 -18.76 -41.29
C ASP C 428 31.62 -19.29 -42.37
N LEU C 429 32.91 -18.93 -42.30
CA LEU C 429 33.87 -19.41 -43.28
C LEU C 429 34.05 -20.92 -43.21
N ILE C 430 34.10 -21.47 -42.00
CA ILE C 430 34.27 -22.90 -41.84
C ILE C 430 32.93 -23.60 -42.04
N ASP C 431 33.00 -24.89 -42.40
CA ASP C 431 31.80 -25.68 -42.57
C ASP C 431 30.98 -25.73 -41.29
N LEU C 432 31.65 -25.91 -40.15
CA LEU C 432 31.12 -25.96 -38.79
C LEU C 432 30.43 -27.28 -38.47
N GLU C 433 30.33 -28.21 -39.41
CA GLU C 433 29.81 -29.54 -39.11
C GLU C 433 30.91 -30.52 -38.71
N ASP C 434 32.15 -30.07 -38.66
CA ASP C 434 33.23 -30.89 -38.14
C ASP C 434 33.04 -31.13 -36.64
N GLU C 435 33.49 -32.29 -36.16
CA GLU C 435 33.43 -32.54 -34.73
C GLU C 435 34.39 -31.59 -33.98
N THR C 436 35.53 -31.27 -34.59
CA THR C 436 36.49 -30.33 -34.03
C THR C 436 37.13 -29.53 -35.16
N ILE C 437 37.18 -28.22 -35.00
CA ILE C 437 37.82 -27.35 -35.99
C ILE C 437 39.32 -27.31 -35.74
N ASP C 438 40.09 -27.18 -36.82
CA ASP C 438 41.53 -27.34 -36.78
C ASP C 438 42.21 -26.26 -35.96
N ALA C 439 43.37 -26.61 -35.38
CA ALA C 439 44.15 -25.67 -34.60
C ALA C 439 44.71 -24.56 -35.48
N GLU C 440 45.07 -24.88 -36.72
CA GLU C 440 45.51 -23.84 -37.65
C GLU C 440 44.40 -22.84 -37.90
N VAL C 441 43.14 -23.29 -37.81
CA VAL C 441 42.01 -22.36 -37.94
C VAL C 441 41.98 -21.42 -36.74
N MET C 442 42.31 -21.92 -35.55
CA MET C 442 42.51 -21.02 -34.42
C MET C 442 43.62 -20.03 -34.71
N ASN C 443 44.72 -20.52 -35.29
CA ASN C 443 45.82 -19.62 -35.65
C ASN C 443 45.37 -18.60 -36.69
N SER C 444 44.31 -18.93 -37.44
CA SER C 444 43.76 -17.98 -38.40
C SER C 444 43.01 -16.86 -37.70
N LEU C 445 42.42 -17.15 -36.55
CA LEU C 445 41.49 -16.21 -35.93
C LEU C 445 42.23 -15.10 -35.20
N ALA C 446 41.84 -13.85 -35.46
CA ALA C 446 42.41 -12.69 -34.81
C ALA C 446 41.39 -11.56 -34.84
N VAL C 447 41.38 -10.77 -33.77
CA VAL C 447 40.50 -9.61 -33.72
C VAL C 447 40.96 -8.59 -34.77
N THR C 448 40.04 -8.15 -35.61
CA THR C 448 40.36 -7.23 -36.70
C THR C 448 39.61 -5.93 -36.48
N MET C 449 40.08 -4.88 -37.16
CA MET C 449 39.44 -3.57 -37.02
C MET C 449 38.02 -3.59 -37.58
N ASP C 450 37.72 -4.49 -38.50
CA ASP C 450 36.35 -4.62 -38.96
C ASP C 450 35.44 -5.04 -37.80
N ASP C 451 35.95 -5.89 -36.91
CA ASP C 451 35.18 -6.33 -35.76
C ASP C 451 34.82 -5.16 -34.86
N PHE C 452 35.81 -4.30 -34.57
CA PHE C 452 35.51 -3.08 -33.81
C PHE C 452 34.57 -2.16 -34.57
N ARG C 453 34.76 -1.97 -35.87
CA ARG C 453 33.89 -1.02 -36.56
C ARG C 453 32.44 -1.49 -36.51
N TRP C 454 32.20 -2.78 -36.71
CA TRP C 454 30.84 -3.28 -36.57
C TRP C 454 30.34 -3.12 -35.13
N ALA C 455 31.18 -3.43 -34.15
CA ALA C 455 30.75 -3.33 -32.76
C ALA C 455 30.40 -1.90 -32.38
N LEU C 456 31.26 -0.96 -32.75
CA LEU C 456 31.00 0.45 -32.48
C LEU C 456 29.76 0.93 -33.20
N SER C 457 29.44 0.33 -34.35
CA SER C 457 28.10 0.53 -34.90
C SER C 457 27.04 0.01 -33.95
N GLN C 458 27.32 -1.12 -33.28
CA GLN C 458 26.34 -1.73 -32.37
C GLN C 458 26.37 -1.10 -30.98
N SER C 459 27.53 -0.62 -30.53
CA SER C 459 27.68 -0.28 -29.12
C SER C 459 27.05 1.06 -28.78
N ASN C 460 26.41 1.10 -27.62
CA ASN C 460 25.76 2.27 -27.04
C ASN C 460 25.98 2.26 -25.54
N PRO C 461 26.04 3.43 -24.90
CA PRO C 461 26.07 3.44 -23.44
C PRO C 461 24.77 2.88 -22.87
N SER C 462 24.92 2.10 -21.81
CA SER C 462 23.74 1.62 -21.08
C SER C 462 23.02 2.78 -20.41
N ALA C 463 23.70 3.90 -20.25
CA ALA C 463 23.03 5.11 -19.80
C ALA C 463 21.94 5.53 -20.77
N LEU C 464 22.23 5.47 -22.06
CA LEU C 464 21.32 5.94 -23.10
C LEU C 464 20.46 4.83 -23.67
N ARG C 465 20.55 3.60 -23.17
CA ARG C 465 19.84 2.48 -23.78
C ARG C 465 18.33 2.67 -23.69
N GLU C 466 17.89 3.59 -22.83
CA GLU C 466 16.47 3.94 -22.77
C GLU C 466 16.08 4.88 -23.90
N THR C 467 16.92 5.88 -24.17
CA THR C 467 16.59 6.91 -25.16
C THR C 467 17.17 6.53 -26.53
N VAL C 468 16.93 5.27 -26.91
CA VAL C 468 17.48 4.73 -28.15
C VAL C 468 16.36 4.62 -29.18
N VAL C 469 16.58 5.28 -30.31
CA VAL C 469 15.75 5.12 -31.50
C VAL C 469 16.65 4.65 -32.62
N GLU C 470 16.05 3.94 -33.57
CA GLU C 470 16.77 3.50 -34.75
C GLU C 470 16.83 4.67 -35.73
N VAL C 471 17.99 5.32 -35.82
CA VAL C 471 18.19 6.39 -36.78
C VAL C 471 18.38 5.77 -38.16
N PRO C 472 17.82 6.37 -39.20
CA PRO C 472 17.74 5.71 -40.52
C PRO C 472 18.93 5.89 -41.45
N GLN C 473 20.14 6.15 -40.92
CA GLN C 473 21.35 6.17 -41.74
C GLN C 473 21.32 7.29 -42.79
N VAL C 474 21.25 8.54 -42.31
CA VAL C 474 21.46 9.69 -43.18
C VAL C 474 22.89 10.18 -43.01
N THR C 475 23.52 10.54 -44.12
CA THR C 475 24.86 11.12 -44.12
C THR C 475 24.77 12.58 -44.52
N TRP C 476 25.85 13.33 -44.26
CA TRP C 476 25.87 14.73 -44.68
C TRP C 476 25.70 14.85 -46.18
N GLU C 477 26.08 13.81 -46.93
CA GLU C 477 25.97 13.87 -48.38
C GLU C 477 24.53 13.70 -48.82
N ASP C 478 23.67 13.18 -47.94
CA ASP C 478 22.28 12.97 -48.32
C ASP C 478 21.49 14.27 -48.28
N ILE C 479 21.99 15.27 -47.58
CA ILE C 479 21.31 16.56 -47.53
C ILE C 479 21.81 17.41 -48.69
N GLY C 480 20.87 18.01 -49.42
CA GLY C 480 21.24 18.84 -50.53
C GLY C 480 21.10 20.32 -50.21
N GLY C 481 22.07 21.12 -50.59
CA GLY C 481 22.05 22.50 -50.21
C GLY C 481 22.41 22.66 -48.74
N LEU C 482 22.03 23.82 -48.19
CA LEU C 482 22.27 24.12 -46.77
C LEU C 482 23.74 23.94 -46.41
N GLU C 483 24.64 24.37 -47.29
CA GLU C 483 26.06 24.17 -47.03
C GLU C 483 26.51 24.96 -45.82
N ASP C 484 26.02 26.20 -45.70
CA ASP C 484 26.37 27.01 -44.53
C ASP C 484 25.88 26.35 -43.25
N VAL C 485 24.66 25.82 -43.26
CA VAL C 485 24.11 25.21 -42.06
C VAL C 485 24.83 23.92 -41.72
N LYS C 486 25.17 23.11 -42.72
CA LYS C 486 25.98 21.92 -42.46
C LYS C 486 27.29 22.30 -41.81
N ARG C 487 27.96 23.30 -42.38
CA ARG C 487 29.24 23.71 -41.81
C ARG C 487 29.07 24.19 -40.38
N GLU C 488 28.03 24.98 -40.12
CA GLU C 488 27.83 25.51 -38.77
C GLU C 488 27.53 24.41 -37.76
N LEU C 489 26.71 23.42 -38.13
CA LEU C 489 26.44 22.34 -37.19
C LEU C 489 27.70 21.50 -36.91
N GLN C 490 28.48 21.23 -37.95
CA GLN C 490 29.73 20.51 -37.73
C GLN C 490 30.65 21.32 -36.82
N GLU C 491 30.73 22.64 -37.03
CA GLU C 491 31.51 23.48 -36.15
C GLU C 491 31.02 23.35 -34.72
N LEU C 492 29.71 23.48 -34.52
CA LEU C 492 29.11 23.42 -33.20
C LEU C 492 29.53 22.18 -32.45
N VAL C 493 29.33 21.02 -33.07
CA VAL C 493 29.54 19.77 -32.35
C VAL C 493 31.03 19.40 -32.28
N GLN C 494 31.84 19.96 -33.18
CA GLN C 494 33.22 19.47 -33.31
C GLN C 494 34.21 20.35 -32.56
N TYR C 495 34.03 21.67 -32.58
CA TYR C 495 35.06 22.55 -32.04
C TYR C 495 35.25 22.44 -30.54
N PRO C 496 34.20 22.46 -29.70
CA PRO C 496 34.44 22.31 -28.26
C PRO C 496 35.05 20.98 -27.87
N VAL C 497 34.80 19.91 -28.64
CA VAL C 497 35.31 18.61 -28.24
C VAL C 497 36.68 18.34 -28.84
N GLU C 498 36.85 18.61 -30.14
CA GLU C 498 38.12 18.29 -30.78
C GLU C 498 39.20 19.31 -30.44
N HIS C 499 38.82 20.54 -30.15
CA HIS C 499 39.77 21.64 -29.99
C HIS C 499 39.48 22.41 -28.72
N PRO C 500 39.66 21.78 -27.55
CA PRO C 500 39.40 22.52 -26.30
C PRO C 500 40.50 23.48 -25.93
N ASP C 501 41.75 23.19 -26.33
CA ASP C 501 42.84 24.10 -26.02
C ASP C 501 42.62 25.43 -26.72
N LYS C 502 42.03 25.41 -27.91
CA LYS C 502 41.77 26.64 -28.63
C LYS C 502 40.81 27.52 -27.87
N PHE C 503 39.81 26.92 -27.23
CA PHE C 503 38.86 27.70 -26.45
C PHE C 503 39.49 28.18 -25.15
N LEU C 504 40.33 27.35 -24.54
CA LEU C 504 41.01 27.78 -23.31
C LEU C 504 41.97 28.93 -23.58
N LYS C 505 42.66 28.91 -24.72
CA LYS C 505 43.57 29.99 -25.04
C LYS C 505 42.83 31.29 -25.28
N PHE C 506 41.80 31.25 -26.13
CA PHE C 506 41.09 32.47 -26.48
C PHE C 506 40.22 32.96 -25.34
N GLY C 507 39.94 32.11 -24.37
CA GLY C 507 39.29 32.56 -23.15
C GLY C 507 37.79 32.73 -23.23
N MET C 508 37.11 32.01 -24.09
CA MET C 508 35.64 32.04 -24.17
C MET C 508 35.10 30.62 -24.17
N THR C 509 33.92 30.45 -23.58
CA THR C 509 33.26 29.16 -23.59
C THR C 509 32.43 28.99 -24.86
N PRO C 510 32.26 27.76 -25.36
CA PRO C 510 31.56 27.59 -26.62
C PRO C 510 30.08 27.93 -26.54
N SER C 511 29.52 28.37 -27.67
CA SER C 511 28.08 28.41 -27.83
C SER C 511 27.55 27.01 -28.03
N LYS C 512 26.38 26.72 -27.46
CA LYS C 512 25.89 25.35 -27.44
C LYS C 512 24.41 25.24 -27.79
N GLY C 513 23.81 26.25 -28.40
CA GLY C 513 22.41 26.16 -28.76
C GLY C 513 22.16 26.42 -30.22
N VAL C 514 21.15 25.76 -30.80
CA VAL C 514 20.77 25.96 -32.19
C VAL C 514 19.28 25.73 -32.31
N LEU C 515 18.59 26.63 -33.01
CA LEU C 515 17.18 26.45 -33.29
C LEU C 515 16.97 26.45 -34.79
N PHE C 516 16.23 25.46 -35.28
CA PHE C 516 15.84 25.39 -36.68
C PHE C 516 14.37 25.77 -36.78
N TYR C 517 14.07 26.77 -37.58
CA TYR C 517 12.67 27.12 -37.84
C TYR C 517 12.50 27.30 -39.34
N GLY C 518 11.38 26.80 -39.87
CA GLY C 518 11.11 26.91 -41.27
C GLY C 518 9.89 26.14 -41.68
N PRO C 519 9.58 26.19 -42.98
CA PRO C 519 8.39 25.49 -43.46
C PRO C 519 8.58 23.99 -43.32
N PRO C 520 7.49 23.23 -43.26
CA PRO C 520 7.61 21.78 -43.13
C PRO C 520 8.33 21.17 -44.32
N GLY C 521 9.12 20.15 -44.03
CA GLY C 521 9.76 19.36 -45.07
C GLY C 521 11.04 19.93 -45.63
N CYS C 522 11.63 20.94 -45.00
CA CYS C 522 12.76 21.62 -45.59
C CYS C 522 14.11 21.17 -45.04
N GLY C 523 14.13 20.24 -44.10
CA GLY C 523 15.38 19.64 -43.70
C GLY C 523 15.85 19.90 -42.29
N LYS C 524 14.94 20.02 -41.33
CA LYS C 524 15.36 20.20 -39.94
C LYS C 524 15.61 18.85 -39.26
N THR C 525 14.62 17.97 -39.31
CA THR C 525 14.81 16.63 -38.79
C THR C 525 15.93 15.93 -39.54
N LEU C 526 16.08 16.20 -40.84
CA LEU C 526 17.16 15.58 -41.60
C LEU C 526 18.53 16.03 -41.11
N LEU C 527 18.69 17.32 -40.84
CA LEU C 527 19.95 17.80 -40.28
C LEU C 527 20.22 17.15 -38.93
N ALA C 528 19.18 16.98 -38.12
CA ALA C 528 19.38 16.30 -36.84
C ALA C 528 19.82 14.86 -37.04
N LYS C 529 19.23 14.14 -38.00
CA LYS C 529 19.68 12.77 -38.26
C LYS C 529 21.13 12.75 -38.74
N ALA C 530 21.49 13.68 -39.61
CA ALA C 530 22.86 13.72 -40.10
C ALA C 530 23.84 13.94 -38.97
N ILE C 531 23.48 14.80 -38.02
CA ILE C 531 24.31 14.96 -36.83
C ILE C 531 24.36 13.67 -36.03
N ALA C 532 23.21 13.02 -35.85
CA ALA C 532 23.14 11.82 -35.02
C ALA C 532 24.03 10.73 -35.58
N ASN C 533 24.24 10.74 -36.89
CA ASN C 533 25.04 9.69 -37.52
C ASN C 533 26.50 10.10 -37.62
N GLU C 534 26.78 11.18 -38.36
CA GLU C 534 28.15 11.51 -38.76
C GLU C 534 28.97 12.13 -37.64
N CYS C 535 28.36 12.93 -36.77
CA CYS C 535 29.13 13.56 -35.70
C CYS C 535 29.54 12.54 -34.66
N GLN C 536 30.59 12.89 -33.91
CA GLN C 536 31.07 12.08 -32.79
C GLN C 536 30.69 12.75 -31.48
N ALA C 537 29.47 12.48 -31.05
CA ALA C 537 28.95 12.86 -29.75
C ALA C 537 27.68 12.07 -29.53
N ASN C 538 27.32 11.87 -28.26
CA ASN C 538 26.11 11.12 -27.96
C ASN C 538 24.91 11.89 -28.49
N PHE C 539 23.84 11.17 -28.81
CA PHE C 539 22.64 11.79 -29.34
C PHE C 539 21.41 11.30 -28.58
N ILE C 540 20.80 12.19 -27.82
CA ILE C 540 19.54 11.92 -27.15
C ILE C 540 18.44 12.66 -27.89
N SER C 541 17.54 11.91 -28.51
CA SER C 541 16.48 12.47 -29.33
C SER C 541 15.20 12.49 -28.52
N ILE C 542 14.54 13.65 -28.50
CA ILE C 542 13.31 13.87 -27.75
C ILE C 542 12.22 14.27 -28.72
N LYS C 543 11.10 13.55 -28.69
CA LYS C 543 9.93 13.99 -29.43
C LYS C 543 9.38 15.25 -28.79
N GLY C 544 8.32 15.77 -29.36
CA GLY C 544 7.76 16.99 -28.83
C GLY C 544 7.35 16.87 -27.37
N PRO C 545 6.20 16.25 -27.13
CA PRO C 545 5.65 16.15 -25.77
C PRO C 545 6.00 14.90 -24.98
N GLU C 546 7.08 14.19 -25.30
CA GLU C 546 7.36 12.92 -24.62
C GLU C 546 7.51 13.10 -23.11
N LEU C 547 7.98 14.27 -22.68
CA LEU C 547 8.36 14.44 -21.28
C LEU C 547 7.16 14.68 -20.38
N LEU C 548 6.06 15.14 -20.95
CA LEU C 548 4.91 15.52 -20.13
C LEU C 548 4.26 14.31 -19.49
N THR C 549 3.67 14.51 -18.31
CA THR C 549 3.03 13.47 -17.55
C THR C 549 1.88 14.09 -16.77
N MET C 550 0.88 13.27 -16.44
CA MET C 550 -0.29 13.79 -15.75
C MET C 550 0.01 14.13 -14.30
N TRP C 551 1.00 13.47 -13.71
CA TRP C 551 1.27 13.66 -12.29
C TRP C 551 1.84 15.05 -12.04
N PHE C 552 1.84 15.46 -10.77
CA PHE C 552 2.03 16.87 -10.45
C PHE C 552 3.44 17.34 -10.78
N GLY C 553 4.46 16.63 -10.31
CA GLY C 553 5.80 17.14 -10.49
C GLY C 553 6.67 16.25 -11.35
N GLU C 554 6.06 15.31 -12.07
CA GLU C 554 6.85 14.33 -12.81
C GLU C 554 7.22 14.83 -14.20
N SER C 555 6.54 15.85 -14.70
CA SER C 555 6.95 16.45 -15.96
C SER C 555 8.31 17.12 -15.82
N GLU C 556 8.45 17.95 -14.79
CA GLU C 556 9.72 18.60 -14.54
C GLU C 556 10.77 17.60 -14.08
N ALA C 557 10.35 16.54 -13.41
CA ALA C 557 11.29 15.46 -13.09
C ALA C 557 11.81 14.80 -14.35
N ASN C 558 10.96 14.64 -15.36
CA ASN C 558 11.41 14.09 -16.64
C ASN C 558 12.40 15.04 -17.31
N VAL C 559 12.12 16.34 -17.27
CA VAL C 559 13.06 17.30 -17.86
C VAL C 559 14.41 17.23 -17.16
N ARG C 560 14.41 17.17 -15.82
CA ARG C 560 15.68 17.04 -15.10
C ARG C 560 16.39 15.75 -15.43
N GLU C 561 15.67 14.64 -15.50
CA GLU C 561 16.35 13.36 -15.73
C GLU C 561 16.95 13.32 -17.12
N ILE C 562 16.29 13.95 -18.10
CA ILE C 562 16.87 14.02 -19.43
C ILE C 562 18.12 14.88 -19.45
N PHE C 563 18.05 16.07 -18.85
CA PHE C 563 19.23 16.93 -18.87
C PHE C 563 20.36 16.32 -18.05
N ASP C 564 20.03 15.52 -17.05
CA ASP C 564 21.07 14.84 -16.29
C ASP C 564 21.72 13.73 -17.12
N LYS C 565 20.91 12.94 -17.83
CA LYS C 565 21.48 11.93 -18.70
C LYS C 565 22.32 12.58 -19.80
N ALA C 566 21.95 13.78 -20.21
CA ALA C 566 22.75 14.50 -21.20
C ALA C 566 24.08 14.95 -20.60
N ARG C 567 24.07 15.46 -19.37
CA ARG C 567 25.34 15.84 -18.73
C ARG C 567 26.22 14.63 -18.50
N GLN C 568 25.63 13.49 -18.13
CA GLN C 568 26.42 12.29 -17.91
C GLN C 568 27.10 11.83 -19.18
N ALA C 569 26.37 11.83 -20.29
CA ALA C 569 26.90 11.41 -21.57
C ALA C 569 27.61 12.53 -22.32
N ALA C 570 28.05 13.56 -21.62
CA ALA C 570 28.75 14.65 -22.28
C ALA C 570 30.05 14.13 -22.90
N PRO C 571 30.35 14.48 -24.15
CA PRO C 571 29.60 15.38 -25.03
C PRO C 571 28.37 14.72 -25.62
N CYS C 572 27.25 15.43 -25.60
CA CYS C 572 25.98 14.91 -26.10
C CYS C 572 25.26 16.00 -26.85
N VAL C 573 24.48 15.60 -27.83
CA VAL C 573 23.58 16.49 -28.56
C VAL C 573 22.17 16.14 -28.15
N LEU C 574 21.44 17.13 -27.69
CA LEU C 574 20.10 16.93 -27.14
C LEU C 574 19.11 17.58 -28.09
N PHE C 575 18.42 16.77 -28.87
CA PHE C 575 17.59 17.28 -29.96
C PHE C 575 16.13 17.28 -29.53
N PHE C 576 15.52 18.46 -29.53
CA PHE C 576 14.12 18.65 -29.20
C PHE C 576 13.34 18.82 -30.48
N ASP C 577 12.85 17.72 -31.04
CA ASP C 577 12.03 17.79 -32.22
C ASP C 577 10.67 18.39 -31.89
N GLN C 578 10.22 19.33 -32.74
CA GLN C 578 9.02 20.10 -32.47
C GLN C 578 9.09 20.76 -31.10
N LEU C 579 10.02 21.71 -30.97
CA LEU C 579 10.22 22.37 -29.68
C LEU C 579 8.99 23.17 -29.27
N ASP C 580 8.20 23.64 -30.23
CA ASP C 580 7.10 24.54 -29.89
C ASP C 580 6.04 23.85 -29.07
N SER C 581 6.06 22.52 -29.01
CA SER C 581 5.07 21.81 -28.20
C SER C 581 5.36 21.97 -26.72
N ILE C 582 6.63 21.81 -26.33
CA ILE C 582 6.96 21.75 -24.91
C ILE C 582 7.37 23.12 -24.41
N ALA C 583 7.78 24.02 -25.29
CA ALA C 583 8.19 25.37 -24.93
C ALA C 583 7.20 26.37 -25.50
N LYS C 584 6.58 27.16 -24.63
CA LYS C 584 5.56 28.11 -25.02
C LYS C 584 5.79 29.44 -24.31
N ALA C 585 4.89 30.39 -24.54
CA ALA C 585 5.21 31.78 -24.23
C ALA C 585 5.14 32.06 -22.72
N ARG C 586 4.52 31.17 -21.95
CA ARG C 586 4.25 31.28 -20.51
C ARG C 586 3.20 32.33 -20.18
N GLY C 587 2.77 33.15 -21.13
CA GLY C 587 1.76 34.13 -20.81
C GLY C 587 0.38 33.73 -21.28
N GLY C 588 0.28 33.39 -22.57
CA GLY C 588 -1.01 33.03 -23.12
C GLY C 588 -1.48 31.64 -22.70
N ASN C 589 -0.55 30.70 -22.56
CA ASN C 589 -0.91 29.33 -22.28
C ASN C 589 -1.62 29.22 -20.93
N ILE C 590 -2.91 28.93 -20.98
CA ILE C 590 -3.74 28.97 -19.79
C ILE C 590 -4.72 27.81 -19.83
N GLY C 591 -5.01 27.26 -18.65
CA GLY C 591 -5.80 26.03 -18.58
C GLY C 591 -5.06 24.82 -19.09
N ASP C 592 -3.76 24.74 -18.83
CA ASP C 592 -2.93 23.62 -19.27
C ASP C 592 -2.37 22.94 -18.02
N GLY C 593 -2.97 21.83 -17.63
CA GLY C 593 -2.47 21.04 -16.52
C GLY C 593 -2.41 21.79 -15.21
N GLY C 594 -3.19 22.86 -15.07
CA GLY C 594 -3.09 23.69 -13.90
C GLY C 594 -1.76 24.43 -13.82
N GLY C 595 -1.28 24.94 -14.95
CA GLY C 595 -0.01 25.59 -15.00
C GLY C 595 1.19 24.69 -15.06
N ALA C 596 1.03 23.43 -15.47
CA ALA C 596 2.17 22.53 -15.52
C ALA C 596 3.07 22.85 -16.71
N ALA C 597 2.51 23.41 -17.76
CA ALA C 597 3.33 23.78 -18.91
C ALA C 597 4.30 24.90 -18.56
N ASP C 598 3.85 25.89 -17.79
CA ASP C 598 4.74 26.96 -17.37
C ASP C 598 5.83 26.44 -16.46
N ARG C 599 5.51 25.50 -15.58
CA ARG C 599 6.53 24.92 -14.72
C ARG C 599 7.53 24.11 -15.53
N VAL C 600 7.08 23.44 -16.57
CA VAL C 600 8.00 22.73 -17.45
C VAL C 600 8.93 23.71 -18.16
N ILE C 601 8.38 24.83 -18.64
CA ILE C 601 9.23 25.83 -19.27
C ILE C 601 10.27 26.36 -18.29
N ASN C 602 9.86 26.61 -17.05
CA ASN C 602 10.82 27.10 -16.07
C ASN C 602 11.88 26.06 -15.75
N GLN C 603 11.51 24.78 -15.69
CA GLN C 603 12.51 23.75 -15.47
C GLN C 603 13.50 23.71 -16.61
N ILE C 604 13.03 23.81 -17.86
CA ILE C 604 13.94 23.82 -18.99
C ILE C 604 14.85 25.04 -18.94
N LEU C 605 14.28 26.21 -18.63
CA LEU C 605 15.08 27.42 -18.54
C LEU C 605 16.19 27.27 -17.52
N THR C 606 15.88 26.70 -16.37
CA THR C 606 16.88 26.54 -15.32
C THR C 606 17.93 25.51 -15.72
N GLU C 607 17.52 24.46 -16.43
CA GLU C 607 18.48 23.43 -16.80
C GLU C 607 19.48 23.94 -17.83
N MET C 608 19.01 24.62 -18.86
CA MET C 608 19.93 25.01 -19.92
C MET C 608 20.89 26.12 -19.46
N ASP C 609 20.43 27.05 -18.62
CA ASP C 609 21.29 28.10 -18.09
C ASP C 609 20.90 28.43 -16.66
N GLY C 610 21.53 27.79 -15.70
CA GLY C 610 21.13 27.95 -14.32
C GLY C 610 22.32 28.15 -13.40
N MET C 611 22.22 27.55 -12.21
CA MET C 611 23.26 27.65 -11.19
C MET C 611 24.23 26.48 -11.26
N SER C 612 24.67 26.11 -12.45
CA SER C 612 25.46 24.90 -12.59
C SER C 612 26.58 25.11 -13.57
N THR C 613 27.60 24.27 -13.48
CA THR C 613 28.68 24.30 -14.44
C THR C 613 28.20 23.72 -15.77
N LYS C 614 28.48 24.44 -16.85
CA LYS C 614 28.08 24.00 -18.18
C LYS C 614 28.98 22.86 -18.65
N LYS C 615 28.35 21.81 -19.13
CA LYS C 615 29.05 20.69 -19.73
C LYS C 615 28.79 20.69 -21.23
N ASN C 616 29.50 19.82 -21.94
CA ASN C 616 29.39 19.79 -23.39
C ASN C 616 28.07 19.15 -23.80
N VAL C 617 26.99 19.88 -23.51
CA VAL C 617 25.64 19.47 -23.87
C VAL C 617 25.09 20.50 -24.84
N PHE C 618 24.84 20.08 -26.08
CA PHE C 618 24.39 20.97 -27.14
C PHE C 618 22.92 20.72 -27.38
N ILE C 619 22.12 21.77 -27.25
CA ILE C 619 20.68 21.67 -27.39
C ILE C 619 20.31 22.16 -28.78
N ILE C 620 19.57 21.35 -29.51
CA ILE C 620 19.11 21.66 -30.86
C ILE C 620 17.60 21.50 -30.87
N GLY C 621 16.90 22.47 -31.44
CA GLY C 621 15.47 22.39 -31.47
C GLY C 621 14.88 22.79 -32.81
N ALA C 622 13.94 22.00 -33.32
CA ALA C 622 13.29 22.28 -34.59
C ALA C 622 11.86 22.69 -34.31
N THR C 623 11.37 23.70 -35.02
CA THR C 623 10.00 24.16 -34.83
C THR C 623 9.45 24.76 -36.11
N ASN C 624 8.21 24.41 -36.44
CA ASN C 624 7.57 25.04 -37.59
C ASN C 624 7.08 26.43 -37.25
N ARG C 625 6.77 26.68 -35.99
CA ARG C 625 6.14 27.91 -35.55
C ARG C 625 6.95 28.59 -34.44
N PRO C 626 7.99 29.35 -34.77
CA PRO C 626 8.91 29.82 -33.73
C PRO C 626 8.42 31.05 -33.00
N ASP C 627 7.33 31.65 -33.47
CA ASP C 627 6.86 32.89 -32.86
C ASP C 627 6.22 32.64 -31.50
N ILE C 628 5.81 31.40 -31.23
CA ILE C 628 5.16 31.12 -29.94
C ILE C 628 6.16 30.78 -28.86
N ILE C 629 7.41 30.48 -29.22
CA ILE C 629 8.36 30.00 -28.23
C ILE C 629 8.72 31.10 -27.25
N ASP C 630 8.98 30.71 -26.01
CA ASP C 630 9.27 31.66 -24.95
C ASP C 630 10.52 32.47 -25.29
N PRO C 631 10.48 33.79 -25.14
CA PRO C 631 11.67 34.60 -25.44
C PRO C 631 12.86 34.26 -24.57
N ALA C 632 12.61 33.69 -23.39
CA ALA C 632 13.72 33.35 -22.50
C ALA C 632 14.47 32.12 -23.00
N ILE C 633 13.81 31.26 -23.77
CA ILE C 633 14.51 30.14 -24.38
C ILE C 633 15.41 30.64 -25.51
N LEU C 634 14.92 31.60 -26.28
CA LEU C 634 15.61 32.02 -27.50
C LEU C 634 16.71 33.03 -27.25
N ARG C 635 16.94 33.43 -26.00
CA ARG C 635 18.03 34.34 -25.70
C ARG C 635 19.38 33.63 -25.89
N PRO C 636 20.44 34.40 -26.13
CA PRO C 636 21.72 33.77 -26.50
C PRO C 636 22.34 32.87 -25.46
N GLY C 637 21.90 32.93 -24.20
CA GLY C 637 22.44 32.01 -23.22
C GLY C 637 22.03 30.58 -23.49
N ARG C 638 20.86 30.39 -24.13
CA ARG C 638 20.24 29.08 -24.14
C ARG C 638 20.17 28.50 -25.55
N LEU C 639 19.45 29.16 -26.46
CA LEU C 639 19.37 28.75 -27.87
C LEU C 639 19.75 29.99 -28.67
N ASP C 640 21.06 30.16 -28.89
CA ASP C 640 21.56 31.43 -29.38
C ASP C 640 21.53 31.52 -30.90
N GLN C 641 21.96 30.48 -31.59
CA GLN C 641 21.95 30.48 -33.05
C GLN C 641 20.54 30.13 -33.51
N LEU C 642 19.87 31.10 -34.11
CA LEU C 642 18.55 30.91 -34.69
C LEU C 642 18.72 30.78 -36.20
N ILE C 643 18.60 29.57 -36.70
CA ILE C 643 18.89 29.26 -38.10
C ILE C 643 17.58 29.05 -38.84
N TYR C 644 17.43 29.73 -39.96
CA TYR C 644 16.21 29.65 -40.76
C TYR C 644 16.44 28.67 -41.91
N ILE C 645 15.75 27.55 -41.86
CA ILE C 645 15.77 26.56 -42.94
C ILE C 645 14.67 26.95 -43.93
N PRO C 646 15.00 27.54 -45.07
CA PRO C 646 13.96 28.03 -45.98
C PRO C 646 13.59 27.00 -47.02
N LEU C 647 12.69 27.40 -47.91
CA LEU C 647 12.43 26.58 -49.09
C LEU C 647 13.64 26.66 -50.02
N PRO C 648 14.14 25.54 -50.50
CA PRO C 648 15.36 25.57 -51.30
C PRO C 648 15.16 26.42 -52.55
N ASP C 649 16.24 27.09 -52.96
CA ASP C 649 16.22 27.75 -54.25
C ASP C 649 16.74 26.81 -55.33
N GLU C 650 16.92 27.35 -56.53
CA GLU C 650 17.11 26.49 -57.70
C GLU C 650 18.35 25.61 -57.57
N LYS C 651 19.49 26.19 -57.22
CA LYS C 651 20.69 25.38 -57.03
C LYS C 651 20.50 24.38 -55.90
N SER C 652 19.85 24.81 -54.83
CA SER C 652 19.54 23.90 -53.74
C SER C 652 18.61 22.79 -54.21
N ARG C 653 17.64 23.11 -55.06
CA ARG C 653 16.74 22.07 -55.56
C ARG C 653 17.50 21.06 -56.42
N VAL C 654 18.44 21.54 -57.23
CA VAL C 654 19.29 20.62 -57.99
C VAL C 654 20.04 19.69 -57.04
N ALA C 655 20.63 20.25 -55.98
CA ALA C 655 21.38 19.42 -55.04
C ALA C 655 20.47 18.43 -54.33
N ILE C 656 19.26 18.85 -53.99
CA ILE C 656 18.30 17.95 -53.33
C ILE C 656 17.95 16.79 -54.23
N LEU C 657 17.65 17.08 -55.50
CA LEU C 657 17.33 16.01 -56.44
C LEU C 657 18.52 15.07 -56.62
N LYS C 658 19.73 15.62 -56.70
CA LYS C 658 20.90 14.78 -56.84
C LYS C 658 21.09 13.88 -55.63
N ALA C 659 20.87 14.43 -54.43
CA ALA C 659 21.07 13.65 -53.21
C ALA C 659 20.02 12.55 -53.08
N ASN C 660 18.77 12.85 -53.39
CA ASN C 660 17.74 11.82 -53.34
C ASN C 660 17.99 10.74 -54.36
N LEU C 661 18.40 11.13 -55.57
CA LEU C 661 18.67 10.19 -56.64
C LEU C 661 20.12 9.75 -56.69
N ARG C 662 20.85 9.85 -55.57
CA ARG C 662 22.23 9.39 -55.56
C ARG C 662 22.33 7.89 -55.73
N LYS C 663 21.61 7.14 -54.93
CA LYS C 663 21.71 5.68 -54.92
C LYS C 663 20.70 5.02 -55.84
N SER C 664 20.02 5.79 -56.65
CA SER C 664 18.98 5.27 -57.51
C SER C 664 19.47 5.24 -58.96
N PRO C 665 19.54 4.08 -59.60
CA PRO C 665 19.94 4.04 -61.00
C PRO C 665 18.95 4.80 -61.87
N VAL C 666 19.45 5.83 -62.55
CA VAL C 666 18.61 6.70 -63.37
C VAL C 666 19.35 6.97 -64.68
N ALA C 667 18.60 7.15 -65.76
CA ALA C 667 19.19 7.30 -67.08
C ALA C 667 19.99 8.59 -67.17
N LYS C 668 20.80 8.69 -68.23
CA LYS C 668 21.59 9.89 -68.43
C LYS C 668 20.78 11.04 -69.01
N ASP C 669 19.57 10.78 -69.50
CA ASP C 669 18.78 11.82 -70.13
C ASP C 669 17.75 12.45 -69.19
N VAL C 670 17.81 12.17 -67.89
CA VAL C 670 16.98 12.89 -66.94
C VAL C 670 17.65 14.24 -66.68
N ASP C 671 16.91 15.31 -66.92
CA ASP C 671 17.46 16.66 -66.85
C ASP C 671 17.01 17.26 -65.51
N LEU C 672 17.85 17.12 -64.49
CA LEU C 672 17.49 17.61 -63.17
C LEU C 672 17.39 19.13 -63.15
N GLU C 673 18.25 19.81 -63.90
CA GLU C 673 18.23 21.27 -63.93
C GLU C 673 16.94 21.82 -64.49
N PHE C 674 16.15 21.01 -65.19
CA PHE C 674 14.84 21.43 -65.65
C PHE C 674 13.77 21.20 -64.61
N LEU C 675 13.80 20.07 -63.91
CA LEU C 675 12.86 19.86 -62.82
C LEU C 675 13.03 20.94 -61.76
N ALA C 676 14.28 21.28 -61.44
CA ALA C 676 14.51 22.37 -60.50
C ALA C 676 13.97 23.67 -61.04
N LYS C 677 14.12 23.91 -62.34
CA LYS C 677 13.70 25.19 -62.91
C LYS C 677 12.19 25.35 -62.87
N MET C 678 11.44 24.29 -63.20
CA MET C 678 9.98 24.39 -63.16
C MET C 678 9.45 24.43 -61.73
N THR C 679 9.93 23.53 -60.87
CA THR C 679 9.40 23.38 -59.52
C THR C 679 9.85 24.55 -58.65
N ASN C 680 9.12 25.65 -58.73
CA ASN C 680 9.57 26.88 -58.09
C ASN C 680 9.47 26.78 -56.58
N GLY C 681 8.25 26.79 -56.04
CA GLY C 681 8.04 26.87 -54.61
C GLY C 681 8.10 25.54 -53.90
N PHE C 682 8.60 24.51 -54.56
CA PHE C 682 8.61 23.17 -53.98
C PHE C 682 9.58 23.10 -52.82
N SER C 683 9.18 22.42 -51.76
CA SER C 683 10.07 22.13 -50.66
C SER C 683 10.86 20.86 -50.95
N GLY C 684 11.73 20.49 -50.03
CA GLY C 684 12.51 19.28 -50.21
C GLY C 684 11.65 18.03 -50.24
N ALA C 685 10.64 17.98 -49.36
CA ALA C 685 9.77 16.82 -49.29
C ALA C 685 9.01 16.61 -50.60
N ASP C 686 8.63 17.71 -51.26
CA ASP C 686 7.98 17.59 -52.56
C ASP C 686 8.89 16.95 -53.60
N LEU C 687 10.15 17.36 -53.64
CA LEU C 687 11.07 16.80 -54.61
C LEU C 687 11.34 15.33 -54.34
N THR C 688 11.49 14.97 -53.07
CA THR C 688 11.61 13.55 -52.74
C THR C 688 10.36 12.78 -53.14
N GLU C 689 9.19 13.43 -53.04
CA GLU C 689 7.96 12.76 -53.46
C GLU C 689 7.94 12.53 -54.97
N ILE C 690 8.39 13.52 -55.75
CA ILE C 690 8.48 13.33 -57.20
C ILE C 690 9.38 12.15 -57.51
N CYS C 691 10.54 12.08 -56.86
CA CYS C 691 11.46 10.98 -57.10
C CYS C 691 10.84 9.64 -56.71
N GLN C 692 10.12 9.59 -55.58
CA GLN C 692 9.50 8.33 -55.17
C GLN C 692 8.37 7.91 -56.10
N ARG C 693 7.64 8.88 -56.67
CA ARG C 693 6.62 8.51 -57.64
C ARG C 693 7.25 7.98 -58.92
N ALA C 694 8.37 8.56 -59.35
CA ALA C 694 9.10 7.97 -60.47
C ALA C 694 9.50 6.53 -60.15
N CYS C 695 10.01 6.30 -58.94
CA CYS C 695 10.41 4.95 -58.55
C CYS C 695 9.23 3.99 -58.56
N LYS C 696 8.08 4.40 -58.03
CA LYS C 696 6.93 3.51 -57.99
C LYS C 696 6.41 3.21 -59.39
N LEU C 697 6.39 4.21 -60.26
CA LEU C 697 5.96 3.95 -61.63
C LEU C 697 6.90 2.97 -62.31
N ALA C 698 8.21 3.12 -62.10
CA ALA C 698 9.15 2.17 -62.65
C ALA C 698 8.92 0.77 -62.09
N ILE C 699 8.56 0.67 -60.82
CA ILE C 699 8.32 -0.65 -60.22
C ILE C 699 7.09 -1.30 -60.84
N ARG C 700 6.04 -0.53 -61.09
CA ARG C 700 4.88 -1.13 -61.75
C ARG C 700 5.22 -1.54 -63.18
N GLU C 701 6.11 -0.80 -63.85
CA GLU C 701 6.55 -1.24 -65.18
C GLU C 701 7.32 -2.55 -65.10
N SER C 702 8.16 -2.71 -64.07
CA SER C 702 8.87 -3.97 -63.92
C SER C 702 7.90 -5.12 -63.69
N ILE C 703 6.86 -4.87 -62.90
CA ILE C 703 5.83 -5.90 -62.71
C ILE C 703 5.11 -6.20 -64.02
N GLU C 704 4.91 -5.18 -64.86
CA GLU C 704 4.32 -5.45 -66.17
C GLU C 704 5.21 -6.34 -67.03
N SER C 705 6.52 -6.09 -66.99
CA SER C 705 7.45 -6.96 -67.73
C SER C 705 7.41 -8.39 -67.21
N GLU C 706 7.37 -8.56 -65.89
CA GLU C 706 7.29 -9.92 -65.38
C GLU C 706 5.93 -10.55 -65.65
N ILE C 707 4.88 -9.73 -65.78
CA ILE C 707 3.57 -10.25 -66.18
C ILE C 707 3.61 -10.78 -67.60
N ARG C 708 4.23 -10.04 -68.53
CA ARG C 708 4.31 -10.55 -69.89
C ARG C 708 5.19 -11.78 -69.95
N ARG C 709 6.27 -11.83 -69.17
CA ARG C 709 7.08 -13.04 -69.11
C ARG C 709 6.26 -14.23 -68.64
N GLU C 710 5.48 -14.06 -67.57
CA GLU C 710 4.70 -15.15 -67.03
C GLU C 710 3.61 -15.60 -68.00
N ARG C 711 2.97 -14.65 -68.70
CA ARG C 711 1.88 -15.04 -69.59
C ARG C 711 2.40 -15.71 -70.85
N GLU C 712 3.58 -15.32 -71.32
CA GLU C 712 4.16 -16.05 -72.44
C GLU C 712 4.66 -17.42 -71.99
N ARG C 713 5.09 -17.53 -70.74
CA ARG C 713 5.52 -18.83 -70.22
C ARG C 713 4.37 -19.83 -70.18
N GLN C 714 3.19 -19.39 -69.75
CA GLN C 714 2.03 -20.27 -69.69
C GLN C 714 1.15 -20.13 -70.92
N PRO C 727 14.67 -5.30 -68.19
CA PRO C 727 13.52 -4.54 -68.68
C PRO C 727 13.69 -3.04 -68.48
N VAL C 728 13.55 -2.61 -67.22
CA VAL C 728 13.71 -1.20 -66.86
C VAL C 728 14.75 -1.09 -65.75
N PRO C 729 16.03 -1.31 -66.06
CA PRO C 729 17.06 -1.21 -65.02
C PRO C 729 17.18 0.18 -64.41
N GLU C 730 16.82 1.21 -65.17
CA GLU C 730 16.96 2.59 -64.73
C GLU C 730 15.66 3.35 -64.95
N ILE C 731 15.50 4.44 -64.19
CA ILE C 731 14.33 5.30 -64.38
C ILE C 731 14.54 6.17 -65.62
N ARG C 732 13.44 6.43 -66.33
CA ARG C 732 13.49 7.11 -67.61
C ARG C 732 12.74 8.44 -67.53
N ARG C 733 12.76 9.17 -68.64
CA ARG C 733 12.14 10.49 -68.71
C ARG C 733 10.63 10.42 -68.49
N ASP C 734 9.96 9.41 -69.06
CA ASP C 734 8.50 9.36 -68.99
C ASP C 734 8.02 9.18 -67.55
N HIS C 735 8.76 8.41 -66.75
CA HIS C 735 8.37 8.25 -65.34
C HIS C 735 8.31 9.60 -64.64
N PHE C 736 9.38 10.40 -64.76
CA PHE C 736 9.37 11.71 -64.13
C PHE C 736 8.32 12.61 -64.74
N GLU C 737 8.06 12.48 -66.05
CA GLU C 737 7.04 13.30 -66.68
C GLU C 737 5.68 13.05 -66.08
N GLU C 738 5.34 11.78 -65.82
CA GLU C 738 4.03 11.48 -65.23
C GLU C 738 4.00 11.85 -63.75
N ALA C 739 5.10 11.60 -63.04
CA ALA C 739 5.15 11.97 -61.64
C ALA C 739 4.94 13.47 -61.47
N MET C 740 5.50 14.27 -62.37
CA MET C 740 5.33 15.72 -62.28
C MET C 740 3.88 16.12 -62.51
N ARG C 741 3.15 15.37 -63.34
CA ARG C 741 1.72 15.61 -63.44
C ARG C 741 1.01 15.24 -62.15
N PHE C 742 1.56 14.30 -61.39
CA PHE C 742 0.97 14.00 -60.08
C PHE C 742 1.62 14.77 -58.94
N ALA C 743 2.46 15.75 -59.23
CA ALA C 743 3.10 16.51 -58.16
C ALA C 743 2.18 17.61 -57.64
N ARG C 744 2.55 18.19 -56.49
CA ARG C 744 1.91 19.39 -55.96
C ARG C 744 2.89 20.11 -55.05
N ARG C 745 2.65 21.40 -54.86
CA ARG C 745 3.50 22.24 -54.01
C ARG C 745 2.94 22.19 -52.59
N SER C 746 3.74 21.71 -51.65
CA SER C 746 3.23 21.38 -50.33
C SER C 746 2.96 22.61 -49.49
N VAL C 747 3.83 23.61 -49.55
CA VAL C 747 3.76 24.75 -48.65
C VAL C 747 3.14 25.93 -49.39
N SER C 748 2.03 26.42 -48.86
CA SER C 748 1.34 27.56 -49.47
C SER C 748 2.15 28.83 -49.31
N ASP C 749 1.77 29.85 -50.07
CA ASP C 749 2.50 31.12 -50.03
C ASP C 749 2.32 31.84 -48.71
N ASN C 750 1.12 31.73 -48.10
CA ASN C 750 0.85 32.42 -46.85
C ASN C 750 1.75 31.89 -45.73
N ASP C 751 1.95 30.58 -45.70
CA ASP C 751 2.84 30.00 -44.70
C ASP C 751 4.24 30.55 -44.87
N ILE C 752 4.68 30.65 -46.12
CA ILE C 752 5.99 31.21 -46.42
C ILE C 752 6.10 32.64 -45.94
N ARG C 753 5.04 33.43 -46.14
CA ARG C 753 5.10 34.82 -45.69
C ARG C 753 5.11 34.91 -44.17
N LYS C 754 4.48 33.95 -43.48
CA LYS C 754 4.61 33.93 -42.01
C LYS C 754 6.06 33.73 -41.59
N TYR C 755 6.72 32.71 -42.17
CA TYR C 755 8.10 32.46 -41.79
C TYR C 755 9.01 33.63 -42.21
N GLU C 756 8.74 34.23 -43.37
CA GLU C 756 9.50 35.38 -43.83
C GLU C 756 9.33 36.54 -42.88
N MET C 757 8.12 36.74 -42.35
CA MET C 757 7.90 37.82 -41.41
C MET C 757 8.68 37.60 -40.12
N PHE C 758 8.75 36.36 -39.65
CA PHE C 758 9.55 36.14 -38.45
C PHE C 758 11.03 36.41 -38.70
N ALA C 759 11.56 35.88 -39.81
CA ALA C 759 12.96 36.13 -40.12
C ALA C 759 13.23 37.62 -40.28
N GLN C 760 12.26 38.35 -40.84
CA GLN C 760 12.40 39.79 -41.01
C GLN C 760 12.39 40.50 -39.67
N THR C 761 11.57 40.04 -38.72
CA THR C 761 11.61 40.62 -37.39
C THR C 761 12.99 40.47 -36.79
N LEU C 762 13.59 39.29 -36.95
CA LEU C 762 14.95 39.10 -36.46
C LEU C 762 15.94 40.05 -37.14
N GLN C 763 15.91 40.12 -38.46
CA GLN C 763 16.89 40.93 -39.18
C GLN C 763 16.73 42.42 -38.84
N GLN C 764 15.49 42.92 -38.80
CA GLN C 764 15.28 44.32 -38.45
C GLN C 764 15.60 44.58 -36.99
N SER C 765 15.51 43.55 -36.13
CA SER C 765 15.93 43.71 -34.75
C SER C 765 17.45 43.74 -34.62
N ARG C 766 18.16 43.11 -35.57
CA ARG C 766 19.61 43.00 -35.46
C ARG C 766 20.28 44.36 -35.39
N GLY C 767 19.64 45.38 -35.94
CA GLY C 767 20.26 46.68 -36.09
C GLY C 767 20.70 46.93 -37.53
N PHE C 768 21.42 48.02 -37.72
CA PHE C 768 21.90 48.35 -39.06
C PHE C 768 22.93 47.33 -39.50
N GLY C 769 22.93 47.02 -40.80
CA GLY C 769 23.85 46.06 -41.35
C GLY C 769 25.23 46.62 -41.60
N SER C 770 26.14 45.73 -42.00
CA SER C 770 27.51 46.10 -42.38
C SER C 770 28.19 46.93 -41.30
N PHE C 771 28.11 46.44 -40.06
CA PHE C 771 28.74 47.14 -38.95
C PHE C 771 30.24 47.24 -39.17
N ARG C 772 30.76 48.46 -39.17
CA ARG C 772 32.16 48.72 -39.44
C ARG C 772 32.76 49.55 -38.32
N PHE C 773 33.95 49.18 -37.88
CA PHE C 773 34.64 49.94 -36.87
C PHE C 773 35.02 51.31 -37.44
N PRO C 774 35.04 52.35 -36.60
CA PRO C 774 35.37 53.69 -37.10
C PRO C 774 36.80 53.76 -37.62
N SER C 775 36.99 54.57 -38.66
CA SER C 775 38.30 54.86 -39.25
C SER C 775 39.15 53.61 -39.45
N LEU D 12 24.50 31.65 36.12
CA LEU D 12 23.75 30.87 37.10
C LEU D 12 23.45 29.47 36.56
N SER D 13 23.10 29.42 35.28
CA SER D 13 22.78 28.14 34.65
C SER D 13 24.01 27.24 34.58
N THR D 14 25.18 27.81 34.29
CA THR D 14 26.42 27.07 34.21
C THR D 14 27.24 27.17 35.49
N ALA D 15 26.59 27.42 36.62
CA ALA D 15 27.33 27.57 37.87
C ALA D 15 28.02 26.29 38.29
N ILE D 16 27.59 25.15 37.75
CA ILE D 16 28.18 23.87 38.16
C ILE D 16 29.53 23.65 37.51
N LEU D 17 29.81 24.36 36.42
CA LEU D 17 31.02 24.11 35.65
C LEU D 17 32.23 24.83 36.25
N LYS D 18 32.00 25.79 37.15
CA LYS D 18 33.08 26.64 37.64
C LYS D 18 34.06 25.86 38.51
N GLN D 19 35.28 26.39 38.65
CA GLN D 19 36.28 25.72 39.49
C GLN D 19 36.50 26.49 40.80
N LYS D 20 36.46 27.82 40.75
CA LYS D 20 36.54 28.70 41.93
C LYS D 20 37.93 28.79 42.54
N ASN D 21 38.97 28.31 41.85
CA ASN D 21 40.35 28.44 42.31
C ASN D 21 40.54 27.84 43.70
N ARG D 22 40.11 26.59 43.86
CA ARG D 22 40.27 25.90 45.13
C ARG D 22 41.76 25.68 45.42
N PRO D 23 42.20 25.85 46.68
CA PRO D 23 43.64 25.76 46.96
C PRO D 23 44.23 24.40 46.65
N ASN D 24 43.40 23.35 46.66
CA ASN D 24 43.91 22.03 46.33
C ASN D 24 44.15 21.89 44.83
N ARG D 25 43.31 22.52 44.01
CA ARG D 25 43.57 22.55 42.57
C ARG D 25 44.85 23.32 42.28
N LEU D 26 45.72 22.73 41.48
CA LEU D 26 47.04 23.29 41.21
C LEU D 26 47.35 23.11 39.73
N ILE D 27 47.99 24.11 39.14
CA ILE D 27 48.31 24.04 37.73
C ILE D 27 49.39 23.00 37.51
N VAL D 28 49.20 22.13 36.52
CA VAL D 28 50.22 21.14 36.18
C VAL D 28 51.41 21.84 35.53
N ASP D 29 52.61 21.45 35.93
CA ASP D 29 53.84 21.97 35.37
C ASP D 29 54.86 20.84 35.28
N GLU D 30 55.84 21.00 34.40
CA GLU D 30 56.85 19.97 34.22
C GLU D 30 57.83 19.94 35.39
N ALA D 31 58.26 18.74 35.75
CA ALA D 31 59.23 18.53 36.82
C ALA D 31 60.60 18.27 36.21
N ILE D 32 61.61 18.98 36.71
CA ILE D 32 62.93 18.96 36.08
C ILE D 32 63.66 17.65 36.38
N ASN D 33 63.67 17.22 37.64
CA ASN D 33 64.47 16.08 38.05
C ASN D 33 63.70 14.97 38.75
N GLU D 34 62.40 15.13 38.95
CA GLU D 34 61.63 14.13 39.67
C GLU D 34 61.53 12.84 38.87
N ASP D 35 61.42 11.71 39.58
CA ASP D 35 61.20 10.42 38.96
C ASP D 35 59.71 10.09 38.98
N ASN D 36 59.36 8.82 38.70
CA ASN D 36 57.97 8.47 38.44
C ASN D 36 57.12 8.50 39.70
N SER D 37 57.66 8.02 40.82
CA SER D 37 56.87 7.92 42.04
C SER D 37 56.99 9.13 42.95
N VAL D 38 57.68 10.19 42.52
CA VAL D 38 57.77 11.41 43.31
C VAL D 38 57.41 12.60 42.43
N VAL D 39 56.91 13.66 43.07
CA VAL D 39 56.59 14.91 42.41
C VAL D 39 57.12 16.04 43.28
N SER D 40 57.29 17.21 42.69
CA SER D 40 57.83 18.36 43.40
C SER D 40 56.80 19.48 43.43
N LEU D 41 56.61 20.05 44.63
CA LEU D 41 55.76 21.22 44.84
C LEU D 41 56.55 22.23 45.66
N SER D 42 56.25 23.51 45.44
CA SER D 42 57.01 24.57 46.09
C SER D 42 56.83 24.52 47.60
N GLN D 43 57.91 24.84 48.32
CA GLN D 43 57.85 24.89 49.78
C GLN D 43 56.78 25.83 50.32
N PRO D 44 56.59 27.06 49.82
CA PRO D 44 55.50 27.89 50.37
C PRO D 44 54.13 27.25 50.22
N LYS D 45 53.88 26.55 49.11
CA LYS D 45 52.61 25.83 48.97
C LYS D 45 52.50 24.72 50.00
N MET D 46 53.57 23.96 50.20
CA MET D 46 53.55 22.90 51.20
C MET D 46 53.36 23.48 52.61
N ASP D 47 53.81 24.72 52.81
CA ASP D 47 53.47 25.42 54.03
C ASP D 47 51.97 25.67 54.10
N GLU D 48 51.38 26.12 52.99
CA GLU D 48 49.95 26.38 52.96
C GLU D 48 49.15 25.11 53.21
N LEU D 49 49.59 23.99 52.64
CA LEU D 49 48.82 22.74 52.69
C LEU D 49 49.11 21.90 53.92
N GLN D 50 49.91 22.40 54.85
CA GLN D 50 50.29 21.65 56.05
C GLN D 50 50.94 20.32 55.67
N LEU D 51 51.77 20.35 54.64
CA LEU D 51 52.36 19.14 54.07
C LEU D 51 53.84 19.09 54.40
N PHE D 52 54.26 18.02 55.05
CA PHE D 52 55.67 17.81 55.35
C PHE D 52 56.38 17.20 54.15
N ARG D 53 57.68 17.44 54.09
CA ARG D 53 58.48 16.90 53.00
C ARG D 53 58.54 15.38 53.08
N GLY D 54 58.56 14.73 51.92
CA GLY D 54 58.66 13.29 51.87
C GLY D 54 57.36 12.53 52.10
N ASP D 55 56.26 13.24 52.33
CA ASP D 55 54.98 12.58 52.52
C ASP D 55 54.45 12.05 51.19
N THR D 56 53.63 10.99 51.27
CA THR D 56 52.91 10.52 50.10
C THR D 56 51.60 11.28 49.96
N VAL D 57 51.25 11.64 48.73
CA VAL D 57 50.03 12.39 48.47
C VAL D 57 49.22 11.68 47.39
N LEU D 58 47.91 11.82 47.48
CA LEU D 58 46.96 11.20 46.55
C LEU D 58 46.40 12.28 45.63
N LEU D 59 46.72 12.19 44.35
CA LEU D 59 46.41 13.25 43.39
C LEU D 59 45.20 12.87 42.56
N LYS D 60 44.20 13.75 42.54
CA LYS D 60 43.01 13.53 41.74
C LYS D 60 43.15 14.15 40.36
N GLY D 61 42.76 13.39 39.34
CA GLY D 61 42.92 13.83 37.97
C GLY D 61 41.64 13.61 37.18
N LYS D 62 41.68 14.02 35.93
CA LYS D 62 40.53 13.91 35.06
C LYS D 62 40.26 12.46 34.67
N LYS D 63 38.99 12.16 34.44
CA LYS D 63 38.55 10.82 34.02
C LYS D 63 38.80 9.77 35.10
N ARG D 64 38.51 10.13 36.35
CA ARG D 64 38.43 9.17 37.46
C ARG D 64 39.73 8.42 37.68
N ARG D 65 40.86 9.14 37.65
CA ARG D 65 42.17 8.52 37.82
C ARG D 65 42.85 9.08 39.07
N GLU D 66 43.28 8.19 39.96
CA GLU D 66 43.96 8.56 41.19
C GLU D 66 45.37 8.01 41.15
N ALA D 67 46.31 8.82 41.63
CA ALA D 67 47.71 8.39 41.68
C ALA D 67 48.33 8.87 42.98
N VAL D 68 49.29 8.09 43.47
CA VAL D 68 50.01 8.38 44.70
C VAL D 68 51.45 8.69 44.35
N CYS D 69 51.92 9.86 44.77
CA CYS D 69 53.29 10.29 44.56
C CYS D 69 53.83 10.87 45.85
N ILE D 70 55.15 10.86 45.97
CA ILE D 70 55.80 11.39 47.17
C ILE D 70 56.03 12.88 46.98
N VAL D 71 55.48 13.69 47.89
CA VAL D 71 55.63 15.13 47.78
C VAL D 71 57.09 15.51 48.05
N LEU D 72 57.58 16.50 47.31
CA LEU D 72 58.93 17.00 47.48
C LEU D 72 58.89 18.53 47.50
N SER D 73 59.89 19.10 48.15
CA SER D 73 60.02 20.55 48.26
C SER D 73 61.02 21.03 47.21
N ASP D 74 60.61 22.00 46.40
CA ASP D 74 61.46 22.59 45.38
C ASP D 74 61.41 24.10 45.50
N ASP D 75 62.59 24.73 45.46
CA ASP D 75 62.65 26.18 45.38
C ASP D 75 62.32 26.68 43.98
N THR D 76 62.65 25.89 42.96
CA THR D 76 62.36 26.29 41.58
C THR D 76 60.87 26.18 41.27
N CYS D 77 60.20 25.19 41.83
CA CYS D 77 58.77 25.01 41.61
C CYS D 77 57.99 26.19 42.22
N SER D 78 56.89 26.56 41.57
CA SER D 78 56.08 27.66 42.04
C SER D 78 54.94 27.16 42.93
N ASP D 79 54.30 28.10 43.63
CA ASP D 79 53.22 27.72 44.56
C ASP D 79 51.99 27.22 43.82
N GLU D 80 51.54 27.97 42.82
CA GLU D 80 50.33 27.63 42.10
C GLU D 80 50.53 26.52 41.08
N LYS D 81 51.76 26.29 40.65
CA LYS D 81 52.09 25.21 39.72
C LYS D 81 52.52 24.00 40.53
N ILE D 82 52.24 22.81 40.02
CA ILE D 82 52.78 21.57 40.54
C ILE D 82 53.67 20.98 39.46
N ARG D 83 54.91 20.69 39.81
CA ARG D 83 55.83 20.09 38.85
C ARG D 83 55.67 18.59 38.88
N MET D 84 55.49 18.00 37.70
CA MET D 84 55.08 16.61 37.59
C MET D 84 55.42 16.10 36.20
N ASN D 85 56.10 14.97 36.15
CA ASN D 85 56.73 14.52 34.92
C ASN D 85 55.72 13.86 33.99
N ARG D 86 56.23 13.37 32.86
CA ARG D 86 55.39 12.73 31.86
C ARG D 86 54.62 11.55 32.43
N VAL D 87 55.29 10.76 33.27
CA VAL D 87 54.69 9.53 33.77
C VAL D 87 53.45 9.83 34.61
N VAL D 88 53.56 10.78 35.54
CA VAL D 88 52.45 11.03 36.44
C VAL D 88 51.29 11.70 35.69
N ARG D 89 51.60 12.58 34.73
CA ARG D 89 50.53 13.17 33.92
C ARG D 89 49.81 12.13 33.08
N ASN D 90 50.57 11.22 32.47
CA ASN D 90 49.92 10.18 31.65
C ASN D 90 49.19 9.19 32.53
N ASN D 91 49.55 9.13 33.81
CA ASN D 91 48.77 8.39 34.78
C ASN D 91 47.45 9.10 35.08
N LEU D 92 47.51 10.40 35.33
CA LEU D 92 46.34 11.19 35.68
C LEU D 92 45.56 11.68 34.46
N ARG D 93 46.01 11.35 33.25
CA ARG D 93 45.34 11.75 32.02
C ARG D 93 45.17 13.26 31.94
N VAL D 94 46.18 14.00 32.42
CA VAL D 94 46.12 15.45 32.49
C VAL D 94 47.13 16.03 31.52
N ARG D 95 46.72 17.06 30.80
CA ARG D 95 47.64 17.83 29.98
C ARG D 95 48.30 18.91 30.83
N LEU D 96 49.36 19.51 30.28
CA LEU D 96 50.02 20.61 30.98
C LEU D 96 49.08 21.81 31.10
N GLY D 97 49.07 22.42 32.27
CA GLY D 97 48.19 23.54 32.52
C GLY D 97 46.84 23.17 33.11
N ASP D 98 46.52 21.90 33.20
CA ASP D 98 45.27 21.48 33.82
C ASP D 98 45.38 21.54 35.34
N VAL D 99 44.23 21.48 36.00
CA VAL D 99 44.17 21.62 37.45
C VAL D 99 43.91 20.24 38.06
N ILE D 100 44.70 19.88 39.07
CA ILE D 100 44.59 18.59 39.73
C ILE D 100 44.47 18.83 41.23
N SER D 101 43.70 17.97 41.89
CA SER D 101 43.51 18.09 43.33
C SER D 101 44.52 17.22 44.07
N ILE D 102 45.00 17.73 45.21
CA ILE D 102 46.00 17.06 46.02
C ILE D 102 45.46 16.94 47.44
N GLN D 103 45.64 15.77 48.04
CA GLN D 103 45.30 15.54 49.44
C GLN D 103 46.27 14.54 50.04
N PRO D 104 46.58 14.68 51.34
CA PRO D 104 47.52 13.75 51.96
C PRO D 104 46.92 12.36 52.10
N CYS D 105 47.70 11.36 51.70
CA CYS D 105 47.22 9.97 51.73
C CYS D 105 47.11 9.49 53.17
N PRO D 106 45.93 9.05 53.61
CA PRO D 106 45.77 8.63 55.01
C PRO D 106 46.11 7.18 55.25
N ASP D 107 47.01 6.92 56.20
CA ASP D 107 47.31 5.57 56.68
C ASP D 107 47.60 4.61 55.54
N VAL D 108 48.47 5.02 54.63
CA VAL D 108 48.89 4.12 53.55
C VAL D 108 49.70 2.97 54.13
N LYS D 109 49.31 1.75 53.78
CA LYS D 109 49.87 0.54 54.37
C LYS D 109 50.81 -0.12 53.38
N TYR D 110 51.95 -0.58 53.87
CA TYR D 110 53.00 -1.10 53.00
C TYR D 110 52.50 -2.32 52.23
N GLY D 111 52.74 -2.33 50.93
CA GLY D 111 52.21 -3.37 50.07
C GLY D 111 52.82 -4.73 50.38
N LYS D 112 51.97 -5.75 50.46
CA LYS D 112 52.46 -7.10 50.72
C LYS D 112 52.85 -7.82 49.44
N ARG D 113 52.01 -7.74 48.41
CA ARG D 113 52.33 -8.35 47.12
C ARG D 113 51.79 -7.47 46.00
N ILE D 114 52.63 -7.26 44.99
CA ILE D 114 52.28 -6.42 43.84
C ILE D 114 52.68 -7.15 42.57
N HIS D 115 51.86 -7.05 41.54
CA HIS D 115 52.10 -7.70 40.27
C HIS D 115 52.40 -6.63 39.23
N VAL D 116 53.41 -6.88 38.40
CA VAL D 116 53.90 -5.91 37.42
C VAL D 116 53.88 -6.57 36.05
N LEU D 117 53.44 -5.81 35.05
CA LEU D 117 53.43 -6.30 33.67
C LEU D 117 53.90 -5.20 32.72
N PRO D 118 54.91 -5.45 31.91
CA PRO D 118 55.44 -4.39 31.04
C PRO D 118 54.67 -4.28 29.73
N ILE D 119 54.98 -3.20 28.98
CA ILE D 119 54.32 -2.95 27.70
C ILE D 119 55.05 -3.70 26.59
N ASP D 120 54.27 -4.22 25.64
CA ASP D 120 54.82 -5.14 24.65
C ASP D 120 55.79 -4.47 23.68
N ASP D 121 55.54 -3.21 23.33
CA ASP D 121 56.41 -2.55 22.35
C ASP D 121 57.78 -2.23 22.96
N THR D 122 57.86 -2.17 24.29
CA THR D 122 59.14 -1.87 24.93
C THR D 122 59.92 -3.14 25.23
N VAL D 123 59.24 -4.24 25.52
CA VAL D 123 59.91 -5.47 25.93
C VAL D 123 60.73 -6.04 24.77
N GLU D 124 60.31 -5.77 23.54
CA GLU D 124 61.05 -6.25 22.39
C GLU D 124 62.44 -5.61 22.34
N GLY D 125 63.42 -6.38 21.88
CA GLY D 125 64.78 -5.87 21.76
C GLY D 125 65.57 -5.84 23.05
N ILE D 126 65.03 -6.40 24.13
CA ILE D 126 65.70 -6.44 25.42
C ILE D 126 66.10 -7.90 25.67
N THR D 127 67.34 -8.11 26.12
CA THR D 127 67.81 -9.46 26.35
C THR D 127 67.53 -9.93 27.77
N GLY D 128 67.94 -9.16 28.77
CA GLY D 128 67.89 -9.65 30.14
C GLY D 128 66.48 -9.69 30.69
N ASN D 129 66.34 -10.37 31.83
CA ASN D 129 65.07 -10.39 32.54
C ASN D 129 64.72 -8.99 33.02
N LEU D 130 63.48 -8.58 32.77
CA LEU D 130 63.06 -7.22 33.11
C LEU D 130 63.08 -7.00 34.61
N PHE D 131 62.63 -8.00 35.39
CA PHE D 131 62.65 -7.87 36.83
C PHE D 131 64.08 -7.86 37.36
N GLU D 132 64.95 -8.70 36.78
CA GLU D 132 66.35 -8.71 37.19
C GLU D 132 67.02 -7.37 36.91
N VAL D 133 66.76 -6.80 35.74
CA VAL D 133 67.49 -5.60 35.33
C VAL D 133 66.88 -4.35 35.95
N TYR D 134 65.58 -4.13 35.75
CA TYR D 134 64.96 -2.86 36.13
C TYR D 134 64.13 -2.96 37.40
N LEU D 135 63.24 -3.95 37.50
CA LEU D 135 62.33 -4.02 38.63
C LEU D 135 63.06 -4.24 39.94
N LYS D 136 64.05 -5.14 39.95
CA LYS D 136 64.74 -5.48 41.19
C LYS D 136 65.45 -4.29 41.82
N PRO D 137 66.23 -3.47 41.09
CA PRO D 137 66.84 -2.31 41.76
C PRO D 137 65.83 -1.21 42.04
N TYR D 138 64.86 -1.01 41.15
CA TYR D 138 63.90 0.08 41.35
C TYR D 138 63.04 -0.16 42.59
N PHE D 139 62.63 -1.40 42.81
CA PHE D 139 61.75 -1.74 43.93
C PHE D 139 62.51 -2.10 45.20
N LEU D 140 63.84 -2.04 45.18
CA LEU D 140 64.63 -2.28 46.38
C LEU D 140 64.91 -0.95 47.08
N GLU D 141 64.53 -0.87 48.36
CA GLU D 141 64.73 0.34 49.17
C GLU D 141 64.04 1.55 48.56
N ALA D 142 63.02 1.30 47.73
CA ALA D 142 62.34 2.40 47.04
C ALA D 142 61.48 3.20 48.00
N TYR D 143 60.65 2.52 48.80
CA TYR D 143 59.67 3.17 49.67
C TYR D 143 58.77 4.11 48.87
N ARG D 144 58.32 3.65 47.71
CA ARG D 144 57.53 4.42 46.77
C ARG D 144 56.11 3.86 46.67
N PRO D 145 55.08 4.68 46.90
CA PRO D 145 53.71 4.19 46.72
C PRO D 145 53.39 4.01 45.24
N ILE D 146 52.55 3.02 44.94
CA ILE D 146 52.06 2.80 43.59
C ILE D 146 50.59 2.41 43.65
N ARG D 147 49.91 2.50 42.52
CA ARG D 147 48.49 2.19 42.43
C ARG D 147 48.20 1.43 41.13
N LYS D 148 47.04 0.77 41.08
CA LYS D 148 46.63 0.08 39.88
C LYS D 148 46.34 1.06 38.75
N GLY D 149 46.45 0.57 37.52
CA GLY D 149 46.26 1.39 36.35
C GLY D 149 47.41 2.32 36.04
N ASP D 150 48.54 2.17 36.71
CA ASP D 150 49.66 3.10 36.61
C ASP D 150 50.68 2.56 35.63
N ILE D 151 51.17 3.43 34.75
CA ILE D 151 52.21 3.10 33.79
C ILE D 151 53.40 3.98 34.09
N PHE D 152 54.54 3.36 34.39
CA PHE D 152 55.75 4.10 34.72
C PHE D 152 56.95 3.55 33.94
N LEU D 153 57.90 4.43 33.69
CA LEU D 153 59.11 4.10 32.94
C LEU D 153 60.31 4.18 33.89
N VAL D 154 61.13 3.13 33.91
CA VAL D 154 62.30 3.06 34.77
C VAL D 154 63.55 3.16 33.90
N ARG D 155 64.44 4.08 34.25
CA ARG D 155 65.68 4.25 33.49
C ARG D 155 66.63 3.08 33.73
N GLY D 156 67.58 2.93 32.82
CA GLY D 156 68.55 1.86 32.85
C GLY D 156 68.49 0.99 31.61
N GLY D 157 69.52 0.16 31.46
CA GLY D 157 69.56 -0.80 30.38
C GLY D 157 69.78 -0.15 29.02
N MET D 158 69.77 -1.00 27.99
CA MET D 158 69.88 -0.48 26.63
C MET D 158 68.63 0.30 26.25
N ARG D 159 67.46 -0.18 26.65
CA ARG D 159 66.20 0.52 26.46
C ARG D 159 65.41 0.46 27.76
N ALA D 160 65.01 1.63 28.26
CA ALA D 160 64.18 1.70 29.44
C ALA D 160 62.78 1.18 29.12
N VAL D 161 62.23 0.36 30.01
CA VAL D 161 60.99 -0.36 29.77
C VAL D 161 59.88 0.26 30.60
N GLU D 162 58.77 0.60 29.95
CA GLU D 162 57.60 1.12 30.63
C GLU D 162 56.80 -0.02 31.24
N PHE D 163 56.41 0.14 32.51
CA PHE D 163 55.79 -0.92 33.29
C PHE D 163 54.41 -0.49 33.75
N LYS D 164 53.46 -1.43 33.75
CA LYS D 164 52.07 -1.16 34.08
C LYS D 164 51.70 -1.87 35.37
N VAL D 165 51.21 -1.12 36.35
CA VAL D 165 50.88 -1.68 37.66
C VAL D 165 49.51 -2.33 37.61
N VAL D 166 49.48 -3.60 37.21
CA VAL D 166 48.20 -4.26 36.96
C VAL D 166 47.50 -4.65 38.27
N GLU D 167 48.25 -5.17 39.23
CA GLU D 167 47.68 -5.69 40.47
C GLU D 167 48.42 -5.13 41.68
N THR D 168 47.68 -4.76 42.71
CA THR D 168 48.25 -4.29 43.97
C THR D 168 47.54 -4.98 45.13
N ASP D 169 48.31 -5.53 46.06
CA ASP D 169 47.76 -6.16 47.26
C ASP D 169 48.49 -5.60 48.48
N PRO D 170 47.83 -4.80 49.33
CA PRO D 170 46.41 -4.46 49.27
C PRO D 170 46.03 -3.50 48.13
N SER D 171 44.84 -3.70 47.60
CA SER D 171 44.32 -2.83 46.55
C SER D 171 43.78 -1.53 47.16
N PRO D 172 43.88 -0.41 46.42
CA PRO D 172 44.55 -0.28 45.12
C PRO D 172 45.91 0.38 45.21
N TYR D 173 46.21 1.02 46.33
CA TYR D 173 47.44 1.79 46.51
C TYR D 173 48.26 1.15 47.63
N CYS D 174 49.59 1.22 47.50
CA CYS D 174 50.46 0.56 48.46
C CYS D 174 51.89 1.04 48.30
N ILE D 175 52.62 1.07 49.41
CA ILE D 175 54.04 1.43 49.37
C ILE D 175 54.87 0.20 49.03
N VAL D 176 56.06 0.42 48.49
CA VAL D 176 56.97 -0.63 48.07
C VAL D 176 57.94 -0.92 49.21
N ALA D 177 58.04 -2.19 49.59
CA ALA D 177 58.87 -2.65 50.69
C ALA D 177 59.80 -3.73 50.20
N PRO D 178 61.00 -3.84 50.78
CA PRO D 178 61.93 -4.89 50.34
C PRO D 178 61.40 -6.29 50.54
N ASP D 179 60.65 -6.53 51.64
CA ASP D 179 60.10 -7.85 51.87
C ASP D 179 58.96 -8.16 50.91
N THR D 180 58.36 -7.13 50.32
CA THR D 180 57.35 -7.33 49.28
C THR D 180 57.99 -8.02 48.07
N VAL D 181 57.24 -8.95 47.49
CA VAL D 181 57.72 -9.75 46.35
C VAL D 181 57.31 -9.05 45.06
N ILE D 182 58.26 -8.90 44.16
CA ILE D 182 58.05 -8.28 42.85
C ILE D 182 58.25 -9.35 41.77
N HIS D 183 57.16 -9.69 41.07
CA HIS D 183 57.20 -10.66 39.99
C HIS D 183 56.63 -10.02 38.73
N CYS D 184 57.24 -10.35 37.59
CA CYS D 184 56.86 -9.79 36.30
C CYS D 184 56.18 -10.80 35.39
N GLU D 185 55.78 -11.95 35.92
CA GLU D 185 55.21 -13.00 35.08
C GLU D 185 53.85 -12.56 34.55
N GLY D 186 53.57 -12.97 33.32
CA GLY D 186 52.30 -12.68 32.68
C GLY D 186 52.45 -12.22 31.24
N GLU D 187 51.30 -11.95 30.62
CA GLU D 187 51.27 -11.42 29.28
C GLU D 187 51.74 -9.97 29.28
N PRO D 188 52.49 -9.53 28.26
CA PRO D 188 52.75 -8.09 28.11
C PRO D 188 51.45 -7.34 27.85
N ILE D 189 51.37 -6.14 28.43
CA ILE D 189 50.19 -5.31 28.20
C ILE D 189 50.33 -4.60 26.86
N LYS D 190 49.27 -4.70 26.04
CA LYS D 190 49.31 -4.15 24.70
C LYS D 190 49.41 -2.63 24.73
N ARG D 191 50.31 -2.08 23.92
CA ARG D 191 50.45 -0.64 23.84
C ARG D 191 49.19 0.02 23.28
N GLU D 192 48.50 -0.69 22.37
CA GLU D 192 47.25 -0.15 21.84
C GLU D 192 46.20 0.00 22.94
N ASP D 193 46.14 -0.97 23.86
CA ASP D 193 45.20 -0.85 24.98
C ASP D 193 45.56 0.32 25.88
N GLU D 194 46.85 0.55 26.12
CA GLU D 194 47.26 1.71 26.90
C GLU D 194 46.88 3.00 26.20
N GLU D 195 47.02 3.04 24.87
CA GLU D 195 46.58 4.20 24.11
C GLU D 195 45.08 4.40 24.24
N GLU D 196 44.32 3.30 24.21
CA GLU D 196 42.87 3.39 24.39
C GLU D 196 42.52 3.93 25.76
N SER D 197 43.27 3.52 26.78
CA SER D 197 43.06 4.06 28.12
C SER D 197 43.36 5.55 28.17
N LEU D 198 44.39 5.99 27.45
CA LEU D 198 44.73 7.40 27.46
C LEU D 198 43.76 8.22 26.60
N ASN D 199 43.38 7.70 25.44
CA ASN D 199 42.47 8.41 24.55
C ASN D 199 41.02 8.10 24.94
N GLU D 200 40.64 8.63 26.09
CA GLU D 200 39.31 8.44 26.66
C GLU D 200 38.56 9.76 26.59
N VAL D 201 37.33 9.72 26.08
CA VAL D 201 36.55 10.94 25.99
C VAL D 201 36.07 11.35 27.38
N GLY D 202 36.20 12.64 27.69
CA GLY D 202 35.73 13.17 28.95
C GLY D 202 34.97 14.46 28.74
N TYR D 203 34.53 15.05 29.85
CA TYR D 203 33.71 16.26 29.75
C TYR D 203 34.48 17.39 29.08
N ASP D 204 35.80 17.31 29.07
CA ASP D 204 36.59 18.36 28.42
C ASP D 204 36.63 18.15 26.92
N ASP D 205 36.23 16.97 26.45
CA ASP D 205 36.30 16.68 25.02
C ASP D 205 35.03 17.12 24.30
N ILE D 206 34.10 17.73 25.02
CA ILE D 206 32.90 18.27 24.39
C ILE D 206 33.02 19.79 24.30
N GLY D 207 33.02 20.31 23.08
CA GLY D 207 33.17 21.74 22.84
C GLY D 207 31.86 22.32 22.39
N GLY D 208 31.67 23.60 22.67
CA GLY D 208 30.35 24.17 22.60
C GLY D 208 29.51 23.52 23.67
N CYS D 209 28.21 23.76 23.60
CA CYS D 209 27.27 23.04 24.47
C CYS D 209 27.72 23.09 25.93
N ARG D 210 28.10 24.27 26.40
CA ARG D 210 28.44 24.39 27.81
C ARG D 210 27.20 24.36 28.68
N LYS D 211 26.11 24.98 28.23
CA LYS D 211 24.90 24.99 29.02
C LYS D 211 24.23 23.62 29.01
N GLN D 212 24.19 22.96 27.85
CA GLN D 212 23.67 21.61 27.79
C GLN D 212 24.48 20.68 28.67
N LEU D 213 25.80 20.79 28.61
CA LEU D 213 26.64 19.95 29.45
C LEU D 213 26.45 20.28 30.92
N ALA D 214 26.13 21.54 31.22
CA ALA D 214 25.85 21.90 32.60
C ALA D 214 24.62 21.20 33.12
N GLN D 215 23.54 21.19 32.33
CA GLN D 215 22.34 20.47 32.74
C GLN D 215 22.59 18.98 32.87
N ILE D 216 23.34 18.40 31.93
CA ILE D 216 23.63 16.98 31.99
C ILE D 216 24.41 16.65 33.25
N LYS D 217 25.42 17.47 33.56
CA LYS D 217 26.21 17.26 34.78
C LYS D 217 25.36 17.44 36.03
N GLU D 218 24.44 18.41 36.01
CA GLU D 218 23.55 18.59 37.14
C GLU D 218 22.68 17.36 37.36
N MET D 219 22.42 16.60 36.30
CA MET D 219 21.58 15.42 36.48
C MET D 219 22.36 14.18 36.87
N VAL D 220 23.48 13.89 36.19
CA VAL D 220 24.18 12.64 36.37
C VAL D 220 25.26 12.75 37.44
N GLU D 221 25.87 13.92 37.58
CA GLU D 221 26.98 14.05 38.52
C GLU D 221 26.52 14.51 39.89
N LEU D 222 25.81 15.63 39.96
CA LEU D 222 25.48 16.22 41.26
C LEU D 222 24.74 15.28 42.20
N PRO D 223 23.70 14.55 41.79
CA PRO D 223 23.05 13.64 42.74
C PRO D 223 23.98 12.60 43.32
N LEU D 224 24.90 12.07 42.52
CA LEU D 224 25.80 11.03 43.03
C LEU D 224 26.90 11.63 43.89
N ARG D 225 27.42 12.80 43.49
CA ARG D 225 28.47 13.45 44.27
C ARG D 225 27.95 13.92 45.63
N HIS D 226 26.80 14.57 45.66
CA HIS D 226 26.26 15.17 46.87
C HIS D 226 24.79 14.81 47.03
N PRO D 227 24.49 13.55 47.34
CA PRO D 227 23.09 13.17 47.54
C PRO D 227 22.45 13.87 48.73
N ALA D 228 23.27 14.39 49.64
CA ALA D 228 22.75 15.12 50.80
C ALA D 228 21.98 16.37 50.36
N LEU D 229 22.38 16.99 49.26
CA LEU D 229 21.66 18.17 48.78
C LEU D 229 20.19 17.85 48.52
N PHE D 230 19.95 16.78 47.76
CA PHE D 230 18.59 16.43 47.39
C PHE D 230 17.86 15.78 48.55
N LYS D 231 18.59 15.13 49.44
CA LYS D 231 17.95 14.63 50.66
C LYS D 231 17.45 15.77 51.52
N GLU D 232 18.24 16.83 51.67
CA GLU D 232 17.86 17.92 52.56
C GLU D 232 16.77 18.78 51.94
N ILE D 233 16.90 19.10 50.65
CA ILE D 233 15.86 19.88 49.97
C ILE D 233 14.56 19.08 49.83
N GLY D 234 14.59 17.78 50.08
CA GLY D 234 13.37 17.02 50.24
C GLY D 234 12.64 16.66 48.95
N VAL D 235 13.38 16.55 47.86
CA VAL D 235 12.80 16.14 46.58
C VAL D 235 13.90 15.50 45.73
N LYS D 236 13.48 14.60 44.88
CA LYS D 236 14.28 13.77 44.00
C LYS D 236 14.84 14.58 42.86
N PRO D 237 16.05 14.27 42.40
CA PRO D 237 16.55 14.90 41.19
C PRO D 237 15.82 14.36 39.98
N PRO D 238 15.81 15.08 38.87
CA PRO D 238 15.33 14.47 37.63
C PRO D 238 16.18 13.28 37.25
N ARG D 239 15.52 12.25 36.73
CA ARG D 239 16.17 10.97 36.45
C ARG D 239 16.00 10.51 35.01
N GLY D 240 15.86 11.43 34.07
CA GLY D 240 15.79 11.04 32.67
C GLY D 240 16.19 12.16 31.74
N ILE D 241 17.09 11.91 30.81
CA ILE D 241 17.55 12.92 29.87
C ILE D 241 17.32 12.42 28.46
N LEU D 242 16.70 13.25 27.63
CA LEU D 242 16.60 12.98 26.21
C LEU D 242 17.44 14.01 25.47
N LEU D 243 18.61 13.60 25.00
CA LEU D 243 19.49 14.46 24.22
C LEU D 243 19.06 14.40 22.78
N TYR D 244 18.57 15.51 22.24
CA TYR D 244 18.19 15.55 20.84
C TYR D 244 18.92 16.69 20.14
N GLY D 245 19.11 16.55 18.83
CA GLY D 245 19.75 17.55 18.02
C GLY D 245 19.97 17.03 16.62
N PRO D 246 20.51 17.86 15.74
CA PRO D 246 20.84 17.38 14.41
C PRO D 246 21.98 16.39 14.45
N PRO D 247 22.14 15.58 13.42
CA PRO D 247 23.24 14.61 13.41
C PRO D 247 24.59 15.28 13.49
N GLY D 248 25.50 14.67 14.22
CA GLY D 248 26.86 15.16 14.31
C GLY D 248 27.09 16.26 15.32
N THR D 249 26.13 16.58 16.17
CA THR D 249 26.33 17.62 17.16
C THR D 249 26.91 17.12 18.48
N GLY D 250 27.09 15.82 18.64
CA GLY D 250 27.74 15.31 19.83
C GLY D 250 26.85 14.72 20.89
N LYS D 251 25.80 13.98 20.52
CA LYS D 251 24.98 13.32 21.52
C LYS D 251 25.63 12.02 21.98
N THR D 252 26.03 11.18 21.04
CA THR D 252 26.75 9.97 21.41
C THR D 252 28.05 10.31 22.10
N LEU D 253 28.68 11.42 21.72
CA LEU D 253 29.91 11.85 22.39
C LEU D 253 29.65 12.19 23.84
N ILE D 254 28.53 12.85 24.13
CA ILE D 254 28.19 13.15 25.51
C ILE D 254 27.89 11.87 26.27
N ALA D 255 27.26 10.90 25.62
CA ALA D 255 27.08 9.60 26.27
C ALA D 255 28.40 8.94 26.60
N ARG D 256 29.35 8.97 25.66
CA ARG D 256 30.66 8.38 25.92
C ARG D 256 31.37 9.10 27.06
N ALA D 257 31.28 10.42 27.10
CA ALA D 257 31.89 11.15 28.20
C ALA D 257 31.26 10.79 29.53
N VAL D 258 29.93 10.69 29.57
CA VAL D 258 29.24 10.31 30.79
C VAL D 258 29.68 8.93 31.24
N ALA D 259 29.82 8.01 30.29
CA ALA D 259 30.26 6.65 30.63
C ALA D 259 31.66 6.65 31.19
N ASN D 260 32.58 7.37 30.54
CA ASN D 260 33.97 7.32 30.96
C ASN D 260 34.19 8.06 32.26
N GLU D 261 33.35 9.03 32.58
CA GLU D 261 33.65 9.94 33.66
C GLU D 261 32.54 10.00 34.73
N THR D 262 31.91 8.87 35.05
CA THR D 262 30.99 8.76 36.17
C THR D 262 31.27 7.49 36.95
N GLY D 263 31.07 7.55 38.27
CA GLY D 263 31.27 6.36 39.09
C GLY D 263 30.14 5.36 38.97
N ALA D 264 28.99 5.80 38.47
CA ALA D 264 27.83 4.93 38.36
C ALA D 264 28.09 3.82 37.35
N PHE D 265 27.39 2.70 37.54
CA PHE D 265 27.43 1.64 36.55
C PHE D 265 26.72 2.09 35.28
N PHE D 266 27.40 1.99 34.15
CA PHE D 266 26.89 2.46 32.87
C PHE D 266 26.51 1.27 32.01
N PHE D 267 25.24 1.21 31.62
CA PHE D 267 24.73 0.16 30.75
C PHE D 267 24.28 0.80 29.44
N LEU D 268 24.80 0.30 28.34
CA LEU D 268 24.52 0.88 27.03
C LEU D 268 23.52 0.03 26.27
N ILE D 269 22.53 0.69 25.67
CA ILE D 269 21.56 0.05 24.79
C ILE D 269 21.59 0.80 23.48
N ASN D 270 21.75 0.07 22.38
CA ASN D 270 21.56 0.64 21.04
C ASN D 270 20.22 0.15 20.53
N GLY D 271 19.54 0.99 19.77
CA GLY D 271 18.17 0.76 19.42
C GLY D 271 17.94 -0.62 18.85
N PRO D 272 18.39 -0.86 17.63
CA PRO D 272 18.05 -2.11 16.95
C PRO D 272 18.59 -3.36 17.62
N GLU D 273 19.56 -3.23 18.53
CA GLU D 273 20.09 -4.40 19.21
C GLU D 273 19.00 -5.13 19.98
N ILE D 274 18.02 -4.40 20.49
CA ILE D 274 16.96 -5.01 21.28
C ILE D 274 16.13 -5.96 20.44
N MET D 275 15.95 -5.62 19.16
CA MET D 275 15.03 -6.34 18.28
C MET D 275 15.34 -7.83 18.25
N SER D 276 14.29 -8.64 18.28
CA SER D 276 14.41 -10.07 18.13
C SER D 276 13.20 -10.61 17.42
N LYS D 277 13.42 -11.67 16.63
CA LYS D 277 12.31 -12.34 15.96
C LYS D 277 11.34 -12.98 16.95
N LEU D 278 11.87 -13.66 17.95
CA LEU D 278 11.04 -14.44 18.85
C LEU D 278 10.13 -13.51 19.66
N ALA D 279 8.88 -13.93 19.83
CA ALA D 279 7.92 -13.13 20.57
C ALA D 279 8.30 -13.13 22.05
N GLY D 280 8.46 -11.95 22.62
CA GLY D 280 8.87 -11.80 24.00
C GLY D 280 10.36 -11.71 24.24
N GLU D 281 11.18 -11.91 23.20
CA GLU D 281 12.62 -11.88 23.38
C GLU D 281 13.15 -10.45 23.48
N SER D 282 12.59 -9.53 22.70
CA SER D 282 13.04 -8.14 22.76
C SER D 282 12.62 -7.47 24.06
N GLU D 283 11.37 -7.71 24.49
CA GLU D 283 10.95 -7.27 25.81
C GLU D 283 11.84 -7.86 26.88
N SER D 284 12.24 -9.12 26.72
CA SER D 284 13.12 -9.75 27.68
C SER D 284 14.49 -9.09 27.70
N ASN D 285 15.01 -8.70 26.54
CA ASN D 285 16.28 -8.00 26.51
C ASN D 285 16.20 -6.67 27.24
N LEU D 286 15.11 -5.93 27.02
CA LEU D 286 14.93 -4.67 27.73
C LEU D 286 14.84 -4.90 29.24
N ARG D 287 14.07 -5.90 29.65
CA ARG D 287 13.93 -6.16 31.08
C ARG D 287 15.26 -6.59 31.68
N LYS D 288 16.04 -7.38 30.96
CA LYS D 288 17.35 -7.78 31.44
C LYS D 288 18.25 -6.56 31.61
N ALA D 289 18.20 -5.62 30.67
CA ALA D 289 19.01 -4.41 30.78
C ALA D 289 18.64 -3.61 32.03
N PHE D 290 17.35 -3.34 32.20
CA PHE D 290 16.94 -2.55 33.36
C PHE D 290 17.19 -3.29 34.66
N GLU D 291 17.01 -4.62 34.67
CA GLU D 291 17.26 -5.40 35.87
C GLU D 291 18.74 -5.40 36.23
N GLU D 292 19.62 -5.52 35.25
CA GLU D 292 21.04 -5.43 35.51
C GLU D 292 21.41 -4.06 36.05
N ALA D 293 20.80 -3.00 35.52
CA ALA D 293 21.04 -1.67 36.07
C ALA D 293 20.56 -1.57 37.50
N GLU D 294 19.41 -2.16 37.80
CA GLU D 294 18.87 -2.09 39.16
C GLU D 294 19.77 -2.84 40.14
N LYS D 295 20.30 -4.00 39.72
CA LYS D 295 21.16 -4.79 40.60
C LYS D 295 22.41 -4.03 41.01
N ASN D 296 22.87 -3.12 40.15
CA ASN D 296 24.14 -2.43 40.32
C ASN D 296 24.01 -1.01 40.85
N ALA D 297 23.22 -0.80 41.91
CA ALA D 297 23.38 0.35 42.78
C ALA D 297 22.96 1.62 42.04
N PRO D 298 23.63 2.78 42.13
CA PRO D 298 23.36 3.83 41.13
C PRO D 298 23.79 3.36 39.76
N ALA D 299 22.98 3.70 38.76
CA ALA D 299 23.27 3.23 37.42
C ALA D 299 22.74 4.24 36.42
N ILE D 300 23.33 4.21 35.23
CA ILE D 300 22.89 5.01 34.09
C ILE D 300 22.67 4.07 32.93
N ILE D 301 21.52 4.19 32.28
CA ILE D 301 21.22 3.45 31.08
C ILE D 301 21.14 4.46 29.95
N PHE D 302 21.90 4.22 28.89
CA PHE D 302 21.88 5.07 27.72
C PHE D 302 21.29 4.30 26.55
N ILE D 303 20.21 4.81 25.98
CA ILE D 303 19.55 4.19 24.86
C ILE D 303 19.85 5.03 23.62
N ASP D 304 20.88 4.64 22.88
CA ASP D 304 21.21 5.33 21.65
C ASP D 304 20.22 4.97 20.55
N GLU D 305 19.93 5.94 19.69
CA GLU D 305 18.94 5.78 18.63
C GLU D 305 17.59 5.35 19.18
N LEU D 306 17.08 6.12 20.14
CA LEU D 306 15.83 5.77 20.80
C LEU D 306 14.68 5.70 19.79
N ASP D 307 14.67 6.58 18.80
CA ASP D 307 13.57 6.61 17.86
C ASP D 307 13.51 5.34 17.03
N ALA D 308 14.56 4.52 17.06
CA ALA D 308 14.51 3.23 16.39
C ALA D 308 13.57 2.28 17.09
N ILE D 309 13.59 2.28 18.43
CA ILE D 309 12.79 1.32 19.19
C ILE D 309 11.63 1.94 19.93
N ALA D 310 11.43 3.24 19.86
CA ALA D 310 10.35 3.91 20.57
C ALA D 310 9.55 4.80 19.63
N PRO D 311 8.89 4.21 18.64
CA PRO D 311 8.01 5.02 17.79
C PRO D 311 6.64 5.18 18.43
N LYS D 312 5.85 6.06 17.86
CA LYS D 312 4.52 6.30 18.40
C LYS D 312 3.67 5.04 18.32
N ARG D 313 3.03 4.69 19.43
CA ARG D 313 2.22 3.49 19.44
C ARG D 313 1.00 3.64 18.54
N GLU D 314 0.48 4.86 18.39
CA GLU D 314 -0.65 5.06 17.50
C GLU D 314 -0.29 4.81 16.06
N LYS D 315 0.90 5.22 15.64
CA LYS D 315 1.32 5.16 14.26
C LYS D 315 2.07 3.88 13.89
N THR D 316 2.31 2.98 14.84
CA THR D 316 3.11 1.80 14.59
C THR D 316 2.19 0.62 14.26
N HIS D 317 2.44 -0.03 13.11
CA HIS D 317 1.59 -1.12 12.69
C HIS D 317 2.00 -2.44 13.34
N GLY D 318 3.30 -2.70 13.43
CA GLY D 318 3.76 -3.98 13.94
C GLY D 318 3.41 -4.15 15.40
N GLU D 319 3.11 -5.38 15.81
CA GLU D 319 2.79 -5.63 17.20
C GLU D 319 4.04 -5.67 18.06
N VAL D 320 5.17 -6.11 17.50
CA VAL D 320 6.40 -6.19 18.27
C VAL D 320 6.85 -4.81 18.70
N GLU D 321 6.80 -3.84 17.79
CA GLU D 321 7.26 -2.49 18.12
C GLU D 321 6.36 -1.84 19.14
N ARG D 322 5.04 -2.01 19.02
CA ARG D 322 4.13 -1.46 20.02
C ARG D 322 4.36 -2.11 21.38
N ARG D 323 4.60 -3.41 21.40
CA ARG D 323 4.86 -4.06 22.68
C ARG D 323 6.18 -3.61 23.28
N ILE D 324 7.17 -3.31 22.44
CA ILE D 324 8.45 -2.82 22.96
C ILE D 324 8.28 -1.43 23.55
N VAL D 325 7.50 -0.57 22.90
CA VAL D 325 7.26 0.75 23.47
C VAL D 325 6.52 0.63 24.79
N SER D 326 5.51 -0.24 24.84
CA SER D 326 4.78 -0.40 26.10
C SER D 326 5.67 -0.95 27.20
N GLN D 327 6.55 -1.89 26.86
CA GLN D 327 7.50 -2.41 27.83
C GLN D 327 8.41 -1.32 28.36
N LEU D 328 8.91 -0.46 27.47
CA LEU D 328 9.74 0.65 27.91
C LEU D 328 8.97 1.60 28.80
N LEU D 329 7.72 1.92 28.42
CA LEU D 329 6.92 2.81 29.24
C LEU D 329 6.74 2.24 30.63
N THR D 330 6.44 0.96 30.73
CA THR D 330 6.21 0.35 32.03
C THR D 330 7.49 0.29 32.85
N LEU D 331 8.63 0.05 32.19
CA LEU D 331 9.89 -0.03 32.93
C LEU D 331 10.29 1.32 33.49
N MET D 332 10.21 2.37 32.67
CA MET D 332 10.69 3.68 33.09
C MET D 332 9.83 4.23 34.23
N ASP D 333 8.52 4.10 34.12
CA ASP D 333 7.59 4.53 35.16
C ASP D 333 6.42 3.56 35.24
N GLY D 334 6.46 2.67 36.21
CA GLY D 334 5.41 1.67 36.36
C GLY D 334 4.95 1.63 37.79
N LEU D 335 4.30 0.53 38.16
CA LEU D 335 3.85 0.41 39.54
C LEU D 335 5.03 0.17 40.46
N LYS D 336 6.10 -0.45 39.97
CA LYS D 336 7.35 -0.56 40.71
C LYS D 336 8.34 0.47 40.18
N GLN D 337 8.62 1.48 40.99
CA GLN D 337 9.47 2.59 40.58
C GLN D 337 10.91 2.15 40.44
N ARG D 338 11.65 2.88 39.61
CA ARG D 338 13.10 2.70 39.53
C ARG D 338 13.74 3.13 40.84
N ALA D 339 14.87 2.53 41.15
CA ALA D 339 15.66 2.90 42.33
C ALA D 339 17.03 3.34 41.86
N HIS D 340 17.26 4.66 41.83
CA HIS D 340 18.56 5.23 41.52
C HIS D 340 19.06 4.76 40.16
N VAL D 341 18.19 4.82 39.15
CA VAL D 341 18.55 4.50 37.77
C VAL D 341 18.24 5.72 36.93
N ILE D 342 19.24 6.24 36.24
CA ILE D 342 19.08 7.35 35.31
C ILE D 342 18.99 6.75 33.91
N VAL D 343 18.01 7.18 33.13
CA VAL D 343 17.88 6.74 31.76
C VAL D 343 18.18 7.94 30.86
N MET D 344 19.23 7.82 30.06
CA MET D 344 19.58 8.82 29.07
C MET D 344 19.27 8.26 27.70
N ALA D 345 18.84 9.12 26.79
CA ALA D 345 18.59 8.68 25.42
C ALA D 345 18.98 9.78 24.46
N ALA D 346 19.44 9.37 23.28
CA ALA D 346 19.86 10.29 22.24
C ALA D 346 19.08 9.96 20.98
N THR D 347 18.50 10.98 20.36
CA THR D 347 17.71 10.77 19.15
C THR D 347 17.78 12.00 18.26
N ASN D 348 17.84 11.78 16.95
CA ASN D 348 17.82 12.90 16.02
C ASN D 348 16.43 13.46 15.85
N ARG D 349 15.43 12.58 15.81
CA ARG D 349 14.05 12.99 15.59
C ARG D 349 13.27 12.86 16.89
N PRO D 350 13.21 13.90 17.73
CA PRO D 350 12.53 13.73 19.01
C PRO D 350 11.03 13.58 18.88
N ASN D 351 10.45 14.16 17.84
CA ASN D 351 8.99 14.11 17.70
C ASN D 351 8.51 12.76 17.21
N SER D 352 9.44 11.91 16.77
CA SER D 352 9.07 10.54 16.43
C SER D 352 8.88 9.69 17.67
N ILE D 353 9.43 10.12 18.81
CA ILE D 353 9.29 9.37 20.03
C ILE D 353 7.85 9.36 20.47
N ASP D 354 7.45 8.27 21.11
CA ASP D 354 6.08 8.13 21.57
C ASP D 354 5.75 9.19 22.61
N PRO D 355 4.60 9.85 22.50
CA PRO D 355 4.34 11.02 23.38
C PRO D 355 4.26 10.69 24.85
N ALA D 356 4.02 9.43 25.22
CA ALA D 356 3.92 9.10 26.64
C ALA D 356 5.30 8.93 27.25
N LEU D 357 6.33 8.79 26.42
CA LEU D 357 7.70 8.70 26.94
C LEU D 357 8.22 10.07 27.33
N ARG D 358 7.58 11.13 26.83
CA ARG D 358 8.09 12.47 27.01
C ARG D 358 7.44 13.21 28.17
N ARG D 359 6.93 12.51 29.18
CA ARG D 359 6.45 13.16 30.39
C ARG D 359 7.52 13.13 31.47
N PHE D 360 7.15 13.63 32.65
CA PHE D 360 8.14 13.80 33.71
C PHE D 360 8.57 12.47 34.31
N GLY D 361 7.71 11.47 34.31
CA GLY D 361 8.10 10.20 34.87
C GLY D 361 9.27 9.56 34.15
N ARG D 362 9.28 9.63 32.81
CA ARG D 362 10.23 8.85 32.04
C ARG D 362 11.40 9.65 31.50
N PHE D 363 11.17 10.60 30.61
CA PHE D 363 12.25 11.41 30.03
C PHE D 363 11.92 12.85 30.37
N ASP D 364 12.29 13.26 31.58
CA ASP D 364 11.62 14.42 32.17
C ASP D 364 12.21 15.75 31.69
N ARG D 365 13.50 15.77 31.35
CA ARG D 365 14.04 16.93 30.65
C ARG D 365 14.70 16.52 29.35
N GLU D 366 14.47 17.33 28.32
CA GLU D 366 15.01 17.13 26.99
C GLU D 366 16.05 18.21 26.75
N VAL D 367 17.26 17.80 26.40
CA VAL D 367 18.39 18.70 26.28
C VAL D 367 18.73 18.86 24.80
N ASP D 368 18.84 20.10 24.35
CA ASP D 368 18.99 20.41 22.92
C ASP D 368 20.46 20.60 22.59
N ILE D 369 21.06 19.59 21.98
CA ILE D 369 22.47 19.65 21.57
C ILE D 369 22.48 20.30 20.19
N GLY D 370 22.43 21.63 20.15
CA GLY D 370 22.23 22.34 18.91
C GLY D 370 23.51 22.69 18.19
N ILE D 371 23.35 23.38 17.06
CA ILE D 371 24.49 23.79 16.24
C ILE D 371 25.26 24.90 16.98
N PRO D 372 26.56 24.77 17.17
CA PRO D 372 27.29 25.77 17.94
C PRO D 372 27.44 27.08 17.19
N ASP D 373 27.69 28.15 17.95
CA ASP D 373 28.02 29.44 17.39
C ASP D 373 29.51 29.53 17.11
N ALA D 374 30.00 30.73 16.81
CA ALA D 374 31.40 30.89 16.45
C ALA D 374 32.34 30.51 17.58
N THR D 375 32.02 30.96 18.81
CA THR D 375 32.86 30.61 19.95
C THR D 375 32.84 29.12 20.24
N GLY D 376 31.66 28.51 20.14
CA GLY D 376 31.57 27.08 20.36
C GLY D 376 32.38 26.29 19.36
N ARG D 377 32.34 26.68 18.09
CA ARG D 377 33.08 25.91 17.10
C ARG D 377 34.57 26.20 17.19
N LEU D 378 34.95 27.37 17.73
CA LEU D 378 36.35 27.59 18.05
C LEU D 378 36.81 26.63 19.14
N GLU D 379 35.97 26.44 20.17
CA GLU D 379 36.32 25.50 21.22
C GLU D 379 36.42 24.07 20.69
N ILE D 380 35.51 23.70 19.79
CA ILE D 380 35.59 22.37 19.16
C ILE D 380 36.88 22.23 18.37
N LEU D 381 37.27 23.29 17.64
CA LEU D 381 38.50 23.21 16.87
C LEU D 381 39.72 23.03 17.76
N GLN D 382 39.76 23.74 18.89
CA GLN D 382 40.87 23.53 19.83
C GLN D 382 40.87 22.11 20.34
N ILE D 383 39.69 21.58 20.67
CA ILE D 383 39.62 20.19 21.16
C ILE D 383 40.19 19.22 20.13
N HIS D 384 39.83 19.40 18.86
CA HIS D 384 40.24 18.42 17.86
C HIS D 384 41.68 18.61 17.43
N THR D 385 42.23 19.82 17.55
CA THR D 385 43.61 20.04 17.16
C THR D 385 44.59 19.99 18.33
N LYS D 386 44.13 19.68 19.53
CA LYS D 386 45.08 19.53 20.64
C LYS D 386 46.15 18.49 20.34
N ASN D 387 45.77 17.36 19.74
CA ASN D 387 46.76 16.33 19.46
C ASN D 387 47.60 16.67 18.24
N MET D 388 47.01 17.33 17.25
CA MET D 388 47.73 17.66 16.03
C MET D 388 48.86 18.63 16.35
N LYS D 389 50.01 18.41 15.73
CA LYS D 389 51.11 19.35 15.85
C LYS D 389 50.97 20.44 14.80
N LEU D 390 50.74 21.66 15.26
CA LEU D 390 50.33 22.77 14.42
C LEU D 390 51.49 23.76 14.30
N ALA D 391 51.58 24.42 13.15
CA ALA D 391 52.54 25.49 12.97
C ALA D 391 52.15 26.70 13.82
N ASP D 392 52.97 27.75 13.73
CA ASP D 392 52.63 28.99 14.42
C ASP D 392 51.70 29.84 13.60
N ASP D 393 51.64 29.61 12.29
CA ASP D 393 50.80 30.46 11.44
C ASP D 393 49.33 30.11 11.61
N VAL D 394 49.04 28.90 12.10
CA VAL D 394 47.66 28.43 12.15
C VAL D 394 46.87 29.32 13.09
N ASP D 395 45.70 29.74 12.64
CA ASP D 395 44.80 30.57 13.43
C ASP D 395 43.45 29.89 13.46
N LEU D 396 43.15 29.20 14.55
CA LEU D 396 41.89 28.47 14.63
C LEU D 396 40.72 29.42 14.78
N GLU D 397 40.96 30.63 15.25
CA GLU D 397 39.86 31.59 15.37
C GLU D 397 39.33 31.97 14.00
N GLN D 398 40.23 32.15 13.03
CA GLN D 398 39.79 32.41 11.67
C GLN D 398 38.97 31.26 11.13
N VAL D 399 39.44 30.02 11.36
CA VAL D 399 38.71 28.86 10.88
C VAL D 399 37.35 28.77 11.53
N ALA D 400 37.25 29.16 12.80
CA ALA D 400 35.95 29.20 13.46
C ALA D 400 35.04 30.23 12.82
N ASN D 401 35.61 31.34 12.36
CA ASN D 401 34.78 32.34 11.69
C ASN D 401 34.31 31.88 10.32
N GLU D 402 35.19 31.25 9.54
CA GLU D 402 34.84 30.93 8.15
C GLU D 402 33.82 29.81 8.07
N THR D 403 33.82 28.88 9.03
CA THR D 403 32.87 27.78 9.06
C THR D 403 31.57 28.29 9.68
N HIS D 404 30.48 28.19 8.91
CA HIS D 404 29.22 28.78 9.35
C HIS D 404 28.23 27.76 9.88
N GLY D 405 27.87 26.75 9.11
CA GLY D 405 26.87 25.79 9.55
C GLY D 405 27.42 24.52 10.13
N HIS D 406 28.71 24.45 10.44
CA HIS D 406 29.32 23.20 10.87
C HIS D 406 28.90 22.86 12.30
N VAL D 407 28.76 21.57 12.57
CA VAL D 407 28.17 21.12 13.84
C VAL D 407 29.15 20.43 14.77
N GLY D 408 30.39 20.24 14.37
CA GLY D 408 31.31 19.56 15.25
C GLY D 408 31.84 18.29 14.67
N ALA D 409 30.98 17.49 14.02
CA ALA D 409 31.49 16.41 13.22
C ALA D 409 32.11 16.95 11.93
N ASP D 410 31.55 18.03 11.41
CA ASP D 410 32.15 18.69 10.25
C ASP D 410 33.48 19.33 10.60
N LEU D 411 33.64 19.80 11.84
CA LEU D 411 34.92 20.36 12.23
C LEU D 411 35.97 19.27 12.44
N ALA D 412 35.55 18.10 12.95
CA ALA D 412 36.46 16.97 12.99
C ALA D 412 36.88 16.57 11.59
N ALA D 413 35.94 16.58 10.64
CA ALA D 413 36.29 16.29 9.25
C ALA D 413 37.25 17.33 8.70
N LEU D 414 37.04 18.60 9.05
CA LEU D 414 37.94 19.66 8.59
C LEU D 414 39.35 19.45 9.11
N CYS D 415 39.49 19.13 10.40
CA CYS D 415 40.82 18.91 10.95
C CYS D 415 41.49 17.70 10.33
N SER D 416 40.74 16.60 10.15
CA SER D 416 41.33 15.43 9.51
C SER D 416 41.73 15.74 8.07
N GLU D 417 40.92 16.51 7.35
CA GLU D 417 41.25 16.84 5.96
C GLU D 417 42.48 17.71 5.89
N ALA D 418 42.63 18.65 6.83
CA ALA D 418 43.84 19.45 6.87
C ALA D 418 45.06 18.58 7.10
N ALA D 419 44.97 17.61 8.00
CA ALA D 419 46.11 16.74 8.24
C ALA D 419 46.44 15.86 7.04
N LEU D 420 45.40 15.35 6.35
CA LEU D 420 45.66 14.59 5.13
C LEU D 420 46.30 15.45 4.06
N GLN D 421 45.91 16.71 3.96
CA GLN D 421 46.57 17.59 2.99
C GLN D 421 48.02 17.84 3.38
N ALA D 422 48.29 18.00 4.67
CA ALA D 422 49.68 18.15 5.11
C ALA D 422 50.50 16.92 4.73
N ILE D 423 49.92 15.74 4.89
CA ILE D 423 50.63 14.51 4.52
C ILE D 423 50.80 14.42 3.01
N ARG D 424 49.80 14.87 2.25
CA ARG D 424 49.94 14.84 0.78
C ARG D 424 51.06 15.77 0.33
N LYS D 425 51.26 16.88 1.03
CA LYS D 425 52.37 17.77 0.69
C LYS D 425 53.71 17.08 0.86
N LYS D 426 53.76 16.00 1.65
CA LYS D 426 55.01 15.32 1.97
C LYS D 426 55.18 13.98 1.26
N MET D 427 54.36 13.67 0.26
CA MET D 427 54.54 12.40 -0.45
C MET D 427 55.62 12.50 -1.51
N ASP D 428 56.08 13.72 -1.83
CA ASP D 428 57.26 13.83 -2.68
C ASP D 428 58.45 13.14 -2.04
N LEU D 429 58.73 13.48 -0.77
CA LEU D 429 59.87 12.89 -0.08
C LEU D 429 59.58 11.46 0.36
N ILE D 430 58.37 11.22 0.89
CA ILE D 430 58.04 9.92 1.47
C ILE D 430 57.70 8.93 0.35
N ASP D 431 58.01 7.66 0.59
CA ASP D 431 57.77 6.59 -0.37
C ASP D 431 56.69 5.66 0.16
N LEU D 432 55.68 5.40 -0.68
CA LEU D 432 54.72 4.35 -0.37
C LEU D 432 55.40 2.98 -0.44
N GLU D 433 56.40 2.86 -1.31
CA GLU D 433 57.07 1.57 -1.51
C GLU D 433 57.98 1.23 -0.34
N ASP D 434 58.68 2.21 0.22
CA ASP D 434 59.47 1.97 1.42
C ASP D 434 58.57 1.53 2.56
N GLU D 435 59.06 0.59 3.37
CA GLU D 435 58.24 0.08 4.46
C GLU D 435 58.16 1.11 5.60
N THR D 436 59.27 1.77 5.91
CA THR D 436 59.35 2.64 7.07
C THR D 436 59.88 4.00 6.65
N ILE D 437 59.65 5.00 7.50
CA ILE D 437 59.87 6.40 7.18
C ILE D 437 61.08 6.90 7.95
N ASP D 438 61.92 7.68 7.30
CA ASP D 438 63.06 8.30 7.97
C ASP D 438 62.57 9.32 8.99
N ALA D 439 63.41 9.62 9.98
CA ALA D 439 62.99 10.48 11.08
C ALA D 439 62.90 11.94 10.65
N GLU D 440 63.71 12.34 9.67
CA GLU D 440 63.80 13.76 9.33
C GLU D 440 62.48 14.28 8.78
N VAL D 441 61.91 13.61 7.78
CA VAL D 441 60.65 14.06 7.21
C VAL D 441 59.54 13.99 8.25
N MET D 442 59.48 12.91 9.01
CA MET D 442 58.43 12.73 9.99
C MET D 442 58.46 13.84 11.04
N ASN D 443 59.65 14.22 11.50
CA ASN D 443 59.78 15.32 12.43
C ASN D 443 59.43 16.64 11.75
N SER D 444 59.76 16.78 10.48
CA SER D 444 59.46 18.03 9.76
C SER D 444 57.98 18.11 9.40
N LEU D 445 57.23 17.04 9.66
CA LEU D 445 55.83 17.00 9.26
C LEU D 445 54.97 17.83 10.21
N ALA D 446 54.21 18.76 9.66
CA ALA D 446 53.37 19.63 10.47
C ALA D 446 52.25 20.19 9.60
N VAL D 447 51.25 20.76 10.27
CA VAL D 447 50.08 21.33 9.61
C VAL D 447 50.20 22.83 9.63
N THR D 448 50.19 23.45 8.45
CA THR D 448 50.27 24.89 8.32
C THR D 448 48.88 25.46 8.01
N MET D 449 48.80 26.80 7.97
CA MET D 449 47.53 27.43 7.73
C MET D 449 47.04 27.21 6.32
N ASP D 450 47.95 26.97 5.38
CA ASP D 450 47.52 26.66 4.02
C ASP D 450 46.74 25.36 3.98
N ASP D 451 47.16 24.39 4.78
CA ASP D 451 46.41 23.13 4.84
C ASP D 451 45.01 23.35 5.37
N PHE D 452 44.88 24.19 6.39
CA PHE D 452 43.56 24.50 6.93
C PHE D 452 42.73 25.26 5.92
N ARG D 453 43.37 26.14 5.14
CA ARG D 453 42.63 26.85 4.10
C ARG D 453 42.14 25.89 3.02
N TRP D 454 42.96 24.91 2.65
CA TRP D 454 42.51 23.91 1.70
C TRP D 454 41.34 23.12 2.25
N ALA D 455 41.43 22.70 3.51
CA ALA D 455 40.33 21.97 4.13
C ALA D 455 39.06 22.81 4.17
N LEU D 456 39.20 24.09 4.49
CA LEU D 456 38.05 25.00 4.47
C LEU D 456 37.44 25.08 3.09
N SER D 457 38.27 25.15 2.06
CA SER D 457 37.75 25.20 0.71
C SER D 457 36.94 23.95 0.40
N GLN D 458 37.43 22.78 0.78
CA GLN D 458 36.68 21.56 0.51
C GLN D 458 35.50 21.41 1.46
N SER D 459 35.63 21.92 2.69
CA SER D 459 34.63 21.65 3.71
C SER D 459 33.29 22.25 3.33
N ASN D 460 32.23 21.56 3.73
CA ASN D 460 30.87 21.94 3.42
C ASN D 460 29.99 21.15 4.37
N PRO D 461 29.07 21.81 5.08
CA PRO D 461 28.33 21.12 6.14
C PRO D 461 27.68 19.82 5.66
N SER D 462 27.76 18.80 6.51
CA SER D 462 27.17 17.51 6.17
C SER D 462 25.65 17.61 6.03
N ALA D 463 25.04 18.56 6.73
CA ALA D 463 23.59 18.72 6.63
C ALA D 463 23.19 19.19 5.25
N LEU D 464 24.11 19.81 4.52
CA LEU D 464 23.85 20.37 3.21
C LEU D 464 24.30 19.48 2.07
N ARG D 465 24.78 18.27 2.35
CA ARG D 465 25.33 17.44 1.29
C ARG D 465 24.29 17.14 0.22
N GLU D 466 23.03 17.03 0.63
CA GLU D 466 21.96 16.81 -0.35
C GLU D 466 21.86 17.97 -1.32
N THR D 467 21.94 19.20 -0.80
CA THR D 467 21.73 20.41 -1.61
C THR D 467 23.06 21.05 -2.00
N VAL D 468 23.93 20.27 -2.61
CA VAL D 468 25.23 20.77 -3.07
C VAL D 468 25.26 20.77 -4.58
N VAL D 469 25.51 21.95 -5.14
CA VAL D 469 25.60 22.15 -6.58
C VAL D 469 26.90 22.88 -6.85
N GLU D 470 27.58 22.50 -7.94
CA GLU D 470 28.75 23.23 -8.37
C GLU D 470 28.35 24.61 -8.89
N VAL D 471 29.21 25.59 -8.71
CA VAL D 471 28.96 26.90 -9.30
C VAL D 471 30.20 27.24 -10.13
N PRO D 472 30.06 28.01 -11.21
CA PRO D 472 31.17 28.13 -12.16
C PRO D 472 32.24 29.14 -11.78
N GLN D 473 32.36 29.51 -10.51
CA GLN D 473 33.45 30.36 -10.03
C GLN D 473 33.36 31.78 -10.57
N VAL D 474 32.19 32.39 -10.45
CA VAL D 474 32.04 33.79 -10.82
C VAL D 474 32.49 34.66 -9.66
N THR D 475 32.94 35.86 -9.98
CA THR D 475 33.43 36.82 -8.99
C THR D 475 32.70 38.14 -9.21
N TRP D 476 32.77 39.03 -8.22
CA TRP D 476 32.13 40.34 -8.37
C TRP D 476 32.77 41.12 -9.51
N GLU D 477 33.97 40.74 -9.94
CA GLU D 477 34.58 41.39 -11.09
C GLU D 477 33.90 40.98 -12.38
N ASP D 478 33.49 39.71 -12.48
CA ASP D 478 32.98 39.18 -13.73
C ASP D 478 31.66 39.84 -14.12
N ILE D 479 30.94 40.41 -13.16
CA ILE D 479 29.72 41.11 -13.48
C ILE D 479 30.04 42.56 -13.83
N GLY D 480 29.56 43.02 -14.97
CA GLY D 480 29.80 44.38 -15.42
C GLY D 480 28.58 45.24 -15.15
N GLY D 481 28.83 46.43 -14.63
CA GLY D 481 27.74 47.29 -14.24
C GLY D 481 27.09 46.81 -12.95
N LEU D 482 25.86 47.25 -12.75
CA LEU D 482 25.08 46.85 -11.57
C LEU D 482 25.82 47.18 -10.28
N GLU D 483 26.50 48.33 -10.25
CA GLU D 483 27.27 48.68 -9.07
C GLU D 483 26.38 48.82 -7.84
N ASP D 484 25.24 49.48 -8.01
CA ASP D 484 24.32 49.67 -6.90
C ASP D 484 23.80 48.34 -6.39
N VAL D 485 23.43 47.44 -7.30
CA VAL D 485 22.95 46.12 -6.92
C VAL D 485 24.05 45.33 -6.23
N LYS D 486 25.27 45.39 -6.76
CA LYS D 486 26.37 44.68 -6.12
C LYS D 486 26.56 45.14 -4.69
N ARG D 487 26.54 46.46 -4.47
CA ARG D 487 26.72 46.96 -3.11
C ARG D 487 25.56 46.56 -2.22
N GLU D 488 24.33 46.62 -2.73
CA GLU D 488 23.19 46.21 -1.92
C GLU D 488 23.32 44.75 -1.50
N LEU D 489 23.70 43.87 -2.42
CA LEU D 489 23.80 42.45 -2.06
C LEU D 489 24.94 42.20 -1.09
N GLN D 490 26.08 42.85 -1.29
CA GLN D 490 27.19 42.67 -0.35
C GLN D 490 26.80 43.11 1.05
N GLU D 491 26.19 44.29 1.16
CA GLU D 491 25.72 44.75 2.46
C GLU D 491 24.71 43.79 3.05
N LEU D 492 23.74 43.37 2.22
CA LEU D 492 22.69 42.47 2.67
C LEU D 492 23.25 41.25 3.37
N VAL D 493 24.19 40.57 2.73
CA VAL D 493 24.63 39.29 3.28
C VAL D 493 25.68 39.51 4.36
N GLN D 494 26.42 40.62 4.31
CA GLN D 494 27.58 40.75 5.19
C GLN D 494 27.24 41.46 6.49
N TYR D 495 26.33 42.44 6.48
CA TYR D 495 26.07 43.19 7.71
C TYR D 495 25.57 42.33 8.85
N PRO D 496 24.51 41.53 8.70
CA PRO D 496 24.01 40.79 9.86
C PRO D 496 24.95 39.71 10.36
N VAL D 497 25.91 39.28 9.53
CA VAL D 497 26.82 38.22 9.97
C VAL D 497 28.08 38.82 10.56
N GLU D 498 28.52 39.96 10.02
CA GLU D 498 29.79 40.54 10.47
C GLU D 498 29.57 41.51 11.62
N HIS D 499 28.55 42.35 11.54
CA HIS D 499 28.29 43.38 12.54
C HIS D 499 26.86 43.29 13.05
N PRO D 500 26.50 42.22 13.75
CA PRO D 500 25.21 42.22 14.45
C PRO D 500 25.15 43.25 15.56
N ASP D 501 26.31 43.68 16.03
CA ASP D 501 26.37 44.68 17.09
C ASP D 501 25.65 45.93 16.68
N LYS D 502 25.86 46.38 15.44
CA LYS D 502 25.22 47.59 14.96
C LYS D 502 23.70 47.43 14.96
N PHE D 503 23.21 46.27 14.54
CA PHE D 503 21.77 46.05 14.49
C PHE D 503 21.17 46.04 15.89
N LEU D 504 21.83 45.39 16.84
CA LEU D 504 21.34 45.40 18.21
C LEU D 504 21.35 46.81 18.78
N LYS D 505 22.40 47.58 18.49
CA LYS D 505 22.50 48.94 18.99
C LYS D 505 21.41 49.83 18.42
N PHE D 506 21.07 49.64 17.14
CA PHE D 506 19.97 50.38 16.55
C PHE D 506 18.63 49.69 16.76
N GLY D 507 18.63 48.44 17.22
CA GLY D 507 17.41 47.78 17.62
C GLY D 507 16.43 47.51 16.51
N MET D 508 16.93 47.12 15.33
CA MET D 508 16.09 46.70 14.22
C MET D 508 16.64 45.42 13.61
N THR D 509 15.74 44.49 13.32
CA THR D 509 16.09 43.25 12.64
C THR D 509 16.47 43.55 11.19
N PRO D 510 17.45 42.86 10.63
CA PRO D 510 17.83 43.11 9.24
C PRO D 510 16.71 42.70 8.28
N SER D 511 16.76 43.27 7.08
CA SER D 511 15.91 42.82 5.99
C SER D 511 16.59 41.67 5.26
N LYS D 512 15.84 40.60 4.99
CA LYS D 512 16.44 39.37 4.49
C LYS D 512 15.77 38.81 3.24
N GLY D 513 15.16 39.65 2.42
CA GLY D 513 14.57 39.14 1.20
C GLY D 513 14.90 39.99 0.01
N VAL D 514 15.22 39.38 -1.11
CA VAL D 514 15.57 40.09 -2.33
C VAL D 514 14.92 39.38 -3.51
N LEU D 515 14.32 40.15 -4.41
CA LEU D 515 13.76 39.59 -5.63
C LEU D 515 14.35 40.31 -6.82
N PHE D 516 14.97 39.56 -7.73
CA PHE D 516 15.49 40.10 -8.97
C PHE D 516 14.47 39.84 -10.07
N TYR D 517 13.99 40.89 -10.70
CA TYR D 517 13.10 40.73 -11.84
C TYR D 517 13.59 41.63 -12.96
N GLY D 518 13.61 41.11 -14.18
CA GLY D 518 14.12 41.85 -15.30
C GLY D 518 14.13 41.02 -16.57
N PRO D 519 14.47 41.66 -17.68
CA PRO D 519 14.40 40.97 -18.96
C PRO D 519 15.37 39.81 -19.00
N PRO D 520 15.13 38.81 -19.83
CA PRO D 520 16.03 37.67 -19.91
C PRO D 520 17.44 38.08 -20.33
N GLY D 521 18.43 37.47 -19.71
CA GLY D 521 19.81 37.70 -20.06
C GLY D 521 20.51 38.84 -19.34
N CYS D 522 19.89 39.46 -18.36
CA CYS D 522 20.38 40.73 -17.86
C CYS D 522 21.25 40.63 -16.62
N GLY D 523 21.44 39.43 -16.06
CA GLY D 523 22.37 39.29 -14.95
C GLY D 523 21.78 38.96 -13.60
N LYS D 524 20.76 38.09 -13.53
CA LYS D 524 20.23 37.70 -12.23
C LYS D 524 20.87 36.41 -11.72
N THR D 525 20.85 35.37 -12.54
CA THR D 525 21.50 34.13 -12.13
C THR D 525 23.02 34.34 -12.02
N LEU D 526 23.56 35.28 -12.78
CA LEU D 526 24.96 35.64 -12.60
C LEU D 526 25.21 36.28 -11.25
N LEU D 527 24.32 37.17 -10.80
CA LEU D 527 24.47 37.74 -9.47
C LEU D 527 24.36 36.66 -8.42
N ALA D 528 23.49 35.67 -8.63
CA ALA D 528 23.41 34.56 -7.69
C ALA D 528 24.71 33.76 -7.65
N LYS D 529 25.33 33.52 -8.80
CA LYS D 529 26.61 32.82 -8.80
C LYS D 529 27.68 33.63 -8.06
N ALA D 530 27.67 34.94 -8.26
CA ALA D 530 28.63 35.78 -7.57
C ALA D 530 28.43 35.73 -6.07
N ILE D 531 27.18 35.74 -5.62
CA ILE D 531 26.91 35.61 -4.19
C ILE D 531 27.36 34.26 -3.67
N ALA D 532 27.12 33.20 -4.45
CA ALA D 532 27.50 31.86 -4.03
C ALA D 532 29.00 31.77 -3.82
N ASN D 533 29.79 32.34 -4.74
CA ASN D 533 31.23 32.22 -4.61
C ASN D 533 31.81 33.22 -3.61
N GLU D 534 31.27 34.43 -3.55
CA GLU D 534 31.92 35.51 -2.81
C GLU D 534 31.43 35.69 -1.39
N CYS D 535 30.13 35.78 -1.17
CA CYS D 535 29.62 36.11 0.16
C CYS D 535 30.00 35.04 1.17
N GLN D 536 30.19 35.48 2.41
CA GLN D 536 30.63 34.60 3.50
C GLN D 536 29.40 34.05 4.21
N ALA D 537 28.74 33.11 3.53
CA ALA D 537 27.59 32.41 4.07
C ALA D 537 27.33 31.19 3.21
N ASN D 538 26.65 30.22 3.79
CA ASN D 538 26.29 29.03 3.05
C ASN D 538 25.31 29.39 1.95
N PHE D 539 25.31 28.60 0.88
CA PHE D 539 24.47 28.84 -0.27
C PHE D 539 23.72 27.57 -0.61
N ILE D 540 22.40 27.68 -0.70
CA ILE D 540 21.54 26.60 -1.14
C ILE D 540 20.82 27.08 -2.38
N SER D 541 21.08 26.43 -3.50
CA SER D 541 20.50 26.79 -4.78
C SER D 541 19.35 25.85 -5.06
N ILE D 542 18.17 26.41 -5.28
CA ILE D 542 16.98 25.63 -5.58
C ILE D 542 16.47 26.06 -6.94
N LYS D 543 16.42 25.14 -7.89
CA LYS D 543 15.63 25.36 -9.08
C LYS D 543 14.17 25.45 -8.66
N GLY D 544 13.36 26.15 -9.44
CA GLY D 544 11.98 26.33 -9.08
C GLY D 544 11.24 25.03 -8.75
N PRO D 545 10.95 24.24 -9.77
CA PRO D 545 10.05 23.09 -9.61
C PRO D 545 10.70 21.82 -9.12
N GLU D 546 11.86 21.86 -8.48
CA GLU D 546 12.46 20.63 -7.98
C GLU D 546 11.86 20.21 -6.66
N LEU D 547 11.00 21.04 -6.08
CA LEU D 547 10.39 20.72 -4.81
C LEU D 547 9.11 19.92 -4.99
N LEU D 548 8.43 20.10 -6.10
CA LEU D 548 7.11 19.52 -6.29
C LEU D 548 7.18 18.02 -6.50
N THR D 549 6.19 17.31 -5.96
CA THR D 549 6.15 15.86 -5.99
C THR D 549 4.71 15.41 -6.23
N MET D 550 4.56 14.27 -6.92
CA MET D 550 3.24 13.75 -7.22
C MET D 550 2.52 13.25 -5.97
N TRP D 551 3.26 13.00 -4.89
CA TRP D 551 2.66 12.46 -3.69
C TRP D 551 1.97 13.55 -2.89
N PHE D 552 0.90 13.18 -2.18
CA PHE D 552 0.09 14.16 -1.50
C PHE D 552 0.82 14.70 -0.27
N GLY D 553 0.86 16.02 -0.15
CA GLY D 553 1.45 16.63 1.01
C GLY D 553 2.96 16.52 1.10
N GLU D 554 3.62 16.02 0.06
CA GLU D 554 5.07 15.88 0.09
C GLU D 554 5.76 17.11 -0.49
N SER D 555 5.08 17.86 -1.34
CA SER D 555 5.66 19.08 -1.88
C SER D 555 5.89 20.10 -0.77
N GLU D 556 4.89 20.30 0.08
CA GLU D 556 5.05 21.19 1.22
C GLU D 556 6.06 20.61 2.20
N ALA D 557 6.18 19.29 2.27
CA ALA D 557 7.21 18.70 3.12
C ALA D 557 8.60 19.04 2.62
N ASN D 558 8.80 19.01 1.31
CA ASN D 558 10.08 19.43 0.74
C ASN D 558 10.35 20.90 1.01
N VAL D 559 9.33 21.74 0.90
CA VAL D 559 9.51 23.15 1.23
C VAL D 559 9.94 23.32 2.68
N ARG D 560 9.27 22.61 3.59
CA ARG D 560 9.60 22.70 5.00
C ARG D 560 11.02 22.23 5.25
N GLU D 561 11.44 21.13 4.62
CA GLU D 561 12.78 20.61 4.92
C GLU D 561 13.87 21.48 4.31
N ILE D 562 13.61 22.11 3.16
CA ILE D 562 14.64 22.98 2.60
C ILE D 562 14.78 24.24 3.45
N PHE D 563 13.67 24.78 3.94
CA PHE D 563 13.79 25.95 4.81
C PHE D 563 14.42 25.57 6.14
N ASP D 564 14.19 24.35 6.61
CA ASP D 564 14.85 23.90 7.83
C ASP D 564 16.36 23.74 7.62
N LYS D 565 16.77 23.23 6.46
CA LYS D 565 18.19 23.15 6.15
C LYS D 565 18.81 24.53 6.12
N ALA D 566 18.08 25.52 5.59
CA ALA D 566 18.58 26.88 5.61
C ALA D 566 18.73 27.38 7.05
N ARG D 567 17.75 27.10 7.90
CA ARG D 567 17.83 27.59 9.28
C ARG D 567 18.98 26.94 10.04
N GLN D 568 19.21 25.65 9.85
CA GLN D 568 20.31 24.99 10.55
C GLN D 568 21.66 25.56 10.12
N ALA D 569 21.86 25.73 8.83
CA ALA D 569 23.12 26.22 8.31
C ALA D 569 23.20 27.74 8.27
N ALA D 570 22.38 28.42 9.05
CA ALA D 570 22.42 29.88 9.06
C ALA D 570 23.78 30.36 9.55
N PRO D 571 24.34 31.41 8.95
CA PRO D 571 23.81 32.23 7.86
C PRO D 571 23.81 31.53 6.52
N CYS D 572 22.67 31.50 5.85
CA CYS D 572 22.53 30.75 4.62
C CYS D 572 21.72 31.55 3.63
N VAL D 573 22.17 31.56 2.38
CA VAL D 573 21.48 32.22 1.28
C VAL D 573 20.70 31.17 0.52
N LEU D 574 19.40 31.37 0.38
CA LEU D 574 18.52 30.44 -0.29
C LEU D 574 18.04 31.08 -1.58
N PHE D 575 18.48 30.52 -2.71
CA PHE D 575 18.22 31.10 -4.01
C PHE D 575 17.22 30.25 -4.77
N PHE D 576 16.12 30.87 -5.20
CA PHE D 576 15.13 30.24 -6.07
C PHE D 576 15.34 30.77 -7.48
N ASP D 577 15.89 29.92 -8.34
CA ASP D 577 16.32 30.38 -9.66
C ASP D 577 15.16 30.90 -10.49
N GLN D 578 14.03 30.21 -10.46
CA GLN D 578 12.83 30.61 -11.19
C GLN D 578 11.71 30.63 -10.16
N LEU D 579 11.49 31.79 -9.56
CA LEU D 579 10.52 31.89 -8.48
C LEU D 579 9.10 31.68 -8.99
N ASP D 580 8.82 32.11 -10.21
CA ASP D 580 7.44 32.07 -10.71
C ASP D 580 6.91 30.65 -10.81
N SER D 581 7.80 29.67 -10.97
CA SER D 581 7.34 28.28 -11.05
C SER D 581 6.80 27.82 -9.72
N ILE D 582 7.55 28.04 -8.64
CA ILE D 582 7.15 27.56 -7.34
C ILE D 582 6.18 28.53 -6.68
N ALA D 583 6.33 29.83 -6.96
CA ALA D 583 5.52 30.87 -6.35
C ALA D 583 4.65 31.49 -7.42
N LYS D 584 3.35 31.32 -7.29
CA LYS D 584 2.39 31.80 -8.27
C LYS D 584 1.12 32.17 -7.53
N ALA D 585 0.35 33.09 -8.09
CA ALA D 585 -0.82 33.60 -7.39
C ALA D 585 -1.77 32.46 -7.07
N ARG D 586 -2.30 32.45 -5.85
CA ARG D 586 -3.18 31.38 -5.42
C ARG D 586 -4.55 31.51 -6.05
N GLY D 587 -5.09 30.39 -6.52
CA GLY D 587 -6.35 30.38 -7.23
C GLY D 587 -6.27 30.67 -8.71
N GLY D 588 -5.06 30.71 -9.29
CA GLY D 588 -4.93 31.04 -10.70
C GLY D 588 -5.12 29.86 -11.61
N ASN D 589 -5.11 28.65 -11.06
CA ASN D 589 -5.12 27.41 -11.85
C ASN D 589 -6.39 26.62 -11.59
N ILE D 590 -6.76 25.77 -12.55
CA ILE D 590 -7.95 24.94 -12.40
C ILE D 590 -7.60 23.57 -11.82
N GLY D 591 -6.55 22.93 -12.34
CA GLY D 591 -6.18 21.59 -11.91
C GLY D 591 -5.13 21.59 -10.81
N ASP D 592 -3.90 21.18 -11.15
CA ASP D 592 -2.75 21.23 -10.24
C ASP D 592 -2.98 20.40 -8.99
N GLY D 593 -3.58 19.23 -9.15
CA GLY D 593 -3.93 18.43 -7.99
C GLY D 593 -5.05 19.11 -7.23
N GLY D 594 -5.10 18.85 -5.93
CA GLY D 594 -6.05 19.53 -5.09
C GLY D 594 -5.53 20.89 -4.68
N GLY D 595 -5.10 21.68 -5.66
CA GLY D 595 -4.40 22.91 -5.34
C GLY D 595 -3.09 22.67 -4.64
N ALA D 596 -2.32 21.69 -5.10
CA ALA D 596 -1.02 21.44 -4.50
C ALA D 596 -0.11 22.64 -4.66
N ALA D 597 -0.23 23.34 -5.78
CA ALA D 597 0.55 24.55 -5.96
C ALA D 597 0.19 25.62 -4.93
N ASP D 598 -1.10 25.78 -4.64
CA ASP D 598 -1.51 26.78 -3.66
C ASP D 598 -1.09 26.39 -2.25
N ARG D 599 -1.12 25.09 -1.95
CA ARG D 599 -0.60 24.64 -0.66
C ARG D 599 0.89 24.88 -0.56
N VAL D 600 1.62 24.74 -1.66
CA VAL D 600 3.04 25.06 -1.64
C VAL D 600 3.26 26.55 -1.40
N ILE D 601 2.43 27.39 -2.02
CA ILE D 601 2.51 28.83 -1.76
C ILE D 601 2.28 29.11 -0.30
N ASN D 602 1.26 28.51 0.29
CA ASN D 602 0.95 28.78 1.69
C ASN D 602 2.07 28.32 2.59
N GLN D 603 2.67 27.17 2.27
CA GLN D 603 3.80 26.69 3.06
C GLN D 603 4.98 27.64 2.96
N ILE D 604 5.26 28.16 1.76
CA ILE D 604 6.36 29.11 1.61
C ILE D 604 6.06 30.39 2.40
N LEU D 605 4.84 30.89 2.32
CA LEU D 605 4.48 32.09 3.08
C LEU D 605 4.70 31.87 4.56
N THR D 606 4.29 30.71 5.07
CA THR D 606 4.43 30.46 6.50
C THR D 606 5.89 30.29 6.89
N GLU D 607 6.70 29.72 6.00
CA GLU D 607 8.10 29.51 6.34
C GLU D 607 8.87 30.82 6.39
N MET D 608 8.60 31.72 5.46
CA MET D 608 9.42 32.92 5.37
C MET D 608 9.05 33.94 6.45
N ASP D 609 7.76 33.99 6.82
CA ASP D 609 7.31 34.92 7.85
C ASP D 609 6.12 34.30 8.58
N GLY D 610 6.42 33.56 9.63
CA GLY D 610 5.40 32.85 10.38
C GLY D 610 5.57 33.16 11.86
N MET D 611 5.03 32.27 12.69
CA MET D 611 5.11 32.53 14.12
C MET D 611 6.44 32.11 14.74
N SER D 612 7.24 31.31 14.04
CA SER D 612 8.54 30.95 14.57
C SER D 612 9.50 32.14 14.47
N THR D 613 10.51 32.14 15.33
CA THR D 613 11.44 33.27 15.33
C THR D 613 12.35 33.21 14.11
N LYS D 614 13.01 34.32 13.82
CA LYS D 614 13.76 34.45 12.58
C LYS D 614 15.21 34.05 12.77
N LYS D 615 15.82 33.57 11.71
CA LYS D 615 17.25 33.27 11.68
C LYS D 615 17.90 34.10 10.59
N ASN D 616 19.20 33.90 10.42
CA ASN D 616 19.95 34.58 9.36
C ASN D 616 19.84 33.77 8.08
N VAL D 617 18.63 33.73 7.53
CA VAL D 617 18.39 33.08 6.26
C VAL D 617 17.91 34.13 5.27
N PHE D 618 18.73 34.40 4.25
CA PHE D 618 18.43 35.40 3.24
C PHE D 618 17.87 34.70 2.02
N ILE D 619 16.64 35.07 1.65
CA ILE D 619 15.95 34.45 0.52
C ILE D 619 16.08 35.36 -0.68
N ILE D 620 16.69 34.85 -1.74
CA ILE D 620 16.90 35.59 -2.97
C ILE D 620 16.17 34.88 -4.08
N GLY D 621 15.29 35.58 -4.76
CA GLY D 621 14.52 35.00 -5.85
C GLY D 621 14.76 35.75 -7.13
N ALA D 622 14.80 35.01 -8.23
CA ALA D 622 14.98 35.57 -9.56
C ALA D 622 13.82 35.15 -10.42
N THR D 623 13.20 36.11 -11.11
CA THR D 623 12.03 35.83 -11.92
C THR D 623 12.02 36.73 -13.14
N ASN D 624 11.58 36.18 -14.27
CA ASN D 624 11.29 37.02 -15.42
C ASN D 624 9.91 37.66 -15.30
N ARG D 625 8.97 36.97 -14.68
CA ARG D 625 7.58 37.38 -14.68
C ARG D 625 7.15 37.70 -13.26
N PRO D 626 7.41 38.91 -12.75
CA PRO D 626 7.08 39.22 -11.36
C PRO D 626 5.64 39.61 -11.13
N ASP D 627 4.82 39.63 -12.17
CA ASP D 627 3.43 40.03 -12.03
C ASP D 627 2.54 38.87 -11.59
N ILE D 628 2.93 37.64 -11.90
CA ILE D 628 2.09 36.52 -11.53
C ILE D 628 2.32 36.12 -10.08
N ILE D 629 3.42 36.55 -9.49
CA ILE D 629 3.79 36.08 -8.16
C ILE D 629 2.75 36.53 -7.15
N ASP D 630 2.47 35.67 -6.17
CA ASP D 630 1.49 35.97 -5.15
C ASP D 630 1.88 37.23 -4.38
N PRO D 631 0.97 38.20 -4.26
CA PRO D 631 1.34 39.47 -3.63
C PRO D 631 1.79 39.32 -2.19
N ALA D 632 1.35 38.27 -1.50
CA ALA D 632 1.80 38.04 -0.13
C ALA D 632 3.27 37.65 -0.11
N ILE D 633 3.81 37.20 -1.23
CA ILE D 633 5.25 36.94 -1.30
C ILE D 633 6.03 38.24 -1.38
N LEU D 634 5.46 39.26 -2.02
CA LEU D 634 6.21 40.47 -2.30
C LEU D 634 6.13 41.49 -1.16
N ARG D 635 5.32 41.22 -0.14
CA ARG D 635 5.22 42.14 0.99
C ARG D 635 6.47 42.07 1.86
N PRO D 636 6.91 43.19 2.44
CA PRO D 636 8.14 43.19 3.25
C PRO D 636 8.05 42.23 4.42
N GLY D 637 9.19 41.65 4.77
CA GLY D 637 9.25 40.48 5.61
C GLY D 637 9.36 39.20 4.83
N ARG D 638 8.90 39.21 3.59
CA ARG D 638 9.16 38.19 2.59
C ARG D 638 9.59 38.91 1.34
N LEU D 639 10.83 38.73 0.91
CA LEU D 639 11.34 39.44 -0.26
C LEU D 639 11.13 40.95 -0.11
N ASP D 640 11.87 41.52 0.83
CA ASP D 640 11.71 42.91 1.20
C ASP D 640 11.92 43.84 0.03
N GLN D 641 13.01 43.66 -0.72
CA GLN D 641 13.40 44.56 -1.79
C GLN D 641 13.13 43.90 -3.13
N LEU D 642 12.53 44.66 -4.04
CA LEU D 642 12.36 44.24 -5.41
C LEU D 642 13.37 44.97 -6.27
N ILE D 643 14.47 44.30 -6.63
CA ILE D 643 15.55 44.89 -7.38
C ILE D 643 15.32 44.61 -8.86
N TYR D 644 15.23 45.67 -9.65
CA TYR D 644 14.98 45.55 -11.07
C TYR D 644 16.31 45.55 -11.80
N ILE D 645 16.63 44.44 -12.46
CA ILE D 645 17.84 44.30 -13.25
C ILE D 645 17.52 44.61 -14.71
N PRO D 646 17.72 45.83 -15.18
CA PRO D 646 17.25 46.20 -16.53
C PRO D 646 18.31 45.89 -17.58
N LEU D 647 17.94 46.15 -18.82
CA LEU D 647 18.90 46.05 -19.92
C LEU D 647 20.02 47.05 -19.71
N PRO D 648 21.27 46.63 -19.87
CA PRO D 648 22.38 47.53 -19.55
C PRO D 648 22.36 48.78 -20.42
N ASP D 649 22.74 49.91 -19.82
CA ASP D 649 22.97 51.13 -20.57
C ASP D 649 24.43 51.18 -21.03
N GLU D 650 24.77 52.25 -21.74
CA GLU D 650 25.99 52.25 -22.56
C GLU D 650 27.24 52.09 -21.70
N LYS D 651 27.33 52.78 -20.57
CA LYS D 651 28.44 52.54 -19.65
C LYS D 651 28.43 51.11 -19.16
N SER D 652 27.25 50.59 -18.83
CA SER D 652 27.16 49.21 -18.39
C SER D 652 27.56 48.25 -19.50
N ARG D 653 27.22 48.57 -20.74
CA ARG D 653 27.59 47.70 -21.84
C ARG D 653 29.10 47.70 -22.07
N VAL D 654 29.73 48.87 -21.94
CA VAL D 654 31.19 48.90 -21.96
C VAL D 654 31.75 48.00 -20.88
N ALA D 655 31.19 48.07 -19.67
CA ALA D 655 31.69 47.28 -18.56
C ALA D 655 31.49 45.80 -18.80
N ILE D 656 30.35 45.42 -19.37
CA ILE D 656 30.07 44.02 -19.69
C ILE D 656 31.06 43.49 -20.71
N LEU D 657 31.27 44.25 -21.78
CA LEU D 657 32.23 43.82 -22.80
C LEU D 657 33.63 43.72 -22.25
N LYS D 658 34.01 44.65 -21.36
CA LYS D 658 35.33 44.58 -20.75
C LYS D 658 35.44 43.36 -19.84
N ALA D 659 34.36 43.01 -19.13
CA ALA D 659 34.40 41.89 -18.22
C ALA D 659 34.49 40.56 -18.95
N ASN D 660 33.74 40.41 -20.05
CA ASN D 660 33.79 39.17 -20.80
C ASN D 660 35.13 38.96 -21.48
N LEU D 661 35.72 40.03 -22.01
CA LEU D 661 36.99 39.96 -22.71
C LEU D 661 38.19 40.12 -21.80
N ARG D 662 37.97 40.19 -20.48
CA ARG D 662 39.06 40.47 -19.56
C ARG D 662 40.09 39.34 -19.52
N LYS D 663 39.62 38.09 -19.58
CA LYS D 663 40.53 36.96 -19.60
C LYS D 663 40.97 36.58 -21.01
N SER D 664 40.49 37.26 -22.02
CA SER D 664 40.68 36.80 -23.38
C SER D 664 41.66 37.71 -24.11
N PRO D 665 42.58 37.16 -24.91
CA PRO D 665 43.49 38.03 -25.66
C PRO D 665 42.76 38.75 -26.79
N VAL D 666 42.72 40.08 -26.69
CA VAL D 666 41.96 40.89 -27.64
C VAL D 666 42.88 41.94 -28.24
N ALA D 667 42.60 42.31 -29.48
CA ALA D 667 43.40 43.31 -30.17
C ALA D 667 43.13 44.71 -29.63
N LYS D 668 44.17 45.54 -29.66
CA LYS D 668 44.04 46.90 -29.16
C LYS D 668 43.22 47.78 -30.11
N ASP D 669 43.13 47.39 -31.38
CA ASP D 669 42.33 48.15 -32.34
C ASP D 669 40.85 48.06 -32.01
N VAL D 670 40.45 47.03 -31.25
CA VAL D 670 39.04 46.83 -30.97
C VAL D 670 38.55 47.92 -30.04
N ASP D 671 37.54 48.67 -30.48
CA ASP D 671 36.97 49.77 -29.72
C ASP D 671 35.70 49.26 -29.05
N LEU D 672 35.83 48.87 -27.78
CA LEU D 672 34.67 48.36 -27.05
C LEU D 672 33.66 49.47 -26.79
N GLU D 673 34.12 50.72 -26.74
CA GLU D 673 33.19 51.83 -26.58
C GLU D 673 32.26 51.94 -27.78
N PHE D 674 32.80 51.77 -28.98
CA PHE D 674 31.94 51.80 -30.17
C PHE D 674 30.99 50.61 -30.20
N LEU D 675 31.48 49.42 -29.83
CA LEU D 675 30.60 48.26 -29.75
C LEU D 675 29.45 48.53 -28.80
N ALA D 676 29.72 49.18 -27.67
CA ALA D 676 28.64 49.48 -26.74
C ALA D 676 27.70 50.52 -27.30
N LYS D 677 28.23 51.51 -28.03
CA LYS D 677 27.36 52.55 -28.57
C LYS D 677 26.42 52.00 -29.62
N MET D 678 26.91 51.09 -30.47
CA MET D 678 26.05 50.53 -31.50
C MET D 678 25.02 49.58 -30.91
N THR D 679 25.45 48.69 -30.01
CA THR D 679 24.55 47.69 -29.43
C THR D 679 23.59 48.37 -28.45
N ASN D 680 22.56 48.98 -29.00
CA ASN D 680 21.50 49.54 -28.19
C ASN D 680 20.40 48.53 -27.98
N GLY D 681 19.89 48.43 -26.76
CA GLY D 681 18.88 47.45 -26.44
C GLY D 681 19.40 46.04 -26.26
N PHE D 682 20.69 45.82 -26.44
CA PHE D 682 21.26 44.50 -26.24
C PHE D 682 21.32 44.18 -24.75
N SER D 683 21.06 42.93 -24.41
CA SER D 683 21.26 42.47 -23.05
C SER D 683 22.69 41.99 -22.87
N GLY D 684 23.06 41.71 -21.62
CA GLY D 684 24.40 41.20 -21.37
C GLY D 684 24.66 39.86 -22.04
N ALA D 685 23.62 39.03 -22.13
CA ALA D 685 23.75 37.74 -22.79
C ALA D 685 24.08 37.91 -24.27
N ASP D 686 23.47 38.90 -24.91
CA ASP D 686 23.77 39.16 -26.32
C ASP D 686 25.21 39.58 -26.51
N LEU D 687 25.72 40.46 -25.64
CA LEU D 687 27.10 40.90 -25.79
C LEU D 687 28.07 39.76 -25.54
N THR D 688 27.75 38.90 -24.58
CA THR D 688 28.57 37.70 -24.39
C THR D 688 28.50 36.80 -25.62
N GLU D 689 27.35 36.73 -26.28
CA GLU D 689 27.26 35.95 -27.50
C GLU D 689 28.11 36.55 -28.60
N ILE D 690 28.17 37.88 -28.69
CA ILE D 690 29.03 38.53 -29.67
C ILE D 690 30.48 38.15 -29.43
N CYS D 691 30.91 38.20 -28.16
CA CYS D 691 32.28 37.81 -27.86
C CYS D 691 32.53 36.34 -28.19
N GLN D 692 31.59 35.46 -27.86
CA GLN D 692 31.75 34.05 -28.16
C GLN D 692 31.81 33.79 -29.67
N ARG D 693 31.02 34.55 -30.43
CA ARG D 693 31.05 34.39 -31.88
C ARG D 693 32.39 34.84 -32.45
N ALA D 694 32.93 35.94 -31.94
CA ALA D 694 34.25 36.36 -32.37
C ALA D 694 35.28 35.29 -32.06
N CYS D 695 35.17 34.68 -30.87
CA CYS D 695 36.07 33.59 -30.52
C CYS D 695 35.93 32.41 -31.48
N LYS D 696 34.69 32.07 -31.86
CA LYS D 696 34.50 30.96 -32.79
C LYS D 696 35.13 31.25 -34.14
N LEU D 697 34.95 32.47 -34.64
CA LEU D 697 35.54 32.81 -35.93
C LEU D 697 37.06 32.76 -35.86
N ALA D 698 37.63 33.26 -34.76
CA ALA D 698 39.08 33.19 -34.58
C ALA D 698 39.55 31.74 -34.54
N ILE D 699 38.80 30.87 -33.87
CA ILE D 699 39.21 29.47 -33.78
C ILE D 699 39.09 28.80 -35.15
N ARG D 700 38.07 29.15 -35.92
CA ARG D 700 37.95 28.62 -37.27
C ARG D 700 39.15 29.02 -38.11
N GLU D 701 39.56 30.29 -38.03
CA GLU D 701 40.74 30.71 -38.77
C GLU D 701 42.00 30.00 -38.28
N SER D 702 42.12 29.82 -36.97
CA SER D 702 43.29 29.12 -36.43
C SER D 702 43.36 27.69 -36.94
N ILE D 703 42.23 26.97 -36.92
CA ILE D 703 42.23 25.59 -37.37
C ILE D 703 42.48 25.53 -38.87
N GLU D 704 41.95 26.49 -39.62
CA GLU D 704 42.22 26.52 -41.06
C GLU D 704 43.70 26.75 -41.34
N SER D 705 44.34 27.63 -40.58
CA SER D 705 45.78 27.83 -40.74
C SER D 705 46.52 26.54 -40.42
N GLU D 706 46.13 25.86 -39.35
CA GLU D 706 46.79 24.60 -39.01
C GLU D 706 46.66 23.60 -40.14
N ILE D 707 45.47 23.50 -40.73
CA ILE D 707 45.27 22.53 -41.80
C ILE D 707 46.12 22.88 -43.01
N ARG D 708 46.20 24.16 -43.37
CA ARG D 708 46.99 24.52 -44.55
C ARG D 708 48.48 24.34 -44.30
N ARG D 709 48.94 24.53 -43.06
CA ARG D 709 50.33 24.17 -42.75
C ARG D 709 50.55 22.67 -42.89
N GLU D 710 49.64 21.85 -42.36
CA GLU D 710 49.78 20.41 -42.53
C GLU D 710 49.79 20.02 -44.00
N ARG D 711 49.04 20.75 -44.82
CA ARG D 711 49.05 20.48 -46.26
C ARG D 711 50.38 20.85 -46.88
N GLU D 712 50.88 22.06 -46.61
CA GLU D 712 52.10 22.52 -47.26
C GLU D 712 53.32 21.72 -46.83
N ARG D 713 53.43 21.39 -45.54
CA ARG D 713 54.52 20.52 -45.11
C ARG D 713 54.43 19.15 -45.76
N GLN D 714 53.22 18.62 -45.88
CA GLN D 714 53.02 17.35 -46.55
C GLN D 714 52.79 17.59 -48.05
N PRO D 727 49.61 32.20 -35.64
CA PRO D 727 48.86 32.74 -36.77
C PRO D 727 47.82 33.76 -36.31
N VAL D 728 47.03 33.36 -35.32
CA VAL D 728 46.04 34.25 -34.71
C VAL D 728 46.22 34.21 -33.20
N PRO D 729 47.21 34.92 -32.66
CA PRO D 729 47.38 34.93 -31.20
C PRO D 729 46.21 35.55 -30.47
N GLU D 730 45.53 36.52 -31.08
CA GLU D 730 44.48 37.26 -30.40
C GLU D 730 43.32 37.54 -31.34
N ILE D 731 42.16 37.78 -30.74
CA ILE D 731 40.96 38.10 -31.49
C ILE D 731 41.12 39.48 -32.12
N ARG D 732 40.95 39.54 -33.44
CA ARG D 732 41.19 40.77 -34.19
C ARG D 732 39.90 41.55 -34.39
N ARG D 733 40.03 42.67 -35.10
CA ARG D 733 38.89 43.55 -35.31
C ARG D 733 37.94 43.00 -36.36
N ASP D 734 38.47 42.31 -37.37
CA ASP D 734 37.62 41.72 -38.40
C ASP D 734 36.71 40.66 -37.79
N HIS D 735 37.21 39.92 -36.79
CA HIS D 735 36.37 38.94 -36.13
C HIS D 735 35.16 39.58 -35.48
N PHE D 736 35.36 40.70 -34.80
CA PHE D 736 34.24 41.39 -34.19
C PHE D 736 33.31 41.98 -35.23
N GLU D 737 33.86 42.43 -36.36
CA GLU D 737 33.00 42.93 -37.43
C GLU D 737 32.07 41.83 -37.94
N GLU D 738 32.61 40.64 -38.20
CA GLU D 738 31.77 39.54 -38.65
C GLU D 738 30.77 39.13 -37.57
N ALA D 739 31.24 38.96 -36.33
CA ALA D 739 30.36 38.51 -35.26
C ALA D 739 29.21 39.49 -35.06
N MET D 740 29.50 40.79 -35.11
CA MET D 740 28.44 41.78 -35.01
C MET D 740 27.50 41.70 -36.20
N ARG D 741 28.04 41.40 -37.39
CA ARG D 741 27.16 41.25 -38.54
C ARG D 741 26.20 40.10 -38.34
N PHE D 742 26.59 39.11 -37.55
CA PHE D 742 25.68 37.99 -37.25
C PHE D 742 24.72 38.34 -36.11
N ALA D 743 25.10 39.28 -35.25
CA ALA D 743 24.45 39.44 -33.96
C ALA D 743 23.00 39.93 -34.09
N ARG D 744 22.20 39.59 -33.10
CA ARG D 744 20.80 40.01 -33.04
C ARG D 744 20.44 40.42 -31.62
N ARG D 745 19.42 41.26 -31.52
CA ARG D 745 18.90 41.69 -30.24
C ARG D 745 17.96 40.62 -29.71
N SER D 746 18.04 40.34 -28.40
CA SER D 746 17.30 39.20 -27.86
C SER D 746 15.97 39.65 -27.25
N VAL D 747 15.91 40.83 -26.66
CA VAL D 747 14.73 41.32 -25.97
C VAL D 747 14.05 42.36 -26.84
N SER D 748 12.84 42.07 -27.28
CA SER D 748 12.13 43.00 -28.15
C SER D 748 11.64 44.21 -27.36
N ASP D 749 11.06 45.17 -28.07
CA ASP D 749 10.56 46.36 -27.40
C ASP D 749 9.34 46.05 -26.55
N ASN D 750 8.53 45.07 -26.95
CA ASN D 750 7.34 44.71 -26.19
C ASN D 750 7.69 44.19 -24.81
N ASP D 751 8.68 43.31 -24.73
CA ASP D 751 9.10 42.80 -23.43
C ASP D 751 9.62 43.93 -22.54
N ILE D 752 10.41 44.83 -23.13
CA ILE D 752 10.90 45.99 -22.40
C ILE D 752 9.72 46.78 -21.85
N ARG D 753 8.68 46.96 -22.67
CA ARG D 753 7.52 47.74 -22.23
C ARG D 753 6.83 47.07 -21.06
N LYS D 754 6.71 45.74 -21.09
CA LYS D 754 6.04 45.06 -19.98
C LYS D 754 6.83 45.20 -18.69
N TYR D 755 8.15 45.02 -18.76
CA TYR D 755 8.97 45.17 -17.56
C TYR D 755 8.95 46.60 -17.05
N GLU D 756 9.02 47.57 -17.96
CA GLU D 756 8.90 48.98 -17.57
C GLU D 756 7.57 49.24 -16.91
N MET D 757 6.51 48.59 -17.39
CA MET D 757 5.20 48.79 -16.79
C MET D 757 5.19 48.33 -15.34
N PHE D 758 5.78 47.16 -15.07
CA PHE D 758 5.85 46.71 -13.68
C PHE D 758 6.67 47.67 -12.83
N ALA D 759 7.83 48.09 -13.34
CA ALA D 759 8.68 48.98 -12.57
C ALA D 759 7.97 50.30 -12.26
N GLN D 760 7.25 50.84 -13.24
CA GLN D 760 6.57 52.12 -13.02
C GLN D 760 5.40 51.96 -12.07
N THR D 761 4.70 50.82 -12.11
CA THR D 761 3.64 50.61 -11.14
C THR D 761 4.21 50.58 -9.73
N LEU D 762 5.34 49.88 -9.55
CA LEU D 762 5.95 49.84 -8.22
C LEU D 762 6.39 51.23 -7.78
N GLN D 763 6.99 52.01 -8.68
CA GLN D 763 7.40 53.36 -8.32
C GLN D 763 6.21 54.23 -7.96
N GLN D 764 5.13 54.16 -8.75
CA GLN D 764 3.98 55.01 -8.52
C GLN D 764 3.19 54.57 -7.29
N SER D 765 3.47 53.36 -6.80
CA SER D 765 2.86 52.92 -5.55
C SER D 765 3.21 53.87 -4.40
N ARG D 766 4.40 54.47 -4.43
CA ARG D 766 4.76 55.42 -3.39
C ARG D 766 3.86 56.65 -3.42
N GLY D 767 3.59 57.19 -4.60
CA GLY D 767 2.79 58.39 -4.73
C GLY D 767 3.57 59.69 -4.64
N PHE D 768 4.87 59.64 -4.40
CA PHE D 768 5.69 60.83 -4.27
C PHE D 768 6.94 60.68 -5.12
N GLY D 769 7.29 61.73 -5.85
CA GLY D 769 8.56 61.72 -6.59
C GLY D 769 9.75 61.70 -5.66
N SER D 770 9.71 62.52 -4.61
CA SER D 770 10.72 62.51 -3.57
C SER D 770 10.08 62.98 -2.27
N PHE D 771 10.72 62.63 -1.15
CA PHE D 771 10.21 62.89 0.19
C PHE D 771 11.25 63.67 0.96
N ARG D 772 10.83 64.75 1.62
CA ARG D 772 11.70 65.58 2.44
C ARG D 772 10.92 66.05 3.65
N PHE D 773 11.55 66.04 4.81
CA PHE D 773 10.88 66.47 6.02
C PHE D 773 10.68 67.98 6.00
N PRO D 774 9.60 68.48 6.61
CA PRO D 774 9.49 69.92 6.85
C PRO D 774 10.71 70.46 7.59
N SER D 775 10.96 71.75 7.43
CA SER D 775 12.08 72.41 8.08
C SER D 775 11.85 72.58 9.58
N LEU E 12 -22.91 13.60 47.54
CA LEU E 12 -23.00 12.15 47.67
C LEU E 12 -21.97 11.42 46.84
N SER E 13 -21.40 12.10 45.84
CA SER E 13 -20.38 11.47 45.01
C SER E 13 -19.13 11.15 45.83
N THR E 14 -18.73 12.08 46.69
CA THR E 14 -17.51 11.94 47.47
C THR E 14 -17.78 11.64 48.94
N ALA E 15 -18.96 11.12 49.27
CA ALA E 15 -19.29 10.87 50.67
C ALA E 15 -18.34 9.87 51.29
N ILE E 16 -17.83 8.93 50.49
CA ILE E 16 -16.95 7.89 51.02
C ILE E 16 -15.63 8.48 51.49
N LEU E 17 -15.16 9.55 50.84
CA LEU E 17 -13.87 10.11 51.21
C LEU E 17 -13.91 10.82 52.56
N LYS E 18 -14.91 11.65 52.80
CA LYS E 18 -14.91 12.47 54.02
C LYS E 18 -14.87 11.57 55.24
N GLN E 19 -13.86 11.79 56.08
CA GLN E 19 -13.62 10.89 57.20
C GLN E 19 -14.77 10.97 58.19
N LYS E 20 -15.17 9.81 58.69
CA LYS E 20 -16.27 9.74 59.62
C LYS E 20 -15.81 10.24 60.99
N ASN E 21 -16.57 11.17 61.56
CA ASN E 21 -16.30 11.62 62.93
C ASN E 21 -16.82 10.60 63.92
N ARG E 22 -15.90 9.98 64.66
CA ARG E 22 -16.21 8.90 65.59
C ARG E 22 -15.42 9.15 66.86
N PRO E 23 -15.82 8.55 67.98
CA PRO E 23 -15.06 8.76 69.22
C PRO E 23 -13.61 8.31 69.12
N ASN E 24 -13.32 7.24 68.37
CA ASN E 24 -11.94 6.78 68.25
C ASN E 24 -11.09 7.78 67.47
N ARG E 25 -11.71 8.61 66.65
CA ARG E 25 -10.97 9.59 65.87
C ARG E 25 -10.34 10.64 66.78
N LEU E 26 -9.09 10.98 66.50
CA LEU E 26 -8.33 11.91 67.34
C LEU E 26 -7.36 12.70 66.46
N ILE E 27 -7.01 13.91 66.93
CA ILE E 27 -6.04 14.73 66.23
C ILE E 27 -4.62 14.34 66.66
N VAL E 28 -3.69 14.37 65.71
CA VAL E 28 -2.29 14.08 66.00
C VAL E 28 -1.68 15.21 66.82
N ASP E 29 -1.00 14.85 67.91
CA ASP E 29 -0.33 15.82 68.77
C ASP E 29 1.00 15.26 69.23
N GLU E 30 1.92 16.17 69.54
CA GLU E 30 3.25 15.78 70.00
C GLU E 30 3.20 15.32 71.44
N ALA E 31 3.94 14.26 71.74
CA ALA E 31 4.02 13.71 73.09
C ALA E 31 5.13 14.45 73.83
N ILE E 32 4.74 15.33 74.75
CA ILE E 32 5.72 16.13 75.47
C ILE E 32 6.60 15.24 76.35
N ASN E 33 5.97 14.29 77.04
CA ASN E 33 6.67 13.47 78.01
C ASN E 33 6.42 11.98 77.85
N GLU E 34 5.49 11.56 77.01
CA GLU E 34 5.29 10.15 76.75
C GLU E 34 6.47 9.60 75.95
N ASP E 35 6.93 8.41 76.34
CA ASP E 35 8.03 7.77 75.66
C ASP E 35 7.53 7.11 74.38
N ASN E 36 8.40 6.29 73.77
CA ASN E 36 8.06 5.67 72.50
C ASN E 36 6.88 4.71 72.64
N SER E 37 6.81 3.98 73.74
CA SER E 37 5.83 2.92 73.90
C SER E 37 4.57 3.33 74.64
N VAL E 38 4.45 4.59 75.05
CA VAL E 38 3.28 5.05 75.77
C VAL E 38 2.70 6.28 75.09
N VAL E 39 1.37 6.39 75.12
CA VAL E 39 0.65 7.48 74.49
C VAL E 39 -0.37 8.02 75.49
N SER E 40 -0.70 9.30 75.32
CA SER E 40 -1.51 10.02 76.28
C SER E 40 -2.86 10.42 75.69
N LEU E 41 -3.89 10.35 76.52
CA LEU E 41 -5.23 10.81 76.18
C LEU E 41 -5.71 11.75 77.28
N SER E 42 -6.61 12.65 76.90
CA SER E 42 -7.26 13.48 77.91
C SER E 42 -8.15 12.62 78.79
N GLN E 43 -8.29 13.03 80.05
CA GLN E 43 -9.07 12.25 80.99
C GLN E 43 -10.54 12.13 80.62
N PRO E 44 -11.28 13.21 80.28
CA PRO E 44 -12.67 13.01 79.86
C PRO E 44 -12.82 12.12 78.64
N LYS E 45 -11.93 12.25 77.65
CA LYS E 45 -12.02 11.41 76.47
C LYS E 45 -11.73 9.96 76.81
N MET E 46 -10.76 9.74 77.69
CA MET E 46 -10.44 8.37 78.11
C MET E 46 -11.60 7.74 78.86
N ASP E 47 -12.29 8.53 79.69
CA ASP E 47 -13.46 8.02 80.38
C ASP E 47 -14.60 7.72 79.41
N GLU E 48 -14.83 8.62 78.44
CA GLU E 48 -15.89 8.38 77.46
C GLU E 48 -15.57 7.15 76.62
N LEU E 49 -14.30 6.89 76.38
CA LEU E 49 -13.86 5.74 75.62
C LEU E 49 -13.70 4.48 76.47
N GLN E 50 -13.93 4.58 77.78
CA GLN E 50 -13.82 3.45 78.70
C GLN E 50 -12.43 2.81 78.64
N LEU E 51 -11.40 3.65 78.74
CA LEU E 51 -10.01 3.19 78.78
C LEU E 51 -9.48 3.41 80.19
N PHE E 52 -8.70 2.46 80.68
CA PHE E 52 -8.12 2.58 82.01
C PHE E 52 -6.63 2.90 81.93
N ARG E 53 -6.10 3.48 83.00
CA ARG E 53 -4.69 3.86 83.05
C ARG E 53 -3.81 2.62 82.91
N GLY E 54 -2.79 2.73 82.07
CA GLY E 54 -1.86 1.65 81.86
C GLY E 54 -2.34 0.54 80.93
N ASP E 55 -3.53 0.66 80.37
CA ASP E 55 -4.05 -0.38 79.49
C ASP E 55 -3.33 -0.37 78.15
N THR E 56 -3.35 -1.53 77.49
CA THR E 56 -2.73 -1.70 76.17
C THR E 56 -3.78 -1.55 75.09
N VAL E 57 -3.49 -0.72 74.09
CA VAL E 57 -4.42 -0.41 73.01
C VAL E 57 -3.71 -0.50 71.68
N LEU E 58 -4.51 -0.61 70.62
CA LEU E 58 -4.03 -0.69 69.25
C LEU E 58 -4.39 0.59 68.52
N LEU E 59 -3.46 1.09 67.70
CA LEU E 59 -3.59 2.38 67.04
C LEU E 59 -3.71 2.19 65.54
N LYS E 60 -4.77 2.73 64.95
CA LYS E 60 -4.91 2.73 63.50
C LYS E 60 -4.01 3.79 62.87
N GLY E 61 -3.62 3.54 61.62
CA GLY E 61 -2.74 4.45 60.92
C GLY E 61 -2.91 4.33 59.42
N LYS E 62 -2.21 5.22 58.72
CA LYS E 62 -2.28 5.26 57.26
C LYS E 62 -1.48 4.11 56.66
N LYS E 63 -1.85 3.72 55.44
CA LYS E 63 -1.16 2.66 54.69
C LYS E 63 -1.17 1.34 55.44
N ARG E 64 -2.22 1.10 56.23
CA ARG E 64 -2.38 -0.15 56.98
C ARG E 64 -1.16 -0.43 57.85
N ARG E 65 -0.64 0.62 58.48
CA ARG E 65 0.47 0.49 59.43
C ARG E 65 -0.07 0.70 60.83
N GLU E 66 0.28 -0.22 61.74
CA GLU E 66 -0.28 -0.22 63.08
C GLU E 66 0.84 -0.20 64.10
N ALA E 67 0.56 0.43 65.24
CA ALA E 67 1.48 0.47 66.36
C ALA E 67 0.69 0.20 67.64
N VAL E 68 1.37 -0.40 68.62
CA VAL E 68 0.76 -0.75 69.89
C VAL E 68 1.49 -0.01 71.00
N CYS E 69 0.73 0.73 71.82
CA CYS E 69 1.30 1.52 72.91
C CYS E 69 0.39 1.43 74.13
N ILE E 70 0.83 2.06 75.21
CA ILE E 70 0.07 2.06 76.46
C ILE E 70 -0.70 3.37 76.60
N VAL E 71 -2.01 3.24 76.82
CA VAL E 71 -2.85 4.43 77.00
C VAL E 71 -2.48 5.14 78.29
N LEU E 72 -2.53 6.47 78.27
CA LEU E 72 -2.23 7.27 79.44
C LEU E 72 -3.22 8.41 79.55
N SER E 73 -3.38 8.93 80.76
CA SER E 73 -4.15 10.14 81.01
C SER E 73 -3.16 11.26 81.31
N ASP E 74 -3.21 12.31 80.50
CA ASP E 74 -2.35 13.48 80.68
C ASP E 74 -3.20 14.73 80.57
N ASP E 75 -3.15 15.56 81.61
CA ASP E 75 -4.03 16.73 81.66
C ASP E 75 -3.72 17.71 80.54
N THR E 76 -2.47 17.72 80.06
CA THR E 76 -2.11 18.62 78.97
C THR E 76 -2.80 18.26 77.67
N CYS E 77 -2.88 16.97 77.35
CA CYS E 77 -3.48 16.54 76.10
C CYS E 77 -4.98 16.82 76.10
N SER E 78 -5.47 17.34 74.98
CA SER E 78 -6.86 17.80 74.89
C SER E 78 -7.80 16.66 74.55
N ASP E 79 -9.11 16.96 74.62
CA ASP E 79 -10.12 15.92 74.47
C ASP E 79 -10.19 15.42 73.03
N GLU E 80 -10.01 16.31 72.06
CA GLU E 80 -10.06 15.95 70.65
C GLU E 80 -8.71 15.57 70.08
N LYS E 81 -7.66 15.52 70.89
CA LYS E 81 -6.31 15.28 70.43
C LYS E 81 -5.69 14.11 71.18
N ILE E 82 -4.64 13.54 70.60
CA ILE E 82 -3.81 12.53 71.25
C ILE E 82 -2.35 12.90 71.03
N ARG E 83 -1.56 12.87 72.11
CA ARG E 83 -0.16 13.24 72.04
C ARG E 83 0.67 11.99 71.73
N MET E 84 1.48 12.05 70.67
CA MET E 84 2.28 10.93 70.23
C MET E 84 3.67 11.39 69.82
N ASN E 85 4.68 10.59 70.13
CA ASN E 85 6.06 10.94 69.85
C ASN E 85 6.36 10.81 68.36
N ARG E 86 7.53 11.30 67.96
CA ARG E 86 7.92 11.28 66.56
C ARG E 86 8.12 9.85 66.06
N VAL E 87 8.69 8.99 66.90
CA VAL E 87 8.98 7.63 66.47
C VAL E 87 7.70 6.85 66.19
N VAL E 88 6.71 6.95 67.07
CA VAL E 88 5.46 6.24 66.84
C VAL E 88 4.73 6.83 65.65
N ARG E 89 4.94 8.12 65.39
CA ARG E 89 4.40 8.73 64.18
C ARG E 89 5.00 8.09 62.94
N ASN E 90 6.33 8.02 62.88
CA ASN E 90 6.99 7.39 61.74
C ASN E 90 6.56 5.94 61.59
N ASN E 91 6.24 5.28 62.71
CA ASN E 91 5.69 3.93 62.65
C ASN E 91 4.31 3.92 62.01
N LEU E 92 3.45 4.86 62.39
CA LEU E 92 2.08 4.91 61.87
C LEU E 92 1.96 5.70 60.57
N ARG E 93 3.05 6.27 60.07
CA ARG E 93 3.02 7.07 58.84
C ARG E 93 2.00 8.20 58.94
N VAL E 94 2.00 8.91 60.05
CA VAL E 94 1.12 10.06 60.23
C VAL E 94 1.96 11.32 60.41
N ARG E 95 1.38 12.44 60.05
CA ARG E 95 1.98 13.75 60.24
C ARG E 95 1.08 14.58 61.14
N LEU E 96 1.60 15.72 61.58
CA LEU E 96 0.89 16.51 62.57
C LEU E 96 -0.42 17.03 62.01
N GLY E 97 -1.48 16.91 62.80
CA GLY E 97 -2.79 17.37 62.40
C GLY E 97 -3.69 16.34 61.74
N ASP E 98 -3.19 15.15 61.43
CA ASP E 98 -4.03 14.14 60.81
C ASP E 98 -4.93 13.49 61.85
N VAL E 99 -5.90 12.70 61.38
CA VAL E 99 -6.91 12.11 62.24
C VAL E 99 -6.75 10.60 62.21
N ILE E 100 -6.62 10.00 63.40
CA ILE E 100 -6.39 8.56 63.53
C ILE E 100 -7.34 8.01 64.60
N SER E 101 -7.46 6.69 64.62
CA SER E 101 -8.35 6.00 65.54
C SER E 101 -7.56 5.08 66.46
N ILE E 102 -8.02 4.94 67.70
CA ILE E 102 -7.37 4.15 68.74
C ILE E 102 -8.37 3.10 69.24
N GLN E 103 -7.90 1.86 69.38
CA GLN E 103 -8.78 0.82 69.88
C GLN E 103 -8.03 -0.04 70.89
N PRO E 104 -8.74 -0.65 71.84
CA PRO E 104 -8.08 -1.60 72.75
C PRO E 104 -7.65 -2.85 71.98
N CYS E 105 -6.66 -3.54 72.52
CA CYS E 105 -6.21 -4.80 71.94
C CYS E 105 -6.77 -5.94 72.76
N PRO E 106 -7.76 -6.69 72.26
CA PRO E 106 -8.36 -7.75 73.06
C PRO E 106 -7.41 -8.93 73.25
N ASP E 107 -7.20 -9.28 74.51
CA ASP E 107 -6.32 -10.38 74.90
C ASP E 107 -4.88 -10.13 74.43
N VAL E 108 -4.26 -9.09 74.98
CA VAL E 108 -2.85 -8.81 74.71
C VAL E 108 -2.01 -9.96 75.25
N LYS E 109 -1.00 -10.35 74.48
CA LYS E 109 -0.19 -11.53 74.80
C LYS E 109 1.24 -11.12 75.04
N TYR E 110 1.80 -11.56 76.17
CA TYR E 110 3.18 -11.24 76.52
C TYR E 110 4.14 -11.94 75.58
N GLY E 111 5.10 -11.19 75.05
CA GLY E 111 5.98 -11.71 74.03
C GLY E 111 6.99 -12.69 74.60
N LYS E 112 6.97 -13.93 74.09
CA LYS E 112 7.96 -14.92 74.52
C LYS E 112 9.36 -14.48 74.12
N ARG E 113 9.53 -13.97 72.91
CA ARG E 113 10.82 -13.57 72.40
C ARG E 113 10.63 -12.42 71.41
N ILE E 114 11.56 -11.47 71.44
CA ILE E 114 11.52 -10.30 70.58
C ILE E 114 12.84 -10.21 69.83
N HIS E 115 12.76 -9.83 68.56
CA HIS E 115 13.92 -9.79 67.68
C HIS E 115 13.98 -8.45 66.98
N VAL E 116 15.13 -7.79 67.04
CA VAL E 116 15.33 -6.50 66.42
C VAL E 116 16.57 -6.57 65.52
N LEU E 117 16.84 -5.45 64.85
CA LEU E 117 18.01 -5.31 63.98
C LEU E 117 18.36 -3.83 63.92
N PRO E 118 19.63 -3.46 63.97
CA PRO E 118 19.99 -2.04 63.94
C PRO E 118 19.94 -1.44 62.53
N ILE E 119 19.82 -0.11 62.48
CA ILE E 119 19.96 0.60 61.22
C ILE E 119 21.43 0.55 60.79
N ASP E 120 21.65 0.64 59.46
CA ASP E 120 23.00 0.46 58.94
C ASP E 120 23.93 1.60 59.34
N ASP E 121 23.43 2.83 59.38
CA ASP E 121 24.29 3.94 59.74
C ASP E 121 24.56 3.98 61.24
N THR E 122 23.57 3.60 62.05
CA THR E 122 23.70 3.72 63.49
C THR E 122 24.64 2.66 64.06
N VAL E 123 24.71 1.49 63.42
CA VAL E 123 25.52 0.38 63.93
C VAL E 123 26.99 0.74 63.92
N GLU E 124 27.38 1.71 63.10
CA GLU E 124 28.78 2.10 63.01
C GLU E 124 29.21 2.87 64.26
N GLY E 125 30.43 2.60 64.71
CA GLY E 125 31.09 3.41 65.70
C GLY E 125 30.73 3.18 67.15
N ILE E 126 29.79 2.27 67.43
CA ILE E 126 29.33 2.03 68.79
C ILE E 126 30.25 1.00 69.44
N THR E 127 31.14 1.48 70.31
CA THR E 127 32.15 0.61 70.90
C THR E 127 31.53 -0.49 71.75
N GLY E 128 30.50 -0.14 72.53
CA GLY E 128 29.81 -1.14 73.31
C GLY E 128 28.93 -2.03 72.44
N ASN E 129 28.38 -3.07 73.06
CA ASN E 129 27.42 -3.90 72.36
C ASN E 129 26.11 -3.15 72.20
N LEU E 130 25.44 -3.39 71.07
CA LEU E 130 24.15 -2.76 70.84
C LEU E 130 23.11 -3.21 71.86
N PHE E 131 23.02 -4.53 72.09
CA PHE E 131 22.08 -5.06 73.06
C PHE E 131 22.45 -4.66 74.49
N GLU E 132 23.75 -4.74 74.82
CA GLU E 132 24.17 -4.56 76.20
C GLU E 132 24.04 -3.10 76.63
N VAL E 133 24.55 -2.18 75.81
CA VAL E 133 24.53 -0.78 76.19
C VAL E 133 23.12 -0.20 76.10
N TYR E 134 22.38 -0.56 75.05
CA TYR E 134 21.12 0.09 74.72
C TYR E 134 19.90 -0.75 75.04
N LEU E 135 19.82 -1.96 74.48
CA LEU E 135 18.60 -2.74 74.58
C LEU E 135 18.43 -3.34 75.96
N LYS E 136 19.54 -3.77 76.58
CA LYS E 136 19.45 -4.42 77.89
C LYS E 136 18.79 -3.55 78.94
N PRO E 137 19.13 -2.26 79.11
CA PRO E 137 18.40 -1.46 80.09
C PRO E 137 16.99 -1.13 79.66
N TYR E 138 16.79 -0.83 78.38
CA TYR E 138 15.47 -0.46 77.88
C TYR E 138 14.50 -1.63 78.00
N PHE E 139 15.01 -2.86 77.89
CA PHE E 139 14.17 -4.05 77.93
C PHE E 139 14.23 -4.74 79.30
N LEU E 140 14.74 -4.07 80.31
CA LEU E 140 14.74 -4.59 81.68
C LEU E 140 13.54 -4.00 82.41
N GLU E 141 12.51 -4.82 82.64
CA GLU E 141 11.23 -4.37 83.21
C GLU E 141 10.56 -3.31 82.34
N ALA E 142 10.56 -3.51 81.01
CA ALA E 142 9.99 -2.52 80.12
C ALA E 142 8.46 -2.52 80.18
N TYR E 143 7.84 -3.70 80.15
CA TYR E 143 6.39 -3.84 80.01
C TYR E 143 5.87 -3.02 78.84
N ARG E 144 6.61 -3.03 77.73
CA ARG E 144 6.33 -2.17 76.60
C ARG E 144 5.76 -2.97 75.42
N PRO E 145 4.63 -2.56 74.87
CA PRO E 145 4.11 -3.24 73.68
C PRO E 145 4.82 -2.79 72.41
N ILE E 146 4.85 -3.69 71.42
CA ILE E 146 5.49 -3.42 70.13
C ILE E 146 4.89 -4.34 69.07
N ARG E 147 5.18 -4.04 67.81
CA ARG E 147 4.73 -4.83 66.68
C ARG E 147 5.88 -5.03 65.69
N LYS E 148 5.69 -5.98 64.78
CA LYS E 148 6.63 -6.19 63.69
C LYS E 148 6.72 -4.94 62.83
N GLY E 149 7.95 -4.60 62.42
CA GLY E 149 8.19 -3.44 61.60
C GLY E 149 8.26 -2.13 62.37
N ASP E 150 8.09 -2.15 63.68
CA ASP E 150 8.16 -0.93 64.47
C ASP E 150 9.62 -0.62 64.78
N ILE E 151 9.95 0.68 64.77
CA ILE E 151 11.31 1.16 64.97
C ILE E 151 11.32 2.08 66.18
N PHE E 152 12.37 1.98 67.00
CA PHE E 152 12.51 2.78 68.20
C PHE E 152 13.94 3.27 68.34
N LEU E 153 14.12 4.30 69.15
CA LEU E 153 15.41 4.93 69.38
C LEU E 153 15.82 4.74 70.83
N VAL E 154 17.07 4.33 71.04
CA VAL E 154 17.62 4.11 72.38
C VAL E 154 18.81 5.04 72.58
N ARG E 155 18.81 5.76 73.71
CA ARG E 155 19.87 6.69 74.03
C ARG E 155 21.05 5.98 74.69
N GLY E 156 22.19 6.66 74.71
CA GLY E 156 23.40 6.15 75.31
C GLY E 156 24.51 5.97 74.29
N GLY E 157 25.65 5.49 74.80
CA GLY E 157 26.78 5.17 73.97
C GLY E 157 27.33 6.39 73.25
N MET E 158 28.04 6.12 72.15
CA MET E 158 28.53 7.22 71.32
C MET E 158 27.40 7.96 70.63
N ARG E 159 26.41 7.23 70.10
CA ARG E 159 25.28 7.85 69.44
C ARG E 159 24.05 6.98 69.62
N ALA E 160 22.88 7.62 69.65
CA ALA E 160 21.62 6.90 69.76
C ALA E 160 21.37 6.09 68.49
N VAL E 161 21.01 4.83 68.67
CA VAL E 161 20.91 3.86 67.59
C VAL E 161 19.46 3.39 67.48
N GLU E 162 18.91 3.43 66.27
CA GLU E 162 17.54 3.03 66.02
C GLU E 162 17.48 1.55 65.67
N PHE E 163 16.48 0.85 66.20
CA PHE E 163 16.32 -0.59 66.02
C PHE E 163 14.93 -0.89 65.51
N LYS E 164 14.83 -1.82 64.57
CA LYS E 164 13.57 -2.21 63.94
C LYS E 164 13.19 -3.62 64.36
N VAL E 165 11.97 -3.78 64.87
CA VAL E 165 11.49 -5.07 65.34
C VAL E 165 11.22 -5.96 64.15
N VAL E 166 12.12 -6.93 63.90
CA VAL E 166 11.99 -7.79 62.73
C VAL E 166 11.09 -8.99 63.04
N GLU E 167 10.82 -9.24 64.32
CA GLU E 167 9.97 -10.36 64.71
C GLU E 167 9.29 -10.06 66.03
N THR E 168 8.02 -10.45 66.14
CA THR E 168 7.28 -10.44 67.40
C THR E 168 6.76 -11.83 67.67
N ASP E 169 7.14 -12.41 68.81
CA ASP E 169 6.76 -13.77 69.19
C ASP E 169 6.15 -13.75 70.58
N PRO E 170 4.84 -14.01 70.73
CA PRO E 170 3.90 -14.34 69.66
C PRO E 170 3.53 -13.17 68.74
N SER E 171 3.13 -13.51 67.53
CA SER E 171 2.77 -12.51 66.53
C SER E 171 1.37 -11.98 66.76
N PRO E 172 1.14 -10.67 66.51
CA PRO E 172 2.17 -9.67 66.25
C PRO E 172 2.32 -8.67 67.40
N TYR E 173 1.47 -8.76 68.41
CA TYR E 173 1.51 -7.87 69.57
C TYR E 173 2.18 -8.59 70.73
N CYS E 174 3.15 -7.93 71.37
CA CYS E 174 3.92 -8.54 72.43
C CYS E 174 4.31 -7.49 73.46
N ILE E 175 4.41 -7.92 74.72
CA ILE E 175 4.79 -7.07 75.85
C ILE E 175 6.18 -7.47 76.28
N VAL E 176 7.03 -6.47 76.52
CA VAL E 176 8.41 -6.73 76.94
C VAL E 176 8.39 -7.04 78.44
N ALA E 177 8.23 -8.31 78.78
CA ALA E 177 8.35 -8.75 80.16
C ALA E 177 9.80 -8.73 80.58
N PRO E 178 10.06 -8.73 81.90
CA PRO E 178 11.47 -8.75 82.33
C PRO E 178 12.23 -9.96 81.85
N ASP E 179 11.55 -11.11 81.72
CA ASP E 179 12.22 -12.34 81.34
C ASP E 179 12.53 -12.40 79.85
N THR E 180 11.88 -11.54 79.06
CA THR E 180 11.97 -11.65 77.60
C THR E 180 13.39 -11.40 77.13
N VAL E 181 13.81 -12.17 76.12
CA VAL E 181 15.15 -12.08 75.53
C VAL E 181 15.04 -11.29 74.23
N ILE E 182 15.91 -10.30 74.09
CA ILE E 182 16.02 -9.49 72.87
C ILE E 182 17.38 -9.77 72.25
N HIS E 183 17.38 -10.13 70.96
CA HIS E 183 18.61 -10.43 70.23
C HIS E 183 18.72 -9.54 69.01
N CYS E 184 19.87 -8.89 68.86
CA CYS E 184 20.11 -7.92 67.79
C CYS E 184 20.86 -8.52 66.61
N GLU E 185 21.11 -9.82 66.63
CA GLU E 185 21.91 -10.45 65.58
C GLU E 185 21.19 -10.41 64.24
N GLY E 186 21.97 -10.43 63.17
CA GLY E 186 21.44 -10.48 61.82
C GLY E 186 22.11 -9.44 60.95
N GLU E 187 21.40 -9.08 59.85
CA GLU E 187 21.84 -8.10 58.85
C GLU E 187 21.27 -6.74 59.17
N PRO E 188 22.11 -5.71 59.30
CA PRO E 188 21.61 -4.39 59.71
C PRO E 188 20.58 -3.85 58.71
N ILE E 189 19.58 -3.16 59.26
CA ILE E 189 18.51 -2.62 58.43
C ILE E 189 18.99 -1.39 57.68
N LYS E 190 18.68 -1.32 56.39
CA LYS E 190 19.07 -0.17 55.59
C LYS E 190 18.29 1.07 56.02
N ARG E 191 18.98 2.21 56.04
CA ARG E 191 18.30 3.49 56.26
C ARG E 191 17.46 3.88 55.07
N GLU E 192 17.97 3.68 53.85
CA GLU E 192 17.24 4.04 52.65
C GLU E 192 15.93 3.27 52.56
N ASP E 193 15.97 1.97 52.88
CA ASP E 193 14.77 1.15 52.84
C ASP E 193 13.74 1.64 53.84
N GLU E 194 14.18 1.96 55.06
CA GLU E 194 13.24 2.40 56.10
C GLU E 194 12.61 3.74 55.72
N GLU E 195 13.42 4.65 55.17
CA GLU E 195 12.87 5.92 54.70
C GLU E 195 11.86 5.69 53.57
N GLU E 196 12.20 4.84 52.61
CA GLU E 196 11.31 4.60 51.48
C GLU E 196 9.99 4.01 51.93
N SER E 197 10.03 3.02 52.82
CA SER E 197 8.81 2.44 53.35
C SER E 197 8.04 3.45 54.20
N LEU E 198 8.75 4.41 54.80
CA LEU E 198 8.08 5.54 55.43
C LEU E 198 7.28 6.34 54.42
N ASN E 199 7.87 6.61 53.25
CA ASN E 199 7.24 7.44 52.24
C ASN E 199 6.66 6.54 51.15
N GLU E 200 5.56 5.88 51.50
CA GLU E 200 4.81 5.03 50.59
C GLU E 200 3.56 5.77 50.14
N VAL E 201 3.04 5.40 48.98
CA VAL E 201 1.93 6.15 48.39
C VAL E 201 0.60 5.59 48.85
N GLY E 202 -0.29 6.49 49.30
CA GLY E 202 -1.64 6.12 49.65
C GLY E 202 -2.63 7.04 48.98
N TYR E 203 -3.90 6.89 49.34
CA TYR E 203 -4.94 7.72 48.71
C TYR E 203 -4.74 9.19 49.02
N ASP E 204 -4.13 9.50 50.16
CA ASP E 204 -3.89 10.90 50.50
C ASP E 204 -2.83 11.52 49.59
N ASP E 205 -2.04 10.69 48.93
CA ASP E 205 -1.01 11.20 48.03
C ASP E 205 -1.56 11.42 46.62
N ILE E 206 -2.84 11.15 46.42
CA ILE E 206 -3.49 11.50 45.16
C ILE E 206 -4.32 12.75 45.35
N GLY E 207 -4.21 13.67 44.40
CA GLY E 207 -4.96 14.91 44.47
C GLY E 207 -5.47 15.32 43.11
N GLY E 208 -6.58 16.03 43.11
CA GLY E 208 -7.22 16.43 41.88
C GLY E 208 -8.09 15.38 41.24
N CYS E 209 -8.19 14.19 41.83
CA CYS E 209 -9.05 13.12 41.35
C CYS E 209 -10.01 12.65 42.43
N ARG E 210 -10.54 13.58 43.24
CA ARG E 210 -11.36 13.17 44.38
C ARG E 210 -12.62 12.44 43.92
N LYS E 211 -13.24 12.91 42.84
CA LYS E 211 -14.36 12.16 42.27
C LYS E 211 -13.93 10.77 41.84
N GLN E 212 -12.85 10.67 41.08
CA GLN E 212 -12.41 9.38 40.58
C GLN E 212 -11.89 8.51 41.71
N LEU E 213 -11.26 9.13 42.72
CA LEU E 213 -10.87 8.38 43.91
C LEU E 213 -12.08 7.77 44.58
N ALA E 214 -13.15 8.55 44.75
CA ALA E 214 -14.37 8.00 45.35
C ALA E 214 -14.93 6.88 44.50
N GLN E 215 -14.95 7.07 43.18
CA GLN E 215 -15.53 6.06 42.31
C GLN E 215 -14.76 4.75 42.39
N ILE E 216 -13.44 4.84 42.42
CA ILE E 216 -12.62 3.63 42.54
C ILE E 216 -12.82 2.97 43.89
N LYS E 217 -12.76 3.76 44.97
CA LYS E 217 -12.93 3.19 46.30
C LYS E 217 -14.28 2.49 46.44
N GLU E 218 -15.31 3.04 45.78
CA GLU E 218 -16.60 2.34 45.74
C GLU E 218 -16.49 1.06 44.94
N MET E 219 -15.72 1.06 43.85
CA MET E 219 -15.69 -0.12 43.00
C MET E 219 -14.83 -1.24 43.58
N VAL E 220 -13.74 -0.92 44.28
CA VAL E 220 -12.78 -1.92 44.72
C VAL E 220 -12.73 -2.06 46.24
N GLU E 221 -12.66 -0.95 46.96
CA GLU E 221 -12.52 -1.04 48.41
C GLU E 221 -13.80 -1.54 49.07
N LEU E 222 -14.93 -0.94 48.74
CA LEU E 222 -16.17 -1.31 49.40
C LEU E 222 -16.59 -2.75 49.17
N PRO E 223 -16.62 -3.28 47.93
CA PRO E 223 -17.00 -4.68 47.78
C PRO E 223 -16.11 -5.64 48.55
N LEU E 224 -14.82 -5.36 48.63
CA LEU E 224 -13.93 -6.24 49.38
C LEU E 224 -14.08 -6.04 50.88
N ARG E 225 -14.64 -4.90 51.30
CA ARG E 225 -14.81 -4.69 52.72
C ARG E 225 -16.11 -5.30 53.24
N HIS E 226 -17.21 -5.13 52.51
CA HIS E 226 -18.53 -5.61 52.96
C HIS E 226 -19.28 -6.28 51.81
N PRO E 227 -18.87 -7.49 51.44
CA PRO E 227 -19.62 -8.21 50.39
C PRO E 227 -21.06 -8.48 50.76
N ALA E 228 -21.33 -8.66 52.06
CA ALA E 228 -22.69 -8.97 52.49
C ALA E 228 -23.64 -7.80 52.23
N LEU E 229 -23.12 -6.57 52.23
CA LEU E 229 -23.95 -5.42 51.90
C LEU E 229 -24.45 -5.50 50.46
N PHE E 230 -23.53 -5.71 49.52
CA PHE E 230 -23.93 -5.86 48.13
C PHE E 230 -24.83 -7.07 47.95
N LYS E 231 -24.57 -8.14 48.70
CA LYS E 231 -25.42 -9.32 48.62
C LYS E 231 -26.84 -9.01 49.05
N GLU E 232 -26.99 -8.28 50.15
CA GLU E 232 -28.33 -8.03 50.66
C GLU E 232 -29.09 -7.06 49.77
N ILE E 233 -28.42 -6.03 49.25
CA ILE E 233 -29.15 -5.07 48.43
C ILE E 233 -29.51 -5.70 47.09
N GLY E 234 -28.95 -6.86 46.79
CA GLY E 234 -29.41 -7.67 45.67
C GLY E 234 -28.66 -7.51 44.38
N VAL E 235 -27.53 -6.80 44.38
CA VAL E 235 -26.80 -6.47 43.15
C VAL E 235 -25.42 -7.10 43.21
N LYS E 236 -24.93 -7.55 42.05
CA LYS E 236 -23.57 -8.03 41.95
C LYS E 236 -22.63 -6.86 41.68
N PRO E 237 -21.62 -6.65 42.53
CA PRO E 237 -20.69 -5.53 42.33
C PRO E 237 -19.83 -5.74 41.09
N PRO E 238 -19.43 -4.67 40.42
CA PRO E 238 -18.69 -4.80 39.16
C PRO E 238 -17.35 -5.48 39.34
N ARG E 239 -16.91 -6.18 38.30
CA ARG E 239 -15.69 -6.98 38.37
C ARG E 239 -14.53 -6.36 37.62
N GLY E 240 -14.78 -5.62 36.55
CA GLY E 240 -13.70 -5.02 35.80
C GLY E 240 -13.72 -3.51 35.86
N ILE E 241 -12.57 -2.89 36.06
CA ILE E 241 -12.43 -1.43 36.09
C ILE E 241 -11.34 -1.04 35.14
N LEU E 242 -11.61 -0.04 34.30
CA LEU E 242 -10.64 0.51 33.36
C LEU E 242 -10.39 1.97 33.72
N LEU E 243 -9.13 2.31 33.95
CA LEU E 243 -8.74 3.68 34.21
C LEU E 243 -8.07 4.22 32.96
N TYR E 244 -8.74 5.14 32.27
CA TYR E 244 -8.20 5.71 31.04
C TYR E 244 -8.05 7.20 31.19
N GLY E 245 -6.95 7.74 30.70
CA GLY E 245 -6.71 9.16 30.72
C GLY E 245 -5.42 9.53 30.01
N PRO E 246 -5.19 10.82 29.84
CA PRO E 246 -3.96 11.25 29.18
C PRO E 246 -2.74 10.81 29.95
N PRO E 247 -1.56 10.83 29.34
CA PRO E 247 -0.35 10.47 30.06
C PRO E 247 -0.07 11.43 31.20
N GLY E 248 0.33 10.88 32.34
CA GLY E 248 0.70 11.66 33.49
C GLY E 248 -0.43 12.09 34.38
N THR E 249 -1.64 11.56 34.19
CA THR E 249 -2.79 11.99 34.98
C THR E 249 -2.97 11.23 36.28
N GLY E 250 -2.23 10.14 36.50
CA GLY E 250 -2.27 9.47 37.78
C GLY E 250 -2.92 8.11 37.81
N LYS E 251 -2.96 7.38 36.70
CA LYS E 251 -3.58 6.06 36.70
C LYS E 251 -2.71 5.04 37.42
N THR E 252 -1.44 4.97 37.08
CA THR E 252 -0.55 4.06 37.79
C THR E 252 -0.37 4.49 39.24
N LEU E 253 -0.48 5.79 39.50
CA LEU E 253 -0.43 6.27 40.87
C LEU E 253 -1.61 5.77 41.67
N ILE E 254 -2.80 5.79 41.08
CA ILE E 254 -3.96 5.20 41.74
C ILE E 254 -3.76 3.71 41.94
N ALA E 255 -3.11 3.05 40.98
CA ALA E 255 -2.80 1.65 41.17
C ALA E 255 -1.89 1.42 42.37
N ARG E 256 -0.85 2.23 42.51
CA ARG E 256 0.03 2.09 43.67
C ARG E 256 -0.72 2.36 44.96
N ALA E 257 -1.58 3.38 44.97
CA ALA E 257 -2.31 3.71 46.17
C ALA E 257 -3.23 2.57 46.57
N VAL E 258 -3.94 1.98 45.61
CA VAL E 258 -4.81 0.86 45.91
C VAL E 258 -3.99 -0.34 46.39
N ALA E 259 -2.85 -0.58 45.76
CA ALA E 259 -2.01 -1.71 46.16
C ALA E 259 -1.52 -1.55 47.59
N ASN E 260 -1.12 -0.34 47.96
CA ASN E 260 -0.58 -0.12 49.29
C ASN E 260 -1.67 -0.11 50.36
N GLU E 261 -2.79 0.55 50.10
CA GLU E 261 -3.79 0.75 51.12
C GLU E 261 -5.00 -0.16 50.98
N THR E 262 -4.81 -1.42 50.60
CA THR E 262 -5.88 -2.41 50.55
C THR E 262 -5.39 -3.71 51.16
N GLY E 263 -6.27 -4.38 51.90
CA GLY E 263 -5.91 -5.65 52.52
C GLY E 263 -5.93 -6.81 51.56
N ALA E 264 -6.48 -6.61 50.36
CA ALA E 264 -6.56 -7.69 49.39
C ALA E 264 -5.20 -8.02 48.82
N PHE E 265 -5.08 -9.21 48.25
CA PHE E 265 -3.86 -9.60 47.59
C PHE E 265 -3.79 -8.97 46.20
N PHE E 266 -2.68 -8.31 45.91
CA PHE E 266 -2.51 -7.52 44.69
C PHE E 266 -1.57 -8.23 43.74
N PHE E 267 -2.05 -8.53 42.54
CA PHE E 267 -1.25 -9.15 41.50
C PHE E 267 -1.16 -8.21 40.31
N LEU E 268 0.07 -7.86 39.94
CA LEU E 268 0.34 -6.87 38.90
C LEU E 268 0.72 -7.59 37.61
N ILE E 269 0.07 -7.21 36.52
CA ILE E 269 0.46 -7.65 35.18
C ILE E 269 0.87 -6.42 34.39
N ASN E 270 2.12 -6.38 33.95
CA ASN E 270 2.58 -5.39 33.00
C ASN E 270 2.43 -6.00 31.62
N GLY E 271 1.83 -5.25 30.70
CA GLY E 271 1.33 -5.81 29.47
C GLY E 271 2.29 -6.75 28.77
N PRO E 272 3.35 -6.21 28.19
CA PRO E 272 4.25 -7.04 27.40
C PRO E 272 4.97 -8.11 28.20
N GLU E 273 4.94 -8.04 29.53
CA GLU E 273 5.63 -9.05 30.34
C GLU E 273 5.03 -10.42 30.14
N ILE E 274 3.81 -10.48 29.61
CA ILE E 274 3.13 -11.76 29.42
C ILE E 274 3.82 -12.60 28.35
N MET E 275 4.16 -11.99 27.22
CA MET E 275 4.66 -12.74 26.07
C MET E 275 5.88 -13.57 26.44
N SER E 276 5.89 -14.82 26.00
CA SER E 276 7.01 -15.72 26.21
C SER E 276 7.33 -16.43 24.92
N LYS E 277 8.57 -16.90 24.80
CA LYS E 277 9.03 -17.49 23.56
C LYS E 277 8.46 -18.89 23.36
N LEU E 278 8.22 -19.61 24.45
CA LEU E 278 7.64 -20.94 24.34
C LEU E 278 6.20 -20.86 23.90
N ALA E 279 5.86 -21.59 22.84
CA ALA E 279 4.50 -21.52 22.32
C ALA E 279 3.51 -22.06 23.34
N GLY E 280 2.41 -21.34 23.52
CA GLY E 280 1.43 -21.68 24.53
C GLY E 280 1.75 -21.22 25.92
N GLU E 281 2.82 -20.44 26.11
CA GLU E 281 3.19 -20.03 27.47
C GLU E 281 2.63 -18.67 27.82
N SER E 282 2.26 -17.86 26.82
CA SER E 282 1.78 -16.51 27.11
C SER E 282 0.39 -16.55 27.75
N GLU E 283 -0.55 -17.25 27.11
CA GLU E 283 -1.85 -17.42 27.72
C GLU E 283 -1.75 -18.28 28.97
N SER E 284 -0.70 -19.10 29.07
CA SER E 284 -0.48 -19.83 30.32
C SER E 284 -0.11 -18.88 31.43
N ASN E 285 0.67 -17.84 31.11
CA ASN E 285 0.97 -16.81 32.10
C ASN E 285 -0.28 -16.06 32.53
N LEU E 286 -1.15 -15.72 31.58
CA LEU E 286 -2.42 -15.09 31.96
C LEU E 286 -3.23 -16.00 32.87
N ARG E 287 -3.36 -17.28 32.50
CA ARG E 287 -4.11 -18.21 33.33
C ARG E 287 -3.50 -18.34 34.71
N LYS E 288 -2.17 -18.43 34.78
CA LYS E 288 -1.51 -18.56 36.08
C LYS E 288 -1.75 -17.33 36.94
N ALA E 289 -1.70 -16.15 36.34
CA ALA E 289 -1.98 -14.93 37.10
C ALA E 289 -3.40 -14.95 37.65
N PHE E 290 -4.38 -15.28 36.82
CA PHE E 290 -5.77 -15.26 37.28
C PHE E 290 -6.02 -16.35 38.31
N GLU E 291 -5.40 -17.52 38.14
CA GLU E 291 -5.55 -18.58 39.14
C GLU E 291 -4.93 -18.17 40.46
N GLU E 292 -3.77 -17.50 40.42
CA GLU E 292 -3.14 -17.04 41.65
C GLU E 292 -4.00 -16.00 42.34
N ALA E 293 -4.63 -15.12 41.56
CA ALA E 293 -5.53 -14.14 42.15
C ALA E 293 -6.74 -14.80 42.79
N GLU E 294 -7.29 -15.83 42.14
CA GLU E 294 -8.40 -16.57 42.73
C GLU E 294 -7.99 -17.28 44.00
N LYS E 295 -6.79 -17.85 44.04
CA LYS E 295 -6.37 -18.61 45.21
C LYS E 295 -6.29 -17.73 46.45
N ASN E 296 -5.75 -16.53 46.31
CA ASN E 296 -5.71 -15.58 47.42
C ASN E 296 -6.81 -14.56 47.20
N ALA E 297 -8.03 -14.93 47.56
CA ALA E 297 -9.17 -14.03 47.41
C ALA E 297 -9.56 -13.50 48.79
N PRO E 298 -10.05 -12.26 48.89
CA PRO E 298 -10.29 -11.29 47.82
C PRO E 298 -9.02 -10.74 47.23
N ALA E 299 -9.01 -10.45 45.92
CA ALA E 299 -7.79 -10.07 45.24
C ALA E 299 -8.09 -9.01 44.20
N ILE E 300 -7.06 -8.24 43.87
CA ILE E 300 -7.11 -7.25 42.81
C ILE E 300 -6.04 -7.60 41.79
N ILE E 301 -6.41 -7.60 40.53
CA ILE E 301 -5.47 -7.77 39.42
C ILE E 301 -5.33 -6.42 38.74
N PHE E 302 -4.10 -5.96 38.57
CA PHE E 302 -3.84 -4.71 37.86
C PHE E 302 -3.08 -5.05 36.59
N ILE E 303 -3.59 -4.56 35.47
CA ILE E 303 -2.98 -4.79 34.17
C ILE E 303 -2.54 -3.43 33.65
N ASP E 304 -1.30 -3.08 33.93
CA ASP E 304 -0.75 -1.82 33.45
C ASP E 304 -0.56 -1.87 31.94
N GLU E 305 -0.92 -0.77 31.28
CA GLU E 305 -0.86 -0.69 29.83
C GLU E 305 -1.62 -1.85 29.19
N LEU E 306 -2.93 -1.85 29.40
CA LEU E 306 -3.77 -2.90 28.85
C LEU E 306 -3.68 -2.96 27.33
N ASP E 307 -3.53 -1.81 26.68
CA ASP E 307 -3.54 -1.79 25.23
C ASP E 307 -2.32 -2.48 24.64
N ALA E 308 -1.34 -2.79 25.49
CA ALA E 308 -0.20 -3.59 25.03
C ALA E 308 -0.63 -5.02 24.70
N ILE E 309 -1.46 -5.63 25.54
CA ILE E 309 -1.83 -7.03 25.36
C ILE E 309 -3.19 -7.23 24.71
N ALA E 310 -4.04 -6.21 24.67
CA ALA E 310 -5.43 -6.38 24.25
C ALA E 310 -5.76 -5.42 23.11
N PRO E 311 -5.18 -5.62 21.94
CA PRO E 311 -5.59 -4.85 20.78
C PRO E 311 -6.80 -5.49 20.13
N LYS E 312 -7.33 -4.81 19.12
CA LYS E 312 -8.50 -5.32 18.42
C LYS E 312 -8.15 -6.59 17.66
N ARG E 313 -9.02 -7.60 17.78
CA ARG E 313 -8.72 -8.91 17.19
C ARG E 313 -8.76 -8.86 15.67
N GLU E 314 -9.67 -8.06 15.11
CA GLU E 314 -9.72 -7.94 13.66
C GLU E 314 -8.46 -7.27 13.11
N LYS E 315 -7.90 -6.32 13.86
CA LYS E 315 -6.72 -5.61 13.37
C LYS E 315 -5.47 -6.46 13.49
N THR E 316 -5.39 -7.31 14.51
CA THR E 316 -4.13 -7.96 14.85
C THR E 316 -3.72 -8.99 13.81
N HIS E 317 -2.46 -8.93 13.38
CA HIS E 317 -1.95 -9.81 12.34
C HIS E 317 -1.15 -10.99 12.87
N GLY E 318 -1.14 -11.21 14.18
CA GLY E 318 -0.43 -12.31 14.78
C GLY E 318 -1.40 -13.30 15.39
N GLU E 319 -0.99 -14.57 15.41
CA GLU E 319 -1.84 -15.59 16.03
C GLU E 319 -1.68 -15.59 17.54
N VAL E 320 -0.46 -15.38 18.03
CA VAL E 320 -0.25 -15.40 19.48
C VAL E 320 -0.94 -14.21 20.14
N GLU E 321 -0.95 -13.05 19.47
CA GLU E 321 -1.64 -11.91 20.04
C GLU E 321 -3.15 -12.14 20.09
N ARG E 322 -3.72 -12.74 19.05
CA ARG E 322 -5.14 -13.06 19.08
C ARG E 322 -5.45 -14.07 20.17
N ARG E 323 -4.56 -15.04 20.38
CA ARG E 323 -4.76 -15.97 21.48
C ARG E 323 -4.72 -15.25 22.82
N ILE E 324 -3.84 -14.26 22.97
CA ILE E 324 -3.84 -13.46 24.20
C ILE E 324 -5.16 -12.74 24.39
N VAL E 325 -5.67 -12.11 23.34
CA VAL E 325 -6.91 -11.33 23.51
C VAL E 325 -8.07 -12.26 23.84
N SER E 326 -8.16 -13.39 23.15
CA SER E 326 -9.25 -14.32 23.42
C SER E 326 -9.12 -14.95 24.80
N GLN E 327 -7.91 -15.25 25.24
CA GLN E 327 -7.69 -15.74 26.59
C GLN E 327 -8.10 -14.71 27.63
N LEU E 328 -7.80 -13.44 27.36
CA LEU E 328 -8.25 -12.37 28.24
C LEU E 328 -9.77 -12.31 28.31
N LEU E 329 -10.44 -12.43 27.16
CA LEU E 329 -11.90 -12.42 27.16
C LEU E 329 -12.45 -13.59 27.95
N THR E 330 -11.86 -14.77 27.78
CA THR E 330 -12.31 -15.95 28.50
C THR E 330 -12.15 -15.78 30.00
N LEU E 331 -11.02 -15.26 30.44
CA LEU E 331 -10.80 -15.11 31.87
C LEU E 331 -11.67 -14.01 32.45
N MET E 332 -11.95 -12.96 31.66
CA MET E 332 -12.93 -11.97 32.09
C MET E 332 -14.29 -12.60 32.30
N ASP E 333 -14.69 -13.47 31.38
CA ASP E 333 -15.97 -14.17 31.54
C ASP E 333 -15.97 -15.04 32.78
N GLY E 334 -14.89 -15.80 32.97
CA GLY E 334 -14.83 -16.67 34.14
C GLY E 334 -14.72 -15.90 35.44
N LEU E 335 -14.38 -14.62 35.35
CA LEU E 335 -14.22 -13.80 36.55
C LEU E 335 -15.53 -13.66 37.31
N LYS E 336 -16.65 -13.50 36.59
CA LYS E 336 -17.92 -13.25 37.25
C LYS E 336 -18.30 -14.39 38.17
N GLN E 337 -18.02 -15.62 37.76
CA GLN E 337 -18.21 -16.77 38.65
C GLN E 337 -17.24 -16.70 39.83
N ARG E 338 -16.00 -16.29 39.58
CA ARG E 338 -15.03 -16.15 40.66
C ARG E 338 -15.59 -15.21 41.73
N ALA E 339 -15.56 -15.66 42.98
CA ALA E 339 -16.35 -15.01 44.02
C ALA E 339 -15.79 -13.63 44.37
N HIS E 340 -14.47 -13.51 44.53
CA HIS E 340 -13.91 -12.31 45.11
C HIS E 340 -12.70 -11.74 44.40
N VAL E 341 -12.58 -11.90 43.09
CA VAL E 341 -11.51 -11.23 42.34
C VAL E 341 -12.08 -10.03 41.59
N ILE E 342 -11.42 -8.89 41.73
CA ILE E 342 -11.74 -7.67 40.99
C ILE E 342 -10.55 -7.31 40.14
N VAL E 343 -10.77 -7.13 38.84
CA VAL E 343 -9.69 -6.88 37.89
C VAL E 343 -9.73 -5.40 37.50
N MET E 344 -8.60 -4.73 37.64
CA MET E 344 -8.48 -3.31 37.34
C MET E 344 -7.36 -3.12 36.33
N ALA E 345 -7.50 -2.14 35.44
CA ALA E 345 -6.55 -1.95 34.37
C ALA E 345 -6.33 -0.46 34.13
N ALA E 346 -5.29 -0.14 33.38
CA ALA E 346 -4.96 1.23 33.01
C ALA E 346 -4.52 1.28 31.57
N THR E 347 -4.81 2.38 30.89
CA THR E 347 -4.33 2.61 29.54
C THR E 347 -4.54 4.07 29.17
N ASN E 348 -3.69 4.60 28.31
CA ASN E 348 -3.89 5.95 27.80
C ASN E 348 -4.24 5.98 26.33
N ARG E 349 -4.57 4.84 25.74
CA ARG E 349 -5.19 4.76 24.43
C ARG E 349 -6.42 3.86 24.55
N PRO E 350 -7.48 4.34 25.21
CA PRO E 350 -8.62 3.46 25.48
C PRO E 350 -9.32 2.96 24.23
N ASN E 351 -9.32 3.75 23.15
CA ASN E 351 -10.01 3.31 21.93
C ASN E 351 -9.27 2.17 21.27
N SER E 352 -7.98 2.01 21.57
CA SER E 352 -7.23 0.89 21.02
C SER E 352 -7.64 -0.43 21.64
N ILE E 353 -8.28 -0.40 22.81
CA ILE E 353 -8.71 -1.63 23.45
C ILE E 353 -9.77 -2.30 22.60
N ASP E 354 -9.77 -3.63 22.62
CA ASP E 354 -10.75 -4.38 21.85
C ASP E 354 -12.16 -3.99 22.27
N PRO E 355 -13.07 -3.76 21.31
CA PRO E 355 -14.43 -3.36 21.71
C PRO E 355 -15.15 -4.39 22.54
N ALA E 356 -14.77 -5.66 22.45
CA ALA E 356 -15.42 -6.69 23.23
C ALA E 356 -15.08 -6.57 24.71
N LEU E 357 -13.92 -6.01 25.03
CA LEU E 357 -13.46 -5.97 26.41
C LEU E 357 -14.08 -4.81 27.17
N ARG E 358 -14.92 -4.02 26.53
CA ARG E 358 -15.62 -2.96 27.24
C ARG E 358 -17.10 -3.24 27.40
N ARG E 359 -17.52 -4.49 27.22
CA ARG E 359 -18.93 -4.83 27.29
C ARG E 359 -19.34 -5.15 28.72
N PHE E 360 -20.52 -5.73 28.85
CA PHE E 360 -21.02 -6.14 30.17
C PHE E 360 -20.22 -7.33 30.69
N GLY E 361 -19.75 -7.23 31.93
CA GLY E 361 -19.01 -8.30 32.54
C GLY E 361 -17.51 -8.27 32.29
N ARG E 362 -17.07 -7.48 31.32
CA ARG E 362 -15.66 -7.29 31.03
C ARG E 362 -15.35 -5.80 31.03
N PHE E 363 -14.62 -5.34 32.05
CA PHE E 363 -14.27 -3.93 32.17
C PHE E 363 -15.47 -3.04 31.92
N ASP E 364 -16.62 -3.45 32.47
CA ASP E 364 -17.87 -2.77 32.19
C ASP E 364 -17.92 -1.40 32.83
N ARG E 365 -17.22 -1.21 33.93
CA ARG E 365 -17.15 0.08 34.61
C ARG E 365 -15.84 0.77 34.27
N GLU E 366 -15.93 2.00 33.78
CA GLU E 366 -14.77 2.76 33.32
C GLU E 366 -14.66 4.05 34.10
N VAL E 367 -13.42 4.45 34.40
CA VAL E 367 -13.13 5.65 35.17
C VAL E 367 -12.23 6.55 34.33
N ASP E 368 -12.60 7.82 34.20
CA ASP E 368 -11.86 8.76 33.38
C ASP E 368 -11.03 9.69 34.26
N ILE E 369 -9.71 9.54 34.20
CA ILE E 369 -8.79 10.37 34.97
C ILE E 369 -8.45 11.57 34.10
N GLY E 370 -9.22 12.64 34.23
CA GLY E 370 -9.04 13.77 33.35
C GLY E 370 -7.98 14.75 33.82
N ILE E 371 -7.84 15.83 33.06
CA ILE E 371 -6.92 16.91 33.44
C ILE E 371 -7.47 17.64 34.66
N PRO E 372 -6.67 17.90 35.70
CA PRO E 372 -7.21 18.54 36.90
C PRO E 372 -7.60 19.99 36.66
N ASP E 373 -8.46 20.49 37.55
CA ASP E 373 -8.84 21.90 37.58
C ASP E 373 -7.84 22.69 38.43
N ALA E 374 -8.15 23.98 38.62
CA ALA E 374 -7.25 24.83 39.39
C ALA E 374 -7.13 24.37 40.83
N THR E 375 -8.25 24.04 41.46
CA THR E 375 -8.19 23.46 42.80
C THR E 375 -7.43 22.14 42.78
N GLY E 376 -7.64 21.34 41.74
CA GLY E 376 -6.91 20.09 41.63
C GLY E 376 -5.41 20.28 41.54
N ARG E 377 -4.97 21.26 40.74
CA ARG E 377 -3.54 21.52 40.64
C ARG E 377 -3.00 22.08 41.95
N LEU E 378 -3.83 22.82 42.69
CA LEU E 378 -3.38 23.26 44.00
C LEU E 378 -3.17 22.08 44.95
N GLU E 379 -4.09 21.12 44.94
CA GLU E 379 -3.92 19.93 45.78
C GLU E 379 -2.69 19.15 45.37
N ILE E 380 -2.46 19.00 44.06
CA ILE E 380 -1.30 18.25 43.59
C ILE E 380 -0.02 18.92 44.03
N LEU E 381 0.04 20.26 43.92
CA LEU E 381 1.22 20.98 44.34
C LEU E 381 1.44 20.86 45.85
N GLN E 382 0.36 20.88 46.62
CA GLN E 382 0.50 20.71 48.07
C GLN E 382 0.99 19.32 48.41
N ILE E 383 0.57 18.31 47.63
CA ILE E 383 1.07 16.96 47.83
C ILE E 383 2.55 16.88 47.52
N HIS E 384 2.97 17.51 46.43
CA HIS E 384 4.33 17.31 45.95
C HIS E 384 5.34 18.17 46.69
N THR E 385 4.88 19.25 47.31
CA THR E 385 5.78 20.15 48.02
C THR E 385 5.84 19.88 49.51
N LYS E 386 5.15 18.85 50.01
CA LYS E 386 5.02 18.67 51.45
C LYS E 386 6.37 18.35 52.10
N ASN E 387 7.23 17.61 51.40
CA ASN E 387 8.55 17.34 51.95
C ASN E 387 9.51 18.49 51.71
N MET E 388 9.32 19.24 50.62
CA MET E 388 10.28 20.25 50.22
C MET E 388 10.33 21.39 51.23
N LYS E 389 11.52 21.94 51.44
CA LYS E 389 11.72 23.02 52.41
C LYS E 389 11.31 24.33 51.75
N LEU E 390 10.01 24.58 51.73
CA LEU E 390 9.50 25.80 51.13
C LEU E 390 9.86 27.00 51.99
N ALA E 391 10.03 28.15 51.35
CA ALA E 391 10.22 29.39 52.09
C ALA E 391 8.87 29.94 52.53
N ASP E 392 8.89 31.20 52.96
CA ASP E 392 7.66 31.82 53.43
C ASP E 392 6.95 32.56 52.30
N ASP E 393 7.71 33.17 51.39
CA ASP E 393 7.12 33.99 50.35
C ASP E 393 6.48 33.14 49.26
N VAL E 394 6.75 31.83 49.25
CA VAL E 394 6.18 30.97 48.23
C VAL E 394 4.70 30.77 48.47
N ASP E 395 3.90 31.00 47.44
CA ASP E 395 2.45 30.81 47.47
C ASP E 395 2.09 29.80 46.40
N LEU E 396 1.37 28.76 46.79
CA LEU E 396 1.05 27.71 45.83
C LEU E 396 -0.21 28.02 45.05
N GLU E 397 -0.97 29.04 45.47
CA GLU E 397 -2.20 29.35 44.74
C GLU E 397 -1.88 30.04 43.41
N GLN E 398 -0.92 30.95 43.40
CA GLN E 398 -0.48 31.55 42.15
C GLN E 398 0.13 30.52 41.23
N VAL E 399 0.95 29.61 41.77
CA VAL E 399 1.53 28.55 40.95
C VAL E 399 0.43 27.67 40.37
N ALA E 400 -0.57 27.33 41.19
CA ALA E 400 -1.67 26.52 40.70
C ALA E 400 -2.44 27.24 39.60
N ASN E 401 -2.55 28.56 39.71
CA ASN E 401 -3.29 29.31 38.69
C ASN E 401 -2.52 29.42 37.39
N GLU E 402 -1.19 29.58 37.46
CA GLU E 402 -0.42 29.84 36.25
C GLU E 402 -0.28 28.59 35.39
N THR E 403 -0.34 27.41 35.99
CA THR E 403 -0.18 26.14 35.27
C THR E 403 -1.54 25.73 34.72
N HIS E 404 -1.66 25.72 33.40
CA HIS E 404 -2.98 25.58 32.79
C HIS E 404 -3.24 24.18 32.25
N GLY E 405 -2.39 23.69 31.36
CA GLY E 405 -2.58 22.37 30.81
C GLY E 405 -1.93 21.26 31.59
N HIS E 406 -1.43 21.54 32.79
CA HIS E 406 -0.63 20.58 33.52
C HIS E 406 -1.51 19.50 34.13
N VAL E 407 -0.95 18.30 34.28
CA VAL E 407 -1.74 17.13 34.67
C VAL E 407 -1.30 16.50 35.99
N GLY E 408 -0.11 16.82 36.48
CA GLY E 408 0.41 16.20 37.68
C GLY E 408 1.80 15.62 37.51
N ALA E 409 2.07 15.00 36.38
CA ALA E 409 3.47 14.80 36.01
C ALA E 409 4.14 16.13 35.76
N ASP E 410 3.43 17.05 35.10
CA ASP E 410 4.00 18.36 34.84
C ASP E 410 4.20 19.15 36.12
N LEU E 411 3.29 19.01 37.09
CA LEU E 411 3.45 19.73 38.35
C LEU E 411 4.58 19.16 39.19
N ALA E 412 4.74 17.83 39.18
CA ALA E 412 5.91 17.26 39.83
C ALA E 412 7.19 17.72 39.17
N ALA E 413 7.19 17.82 37.84
CA ALA E 413 8.33 18.38 37.13
C ALA E 413 8.60 19.81 37.53
N LEU E 414 7.53 20.59 37.73
CA LEU E 414 7.67 21.97 38.14
C LEU E 414 8.35 22.08 39.49
N CYS E 415 7.91 21.27 40.45
CA CYS E 415 8.52 21.32 41.78
C CYS E 415 9.98 20.86 41.73
N SER E 416 10.28 19.85 40.92
CA SER E 416 11.66 19.41 40.77
C SER E 416 12.53 20.50 40.16
N GLU E 417 12.01 21.24 39.18
CA GLU E 417 12.78 22.33 38.59
C GLU E 417 13.02 23.44 39.59
N ALA E 418 12.00 23.75 40.40
CA ALA E 418 12.18 24.76 41.44
C ALA E 418 13.29 24.34 42.40
N ALA E 419 13.34 23.06 42.75
CA ALA E 419 14.40 22.58 43.62
C ALA E 419 15.77 22.70 42.96
N LEU E 420 15.87 22.37 41.68
CA LEU E 420 17.16 22.53 41.00
C LEU E 420 17.59 23.99 40.96
N GLN E 421 16.65 24.90 40.76
CA GLN E 421 17.01 26.32 40.82
C GLN E 421 17.53 26.70 42.20
N ALA E 422 16.84 26.26 43.25
CA ALA E 422 17.26 26.58 44.60
C ALA E 422 18.65 26.03 44.89
N ILE E 423 18.97 24.86 44.33
CA ILE E 423 20.31 24.31 44.49
C ILE E 423 21.32 25.11 43.68
N ARG E 424 20.94 25.52 42.46
CA ARG E 424 21.87 26.23 41.59
C ARG E 424 22.32 27.53 42.22
N LYS E 425 21.42 28.21 42.93
CA LYS E 425 21.81 29.47 43.55
C LYS E 425 22.97 29.26 44.53
N LYS E 426 23.13 28.05 45.06
CA LYS E 426 24.18 27.78 46.02
C LYS E 426 25.45 27.20 45.40
N MET E 427 25.49 26.96 44.09
CA MET E 427 26.68 26.38 43.48
C MET E 427 27.86 27.35 43.54
N ASP E 428 27.60 28.64 43.71
CA ASP E 428 28.68 29.57 44.01
C ASP E 428 29.26 29.27 45.39
N LEU E 429 28.39 29.00 46.37
CA LEU E 429 28.82 28.86 47.75
C LEU E 429 29.60 27.58 47.97
N ILE E 430 29.16 26.49 47.33
CA ILE E 430 29.84 25.21 47.41
C ILE E 430 29.93 24.63 46.01
N ASP E 431 31.08 24.07 45.67
CA ASP E 431 31.32 23.55 44.33
C ASP E 431 31.08 22.05 44.26
N LEU E 432 31.10 21.53 43.03
CA LEU E 432 30.80 20.12 42.81
C LEU E 432 31.97 19.22 43.20
N GLU E 433 33.19 19.59 42.80
CA GLU E 433 34.33 18.70 43.02
C GLU E 433 34.63 18.57 44.51
N ASP E 434 34.09 19.48 45.32
CA ASP E 434 34.31 19.45 46.76
C ASP E 434 33.79 18.14 47.34
N GLU E 435 34.50 17.63 48.35
CA GLU E 435 34.07 16.38 48.97
C GLU E 435 32.77 16.56 49.75
N THR E 436 32.69 17.59 50.58
CA THR E 436 31.54 17.80 51.43
C THR E 436 31.01 19.21 51.25
N ILE E 437 29.90 19.47 51.93
CA ILE E 437 29.19 20.74 51.84
C ILE E 437 29.06 21.32 53.24
N ASP E 438 29.28 22.62 53.36
CA ASP E 438 29.13 23.28 54.65
C ASP E 438 27.70 23.17 55.13
N ALA E 439 27.54 22.81 56.41
CA ALA E 439 26.21 22.59 56.96
C ALA E 439 25.42 23.89 57.00
N GLU E 440 26.11 25.03 57.04
CA GLU E 440 25.42 26.31 56.99
C GLU E 440 24.68 26.47 55.67
N VAL E 441 25.31 26.05 54.57
CA VAL E 441 24.64 26.10 53.26
C VAL E 441 23.42 25.21 53.25
N MET E 442 23.53 24.01 53.81
CA MET E 442 22.37 23.13 53.88
C MET E 442 21.24 23.78 54.66
N ASN E 443 21.56 24.42 55.79
CA ASN E 443 20.54 25.11 56.56
C ASN E 443 19.89 26.22 55.74
N SER E 444 20.69 27.02 55.03
CA SER E 444 20.16 28.16 54.30
C SER E 444 19.35 27.71 53.09
N LEU E 445 19.56 26.47 52.64
CA LEU E 445 19.03 26.03 51.36
C LEU E 445 17.53 25.79 51.46
N ALA E 446 16.76 26.58 50.73
CA ALA E 446 15.30 26.51 50.77
C ALA E 446 14.77 27.04 49.45
N VAL E 447 13.50 26.79 49.20
CA VAL E 447 12.87 27.08 47.91
C VAL E 447 11.99 28.32 48.03
N THR E 448 12.31 29.33 47.23
CA THR E 448 11.63 30.63 47.28
C THR E 448 10.68 30.76 46.11
N MET E 449 9.91 31.85 46.11
CA MET E 449 8.96 32.09 45.03
C MET E 449 9.66 32.43 43.73
N ASP E 450 10.90 32.94 43.80
CA ASP E 450 11.66 33.21 42.59
C ASP E 450 12.02 31.92 41.88
N ASP E 451 12.35 30.87 42.63
CA ASP E 451 12.61 29.58 42.02
C ASP E 451 11.36 29.04 41.32
N PHE E 452 10.20 29.19 41.96
CA PHE E 452 8.98 28.72 41.32
C PHE E 452 8.64 29.55 40.10
N ARG E 453 8.95 30.84 40.13
CA ARG E 453 8.74 31.66 38.94
C ARG E 453 9.64 31.23 37.79
N TRP E 454 10.90 30.89 38.10
CA TRP E 454 11.80 30.37 37.08
C TRP E 454 11.28 29.06 36.51
N ALA E 455 10.85 28.14 37.38
CA ALA E 455 10.31 26.87 36.92
C ALA E 455 9.08 27.08 36.07
N LEU E 456 8.22 28.02 36.45
CA LEU E 456 7.05 28.35 35.65
C LEU E 456 7.43 28.90 34.30
N SER E 457 8.51 29.69 34.24
CA SER E 457 8.98 30.19 32.96
C SER E 457 9.39 29.05 32.05
N GLN E 458 10.09 28.06 32.60
CA GLN E 458 10.57 26.96 31.76
C GLN E 458 9.48 25.92 31.51
N SER E 459 8.60 25.71 32.48
CA SER E 459 7.68 24.58 32.41
C SER E 459 6.68 24.72 31.28
N ASN E 460 6.48 23.64 30.55
CA ASN E 460 5.48 23.51 29.50
C ASN E 460 4.81 22.16 29.65
N PRO E 461 3.52 22.06 29.34
CA PRO E 461 2.81 20.78 29.52
C PRO E 461 3.47 19.67 28.73
N SER E 462 3.45 18.47 29.32
CA SER E 462 4.02 17.31 28.64
C SER E 462 3.29 17.01 27.35
N ALA E 463 2.00 17.35 27.27
CA ALA E 463 1.23 17.06 26.07
C ALA E 463 1.70 17.91 24.91
N LEU E 464 2.03 19.17 25.17
CA LEU E 464 2.37 20.14 24.15
C LEU E 464 3.85 20.14 23.80
N ARG E 465 4.61 19.13 24.20
CA ARG E 465 6.04 19.11 23.89
C ARG E 465 6.27 19.07 22.39
N GLU E 466 5.41 18.38 21.64
CA GLU E 466 5.58 18.31 20.21
C GLU E 466 5.34 19.66 19.54
N THR E 467 4.27 20.34 19.94
CA THR E 467 3.74 21.47 19.19
C THR E 467 4.30 22.83 19.62
N VAL E 468 5.29 22.85 20.50
CA VAL E 468 5.85 24.12 20.93
C VAL E 468 6.73 24.69 19.83
N VAL E 469 6.60 25.99 19.62
CA VAL E 469 7.41 26.73 18.65
C VAL E 469 7.99 27.95 19.36
N GLU E 470 9.25 28.25 19.07
CA GLU E 470 9.87 29.42 19.66
C GLU E 470 9.32 30.69 19.01
N VAL E 471 8.55 31.44 19.79
CA VAL E 471 7.77 32.57 19.30
C VAL E 471 8.47 33.85 19.75
N PRO E 472 8.66 34.83 18.87
CA PRO E 472 9.29 36.08 19.29
C PRO E 472 8.45 36.80 20.34
N GLN E 473 9.12 37.48 21.25
CA GLN E 473 8.40 38.20 22.30
C GLN E 473 7.67 39.39 21.70
N VAL E 474 6.35 39.29 21.62
CA VAL E 474 5.51 40.35 21.08
C VAL E 474 4.46 40.71 22.13
N THR E 475 4.48 41.95 22.59
CA THR E 475 3.54 42.42 23.58
C THR E 475 2.51 43.33 22.93
N TRP E 476 1.37 43.52 23.60
CA TRP E 476 0.31 44.35 23.03
C TRP E 476 0.81 45.76 22.77
N GLU E 477 1.87 46.18 23.45
CA GLU E 477 2.45 47.48 23.17
C GLU E 477 3.25 47.48 21.88
N ASP E 478 3.68 46.30 21.44
CA ASP E 478 4.45 46.22 20.20
C ASP E 478 3.55 46.34 18.98
N ILE E 479 2.25 46.11 19.14
CA ILE E 479 1.30 46.32 18.07
C ILE E 479 0.76 47.74 18.14
N GLY E 480 0.73 48.41 16.99
CA GLY E 480 0.23 49.76 16.89
C GLY E 480 -1.15 49.77 16.24
N GLY E 481 -2.09 50.42 16.90
CA GLY E 481 -3.44 50.41 16.41
C GLY E 481 -4.15 49.11 16.76
N LEU E 482 -5.26 48.86 16.07
CA LEU E 482 -6.07 47.68 16.31
C LEU E 482 -6.53 47.59 17.76
N GLU E 483 -6.76 48.75 18.39
CA GLU E 483 -7.15 48.75 19.79
C GLU E 483 -8.48 48.05 19.99
N ASP E 484 -9.45 48.33 19.13
CA ASP E 484 -10.74 47.65 19.21
C ASP E 484 -10.58 46.16 18.98
N VAL E 485 -9.72 45.77 18.03
CA VAL E 485 -9.46 44.36 17.78
C VAL E 485 -8.82 43.71 19.00
N LYS E 486 -7.86 44.41 19.63
CA LYS E 486 -7.24 43.87 20.84
C LYS E 486 -8.26 43.64 21.94
N ARG E 487 -9.13 44.63 22.18
CA ARG E 487 -10.13 44.47 23.24
C ARG E 487 -11.10 43.35 22.91
N GLU E 488 -11.53 43.26 21.64
CA GLU E 488 -12.43 42.19 21.26
C GLU E 488 -11.77 40.83 21.45
N LEU E 489 -10.49 40.72 21.11
CA LEU E 489 -9.78 39.45 21.31
C LEU E 489 -9.72 39.09 22.78
N GLN E 490 -9.29 40.03 23.62
CA GLN E 490 -9.16 39.73 25.05
C GLN E 490 -10.50 39.32 25.64
N GLU E 491 -11.57 40.04 25.28
CA GLU E 491 -12.90 39.67 25.78
C GLU E 491 -13.35 38.32 25.26
N LEU E 492 -13.19 38.07 23.97
CA LEU E 492 -13.69 36.83 23.40
C LEU E 492 -12.92 35.64 23.94
N VAL E 493 -11.68 35.87 24.37
CA VAL E 493 -10.95 34.82 25.07
C VAL E 493 -11.51 34.63 26.47
N GLN E 494 -11.49 35.68 27.30
CA GLN E 494 -11.63 35.43 28.73
C GLN E 494 -13.09 35.23 29.14
N TYR E 495 -14.03 35.81 28.41
CA TYR E 495 -15.44 35.74 28.82
C TYR E 495 -15.97 34.32 28.92
N PRO E 496 -15.87 33.47 27.88
CA PRO E 496 -16.48 32.14 28.01
C PRO E 496 -15.78 31.24 29.00
N VAL E 497 -14.53 31.55 29.36
CA VAL E 497 -13.79 30.67 30.26
C VAL E 497 -14.06 31.04 31.71
N GLU E 498 -13.80 32.29 32.08
CA GLU E 498 -13.92 32.69 33.48
C GLU E 498 -15.36 32.67 33.94
N HIS E 499 -16.31 32.95 33.05
CA HIS E 499 -17.72 33.11 33.41
C HIS E 499 -18.60 32.31 32.46
N PRO E 500 -18.63 30.98 32.59
CA PRO E 500 -19.50 30.19 31.71
C PRO E 500 -20.94 30.11 32.21
N ASP E 501 -21.14 30.30 33.51
CA ASP E 501 -22.49 30.20 34.08
C ASP E 501 -23.40 31.26 33.49
N LYS E 502 -22.87 32.46 33.26
CA LYS E 502 -23.68 33.53 32.68
C LYS E 502 -24.00 33.25 31.22
N PHE E 503 -23.05 32.65 30.50
CA PHE E 503 -23.31 32.23 29.12
C PHE E 503 -24.42 31.19 29.07
N LEU E 504 -24.46 30.30 30.07
CA LEU E 504 -25.61 29.40 30.18
C LEU E 504 -26.90 30.15 30.52
N LYS E 505 -26.83 31.02 31.53
CA LYS E 505 -28.03 31.65 32.06
C LYS E 505 -28.74 32.45 30.99
N PHE E 506 -28.00 33.21 30.19
CA PHE E 506 -28.64 33.96 29.11
C PHE E 506 -29.05 33.05 27.96
N GLY E 507 -28.61 31.79 27.99
CA GLY E 507 -29.04 30.82 27.01
C GLY E 507 -28.27 30.83 25.69
N MET E 508 -27.17 31.56 25.62
CA MET E 508 -26.42 31.73 24.38
C MET E 508 -25.11 30.95 24.47
N THR E 509 -24.84 30.16 23.44
CA THR E 509 -23.58 29.42 23.38
C THR E 509 -22.44 30.35 22.98
N PRO E 510 -21.29 30.27 23.65
CA PRO E 510 -20.16 31.13 23.30
C PRO E 510 -19.57 30.74 21.96
N SER E 511 -18.95 31.71 21.30
CA SER E 511 -18.28 31.45 20.03
C SER E 511 -16.95 30.77 20.27
N LYS E 512 -16.68 29.71 19.53
CA LYS E 512 -15.40 29.03 19.57
C LYS E 512 -14.55 29.31 18.34
N GLY E 513 -14.82 30.38 17.61
CA GLY E 513 -14.05 30.62 16.41
C GLY E 513 -13.88 32.07 16.04
N VAL E 514 -12.70 32.39 15.51
CA VAL E 514 -12.38 33.69 14.95
C VAL E 514 -11.65 33.46 13.65
N LEU E 515 -11.90 34.30 12.65
CA LEU E 515 -11.12 34.29 11.42
C LEU E 515 -10.55 35.68 11.22
N PHE E 516 -9.24 35.75 11.07
CA PHE E 516 -8.56 36.99 10.73
C PHE E 516 -8.39 37.01 9.22
N TYR E 517 -8.91 38.04 8.56
CA TYR E 517 -8.66 38.22 7.14
C TYR E 517 -8.30 39.66 6.87
N GLY E 518 -7.35 39.88 5.98
CA GLY E 518 -6.91 41.21 5.65
C GLY E 518 -5.77 41.18 4.65
N PRO E 519 -5.30 42.36 4.26
CA PRO E 519 -4.18 42.43 3.34
C PRO E 519 -2.92 41.88 3.99
N PRO E 520 -1.97 41.40 3.20
CA PRO E 520 -0.72 40.91 3.78
C PRO E 520 0.02 42.02 4.52
N GLY E 521 0.63 41.65 5.64
CA GLY E 521 1.42 42.59 6.40
C GLY E 521 0.65 43.54 7.28
N CYS E 522 -0.55 43.17 7.71
CA CYS E 522 -1.40 44.10 8.45
C CYS E 522 -1.61 43.74 9.91
N GLY E 523 -1.16 42.58 10.36
CA GLY E 523 -1.16 42.27 11.77
C GLY E 523 -1.94 41.06 12.22
N LYS E 524 -2.12 40.06 11.36
CA LYS E 524 -2.80 38.85 11.79
C LYS E 524 -1.88 37.94 12.59
N THR E 525 -0.78 37.51 11.96
CA THR E 525 0.19 36.70 12.69
C THR E 525 0.80 37.47 13.85
N LEU E 526 0.85 38.80 13.76
CA LEU E 526 1.32 39.59 14.89
C LEU E 526 0.37 39.48 16.07
N LEU E 527 -0.94 39.54 15.83
CA LEU E 527 -1.89 39.35 16.91
C LEU E 527 -1.80 37.94 17.46
N ALA E 528 -1.53 36.96 16.60
CA ALA E 528 -1.32 35.61 17.11
C ALA E 528 -0.12 35.53 18.02
N LYS E 529 0.98 36.18 17.63
CA LYS E 529 2.17 36.18 18.48
C LYS E 529 1.88 36.87 19.81
N ALA E 530 1.14 37.97 19.77
CA ALA E 530 0.79 38.67 21.00
C ALA E 530 -0.05 37.80 21.92
N ILE E 531 -1.01 37.08 21.36
CA ILE E 531 -1.85 36.20 22.17
C ILE E 531 -1.02 35.09 22.77
N ALA E 532 -0.09 34.54 21.99
CA ALA E 532 0.75 33.46 22.50
C ALA E 532 1.64 33.95 23.64
N ASN E 533 2.22 35.14 23.49
CA ASN E 533 3.12 35.64 24.53
C ASN E 533 2.35 36.04 25.78
N GLU E 534 1.25 36.75 25.62
CA GLU E 534 0.62 37.46 26.74
C GLU E 534 -0.53 36.70 27.37
N CYS E 535 -1.53 36.31 26.59
CA CYS E 535 -2.74 35.73 27.16
C CYS E 535 -2.43 34.44 27.90
N GLN E 536 -3.16 34.22 29.00
CA GLN E 536 -2.90 33.10 29.89
C GLN E 536 -3.72 31.89 29.43
N ALA E 537 -3.46 31.49 28.20
CA ALA E 537 -4.05 30.29 27.62
C ALA E 537 -2.99 29.58 26.81
N ASN E 538 -3.02 28.25 26.86
CA ASN E 538 -2.10 27.48 26.03
C ASN E 538 -2.30 27.80 24.56
N PHE E 539 -1.20 27.86 23.81
CA PHE E 539 -1.21 28.25 22.42
C PHE E 539 -0.62 27.13 21.57
N ILE E 540 -1.35 26.70 20.55
CA ILE E 540 -0.86 25.75 19.58
C ILE E 540 -0.83 26.45 18.23
N SER E 541 0.35 26.82 17.77
CA SER E 541 0.54 27.46 16.48
C SER E 541 0.93 26.38 15.49
N ILE E 542 0.13 26.22 14.44
CA ILE E 542 0.42 25.25 13.41
C ILE E 542 0.34 25.93 12.05
N LYS E 543 1.30 25.63 11.19
CA LYS E 543 1.19 25.99 9.79
C LYS E 543 0.04 25.22 9.17
N GLY E 544 -0.38 25.63 7.98
CA GLY E 544 -1.46 24.94 7.33
C GLY E 544 -1.13 23.51 6.97
N PRO E 545 -0.27 23.31 5.97
CA PRO E 545 -0.06 21.97 5.41
C PRO E 545 0.83 21.07 6.24
N GLU E 546 1.13 21.38 7.50
CA GLU E 546 1.93 20.44 8.28
C GLU E 546 1.17 19.17 8.56
N LEU E 547 -0.16 19.24 8.54
CA LEU E 547 -0.97 18.07 8.88
C LEU E 547 -1.02 17.05 7.75
N LEU E 548 -0.95 17.52 6.51
CA LEU E 548 -1.19 16.66 5.36
C LEU E 548 -0.05 15.66 5.17
N THR E 549 -0.41 14.45 4.75
CA THR E 549 0.57 13.38 4.57
C THR E 549 0.13 12.52 3.40
N MET E 550 1.10 11.86 2.76
CA MET E 550 0.81 11.08 1.55
C MET E 550 0.04 9.81 1.86
N TRP E 551 0.32 9.18 3.00
CA TRP E 551 -0.29 7.89 3.31
C TRP E 551 -1.77 8.05 3.58
N PHE E 552 -2.54 7.05 3.15
CA PHE E 552 -3.98 7.13 3.27
C PHE E 552 -4.42 7.07 4.72
N GLY E 553 -5.27 8.02 5.11
CA GLY E 553 -5.79 8.06 6.45
C GLY E 553 -4.93 8.80 7.45
N GLU E 554 -3.72 9.21 7.08
CA GLU E 554 -2.84 9.86 8.04
C GLU E 554 -3.25 11.29 8.30
N SER E 555 -3.66 12.01 7.25
CA SER E 555 -3.95 13.43 7.37
C SER E 555 -5.11 13.67 8.34
N GLU E 556 -6.17 12.89 8.20
CA GLU E 556 -7.30 13.03 9.10
C GLU E 556 -6.90 12.65 10.52
N ALA E 557 -6.01 11.67 10.66
CA ALA E 557 -5.50 11.31 11.99
C ALA E 557 -4.72 12.46 12.60
N ASN E 558 -3.94 13.16 11.80
CA ASN E 558 -3.21 14.33 12.31
C ASN E 558 -4.17 15.40 12.76
N VAL E 559 -5.22 15.66 11.98
CA VAL E 559 -6.20 16.66 12.38
C VAL E 559 -6.85 16.26 13.69
N ARG E 560 -7.28 15.00 13.80
CA ARG E 560 -7.93 14.54 15.01
C ARG E 560 -7.00 14.66 16.20
N GLU E 561 -5.73 14.28 16.04
CA GLU E 561 -4.78 14.33 17.14
C GLU E 561 -4.49 15.77 17.57
N ILE E 562 -4.39 16.69 16.62
CA ILE E 562 -4.09 18.06 17.02
C ILE E 562 -5.27 18.68 17.76
N PHE E 563 -6.51 18.39 17.30
CA PHE E 563 -7.65 18.87 18.06
C PHE E 563 -7.74 18.18 19.41
N ASP E 564 -7.35 16.91 19.46
CA ASP E 564 -7.34 16.17 20.71
C ASP E 564 -6.41 16.79 21.73
N LYS E 565 -5.19 17.14 21.31
CA LYS E 565 -4.24 17.68 22.28
C LYS E 565 -4.48 19.16 22.51
N ALA E 566 -5.33 19.78 21.70
CA ALA E 566 -5.89 21.05 22.12
C ALA E 566 -6.92 20.84 23.22
N ARG E 567 -7.68 19.75 23.15
CA ARG E 567 -8.65 19.44 24.19
C ARG E 567 -7.94 19.10 25.50
N GLN E 568 -6.87 18.32 25.43
CA GLN E 568 -6.19 17.90 26.66
C GLN E 568 -5.56 19.09 27.39
N ALA E 569 -5.12 20.10 26.65
CA ALA E 569 -4.44 21.23 27.26
C ALA E 569 -5.34 22.45 27.43
N ALA E 570 -6.64 22.29 27.33
CA ALA E 570 -7.53 23.43 27.43
C ALA E 570 -7.49 24.01 28.83
N PRO E 571 -7.68 25.33 28.99
CA PRO E 571 -8.05 26.32 27.97
C PRO E 571 -6.91 26.61 27.00
N CYS E 572 -7.17 26.37 25.72
CA CYS E 572 -6.13 26.43 24.71
C CYS E 572 -6.62 27.26 23.53
N VAL E 573 -5.68 27.84 22.81
CA VAL E 573 -5.95 28.53 21.55
C VAL E 573 -5.25 27.76 20.45
N LEU E 574 -6.01 27.39 19.43
CA LEU E 574 -5.50 26.64 18.29
C LEU E 574 -5.49 27.59 17.11
N PHE E 575 -4.30 27.84 16.56
CA PHE E 575 -4.12 28.86 15.54
C PHE E 575 -3.74 28.20 14.22
N PHE E 576 -4.51 28.46 13.18
CA PHE E 576 -4.25 27.95 11.84
C PHE E 576 -3.78 29.12 10.98
N ASP E 577 -2.47 29.31 10.89
CA ASP E 577 -1.93 30.32 10.01
C ASP E 577 -2.03 29.86 8.56
N GLN E 578 -2.40 30.78 7.68
CA GLN E 578 -2.70 30.45 6.29
C GLN E 578 -3.73 29.34 6.21
N LEU E 579 -4.92 29.63 6.71
CA LEU E 579 -5.99 28.65 6.74
C LEU E 579 -6.45 28.26 5.34
N ASP E 580 -6.14 29.07 4.32
CA ASP E 580 -6.60 28.77 2.98
C ASP E 580 -5.82 27.61 2.37
N SER E 581 -5.03 26.90 3.17
CA SER E 581 -4.35 25.71 2.69
C SER E 581 -5.17 24.45 2.99
N ILE E 582 -5.54 24.25 4.25
CA ILE E 582 -6.22 23.01 4.63
C ILE E 582 -7.72 23.14 4.47
N ALA E 583 -8.25 24.35 4.56
CA ALA E 583 -9.68 24.61 4.37
C ALA E 583 -9.87 25.34 3.05
N LYS E 584 -9.95 24.59 1.97
CA LYS E 584 -10.15 25.16 0.64
C LYS E 584 -11.48 24.68 0.10
N ALA E 585 -12.11 25.53 -0.71
CA ALA E 585 -13.49 25.29 -1.13
C ALA E 585 -13.63 23.93 -1.80
N ARG E 586 -14.49 23.08 -1.24
CA ARG E 586 -14.61 21.73 -1.73
C ARG E 586 -15.26 21.69 -3.11
N GLY E 587 -14.76 20.80 -3.95
CA GLY E 587 -15.36 20.51 -5.24
C GLY E 587 -14.75 21.22 -6.42
N GLY E 588 -14.09 22.36 -6.21
CA GLY E 588 -13.47 23.04 -7.34
C GLY E 588 -12.36 22.22 -7.97
N ASN E 589 -11.55 21.56 -7.14
CA ASN E 589 -10.54 20.62 -7.60
C ASN E 589 -10.96 19.18 -7.34
N ILE E 590 -12.25 18.88 -7.45
CA ILE E 590 -12.75 17.54 -7.18
C ILE E 590 -12.22 16.55 -8.22
N GLY E 591 -12.29 16.91 -9.49
CA GLY E 591 -11.88 16.00 -10.54
C GLY E 591 -10.39 15.70 -10.53
N ASP E 592 -9.57 16.73 -10.29
CA ASP E 592 -8.12 16.63 -10.36
C ASP E 592 -7.54 16.60 -8.95
N GLY E 593 -6.79 15.55 -8.64
CA GLY E 593 -6.20 15.39 -7.33
C GLY E 593 -6.58 14.06 -6.70
N GLY E 594 -5.86 13.70 -5.63
CA GLY E 594 -6.12 12.45 -4.95
C GLY E 594 -7.42 12.47 -4.18
N GLY E 595 -7.88 13.66 -3.80
CA GLY E 595 -9.13 13.78 -3.06
C GLY E 595 -8.99 13.73 -1.56
N ALA E 596 -7.78 13.78 -1.03
CA ALA E 596 -7.60 13.70 0.42
C ALA E 596 -7.86 15.03 1.10
N ALA E 597 -7.76 16.14 0.35
CA ALA E 597 -7.99 17.45 0.96
C ALA E 597 -9.45 17.58 1.40
N ASP E 598 -10.36 16.95 0.66
CA ASP E 598 -11.76 16.93 1.06
C ASP E 598 -11.92 16.21 2.39
N ARG E 599 -11.25 15.07 2.56
CA ARG E 599 -11.36 14.35 3.82
C ARG E 599 -10.70 15.12 4.95
N VAL E 600 -9.65 15.87 4.65
CA VAL E 600 -9.02 16.71 5.68
C VAL E 600 -9.98 17.77 6.16
N ILE E 601 -10.62 18.48 5.24
CA ILE E 601 -11.54 19.53 5.66
C ILE E 601 -12.75 18.95 6.35
N ASN E 602 -13.22 17.77 5.91
CA ASN E 602 -14.32 17.13 6.61
C ASN E 602 -13.92 16.77 8.04
N GLN E 603 -12.70 16.28 8.24
CA GLN E 603 -12.25 15.97 9.59
C GLN E 603 -12.14 17.23 10.45
N ILE E 604 -11.66 18.32 9.87
CA ILE E 604 -11.60 19.58 10.62
C ILE E 604 -13.00 20.01 11.03
N LEU E 605 -13.97 19.97 10.10
CA LEU E 605 -15.33 20.37 10.43
C LEU E 605 -15.94 19.44 11.47
N THR E 606 -15.67 18.15 11.36
CA THR E 606 -16.18 17.19 12.34
C THR E 606 -15.62 17.47 13.72
N GLU E 607 -14.33 17.82 13.80
CA GLU E 607 -13.73 18.14 15.09
C GLU E 607 -14.32 19.44 15.64
N MET E 608 -14.57 20.42 14.77
CA MET E 608 -15.14 21.68 15.21
C MET E 608 -16.55 21.49 15.75
N ASP E 609 -17.31 20.60 15.11
CA ASP E 609 -18.66 20.32 15.57
C ASP E 609 -18.66 19.50 16.86
N GLY E 610 -17.81 18.47 16.92
CA GLY E 610 -17.82 17.60 18.08
C GLY E 610 -17.28 18.26 19.33
N MET E 611 -16.50 19.33 19.16
CA MET E 611 -15.96 20.05 20.30
C MET E 611 -17.08 20.63 21.14
N SER E 612 -16.96 20.47 22.45
CA SER E 612 -18.03 20.88 23.34
C SER E 612 -17.93 22.35 23.68
N THR E 613 -19.07 22.94 24.01
CA THR E 613 -19.10 24.33 24.46
C THR E 613 -18.33 24.49 25.76
N LYS E 614 -18.50 23.56 26.69
CA LYS E 614 -17.83 23.66 27.99
C LYS E 614 -16.32 23.59 27.86
N LYS E 615 -15.81 22.76 26.95
CA LYS E 615 -14.38 22.75 26.69
C LYS E 615 -13.97 24.09 26.10
N ASN E 616 -12.88 24.66 26.62
CA ASN E 616 -12.46 26.00 26.23
C ASN E 616 -11.30 25.91 25.24
N VAL E 617 -11.64 25.60 23.99
CA VAL E 617 -10.68 25.62 22.90
C VAL E 617 -11.11 26.68 21.91
N PHE E 618 -10.33 27.76 21.82
CA PHE E 618 -10.57 28.82 20.87
C PHE E 618 -9.78 28.49 19.61
N ILE E 619 -10.42 28.61 18.46
CA ILE E 619 -9.79 28.31 17.19
C ILE E 619 -9.73 29.60 16.39
N ILE E 620 -8.53 30.01 16.02
CA ILE E 620 -8.28 31.24 15.29
C ILE E 620 -7.65 30.87 13.95
N GLY E 621 -8.18 31.43 12.88
CA GLY E 621 -7.58 31.22 11.58
C GLY E 621 -7.17 32.54 10.96
N ALA E 622 -6.05 32.55 10.27
CA ALA E 622 -5.58 33.74 9.56
C ALA E 622 -5.54 33.42 8.07
N THR E 623 -6.06 34.32 7.26
CA THR E 623 -6.05 34.15 5.82
C THR E 623 -6.09 35.50 5.14
N ASN E 624 -5.17 35.71 4.21
CA ASN E 624 -5.19 36.92 3.40
C ASN E 624 -5.85 36.70 2.06
N ARG E 625 -6.44 35.53 1.84
CA ARG E 625 -7.23 35.24 0.66
C ARG E 625 -8.53 34.63 1.17
N PRO E 626 -9.40 35.47 1.76
CA PRO E 626 -10.56 34.91 2.47
C PRO E 626 -11.58 34.25 1.57
N ASP E 627 -11.62 34.61 0.28
CA ASP E 627 -12.64 34.06 -0.59
C ASP E 627 -12.46 32.56 -0.81
N ILE E 628 -11.22 32.12 -1.02
CA ILE E 628 -10.99 30.71 -1.31
C ILE E 628 -11.15 29.82 -0.09
N ILE E 629 -11.53 30.38 1.05
CA ILE E 629 -11.91 29.56 2.20
C ILE E 629 -13.25 28.89 1.90
N ASP E 630 -13.40 27.66 2.36
CA ASP E 630 -14.67 26.97 2.24
C ASP E 630 -15.74 27.74 3.00
N PRO E 631 -16.93 27.95 2.40
CA PRO E 631 -18.03 28.54 3.17
C PRO E 631 -18.43 27.71 4.39
N ALA E 632 -18.31 26.39 4.32
CA ALA E 632 -18.75 25.55 5.43
C ALA E 632 -17.99 25.87 6.71
N ILE E 633 -16.73 26.27 6.59
CA ILE E 633 -16.00 26.82 7.73
C ILE E 633 -16.74 28.01 8.32
N LEU E 634 -17.28 28.87 7.47
CA LEU E 634 -17.81 30.14 7.92
C LEU E 634 -19.23 30.03 8.46
N ARG E 635 -19.83 28.85 8.39
CA ARG E 635 -21.19 28.66 8.87
C ARG E 635 -21.24 28.82 10.39
N PRO E 636 -22.42 29.11 10.95
CA PRO E 636 -22.51 29.34 12.40
C PRO E 636 -22.03 28.13 13.20
N GLY E 637 -21.36 28.44 14.32
CA GLY E 637 -20.81 27.44 15.19
C GLY E 637 -19.34 27.14 14.95
N ARG E 638 -18.82 27.46 13.78
CA ARG E 638 -17.43 27.27 13.43
C ARG E 638 -16.89 28.56 12.87
N LEU E 639 -15.80 29.06 13.44
CA LEU E 639 -15.17 30.31 13.01
C LEU E 639 -16.21 31.39 12.71
N ASP E 640 -17.12 31.60 13.67
CA ASP E 640 -18.21 32.54 13.46
C ASP E 640 -17.71 33.96 13.26
N GLN E 641 -16.89 34.45 14.18
CA GLN E 641 -16.54 35.86 14.19
C GLN E 641 -15.52 36.14 13.10
N LEU E 642 -15.80 37.14 12.28
CA LEU E 642 -14.91 37.56 11.21
C LEU E 642 -14.36 38.92 11.55
N ILE E 643 -13.05 38.99 11.81
CA ILE E 643 -12.38 40.21 12.19
C ILE E 643 -11.56 40.67 11.00
N TYR E 644 -11.91 41.83 10.44
CA TYR E 644 -11.23 42.37 9.28
C TYR E 644 -10.08 43.25 9.75
N ILE E 645 -8.87 42.91 9.35
CA ILE E 645 -7.68 43.67 9.71
C ILE E 645 -7.38 44.65 8.58
N PRO E 646 -7.81 45.90 8.67
CA PRO E 646 -7.67 46.81 7.54
C PRO E 646 -6.25 47.35 7.41
N LEU E 647 -6.01 48.02 6.30
CA LEU E 647 -4.81 48.84 6.20
C LEU E 647 -4.89 49.96 7.22
N PRO E 648 -3.84 50.20 7.99
CA PRO E 648 -3.92 51.17 9.07
C PRO E 648 -4.18 52.57 8.55
N ASP E 649 -5.03 53.32 9.26
CA ASP E 649 -5.23 54.72 8.98
C ASP E 649 -4.11 55.56 9.60
N GLU E 650 -4.24 56.88 9.50
CA GLU E 650 -3.13 57.75 9.86
C GLU E 650 -2.73 57.61 11.32
N LYS E 651 -3.71 57.59 12.23
CA LYS E 651 -3.39 57.42 13.63
C LYS E 651 -2.76 56.06 13.89
N SER E 652 -3.30 55.01 13.26
CA SER E 652 -2.71 53.69 13.41
C SER E 652 -1.31 53.65 12.83
N ARG E 653 -1.06 54.39 11.76
CA ARG E 653 0.29 54.40 11.21
C ARG E 653 1.26 55.12 12.12
N VAL E 654 0.82 56.19 12.78
CA VAL E 654 1.67 56.82 13.80
C VAL E 654 1.97 55.82 14.91
N ALA E 655 0.94 55.09 15.35
CA ALA E 655 1.14 54.11 16.41
C ALA E 655 2.12 53.02 15.98
N ILE E 656 2.03 52.58 14.73
CA ILE E 656 2.93 51.54 14.21
C ILE E 656 4.36 52.05 14.18
N LEU E 657 4.56 53.27 13.67
CA LEU E 657 5.91 53.82 13.62
C LEU E 657 6.49 54.00 15.02
N LYS E 658 5.66 54.45 15.97
CA LYS E 658 6.13 54.57 17.34
C LYS E 658 6.47 53.21 17.93
N ALA E 659 5.68 52.19 17.59
CA ALA E 659 5.90 50.84 18.12
C ALA E 659 7.20 50.25 17.59
N ASN E 660 7.49 50.44 16.31
CA ASN E 660 8.70 49.84 15.75
C ASN E 660 9.95 50.45 16.34
N LEU E 661 9.93 51.76 16.62
CA LEU E 661 11.10 52.49 17.08
C LEU E 661 11.10 52.72 18.57
N ARG E 662 10.32 51.96 19.34
CA ARG E 662 10.28 52.16 20.78
C ARG E 662 11.62 51.80 21.43
N LYS E 663 12.28 50.75 20.95
CA LYS E 663 13.56 50.30 21.49
C LYS E 663 14.74 50.88 20.74
N SER E 664 14.52 51.79 19.82
CA SER E 664 15.58 52.23 18.92
C SER E 664 15.96 53.67 19.20
N PRO E 665 17.25 54.01 19.17
CA PRO E 665 17.65 55.41 19.26
C PRO E 665 17.23 56.17 18.02
N VAL E 666 16.30 57.10 18.20
CA VAL E 666 15.74 57.89 17.11
C VAL E 666 15.97 59.37 17.41
N ALA E 667 16.43 60.10 16.41
CA ALA E 667 16.63 61.54 16.58
C ALA E 667 15.30 62.20 16.87
N LYS E 668 15.38 63.29 17.64
CA LYS E 668 14.16 64.00 18.02
C LYS E 668 13.52 64.67 16.82
N ASP E 669 14.35 65.14 15.88
CA ASP E 669 13.85 65.94 14.77
C ASP E 669 13.13 65.09 13.73
N VAL E 670 13.14 63.77 13.89
CA VAL E 670 12.33 62.92 13.02
C VAL E 670 10.88 63.05 13.42
N ASP E 671 10.04 63.47 12.47
CA ASP E 671 8.63 63.74 12.73
C ASP E 671 7.83 62.55 12.21
N LEU E 672 7.34 61.73 13.14
CA LEU E 672 6.65 60.51 12.75
C LEU E 672 5.27 60.82 12.19
N GLU E 673 4.64 61.90 12.65
CA GLU E 673 3.34 62.27 12.12
C GLU E 673 3.41 62.59 10.64
N PHE E 674 4.48 63.27 10.21
CA PHE E 674 4.64 63.55 8.79
C PHE E 674 4.87 62.26 8.00
N LEU E 675 5.64 61.33 8.55
CA LEU E 675 5.81 60.04 7.88
C LEU E 675 4.48 59.33 7.70
N ALA E 676 3.64 59.35 8.74
CA ALA E 676 2.34 58.71 8.63
C ALA E 676 1.46 59.43 7.61
N LYS E 677 1.58 60.75 7.52
CA LYS E 677 0.82 61.47 6.50
C LYS E 677 1.28 61.10 5.10
N MET E 678 2.59 60.95 4.90
CA MET E 678 3.12 60.70 3.57
C MET E 678 2.85 59.27 3.11
N THR E 679 2.85 58.32 4.03
CA THR E 679 2.61 56.92 3.69
C THR E 679 1.12 56.60 3.84
N ASN E 680 0.34 56.99 2.83
CA ASN E 680 -1.11 56.95 2.97
C ASN E 680 -1.64 55.52 2.98
N GLY E 681 -1.22 54.68 2.04
CA GLY E 681 -1.73 53.33 1.93
C GLY E 681 -0.80 52.24 2.42
N PHE E 682 0.27 52.58 3.11
CA PHE E 682 1.26 51.59 3.48
C PHE E 682 0.72 50.64 4.53
N SER E 683 1.01 49.36 4.36
CA SER E 683 0.73 48.37 5.38
C SER E 683 1.82 48.39 6.45
N GLY E 684 1.52 47.80 7.60
CA GLY E 684 2.48 47.82 8.70
C GLY E 684 3.82 47.22 8.33
N ALA E 685 3.80 46.22 7.45
CA ALA E 685 5.04 45.63 6.98
C ALA E 685 5.87 46.66 6.22
N ASP E 686 5.22 47.53 5.46
CA ASP E 686 5.94 48.58 4.74
C ASP E 686 6.59 49.57 5.70
N LEU E 687 5.89 49.93 6.77
CA LEU E 687 6.47 50.85 7.74
C LEU E 687 7.65 50.22 8.46
N THR E 688 7.52 48.95 8.83
CA THR E 688 8.67 48.26 9.42
C THR E 688 9.83 48.20 8.43
N GLU E 689 9.52 48.03 7.15
CA GLU E 689 10.58 48.04 6.15
C GLU E 689 11.25 49.41 6.05
N ILE E 690 10.47 50.48 6.17
CA ILE E 690 11.07 51.81 6.18
C ILE E 690 12.02 51.96 7.36
N CYS E 691 11.57 51.55 8.55
CA CYS E 691 12.43 51.69 9.72
C CYS E 691 13.69 50.84 9.58
N GLN E 692 13.55 49.63 9.02
CA GLN E 692 14.73 48.79 8.84
C GLN E 692 15.67 49.35 7.79
N ARG E 693 15.13 49.99 6.76
CA ARG E 693 15.98 50.64 5.77
C ARG E 693 16.74 51.80 6.37
N ALA E 694 16.08 52.60 7.20
CA ALA E 694 16.78 53.68 7.89
C ALA E 694 17.87 53.12 8.78
N CYS E 695 17.59 52.01 9.46
CA CYS E 695 18.60 51.34 10.27
C CYS E 695 19.79 50.92 9.41
N LYS E 696 19.53 50.33 8.25
CA LYS E 696 20.63 49.89 7.39
C LYS E 696 21.48 51.07 6.93
N LEU E 697 20.84 52.18 6.57
CA LEU E 697 21.60 53.34 6.13
C LEU E 697 22.48 53.88 7.25
N ALA E 698 21.93 53.96 8.47
CA ALA E 698 22.73 54.42 9.60
C ALA E 698 23.89 53.47 9.88
N ILE E 699 23.65 52.17 9.78
CA ILE E 699 24.70 51.19 10.00
C ILE E 699 25.80 51.33 8.95
N ARG E 700 25.40 51.57 7.69
CA ARG E 700 26.38 51.79 6.64
C ARG E 700 27.23 53.01 6.92
N GLU E 701 26.60 54.10 7.35
CA GLU E 701 27.36 55.30 7.69
C GLU E 701 28.31 55.06 8.85
N SER E 702 27.85 54.35 9.88
CA SER E 702 28.73 54.09 11.03
C SER E 702 29.89 53.19 10.63
N ILE E 703 29.64 52.23 9.74
CA ILE E 703 30.72 51.37 9.28
C ILE E 703 31.73 52.17 8.49
N GLU E 704 31.27 53.09 7.65
CA GLU E 704 32.20 53.92 6.90
C GLU E 704 33.02 54.81 7.85
N SER E 705 32.38 55.36 8.88
CA SER E 705 33.13 56.17 9.84
C SER E 705 34.18 55.34 10.56
N GLU E 706 33.83 54.12 10.95
CA GLU E 706 34.82 53.25 11.57
C GLU E 706 35.98 52.96 10.61
N ILE E 707 35.67 52.69 9.35
CA ILE E 707 36.72 52.42 8.37
C ILE E 707 37.63 53.62 8.22
N ARG E 708 37.06 54.83 8.23
CA ARG E 708 37.88 56.03 8.20
C ARG E 708 38.80 56.09 9.42
N ARG E 709 38.27 55.75 10.59
CA ARG E 709 39.10 55.78 11.79
C ARG E 709 40.24 54.77 11.71
N GLU E 710 39.97 53.55 11.23
CA GLU E 710 41.06 52.57 11.15
C GLU E 710 42.03 52.92 10.01
N ARG E 711 41.56 53.66 9.01
CA ARG E 711 42.45 54.09 7.93
C ARG E 711 43.40 55.19 8.39
N GLU E 712 42.88 56.17 9.12
CA GLU E 712 43.76 57.22 9.62
C GLU E 712 44.63 56.72 10.76
N ARG E 713 44.14 55.74 11.53
CA ARG E 713 44.90 55.23 12.66
C ARG E 713 46.18 54.54 12.20
N GLN E 714 46.10 53.76 11.13
CA GLN E 714 47.27 53.03 10.63
C GLN E 714 48.35 53.98 10.12
N PRO E 727 30.42 58.61 16.22
CA PRO E 727 30.28 58.60 14.77
C PRO E 727 28.82 58.72 14.36
N VAL E 728 28.06 57.66 14.66
CA VAL E 728 26.63 57.65 14.40
C VAL E 728 25.93 57.32 15.72
N PRO E 729 25.38 58.33 16.42
CA PRO E 729 24.69 58.03 17.69
C PRO E 729 23.33 57.40 17.48
N GLU E 730 22.53 57.91 16.55
CA GLU E 730 21.16 57.45 16.36
C GLU E 730 20.72 57.67 14.93
N ILE E 731 19.47 57.31 14.67
CA ILE E 731 18.90 57.42 13.33
C ILE E 731 18.33 58.82 13.14
N ARG E 732 18.73 59.47 12.05
CA ARG E 732 18.53 60.90 11.85
C ARG E 732 17.49 61.13 10.75
N ARG E 733 17.29 62.41 10.40
CA ARG E 733 16.35 62.73 9.34
C ARG E 733 16.82 62.24 7.99
N ASP E 734 18.09 62.46 7.67
CA ASP E 734 18.58 62.15 6.33
C ASP E 734 18.49 60.66 6.04
N HIS E 735 18.74 59.82 7.05
CA HIS E 735 18.54 58.38 6.86
C HIS E 735 17.10 58.06 6.53
N PHE E 736 16.16 58.67 7.24
CA PHE E 736 14.75 58.38 7.00
C PHE E 736 14.32 58.87 5.63
N GLU E 737 14.89 59.96 5.15
CA GLU E 737 14.55 60.43 3.81
C GLU E 737 15.14 59.51 2.74
N GLU E 738 16.40 59.10 2.90
CA GLU E 738 17.00 58.16 1.97
C GLU E 738 16.26 56.83 1.97
N ALA E 739 15.71 56.44 3.13
CA ALA E 739 14.90 55.23 3.18
C ALA E 739 13.55 55.43 2.51
N MET E 740 12.92 56.58 2.75
CA MET E 740 11.58 56.81 2.21
C MET E 740 11.60 56.94 0.70
N ARG E 741 12.74 57.32 0.12
CA ARG E 741 12.78 57.38 -1.33
C ARG E 741 12.74 55.98 -1.94
N PHE E 742 12.89 54.95 -1.12
CA PHE E 742 12.71 53.59 -1.61
C PHE E 742 11.33 53.04 -1.29
N ALA E 743 10.62 53.66 -0.34
CA ALA E 743 9.41 53.06 0.20
C ALA E 743 8.36 52.84 -0.86
N ARG E 744 7.81 51.63 -0.88
CA ARG E 744 6.83 51.23 -1.87
C ARG E 744 5.62 50.66 -1.14
N ARG E 745 4.50 50.60 -1.85
CA ARG E 745 3.24 50.21 -1.26
C ARG E 745 2.97 48.76 -1.59
N SER E 746 2.93 47.90 -0.57
CA SER E 746 2.86 46.47 -0.81
C SER E 746 1.49 46.05 -1.32
N VAL E 747 0.43 46.68 -0.83
CA VAL E 747 -0.92 46.29 -1.18
C VAL E 747 -1.48 47.26 -2.21
N SER E 748 -1.91 46.74 -3.35
CA SER E 748 -2.50 47.55 -4.40
C SER E 748 -3.96 47.84 -4.07
N ASP E 749 -4.53 48.79 -4.83
CA ASP E 749 -5.93 49.13 -4.61
C ASP E 749 -6.86 47.98 -4.97
N ASN E 750 -6.44 47.16 -5.96
CA ASN E 750 -7.26 46.02 -6.36
C ASN E 750 -7.42 45.05 -5.20
N ASP E 751 -6.34 44.81 -4.47
CA ASP E 751 -6.40 43.90 -3.33
C ASP E 751 -7.36 44.43 -2.26
N ILE E 752 -7.28 45.73 -1.96
CA ILE E 752 -8.17 46.32 -0.98
C ILE E 752 -9.62 46.18 -1.41
N ARG E 753 -9.87 46.37 -2.71
CA ARG E 753 -11.23 46.20 -3.22
C ARG E 753 -11.69 44.77 -3.09
N LYS E 754 -10.79 43.81 -3.27
CA LYS E 754 -11.16 42.42 -3.08
C LYS E 754 -11.57 42.13 -1.65
N TYR E 755 -10.83 42.69 -0.68
CA TYR E 755 -11.17 42.44 0.72
C TYR E 755 -12.49 43.12 1.08
N GLU E 756 -12.70 44.33 0.60
CA GLU E 756 -13.98 44.99 0.82
C GLU E 756 -15.10 44.15 0.21
N MET E 757 -14.91 43.68 -1.02
CA MET E 757 -15.94 42.88 -1.68
C MET E 757 -16.29 41.63 -0.90
N PHE E 758 -15.28 40.98 -0.31
CA PHE E 758 -15.58 39.90 0.64
C PHE E 758 -16.43 40.42 1.78
N ALA E 759 -16.13 41.62 2.28
CA ALA E 759 -16.90 42.14 3.40
C ALA E 759 -18.38 42.36 3.03
N GLN E 760 -18.66 42.96 1.88
CA GLN E 760 -20.07 43.15 1.53
C GLN E 760 -20.74 41.83 1.18
N THR E 761 -20.00 40.86 0.64
CA THR E 761 -20.59 39.53 0.45
C THR E 761 -20.98 38.92 1.80
N LEU E 762 -20.14 39.11 2.81
CA LEU E 762 -20.50 38.66 4.16
C LEU E 762 -21.73 39.41 4.67
N GLN E 763 -21.80 40.72 4.43
CA GLN E 763 -22.93 41.50 4.91
C GLN E 763 -24.24 41.05 4.26
N GLN E 764 -24.21 40.78 2.95
CA GLN E 764 -25.37 40.22 2.28
C GLN E 764 -25.67 38.82 2.79
N SER E 765 -24.63 38.07 3.16
CA SER E 765 -24.82 36.76 3.77
C SER E 765 -25.36 36.88 5.19
N ARG E 766 -24.92 37.90 5.92
CA ARG E 766 -25.37 38.11 7.29
C ARG E 766 -26.32 39.30 7.39
N ASN F 21 -53.86 -27.05 25.46
CA ASN F 21 -53.97 -27.15 26.91
C ASN F 21 -54.23 -28.58 27.34
N ARG F 22 -53.86 -28.90 28.58
CA ARG F 22 -53.97 -30.27 29.08
C ARG F 22 -54.51 -30.27 30.50
N PRO F 23 -55.20 -31.35 30.89
CA PRO F 23 -55.81 -31.39 32.23
C PRO F 23 -54.81 -31.31 33.37
N ASN F 24 -53.61 -31.87 33.18
CA ASN F 24 -52.63 -31.92 34.25
C ASN F 24 -52.21 -30.52 34.69
N ARG F 25 -52.23 -29.56 33.77
CA ARG F 25 -51.83 -28.20 34.10
C ARG F 25 -52.78 -27.63 35.16
N LEU F 26 -52.26 -27.41 36.36
CA LEU F 26 -53.07 -26.95 37.48
C LEU F 26 -52.28 -25.90 38.24
N ILE F 27 -52.98 -24.88 38.72
CA ILE F 27 -52.28 -23.73 39.28
C ILE F 27 -51.73 -24.10 40.66
N VAL F 28 -50.61 -23.47 41.06
CA VAL F 28 -49.80 -23.87 42.21
C VAL F 28 -50.17 -23.02 43.42
N ASP F 29 -50.35 -23.64 44.58
CA ASP F 29 -50.65 -22.94 45.82
C ASP F 29 -49.73 -23.42 46.92
N GLU F 30 -49.55 -22.56 47.93
CA GLU F 30 -49.05 -23.02 49.21
C GLU F 30 -50.16 -23.76 49.97
N ALA F 31 -49.77 -24.82 50.68
CA ALA F 31 -50.71 -25.62 51.47
C ALA F 31 -50.58 -25.20 52.92
N ILE F 32 -51.63 -24.58 53.45
CA ILE F 32 -51.55 -23.99 54.79
C ILE F 32 -51.43 -25.07 55.85
N ASN F 33 -52.12 -26.21 55.66
CA ASN F 33 -52.17 -27.25 56.68
C ASN F 33 -51.50 -28.55 56.30
N GLU F 34 -51.09 -28.71 55.04
CA GLU F 34 -50.38 -29.93 54.65
C GLU F 34 -48.96 -29.92 55.20
N ASP F 35 -48.35 -31.10 55.20
CA ASP F 35 -46.99 -31.22 55.70
C ASP F 35 -45.98 -30.96 54.58
N ASN F 36 -44.70 -31.07 54.92
CA ASN F 36 -43.64 -30.69 54.00
C ASN F 36 -43.63 -31.56 52.75
N SER F 37 -43.75 -32.88 52.92
CA SER F 37 -43.58 -33.80 51.81
C SER F 37 -44.88 -34.33 51.23
N VAL F 38 -46.03 -33.75 51.61
CA VAL F 38 -47.31 -34.20 51.12
C VAL F 38 -48.09 -33.01 50.57
N VAL F 39 -48.97 -33.29 49.62
CA VAL F 39 -49.73 -32.26 48.92
C VAL F 39 -51.20 -32.67 48.87
N SER F 40 -52.03 -31.74 48.41
CA SER F 40 -53.47 -31.95 48.37
C SER F 40 -54.03 -31.61 47.00
N LEU F 41 -55.13 -32.26 46.64
CA LEU F 41 -55.82 -31.97 45.39
C LEU F 41 -57.32 -31.91 45.65
N SER F 42 -58.02 -31.09 44.86
CA SER F 42 -59.46 -31.01 44.97
C SER F 42 -60.10 -32.34 44.55
N GLN F 43 -61.16 -32.71 45.27
CA GLN F 43 -61.76 -34.03 45.08
C GLN F 43 -62.28 -34.28 43.67
N PRO F 44 -63.06 -33.38 43.04
CA PRO F 44 -63.55 -33.69 41.70
C PRO F 44 -62.47 -33.70 40.64
N LYS F 45 -61.46 -32.84 40.78
CA LYS F 45 -60.36 -32.86 39.82
C LYS F 45 -59.49 -34.09 40.01
N MET F 46 -59.33 -34.55 41.26
CA MET F 46 -58.69 -35.84 41.49
C MET F 46 -59.48 -36.97 40.85
N ASP F 47 -60.81 -36.90 40.94
CA ASP F 47 -61.63 -37.94 40.33
C ASP F 47 -61.52 -37.92 38.81
N GLU F 48 -61.41 -36.74 38.21
CA GLU F 48 -61.22 -36.66 36.77
C GLU F 48 -59.88 -37.24 36.36
N LEU F 49 -58.82 -36.92 37.09
CA LEU F 49 -57.49 -37.43 36.77
C LEU F 49 -57.30 -38.86 37.28
N GLN F 50 -58.31 -39.40 37.97
CA GLN F 50 -58.40 -40.81 38.35
C GLN F 50 -57.42 -41.17 39.47
N LEU F 51 -56.93 -40.19 40.21
CA LEU F 51 -56.04 -40.46 41.32
C LEU F 51 -56.83 -40.72 42.59
N PHE F 52 -56.14 -41.18 43.63
CA PHE F 52 -56.74 -41.56 44.90
C PHE F 52 -55.92 -40.98 46.04
N ARG F 53 -56.47 -41.07 47.24
CA ARG F 53 -55.75 -40.61 48.42
C ARG F 53 -54.59 -41.56 48.73
N GLY F 54 -53.43 -40.98 49.02
CA GLY F 54 -52.23 -41.76 49.27
C GLY F 54 -51.44 -42.16 48.05
N ASP F 55 -51.78 -41.63 46.88
CA ASP F 55 -51.11 -42.06 45.65
C ASP F 55 -49.74 -41.39 45.51
N THR F 56 -48.80 -42.14 44.94
CA THR F 56 -47.47 -41.63 44.62
C THR F 56 -47.54 -41.01 43.24
N VAL F 57 -47.52 -39.68 43.18
CA VAL F 57 -47.73 -38.94 41.94
C VAL F 57 -46.53 -38.02 41.71
N LEU F 58 -46.05 -37.98 40.47
CA LEU F 58 -44.87 -37.20 40.16
C LEU F 58 -45.23 -35.74 39.90
N LEU F 59 -44.32 -34.84 40.25
CA LEU F 59 -44.43 -33.42 39.98
C LEU F 59 -43.30 -33.01 39.06
N LYS F 60 -43.63 -32.43 37.91
CA LYS F 60 -42.64 -31.90 36.99
C LYS F 60 -42.77 -30.38 36.92
N GLY F 61 -41.67 -29.68 37.15
CA GLY F 61 -41.65 -28.23 37.05
C GLY F 61 -40.65 -27.79 36.00
N LYS F 62 -40.60 -26.47 35.81
CA LYS F 62 -39.70 -25.91 34.81
C LYS F 62 -38.26 -25.98 35.29
N LYS F 63 -37.33 -25.79 34.34
CA LYS F 63 -35.89 -25.87 34.58
C LYS F 63 -35.48 -27.25 35.09
N ARG F 64 -36.15 -28.30 34.60
CA ARG F 64 -35.84 -29.69 34.94
C ARG F 64 -35.83 -29.92 36.44
N ARG F 65 -36.86 -29.43 37.12
CA ARG F 65 -37.02 -29.64 38.56
C ARG F 65 -38.22 -30.55 38.78
N GLU F 66 -37.98 -31.71 39.39
CA GLU F 66 -39.01 -32.71 39.60
C GLU F 66 -39.03 -33.21 41.03
N ALA F 67 -40.22 -33.60 41.49
CA ALA F 67 -40.42 -34.10 42.83
C ALA F 67 -41.64 -35.02 42.84
N VAL F 68 -41.87 -35.66 43.98
CA VAL F 68 -43.01 -36.56 44.17
C VAL F 68 -43.56 -36.33 45.58
N CYS F 69 -44.90 -36.32 45.69
CA CYS F 69 -45.56 -36.17 46.98
C CYS F 69 -46.90 -36.90 46.99
N ILE F 70 -47.39 -37.20 48.18
CA ILE F 70 -48.69 -37.85 48.35
C ILE F 70 -49.81 -36.84 48.11
N VAL F 71 -50.86 -37.28 47.42
CA VAL F 71 -51.98 -36.43 47.04
C VAL F 71 -53.23 -36.89 47.79
N LEU F 72 -53.91 -35.94 48.44
CA LEU F 72 -55.09 -36.22 49.25
C LEU F 72 -56.16 -35.16 49.00
N SER F 73 -57.43 -35.56 49.09
CA SER F 73 -58.52 -34.66 48.78
C SER F 73 -58.72 -33.63 49.88
N ASP F 74 -58.71 -32.35 49.49
CA ASP F 74 -58.85 -31.25 50.43
C ASP F 74 -59.96 -30.32 49.94
N ASP F 75 -60.88 -29.97 50.84
CA ASP F 75 -62.02 -29.14 50.45
C ASP F 75 -61.57 -27.74 50.04
N THR F 76 -60.59 -27.17 50.75
CA THR F 76 -60.14 -25.82 50.44
C THR F 76 -59.44 -25.76 49.09
N CYS F 77 -58.98 -26.90 48.59
CA CYS F 77 -58.34 -26.96 47.28
C CYS F 77 -59.35 -26.69 46.18
N SER F 78 -59.04 -25.71 45.33
CA SER F 78 -59.92 -25.38 44.22
C SER F 78 -59.78 -26.38 43.10
N ASP F 79 -60.81 -26.45 42.26
CA ASP F 79 -60.84 -27.44 41.17
C ASP F 79 -59.69 -27.21 40.19
N GLU F 80 -59.31 -25.94 39.99
CA GLU F 80 -58.28 -25.56 39.04
C GLU F 80 -56.92 -25.34 39.68
N LYS F 81 -56.78 -25.63 40.97
CA LYS F 81 -55.68 -25.14 41.79
C LYS F 81 -55.11 -26.31 42.57
N ILE F 82 -53.80 -26.30 42.85
CA ILE F 82 -53.16 -27.32 43.66
C ILE F 82 -52.36 -26.65 44.77
N ARG F 83 -52.41 -27.22 45.98
CA ARG F 83 -51.75 -26.66 47.16
C ARG F 83 -50.47 -27.42 47.47
N MET F 84 -49.33 -26.74 47.39
CA MET F 84 -48.03 -27.35 47.64
C MET F 84 -47.19 -26.44 48.54
N ASN F 85 -46.65 -26.99 49.62
CA ASN F 85 -45.93 -26.18 50.60
C ASN F 85 -44.61 -25.68 50.02
N ARG F 86 -43.94 -24.84 50.82
CA ARG F 86 -42.79 -24.09 50.33
C ARG F 86 -41.68 -25.01 49.85
N VAL F 87 -41.39 -26.06 50.61
CA VAL F 87 -40.27 -26.94 50.27
C VAL F 87 -40.55 -27.68 48.97
N VAL F 88 -41.81 -28.05 48.72
CA VAL F 88 -42.13 -28.72 47.47
C VAL F 88 -41.95 -27.77 46.29
N ARG F 89 -42.44 -26.54 46.42
CA ARG F 89 -42.28 -25.56 45.35
C ARG F 89 -40.80 -25.30 45.09
N ASN F 90 -39.99 -25.30 46.14
CA ASN F 90 -38.56 -25.07 45.99
C ASN F 90 -37.86 -26.27 45.36
N ASN F 91 -38.34 -27.48 45.62
CA ASN F 91 -37.88 -28.64 44.85
C ASN F 91 -38.23 -28.47 43.38
N LEU F 92 -39.43 -27.97 43.10
CA LEU F 92 -39.86 -27.72 41.73
C LEU F 92 -39.41 -26.37 41.18
N ARG F 93 -38.94 -25.47 42.05
CA ARG F 93 -38.49 -24.14 41.65
C ARG F 93 -39.57 -23.42 40.83
N VAL F 94 -40.77 -23.35 41.40
CA VAL F 94 -41.96 -22.91 40.69
C VAL F 94 -42.51 -21.66 41.37
N ARG F 95 -42.94 -20.69 40.57
CA ARG F 95 -43.51 -19.46 41.08
C ARG F 95 -45.02 -19.60 41.25
N LEU F 96 -45.57 -18.83 42.18
CA LEU F 96 -47.01 -18.89 42.45
C LEU F 96 -47.81 -18.52 41.21
N GLY F 97 -48.88 -19.28 40.98
CA GLY F 97 -49.72 -19.07 39.83
C GLY F 97 -49.30 -19.83 38.59
N ASP F 98 -48.19 -20.55 38.63
CA ASP F 98 -47.66 -21.21 37.44
C ASP F 98 -48.50 -22.43 37.08
N VAL F 99 -48.50 -22.76 35.80
CA VAL F 99 -49.15 -23.98 35.32
C VAL F 99 -48.15 -25.13 35.38
N ILE F 100 -48.52 -26.16 36.14
CA ILE F 100 -47.65 -27.30 36.41
C ILE F 100 -48.44 -28.58 36.13
N SER F 101 -47.78 -29.53 35.49
CA SER F 101 -48.42 -30.81 35.19
C SER F 101 -48.32 -31.75 36.38
N ILE F 102 -49.34 -32.58 36.55
CA ILE F 102 -49.39 -33.58 37.62
C ILE F 102 -49.72 -34.93 37.01
N GLN F 103 -48.89 -35.93 37.29
CA GLN F 103 -49.10 -37.28 36.81
C GLN F 103 -48.76 -38.28 37.91
N PRO F 104 -49.38 -39.46 37.90
CA PRO F 104 -48.98 -40.51 38.84
C PRO F 104 -47.56 -40.97 38.58
N CYS F 105 -46.85 -41.30 39.65
CA CYS F 105 -45.47 -41.75 39.54
C CYS F 105 -45.44 -43.22 39.14
N PRO F 106 -44.71 -43.60 38.08
CA PRO F 106 -44.77 -44.97 37.58
C PRO F 106 -43.73 -45.90 38.18
N ASP F 107 -44.17 -47.13 38.52
CA ASP F 107 -43.26 -48.23 38.89
C ASP F 107 -42.37 -47.85 40.07
N VAL F 108 -42.99 -47.33 41.12
CA VAL F 108 -42.26 -46.91 42.31
C VAL F 108 -41.59 -48.11 42.96
N LYS F 109 -40.32 -47.95 43.36
CA LYS F 109 -39.52 -49.02 43.94
C LYS F 109 -38.80 -48.50 45.18
N TYR F 110 -38.70 -49.36 46.20
CA TYR F 110 -37.99 -49.01 47.41
C TYR F 110 -36.48 -49.13 47.21
N GLY F 111 -35.73 -48.39 48.02
CA GLY F 111 -34.27 -48.41 47.94
C GLY F 111 -33.59 -48.82 49.22
N LYS F 112 -32.78 -49.87 49.17
CA LYS F 112 -32.10 -50.35 50.38
C LYS F 112 -31.14 -49.29 50.92
N ARG F 113 -30.26 -48.77 50.08
CA ARG F 113 -29.28 -47.78 50.47
C ARG F 113 -29.68 -46.42 49.91
N ILE F 114 -29.92 -45.47 50.81
CA ILE F 114 -30.27 -44.11 50.43
C ILE F 114 -29.43 -43.16 51.25
N HIS F 115 -29.00 -42.06 50.62
CA HIS F 115 -28.08 -41.12 51.24
C HIS F 115 -28.54 -39.70 50.97
N VAL F 116 -28.59 -38.89 52.02
CA VAL F 116 -28.90 -37.47 51.94
C VAL F 116 -27.90 -36.70 52.78
N LEU F 117 -27.74 -35.41 52.46
CA LEU F 117 -26.95 -34.51 53.28
C LEU F 117 -27.67 -33.18 53.44
N PRO F 118 -27.57 -32.56 54.62
CA PRO F 118 -28.24 -31.29 54.85
C PRO F 118 -27.36 -30.09 54.52
N ILE F 119 -27.93 -28.90 54.71
CA ILE F 119 -27.22 -27.67 54.35
C ILE F 119 -26.42 -27.19 55.57
N ASP F 120 -25.27 -26.57 55.30
CA ASP F 120 -24.32 -26.26 56.36
C ASP F 120 -24.90 -25.27 57.37
N ASP F 121 -25.55 -24.20 56.89
CA ASP F 121 -26.04 -23.18 57.81
C ASP F 121 -27.24 -23.68 58.60
N THR F 122 -27.95 -24.68 58.07
CA THR F 122 -29.08 -25.25 58.79
C THR F 122 -28.63 -26.01 60.03
N VAL F 123 -27.56 -26.79 59.90
CA VAL F 123 -27.06 -27.60 61.01
C VAL F 123 -25.92 -26.93 61.75
N GLU F 124 -25.65 -25.65 61.47
CA GLU F 124 -24.56 -24.95 62.14
C GLU F 124 -24.85 -24.82 63.63
N GLY F 125 -23.80 -24.96 64.44
CA GLY F 125 -23.94 -24.90 65.88
C GLY F 125 -24.45 -26.17 66.52
N ILE F 126 -24.69 -27.21 65.73
CA ILE F 126 -25.21 -28.48 66.21
C ILE F 126 -24.13 -29.54 65.98
N THR F 127 -23.80 -30.28 67.03
CA THR F 127 -22.84 -31.37 66.92
C THR F 127 -23.49 -32.75 66.94
N GLY F 128 -24.77 -32.83 67.28
CA GLY F 128 -25.44 -34.12 67.34
C GLY F 128 -25.58 -34.75 65.97
N ASN F 129 -25.78 -36.06 65.97
CA ASN F 129 -25.86 -36.81 64.72
C ASN F 129 -27.03 -36.31 63.88
N LEU F 130 -26.77 -36.08 62.61
CA LEU F 130 -27.80 -35.59 61.71
C LEU F 130 -28.95 -36.60 61.61
N PHE F 131 -28.61 -37.89 61.56
CA PHE F 131 -29.61 -38.93 61.38
C PHE F 131 -30.42 -39.15 62.66
N GLU F 132 -29.76 -39.16 63.81
CA GLU F 132 -30.44 -39.46 65.06
C GLU F 132 -31.25 -38.28 65.58
N VAL F 133 -30.73 -37.06 65.44
CA VAL F 133 -31.43 -35.89 65.97
C VAL F 133 -32.68 -35.60 65.14
N TYR F 134 -32.61 -35.76 63.82
CA TYR F 134 -33.71 -35.43 62.94
C TYR F 134 -34.27 -36.62 62.19
N LEU F 135 -33.43 -37.37 61.46
CA LEU F 135 -33.93 -38.43 60.59
C LEU F 135 -34.56 -39.57 61.37
N LYS F 136 -33.88 -40.04 62.42
CA LYS F 136 -34.41 -41.17 63.20
C LYS F 136 -35.79 -40.89 63.81
N PRO F 137 -36.07 -39.72 64.40
CA PRO F 137 -37.41 -39.51 64.93
C PRO F 137 -38.50 -39.37 63.87
N TYR F 138 -38.31 -38.50 62.88
CA TYR F 138 -39.39 -38.14 61.96
C TYR F 138 -39.25 -38.76 60.58
N PHE F 139 -38.05 -38.75 59.99
CA PHE F 139 -37.89 -39.27 58.64
C PHE F 139 -38.01 -40.78 58.62
N LEU F 140 -37.80 -41.43 59.76
CA LEU F 140 -37.95 -42.88 59.83
C LEU F 140 -39.42 -43.28 59.72
N GLU F 141 -39.66 -44.41 59.07
CA GLU F 141 -41.00 -44.98 58.90
C GLU F 141 -41.95 -44.02 58.21
N ALA F 142 -41.42 -43.14 57.35
CA ALA F 142 -42.23 -42.08 56.78
C ALA F 142 -43.22 -42.61 55.75
N TYR F 143 -42.75 -43.49 54.85
CA TYR F 143 -43.55 -43.97 53.72
C TYR F 143 -44.02 -42.81 52.85
N ARG F 144 -43.09 -41.91 52.50
CA ARG F 144 -43.40 -40.78 51.65
C ARG F 144 -42.52 -40.79 50.40
N PRO F 145 -43.05 -40.38 49.26
CA PRO F 145 -42.24 -40.37 48.04
C PRO F 145 -41.25 -39.22 48.03
N ILE F 146 -40.02 -39.51 47.59
CA ILE F 146 -38.98 -38.51 47.45
C ILE F 146 -38.16 -38.80 46.19
N ARG F 147 -37.61 -37.72 45.61
CA ARG F 147 -36.90 -37.77 44.35
C ARG F 147 -35.56 -37.07 44.46
N LYS F 148 -34.64 -37.45 43.57
CA LYS F 148 -33.29 -36.88 43.55
C LYS F 148 -33.37 -35.37 43.34
N GLY F 149 -32.55 -34.64 44.11
CA GLY F 149 -32.53 -33.19 44.06
C GLY F 149 -33.57 -32.51 44.91
N ASP F 150 -34.45 -33.27 45.57
CA ASP F 150 -35.49 -32.68 46.40
C ASP F 150 -34.91 -32.16 47.71
N ILE F 151 -35.60 -31.18 48.30
CA ILE F 151 -35.25 -30.62 49.59
C ILE F 151 -36.42 -30.85 50.55
N PHE F 152 -36.20 -31.68 51.56
CA PHE F 152 -37.27 -32.13 52.46
C PHE F 152 -36.98 -31.71 53.89
N LEU F 153 -37.99 -31.13 54.54
CA LEU F 153 -37.90 -30.70 55.93
C LEU F 153 -38.16 -31.89 56.84
N VAL F 154 -37.41 -31.97 57.94
CA VAL F 154 -37.57 -33.02 58.94
C VAL F 154 -37.71 -32.37 60.30
N ARG F 155 -38.73 -32.78 61.07
CA ARG F 155 -38.97 -32.25 62.41
C ARG F 155 -38.14 -33.05 63.41
N GLY F 156 -37.04 -32.45 63.88
CA GLY F 156 -36.19 -33.09 64.86
C GLY F 156 -35.43 -32.07 65.67
N GLY F 157 -34.92 -32.53 66.82
CA GLY F 157 -34.17 -31.64 67.68
C GLY F 157 -35.04 -30.54 68.29
N MET F 158 -34.38 -29.47 68.72
CA MET F 158 -35.11 -28.33 69.27
C MET F 158 -35.97 -27.65 68.20
N ARG F 159 -35.45 -27.57 66.97
CA ARG F 159 -36.23 -27.07 65.84
C ARG F 159 -35.88 -27.86 64.58
N ALA F 160 -36.88 -27.96 63.70
CA ALA F 160 -36.76 -28.76 62.49
C ALA F 160 -35.69 -28.20 61.56
N VAL F 161 -35.08 -29.09 60.78
CA VAL F 161 -34.05 -28.72 59.82
C VAL F 161 -34.42 -29.28 58.46
N GLU F 162 -34.28 -28.44 57.42
CA GLU F 162 -34.51 -28.90 56.05
C GLU F 162 -33.29 -29.63 55.50
N PHE F 163 -33.55 -30.75 54.83
CA PHE F 163 -32.50 -31.60 54.26
C PHE F 163 -32.67 -31.64 52.76
N LYS F 164 -31.64 -32.13 52.07
CA LYS F 164 -31.61 -32.19 50.61
C LYS F 164 -31.55 -33.65 50.17
N VAL F 165 -32.20 -33.98 49.07
CA VAL F 165 -32.09 -35.31 48.50
C VAL F 165 -30.97 -35.30 47.47
N VAL F 166 -29.75 -35.60 47.91
CA VAL F 166 -28.60 -35.51 47.02
C VAL F 166 -28.60 -36.64 46.01
N GLU F 167 -28.77 -37.87 46.47
CA GLU F 167 -28.71 -39.06 45.62
C GLU F 167 -29.75 -40.07 46.10
N THR F 168 -30.21 -40.92 45.18
CA THR F 168 -31.12 -42.01 45.50
C THR F 168 -30.68 -43.27 44.76
N ASP F 169 -30.62 -44.39 45.47
CA ASP F 169 -30.36 -45.68 44.87
C ASP F 169 -31.40 -46.70 45.31
N PRO F 170 -32.12 -47.36 44.38
CA PRO F 170 -31.98 -47.15 42.93
C PRO F 170 -32.60 -45.83 42.47
N SER F 171 -32.04 -45.27 41.40
CA SER F 171 -32.51 -44.00 40.86
C SER F 171 -33.86 -44.17 40.18
N PRO F 172 -34.67 -43.11 40.13
CA PRO F 172 -34.45 -41.85 40.85
C PRO F 172 -35.25 -41.75 42.15
N TYR F 173 -36.38 -42.45 42.22
CA TYR F 173 -37.36 -42.26 43.30
C TYR F 173 -37.57 -43.55 44.06
N CYS F 174 -37.84 -43.42 45.36
CA CYS F 174 -38.04 -44.54 46.27
C CYS F 174 -39.01 -44.12 47.34
N ILE F 175 -39.62 -45.10 48.02
CA ILE F 175 -40.51 -44.82 49.14
C ILE F 175 -39.81 -45.17 50.44
N VAL F 176 -40.05 -44.36 51.48
CA VAL F 176 -39.42 -44.57 52.77
C VAL F 176 -39.91 -45.88 53.39
N ALA F 177 -38.99 -46.66 53.91
CA ALA F 177 -39.27 -47.97 54.49
C ALA F 177 -38.18 -48.30 55.49
N PRO F 178 -38.40 -49.28 56.36
CA PRO F 178 -37.31 -49.71 57.26
C PRO F 178 -36.08 -50.21 56.50
N ASP F 179 -36.28 -50.76 55.30
CA ASP F 179 -35.16 -51.27 54.52
C ASP F 179 -34.34 -50.14 53.93
N THR F 180 -34.93 -48.94 53.84
CA THR F 180 -34.21 -47.77 53.34
C THR F 180 -33.27 -47.27 54.43
N VAL F 181 -32.07 -47.86 54.46
CA VAL F 181 -31.09 -47.44 55.46
C VAL F 181 -30.68 -46.00 55.17
N ILE F 182 -30.76 -45.16 56.20
CA ILE F 182 -30.63 -43.72 56.05
C ILE F 182 -29.20 -43.34 56.39
N HIS F 183 -28.54 -42.64 55.46
CA HIS F 183 -27.14 -42.25 55.60
C HIS F 183 -27.01 -40.74 55.45
N CYS F 184 -26.28 -40.13 56.39
CA CYS F 184 -25.96 -38.71 56.35
C CYS F 184 -24.46 -38.43 56.46
N GLU F 185 -23.62 -39.42 56.16
CA GLU F 185 -22.18 -39.24 56.23
C GLU F 185 -21.70 -38.28 55.14
N GLY F 186 -20.69 -37.49 55.47
CA GLY F 186 -20.15 -36.53 54.53
C GLY F 186 -20.46 -35.09 54.95
N GLU F 187 -19.73 -34.17 54.33
CA GLU F 187 -19.87 -32.77 54.69
C GLU F 187 -21.23 -32.23 54.27
N PRO F 188 -21.83 -31.34 55.08
CA PRO F 188 -23.07 -30.67 54.64
C PRO F 188 -22.81 -29.75 53.45
N ILE F 189 -23.81 -29.64 52.59
CA ILE F 189 -23.67 -28.81 51.39
C ILE F 189 -23.80 -27.34 51.76
N LYS F 190 -22.93 -26.51 51.20
CA LYS F 190 -22.98 -25.07 51.43
C LYS F 190 -24.28 -24.48 50.89
N ARG F 191 -24.68 -23.36 51.48
CA ARG F 191 -25.89 -22.69 51.00
C ARG F 191 -25.67 -22.06 49.63
N GLU F 192 -24.42 -21.80 49.26
CA GLU F 192 -24.17 -21.17 47.97
C GLU F 192 -24.57 -22.08 46.82
N ASP F 193 -24.33 -23.39 46.98
CA ASP F 193 -24.76 -24.35 45.96
C ASP F 193 -26.29 -24.40 45.85
N GLU F 194 -26.97 -24.39 47.00
CA GLU F 194 -28.44 -24.33 46.97
C GLU F 194 -28.91 -23.07 46.26
N GLU F 195 -28.29 -21.94 46.58
CA GLU F 195 -28.67 -20.69 45.91
C GLU F 195 -28.42 -20.77 44.41
N GLU F 196 -27.28 -21.34 44.01
CA GLU F 196 -27.02 -21.53 42.58
C GLU F 196 -28.06 -22.43 41.95
N SER F 197 -28.65 -23.34 42.75
CA SER F 197 -29.83 -24.06 42.27
C SER F 197 -31.01 -23.11 42.08
N LEU F 198 -31.24 -22.19 43.03
CA LEU F 198 -32.22 -21.13 42.78
C LEU F 198 -31.71 -20.15 41.73
N ASN F 199 -30.40 -19.84 41.73
CA ASN F 199 -29.88 -18.85 40.80
C ASN F 199 -29.72 -19.38 39.39
N GLU F 200 -30.43 -20.45 39.03
CA GLU F 200 -30.45 -20.91 37.65
C GLU F 200 -31.35 -20.02 36.80
N VAL F 201 -31.07 -19.99 35.50
CA VAL F 201 -31.86 -19.15 34.60
C VAL F 201 -32.95 -19.98 33.95
N GLY F 202 -34.14 -19.38 33.82
CA GLY F 202 -35.24 -20.00 33.13
C GLY F 202 -35.89 -18.99 32.19
N TYR F 203 -37.02 -19.39 31.61
CA TYR F 203 -37.68 -18.51 30.65
C TYR F 203 -38.14 -17.21 31.28
N ASP F 204 -38.64 -17.27 32.51
CA ASP F 204 -39.19 -16.07 33.13
C ASP F 204 -38.13 -14.99 33.29
N ASP F 205 -36.86 -15.39 33.37
CA ASP F 205 -35.78 -14.42 33.48
C ASP F 205 -35.68 -13.55 32.24
N ILE F 206 -35.79 -14.15 31.06
CA ILE F 206 -35.74 -13.38 29.82
C ILE F 206 -36.97 -12.51 29.74
N GLY F 207 -36.78 -11.25 29.36
CA GLY F 207 -37.89 -10.32 29.29
C GLY F 207 -37.99 -9.58 27.97
N GLY F 208 -39.20 -9.51 27.42
CA GLY F 208 -39.45 -8.76 26.21
C GLY F 208 -39.06 -9.46 24.94
N CYS F 209 -38.37 -10.60 25.02
CA CYS F 209 -37.99 -11.38 23.86
C CYS F 209 -38.85 -12.62 23.72
N ARG F 210 -40.09 -12.57 24.20
CA ARG F 210 -40.93 -13.75 24.21
C ARG F 210 -41.29 -14.20 22.80
N LYS F 211 -41.38 -13.26 21.87
CA LYS F 211 -41.62 -13.63 20.47
C LYS F 211 -40.45 -14.45 19.91
N GLN F 212 -39.23 -13.97 20.11
CA GLN F 212 -38.05 -14.72 19.69
C GLN F 212 -37.93 -16.02 20.48
N LEU F 213 -38.31 -15.99 21.76
CA LEU F 213 -38.30 -17.19 22.58
C LEU F 213 -39.19 -18.27 21.97
N ALA F 214 -40.42 -17.90 21.61
CA ALA F 214 -41.32 -18.85 20.99
C ALA F 214 -40.77 -19.32 19.65
N GLN F 215 -40.24 -18.40 18.85
CA GLN F 215 -39.69 -18.78 17.56
C GLN F 215 -38.60 -19.83 17.70
N ILE F 216 -37.74 -19.67 18.71
CA ILE F 216 -36.76 -20.71 19.02
C ILE F 216 -37.49 -22.00 19.39
N LYS F 217 -38.56 -21.90 20.18
CA LYS F 217 -39.26 -23.10 20.61
C LYS F 217 -39.76 -23.92 19.42
N GLU F 218 -40.32 -23.27 18.40
CA GLU F 218 -40.70 -24.04 17.22
C GLU F 218 -39.49 -24.51 16.43
N MET F 219 -38.44 -23.70 16.33
CA MET F 219 -37.27 -24.18 15.60
C MET F 219 -36.45 -25.19 16.38
N VAL F 220 -36.51 -25.19 17.71
CA VAL F 220 -35.62 -26.04 18.50
C VAL F 220 -36.42 -27.09 19.24
N GLU F 221 -37.35 -26.67 20.07
CA GLU F 221 -38.07 -27.63 20.91
C GLU F 221 -38.84 -28.62 20.06
N LEU F 222 -39.52 -28.14 19.03
CA LEU F 222 -40.37 -29.03 18.23
C LEU F 222 -39.58 -30.17 17.58
N PRO F 223 -38.46 -29.95 16.89
CA PRO F 223 -37.75 -31.10 16.30
C PRO F 223 -37.20 -32.06 17.34
N LEU F 224 -36.60 -31.55 18.41
CA LEU F 224 -36.04 -32.43 19.43
C LEU F 224 -37.12 -33.25 20.11
N ARG F 225 -38.29 -32.66 20.35
CA ARG F 225 -39.37 -33.40 20.99
C ARG F 225 -39.98 -34.43 20.05
N HIS F 226 -40.26 -34.04 18.80
CA HIS F 226 -41.01 -34.88 17.88
C HIS F 226 -40.36 -34.88 16.49
N PRO F 227 -39.35 -35.72 16.28
CA PRO F 227 -38.86 -35.92 14.91
C PRO F 227 -39.87 -36.57 13.99
N ALA F 228 -40.87 -37.24 14.57
CA ALA F 228 -41.87 -37.95 13.75
C ALA F 228 -42.69 -36.98 12.91
N LEU F 229 -43.01 -35.82 13.47
CA LEU F 229 -43.79 -34.83 12.72
C LEU F 229 -43.02 -34.38 11.49
N PHE F 230 -41.70 -34.28 11.59
CA PHE F 230 -40.90 -33.86 10.44
C PHE F 230 -40.73 -35.01 9.46
N LYS F 231 -40.60 -36.24 9.96
CA LYS F 231 -40.47 -37.38 9.05
C LYS F 231 -41.74 -37.60 8.24
N GLU F 232 -42.91 -37.48 8.87
CA GLU F 232 -44.16 -37.76 8.16
C GLU F 232 -44.37 -36.76 7.02
N ILE F 233 -44.11 -35.47 7.27
CA ILE F 233 -44.27 -34.46 6.24
C ILE F 233 -43.09 -34.44 5.28
N GLY F 234 -42.03 -35.18 5.57
CA GLY F 234 -40.92 -35.26 4.64
C GLY F 234 -40.07 -34.01 4.55
N VAL F 235 -40.08 -33.20 5.61
CA VAL F 235 -39.19 -32.05 5.71
C VAL F 235 -38.16 -32.35 6.79
N LYS F 236 -36.97 -31.82 6.59
CA LYS F 236 -35.87 -32.07 7.50
C LYS F 236 -35.61 -30.82 8.33
N PRO F 237 -35.64 -30.91 9.65
CA PRO F 237 -35.41 -29.73 10.49
C PRO F 237 -34.05 -29.12 10.20
N PRO F 238 -33.97 -27.80 10.16
CA PRO F 238 -32.70 -27.13 9.84
C PRO F 238 -31.64 -27.42 10.90
N ARG F 239 -30.40 -27.56 10.46
CA ARG F 239 -29.32 -27.77 11.42
C ARG F 239 -28.70 -26.44 11.83
N GLY F 240 -29.15 -25.34 11.24
CA GLY F 240 -28.59 -24.04 11.55
C GLY F 240 -29.59 -23.02 12.04
N ILE F 241 -29.36 -22.50 13.25
CA ILE F 241 -30.15 -21.42 13.82
C ILE F 241 -29.18 -20.36 14.33
N LEU F 242 -29.35 -19.14 13.85
CA LEU F 242 -28.47 -18.03 14.19
C LEU F 242 -29.25 -16.95 14.93
N LEU F 243 -28.65 -16.40 15.98
CA LEU F 243 -29.22 -15.30 16.74
C LEU F 243 -28.30 -14.09 16.56
N TYR F 244 -28.88 -12.97 16.13
CA TYR F 244 -28.11 -11.75 15.96
C TYR F 244 -28.83 -10.60 16.62
N GLY F 245 -28.06 -9.70 17.24
CA GLY F 245 -28.61 -8.54 17.89
C GLY F 245 -27.51 -7.64 18.40
N PRO F 246 -27.85 -6.38 18.69
CA PRO F 246 -26.86 -5.45 19.24
C PRO F 246 -26.37 -5.93 20.59
N PRO F 247 -25.15 -5.57 20.97
CA PRO F 247 -24.55 -6.16 22.17
C PRO F 247 -25.33 -5.82 23.43
N GLY F 248 -25.65 -6.84 24.21
CA GLY F 248 -26.37 -6.67 25.45
C GLY F 248 -27.85 -7.00 25.42
N THR F 249 -28.30 -7.82 24.46
CA THR F 249 -29.70 -8.20 24.36
C THR F 249 -30.03 -9.52 25.05
N GLY F 250 -29.05 -10.17 25.68
CA GLY F 250 -29.32 -11.43 26.36
C GLY F 250 -29.32 -12.65 25.47
N LYS F 251 -28.51 -12.65 24.42
CA LYS F 251 -28.38 -13.85 23.59
C LYS F 251 -27.80 -15.01 24.39
N THR F 252 -26.74 -14.77 25.14
CA THR F 252 -26.20 -15.85 25.96
C THR F 252 -27.13 -16.16 27.12
N LEU F 253 -27.96 -15.20 27.51
CA LEU F 253 -28.99 -15.48 28.50
C LEU F 253 -30.04 -16.43 27.93
N ILE F 254 -30.42 -16.21 26.67
CA ILE F 254 -31.33 -17.13 25.99
C ILE F 254 -30.69 -18.51 25.91
N ALA F 255 -29.38 -18.55 25.64
CA ALA F 255 -28.67 -19.82 25.62
C ALA F 255 -28.70 -20.50 26.98
N ARG F 256 -28.54 -19.72 28.05
CA ARG F 256 -28.57 -20.31 29.39
C ARG F 256 -29.95 -20.85 29.72
N ALA F 257 -31.00 -20.13 29.31
CA ALA F 257 -32.35 -20.65 29.51
C ALA F 257 -32.53 -21.98 28.77
N VAL F 258 -32.19 -22.01 27.49
CA VAL F 258 -32.33 -23.23 26.70
C VAL F 258 -31.52 -24.35 27.34
N ALA F 259 -30.31 -24.04 27.83
CA ALA F 259 -29.49 -25.05 28.48
C ALA F 259 -30.18 -25.61 29.72
N ASN F 260 -30.71 -24.73 30.56
CA ASN F 260 -31.25 -25.20 31.83
C ASN F 260 -32.54 -25.99 31.64
N GLU F 261 -33.48 -25.47 30.85
CA GLU F 261 -34.82 -26.03 30.85
C GLU F 261 -34.97 -27.29 30.00
N THR F 262 -34.07 -27.52 29.06
CA THR F 262 -34.19 -28.65 28.13
C THR F 262 -33.73 -29.93 28.82
N GLY F 263 -34.60 -30.92 28.86
CA GLY F 263 -34.16 -32.26 29.20
C GLY F 263 -33.20 -32.82 28.17
N ALA F 264 -33.28 -32.30 26.95
CA ALA F 264 -32.35 -32.69 25.91
C ALA F 264 -30.94 -32.23 26.23
N PHE F 265 -29.96 -33.04 25.82
CA PHE F 265 -28.57 -32.76 26.13
C PHE F 265 -28.14 -31.44 25.49
N PHE F 266 -27.47 -30.61 26.27
CA PHE F 266 -26.97 -29.31 25.82
C PHE F 266 -25.48 -29.25 26.07
N PHE F 267 -24.74 -28.75 25.09
CA PHE F 267 -23.31 -28.55 25.23
C PHE F 267 -22.96 -27.13 24.79
N LEU F 268 -22.03 -26.50 25.50
CA LEU F 268 -21.70 -25.10 25.29
C LEU F 268 -20.33 -24.98 24.62
N ILE F 269 -20.27 -24.23 23.54
CA ILE F 269 -19.02 -23.88 22.87
C ILE F 269 -18.91 -22.36 22.85
N ASN F 270 -17.81 -21.84 23.37
CA ASN F 270 -17.59 -20.41 23.46
C ASN F 270 -16.50 -20.02 22.48
N GLY F 271 -16.72 -18.92 21.75
CA GLY F 271 -15.76 -18.46 20.78
C GLY F 271 -14.38 -18.16 21.32
N PRO F 272 -14.26 -17.27 22.31
CA PRO F 272 -12.94 -17.06 22.92
C PRO F 272 -12.34 -18.31 23.50
N GLU F 273 -13.16 -19.20 24.07
CA GLU F 273 -12.65 -20.44 24.62
C GLU F 273 -11.95 -21.27 23.56
N ILE F 274 -12.59 -21.43 22.40
CA ILE F 274 -12.00 -22.25 21.35
C ILE F 274 -10.78 -21.56 20.75
N MET F 275 -10.89 -20.25 20.50
CA MET F 275 -9.81 -19.54 19.84
C MET F 275 -8.60 -19.36 20.75
N SER F 276 -8.80 -19.51 22.07
CA SER F 276 -7.70 -19.35 23.00
C SER F 276 -6.77 -20.56 22.97
N LYS F 277 -7.29 -21.71 22.55
CA LYS F 277 -6.49 -22.93 22.54
C LYS F 277 -5.43 -22.87 21.44
N LEU F 278 -4.38 -23.66 21.64
CA LEU F 278 -3.30 -23.73 20.66
C LEU F 278 -3.80 -24.28 19.33
N ALA F 279 -2.90 -24.29 18.34
CA ALA F 279 -3.22 -24.88 17.05
C ALA F 279 -3.56 -26.35 17.21
N GLY F 280 -4.64 -26.77 16.57
CA GLY F 280 -5.04 -28.17 16.64
C GLY F 280 -5.91 -28.52 17.82
N GLU F 281 -5.65 -27.91 18.98
CA GLU F 281 -6.53 -28.09 20.13
C GLU F 281 -7.90 -27.49 19.87
N SER F 282 -7.97 -26.42 19.06
CA SER F 282 -9.27 -25.82 18.74
C SER F 282 -10.11 -26.76 17.89
N GLU F 283 -9.53 -27.28 16.80
CA GLU F 283 -10.24 -28.26 15.99
C GLU F 283 -10.54 -29.51 16.79
N SER F 284 -9.64 -29.90 17.67
CA SER F 284 -9.89 -31.08 18.50
C SER F 284 -11.11 -30.86 19.40
N ASN F 285 -11.22 -29.67 20.00
CA ASN F 285 -12.35 -29.38 20.87
C ASN F 285 -13.65 -29.35 20.08
N LEU F 286 -13.61 -28.77 18.88
CA LEU F 286 -14.80 -28.78 18.02
C LEU F 286 -15.21 -30.19 17.65
N ARG F 287 -14.24 -31.04 17.31
CA ARG F 287 -14.54 -32.42 16.97
C ARG F 287 -15.18 -33.13 18.15
N LYS F 288 -14.61 -32.96 19.34
CA LYS F 288 -15.18 -33.61 20.52
C LYS F 288 -16.59 -33.13 20.79
N ALA F 289 -16.83 -31.82 20.61
CA ALA F 289 -18.15 -31.26 20.83
C ALA F 289 -19.17 -31.83 19.87
N PHE F 290 -18.85 -31.87 18.57
CA PHE F 290 -19.82 -32.37 17.61
C PHE F 290 -20.01 -33.88 17.73
N GLU F 291 -18.97 -34.60 18.16
CA GLU F 291 -19.13 -36.02 18.42
C GLU F 291 -20.05 -36.25 19.61
N GLU F 292 -19.89 -35.47 20.67
CA GLU F 292 -20.79 -35.58 21.82
C GLU F 292 -22.20 -35.18 21.44
N ALA F 293 -22.34 -34.27 20.48
CA ALA F 293 -23.66 -33.96 19.94
C ALA F 293 -24.23 -35.15 19.19
N GLU F 294 -23.41 -35.81 18.37
CA GLU F 294 -23.88 -36.97 17.61
C GLU F 294 -24.26 -38.11 18.54
N LYS F 295 -23.60 -38.21 19.68
CA LYS F 295 -23.88 -39.30 20.61
C LYS F 295 -25.32 -39.26 21.10
N ASN F 296 -25.82 -38.07 21.38
CA ASN F 296 -27.18 -37.89 21.87
C ASN F 296 -28.09 -37.44 20.75
N ALA F 297 -29.14 -38.19 20.50
CA ALA F 297 -30.09 -37.79 19.46
C ALA F 297 -30.70 -36.41 19.73
N PRO F 298 -31.19 -36.09 20.92
CA PRO F 298 -31.72 -34.73 21.15
C PRO F 298 -30.67 -33.70 21.53
N ALA F 299 -29.40 -33.93 21.24
CA ALA F 299 -28.37 -32.97 21.62
C ALA F 299 -28.56 -31.64 20.88
N ILE F 300 -28.16 -30.57 21.55
CA ILE F 300 -28.17 -29.22 20.98
C ILE F 300 -26.85 -28.55 21.31
N ILE F 301 -26.28 -27.85 20.33
CA ILE F 301 -25.06 -27.08 20.52
C ILE F 301 -25.37 -25.61 20.29
N PHE F 302 -24.94 -24.77 21.22
CA PHE F 302 -25.00 -23.32 21.05
C PHE F 302 -23.58 -22.79 21.01
N ILE F 303 -23.23 -22.11 19.92
CA ILE F 303 -21.88 -21.59 19.71
C ILE F 303 -21.91 -20.09 19.93
N ASP F 304 -21.48 -19.65 21.11
CA ASP F 304 -21.56 -18.25 21.47
C ASP F 304 -20.44 -17.45 20.81
N GLU F 305 -20.79 -16.23 20.40
CA GLU F 305 -19.86 -15.34 19.70
C GLU F 305 -19.26 -16.05 18.50
N LEU F 306 -20.13 -16.31 17.51
CA LEU F 306 -19.71 -17.04 16.32
C LEU F 306 -18.62 -16.29 15.55
N ASP F 307 -18.64 -14.96 15.59
CA ASP F 307 -17.65 -14.20 14.83
C ASP F 307 -16.25 -14.37 15.40
N ALA F 308 -16.15 -14.83 16.65
CA ALA F 308 -14.84 -15.12 17.21
C ALA F 308 -14.17 -16.27 16.47
N ILE F 309 -14.92 -17.35 16.21
CA ILE F 309 -14.34 -18.53 15.58
C ILE F 309 -14.61 -18.61 14.08
N ALA F 310 -15.52 -17.80 13.55
CA ALA F 310 -15.90 -17.87 12.15
C ALA F 310 -15.88 -16.49 11.51
N PRO F 311 -14.69 -15.92 11.32
CA PRO F 311 -14.60 -14.63 10.63
C PRO F 311 -14.79 -14.81 9.13
N LYS F 312 -14.81 -13.69 8.42
CA LYS F 312 -14.85 -13.75 6.97
C LYS F 312 -13.52 -14.23 6.42
N ARG F 313 -13.54 -15.32 5.65
CA ARG F 313 -12.30 -15.88 5.12
C ARG F 313 -11.62 -14.91 4.17
N GLU F 314 -12.41 -14.08 3.48
CA GLU F 314 -11.83 -13.12 2.55
C GLU F 314 -10.98 -12.09 3.29
N LYS F 315 -11.45 -11.62 4.44
CA LYS F 315 -10.78 -10.56 5.20
C LYS F 315 -10.39 -11.13 6.57
N THR F 316 -9.24 -11.80 6.61
CA THR F 316 -8.68 -12.33 7.85
C THR F 316 -7.17 -12.46 7.67
N HIS F 317 -6.45 -12.52 8.78
CA HIS F 317 -4.99 -12.46 8.75
C HIS F 317 -4.31 -13.63 9.45
N GLY F 318 -5.04 -14.71 9.74
CA GLY F 318 -4.44 -15.83 10.43
C GLY F 318 -4.79 -17.18 9.83
N GLU F 319 -3.79 -18.06 9.71
CA GLU F 319 -4.05 -19.38 9.14
C GLU F 319 -5.04 -20.16 9.99
N VAL F 320 -4.89 -20.08 11.32
CA VAL F 320 -5.72 -20.88 12.21
C VAL F 320 -7.19 -20.47 12.10
N GLU F 321 -7.45 -19.19 11.81
CA GLU F 321 -8.83 -18.75 11.63
C GLU F 321 -9.47 -19.45 10.45
N ARG F 322 -8.78 -19.46 9.30
CA ARG F 322 -9.32 -20.13 8.12
C ARG F 322 -9.43 -21.63 8.34
N ARG F 323 -8.44 -22.22 9.02
CA ARG F 323 -8.51 -23.65 9.31
C ARG F 323 -9.70 -23.98 10.20
N ILE F 324 -9.96 -23.16 11.22
CA ILE F 324 -11.05 -23.45 12.13
C ILE F 324 -12.40 -23.22 11.46
N VAL F 325 -12.49 -22.24 10.56
CA VAL F 325 -13.73 -22.06 9.81
C VAL F 325 -13.96 -23.25 8.89
N SER F 326 -12.91 -23.73 8.23
CA SER F 326 -13.03 -24.90 7.39
C SER F 326 -13.48 -26.11 8.19
N GLN F 327 -12.90 -26.28 9.38
CA GLN F 327 -13.27 -27.43 10.22
C GLN F 327 -14.71 -27.32 10.70
N LEU F 328 -15.17 -26.10 10.99
CA LEU F 328 -16.58 -25.94 11.35
C LEU F 328 -17.48 -26.30 10.19
N LEU F 329 -17.13 -25.89 8.97
CA LEU F 329 -17.94 -26.26 7.82
C LEU F 329 -17.95 -27.78 7.62
N THR F 330 -16.79 -28.41 7.79
CA THR F 330 -16.71 -29.87 7.67
C THR F 330 -17.55 -30.57 8.74
N LEU F 331 -17.55 -30.03 9.96
CA LEU F 331 -18.40 -30.59 11.02
C LEU F 331 -19.87 -30.44 10.68
N MET F 332 -20.26 -29.30 10.11
CA MET F 332 -21.65 -29.12 9.73
C MET F 332 -22.06 -30.08 8.62
N ASP F 333 -21.19 -30.29 7.64
CA ASP F 333 -21.47 -31.26 6.60
C ASP F 333 -21.47 -32.69 7.13
N GLY F 334 -20.74 -32.91 8.23
CA GLY F 334 -20.59 -34.27 8.74
C GLY F 334 -21.90 -34.89 9.16
N LEU F 335 -22.85 -34.06 9.63
CA LEU F 335 -24.15 -34.60 10.00
C LEU F 335 -24.91 -35.03 8.75
N LYS F 336 -25.43 -36.26 8.79
CA LYS F 336 -26.30 -36.76 7.74
C LYS F 336 -27.77 -36.58 8.10
N GLN F 337 -28.05 -35.81 9.15
CA GLN F 337 -29.37 -35.37 9.62
C GLN F 337 -30.10 -36.49 10.37
N ARG F 338 -29.52 -37.68 10.49
CA ARG F 338 -30.08 -38.71 11.34
C ARG F 338 -29.84 -38.42 12.82
N ALA F 339 -28.76 -37.70 13.13
CA ALA F 339 -28.34 -37.54 14.52
C ALA F 339 -29.31 -36.69 15.33
N HIS F 340 -30.14 -35.91 14.65
CA HIS F 340 -31.10 -35.01 15.29
C HIS F 340 -30.41 -33.96 16.14
N VAL F 341 -29.19 -33.60 15.75
CA VAL F 341 -28.44 -32.54 16.42
C VAL F 341 -28.88 -31.19 15.91
N ILE F 342 -28.98 -30.20 16.80
CA ILE F 342 -29.33 -28.84 16.44
C ILE F 342 -28.23 -27.90 16.92
N VAL F 343 -27.69 -27.08 16.02
CA VAL F 343 -26.56 -26.21 16.29
C VAL F 343 -27.00 -24.77 16.25
N MET F 344 -26.69 -24.02 17.30
CA MET F 344 -27.09 -22.62 17.46
C MET F 344 -25.86 -21.74 17.58
N ALA F 345 -26.04 -20.45 17.31
CA ALA F 345 -24.96 -19.49 17.43
C ALA F 345 -25.52 -18.10 17.71
N ALA F 346 -24.65 -17.22 18.20
CA ALA F 346 -25.00 -15.83 18.48
C ALA F 346 -23.92 -14.92 17.92
N THR F 347 -24.32 -13.74 17.46
CA THR F 347 -23.37 -12.76 16.97
C THR F 347 -23.91 -11.35 17.12
N ASN F 348 -23.00 -10.38 17.26
CA ASN F 348 -23.41 -8.98 17.25
C ASN F 348 -23.81 -8.55 15.85
N ARG F 349 -23.04 -8.95 14.84
CA ARG F 349 -23.34 -8.63 13.46
C ARG F 349 -23.20 -9.92 12.65
N PRO F 350 -24.25 -10.32 11.93
CA PRO F 350 -24.10 -11.47 11.04
C PRO F 350 -23.22 -11.18 9.83
N ASN F 351 -22.93 -9.90 9.57
CA ASN F 351 -22.12 -9.56 8.40
C ASN F 351 -20.71 -10.12 8.52
N SER F 352 -20.11 -10.05 9.71
CA SER F 352 -18.77 -10.58 9.88
C SER F 352 -18.76 -12.11 9.83
N ILE F 353 -19.91 -12.72 10.12
CA ILE F 353 -20.03 -14.17 9.96
C ILE F 353 -19.74 -14.53 8.53
N ASP F 354 -19.03 -15.64 8.33
CA ASP F 354 -18.70 -16.06 6.98
C ASP F 354 -19.97 -16.47 6.24
N PRO F 355 -20.14 -16.04 4.99
CA PRO F 355 -21.36 -16.41 4.25
C PRO F 355 -21.51 -17.91 4.05
N ALA F 356 -20.41 -18.65 4.06
CA ALA F 356 -20.50 -20.10 3.89
C ALA F 356 -21.36 -20.72 4.97
N LEU F 357 -21.23 -20.26 6.21
CA LEU F 357 -22.10 -20.73 7.27
C LEU F 357 -23.54 -20.29 7.03
N ARG F 358 -23.73 -19.18 6.30
CA ARG F 358 -25.08 -18.70 6.05
C ARG F 358 -25.73 -19.37 4.83
N ARG F 359 -25.00 -20.25 4.14
CA ARG F 359 -25.58 -20.95 3.01
C ARG F 359 -26.62 -21.96 3.47
N PHE F 360 -27.48 -22.36 2.53
CA PHE F 360 -28.50 -23.37 2.82
C PHE F 360 -27.83 -24.69 3.20
N GLY F 361 -28.47 -25.42 4.11
CA GLY F 361 -27.87 -26.58 4.72
C GLY F 361 -26.95 -26.25 5.88
N ARG F 362 -26.97 -24.99 6.33
CA ARG F 362 -26.05 -24.48 7.34
C ARG F 362 -26.84 -23.43 8.12
N PHE F 363 -26.17 -22.48 8.77
CA PHE F 363 -26.85 -21.48 9.59
C PHE F 363 -27.65 -20.52 8.69
N ASP F 364 -28.68 -21.08 8.05
CA ASP F 364 -29.49 -20.28 7.13
C ASP F 364 -30.58 -19.54 7.87
N ARG F 365 -31.09 -20.10 8.95
CA ARG F 365 -32.19 -19.47 9.69
C ARG F 365 -31.61 -18.49 10.70
N GLU F 366 -32.06 -17.24 10.62
CA GLU F 366 -31.49 -16.15 11.40
C GLU F 366 -32.58 -15.50 12.24
N VAL F 367 -32.31 -15.34 13.53
CA VAL F 367 -33.26 -14.78 14.49
C VAL F 367 -32.69 -13.47 15.00
N ASP F 368 -33.50 -12.42 15.00
CA ASP F 368 -33.07 -11.11 15.46
C ASP F 368 -33.52 -10.91 16.90
N ILE F 369 -32.58 -10.48 17.75
CA ILE F 369 -32.90 -10.06 19.10
C ILE F 369 -32.80 -8.55 19.11
N GLY F 370 -33.92 -7.88 18.87
CA GLY F 370 -33.89 -6.44 18.75
C GLY F 370 -33.85 -5.73 20.08
N ILE F 371 -33.72 -4.41 20.00
CA ILE F 371 -33.83 -3.61 21.23
C ILE F 371 -35.24 -3.74 21.78
N PRO F 372 -35.42 -4.07 23.06
CA PRO F 372 -36.78 -4.27 23.57
C PRO F 372 -37.57 -2.96 23.57
N ASP F 373 -38.88 -3.10 23.43
CA ASP F 373 -39.80 -1.98 23.50
C ASP F 373 -40.07 -1.61 24.96
N ALA F 374 -41.05 -0.73 25.17
CA ALA F 374 -41.37 -0.30 26.53
C ALA F 374 -41.81 -1.47 27.40
N THR F 375 -42.66 -2.34 26.87
CA THR F 375 -43.11 -3.50 27.67
C THR F 375 -41.97 -4.49 27.88
N GLY F 376 -41.07 -4.60 26.90
CA GLY F 376 -39.92 -5.46 27.09
C GLY F 376 -39.09 -5.03 28.28
N ARG F 377 -38.80 -3.73 28.37
CA ARG F 377 -38.01 -3.25 29.48
C ARG F 377 -38.82 -3.19 30.77
N LEU F 378 -40.15 -3.14 30.68
CA LEU F 378 -40.98 -3.35 31.87
C LEU F 378 -40.69 -4.73 32.48
N GLU F 379 -40.78 -5.77 31.67
CA GLU F 379 -40.52 -7.12 32.18
C GLU F 379 -39.06 -7.30 32.59
N ILE F 380 -38.13 -6.72 31.82
CA ILE F 380 -36.72 -6.84 32.17
C ILE F 380 -36.44 -6.18 33.52
N LEU F 381 -36.95 -4.98 33.73
CA LEU F 381 -36.72 -4.28 34.99
C LEU F 381 -37.37 -5.03 36.15
N GLN F 382 -38.57 -5.58 35.92
CA GLN F 382 -39.21 -6.38 36.96
C GLN F 382 -38.36 -7.59 37.34
N ILE F 383 -37.85 -8.30 36.34
CA ILE F 383 -37.14 -9.55 36.64
C ILE F 383 -35.78 -9.26 37.26
N HIS F 384 -35.11 -8.20 36.83
CA HIS F 384 -33.83 -7.86 37.46
C HIS F 384 -34.02 -7.37 38.88
N THR F 385 -35.01 -6.52 39.12
CA THR F 385 -35.17 -5.91 40.43
C THR F 385 -36.01 -6.76 41.38
N LYS F 386 -36.36 -7.98 41.00
CA LYS F 386 -37.17 -8.82 41.88
C LYS F 386 -36.42 -9.20 43.14
N ASN F 387 -35.14 -9.56 43.01
CA ASN F 387 -34.37 -9.88 44.21
C ASN F 387 -33.93 -8.60 44.91
N MET F 388 -33.75 -7.52 44.17
CA MET F 388 -33.37 -6.24 44.74
C MET F 388 -34.44 -5.73 45.69
N LYS F 389 -34.01 -5.28 46.87
CA LYS F 389 -34.95 -4.69 47.81
C LYS F 389 -35.36 -3.30 47.33
N LEU F 390 -36.66 -3.06 47.25
CA LEU F 390 -37.20 -1.81 46.71
C LEU F 390 -38.14 -1.18 47.72
N ALA F 391 -38.32 0.14 47.60
CA ALA F 391 -39.30 0.85 48.41
C ALA F 391 -40.69 0.72 47.80
N ASP F 392 -41.64 1.44 48.38
CA ASP F 392 -42.98 1.49 47.80
C ASP F 392 -43.07 2.55 46.69
N ASP F 393 -42.21 3.56 46.75
CA ASP F 393 -42.27 4.65 45.78
C ASP F 393 -41.88 4.17 44.40
N VAL F 394 -41.27 2.98 44.31
CA VAL F 394 -40.77 2.50 43.03
C VAL F 394 -41.92 2.19 42.10
N ASP F 395 -41.81 2.67 40.87
CA ASP F 395 -42.71 2.29 39.78
C ASP F 395 -41.87 2.06 38.54
N LEU F 396 -41.91 0.86 38.00
CA LEU F 396 -40.99 0.52 36.93
C LEU F 396 -41.51 1.01 35.59
N GLU F 397 -42.79 1.41 35.52
CA GLU F 397 -43.35 1.86 34.25
C GLU F 397 -42.75 3.18 33.82
N GLN F 398 -42.60 4.14 34.76
CA GLN F 398 -41.96 5.40 34.45
C GLN F 398 -40.54 5.21 33.96
N VAL F 399 -39.74 4.42 34.68
CA VAL F 399 -38.33 4.27 34.32
C VAL F 399 -38.21 3.46 33.03
N ALA F 400 -39.15 2.56 32.77
CA ALA F 400 -39.18 1.89 31.49
C ALA F 400 -39.44 2.88 30.35
N ASN F 401 -40.34 3.82 30.56
CA ASN F 401 -40.56 4.85 29.53
C ASN F 401 -39.31 5.73 29.38
N GLU F 402 -38.63 6.03 30.48
CA GLU F 402 -37.46 6.90 30.41
C GLU F 402 -36.33 6.27 29.62
N THR F 403 -36.07 4.97 29.84
CA THR F 403 -34.95 4.26 29.25
C THR F 403 -35.33 3.79 27.84
N HIS F 404 -35.30 4.72 26.89
CA HIS F 404 -35.58 4.33 25.51
C HIS F 404 -34.45 3.49 24.93
N GLY F 405 -33.27 4.05 24.80
CA GLY F 405 -32.20 3.37 24.10
C GLY F 405 -31.50 2.28 24.87
N HIS F 406 -31.89 2.05 26.12
CA HIS F 406 -31.28 0.98 26.89
C HIS F 406 -31.64 -0.37 26.30
N VAL F 407 -30.66 -1.27 26.22
CA VAL F 407 -30.81 -2.49 25.44
C VAL F 407 -31.10 -3.72 26.29
N GLY F 408 -30.94 -3.63 27.62
CA GLY F 408 -31.16 -4.75 28.50
C GLY F 408 -29.97 -5.07 29.39
N ALA F 409 -28.76 -4.98 28.86
CA ALA F 409 -27.58 -4.93 29.72
C ALA F 409 -27.46 -3.54 30.33
N ASP F 410 -27.78 -2.50 29.57
CA ASP F 410 -27.79 -1.15 30.10
C ASP F 410 -28.78 -1.02 31.24
N LEU F 411 -29.87 -1.79 31.19
CA LEU F 411 -30.85 -1.76 32.27
C LEU F 411 -30.30 -2.38 33.54
N ALA F 412 -29.58 -3.49 33.42
CA ALA F 412 -28.95 -4.09 34.60
C ALA F 412 -27.88 -3.17 35.18
N ALA F 413 -27.12 -2.52 34.30
CA ALA F 413 -26.17 -1.51 34.77
C ALA F 413 -26.88 -0.38 35.49
N LEU F 414 -28.04 0.03 34.96
CA LEU F 414 -28.83 1.07 35.61
C LEU F 414 -29.25 0.65 37.01
N CYS F 415 -29.73 -0.59 37.15
CA CYS F 415 -30.15 -1.07 38.46
C CYS F 415 -28.97 -1.11 39.42
N SER F 416 -27.80 -1.55 38.95
CA SER F 416 -26.63 -1.59 39.83
C SER F 416 -26.22 -0.19 40.27
N GLU F 417 -26.26 0.77 39.34
CA GLU F 417 -25.96 2.15 39.71
C GLU F 417 -26.98 2.69 40.71
N ALA F 418 -28.25 2.30 40.56
CA ALA F 418 -29.27 2.70 41.52
C ALA F 418 -28.96 2.17 42.91
N ALA F 419 -28.56 0.90 42.99
CA ALA F 419 -28.20 0.34 44.29
C ALA F 419 -26.99 1.05 44.87
N LEU F 420 -26.02 1.39 44.02
CA LEU F 420 -24.84 2.11 44.52
C LEU F 420 -25.24 3.49 45.04
N GLN F 421 -26.18 4.15 44.37
CA GLN F 421 -26.66 5.44 44.85
C GLN F 421 -27.36 5.29 46.20
N ALA F 422 -28.14 4.21 46.35
CA ALA F 422 -28.77 3.94 47.63
C ALA F 422 -27.73 3.75 48.73
N ILE F 423 -26.64 3.05 48.41
CA ILE F 423 -25.57 2.88 49.40
C ILE F 423 -24.92 4.22 49.72
N ARG F 424 -24.71 5.06 48.69
CA ARG F 424 -24.15 6.38 48.91
C ARG F 424 -25.03 7.22 49.83
N LYS F 425 -26.35 7.00 49.78
CA LYS F 425 -27.24 7.74 50.66
C LYS F 425 -27.00 7.37 52.12
N LYS F 426 -26.76 6.08 52.40
CA LYS F 426 -26.46 5.61 53.74
C LYS F 426 -24.97 5.65 54.07
N MET F 427 -24.16 6.35 53.27
CA MET F 427 -22.72 6.27 53.44
C MET F 427 -22.27 6.94 54.73
N ASP F 428 -23.00 7.95 55.19
CA ASP F 428 -22.61 8.61 56.44
C ASP F 428 -22.67 7.64 57.61
N LEU F 429 -23.73 6.83 57.69
CA LEU F 429 -23.86 5.88 58.79
C LEU F 429 -22.79 4.80 58.73
N ILE F 430 -22.50 4.31 57.53
CA ILE F 430 -21.63 3.15 57.39
C ILE F 430 -20.18 3.55 57.61
N ASP F 431 -19.41 2.66 58.22
CA ASP F 431 -17.99 2.85 58.44
C ASP F 431 -17.22 1.91 57.52
N LEU F 432 -16.33 2.48 56.71
CA LEU F 432 -15.44 1.64 55.90
C LEU F 432 -14.46 0.88 56.78
N GLU F 433 -14.01 1.51 57.87
CA GLU F 433 -13.06 0.85 58.76
C GLU F 433 -13.72 -0.31 59.49
N ASP F 434 -14.97 -0.15 59.91
CA ASP F 434 -15.63 -1.18 60.71
C ASP F 434 -15.75 -2.47 59.93
N GLU F 435 -15.43 -3.58 60.61
CA GLU F 435 -15.39 -4.88 59.94
C GLU F 435 -16.79 -5.40 59.65
N THR F 436 -17.76 -5.10 60.51
CA THR F 436 -19.13 -5.55 60.36
C THR F 436 -20.07 -4.38 60.56
N ILE F 437 -21.14 -4.32 59.77
CA ILE F 437 -22.04 -3.16 59.81
C ILE F 437 -23.22 -3.46 60.74
N ASP F 438 -23.80 -2.39 61.27
CA ASP F 438 -25.01 -2.50 62.08
C ASP F 438 -26.15 -3.09 61.26
N ALA F 439 -27.01 -3.85 61.91
CA ALA F 439 -28.11 -4.51 61.21
C ALA F 439 -29.20 -3.51 60.82
N GLU F 440 -29.33 -2.42 61.58
CA GLU F 440 -30.40 -1.47 61.32
C GLU F 440 -30.24 -0.80 59.97
N VAL F 441 -29.03 -0.38 59.63
CA VAL F 441 -28.81 0.24 58.32
C VAL F 441 -28.93 -0.80 57.22
N MET F 442 -28.57 -2.06 57.53
CA MET F 442 -28.73 -3.13 56.55
C MET F 442 -30.20 -3.33 56.20
N ASN F 443 -31.07 -3.32 57.20
CA ASN F 443 -32.49 -3.48 56.93
C ASN F 443 -33.10 -2.20 56.38
N SER F 444 -32.49 -1.06 56.70
CA SER F 444 -33.03 0.22 56.23
C SER F 444 -32.58 0.54 54.81
N LEU F 445 -31.63 -0.23 54.28
CA LEU F 445 -31.18 -0.01 52.91
C LEU F 445 -32.28 -0.35 51.93
N ALA F 446 -32.60 0.59 51.04
CA ALA F 446 -33.66 0.38 50.08
C ALA F 446 -33.41 1.27 48.88
N VAL F 447 -33.88 0.83 47.72
CA VAL F 447 -33.69 1.55 46.47
C VAL F 447 -34.94 2.36 46.20
N THR F 448 -34.83 3.68 46.36
CA THR F 448 -35.95 4.57 46.15
C THR F 448 -35.98 5.04 44.70
N MET F 449 -36.82 6.05 44.43
CA MET F 449 -37.01 6.48 43.04
C MET F 449 -36.06 7.61 42.66
N ASP F 450 -35.68 8.45 43.64
CA ASP F 450 -34.65 9.44 43.35
C ASP F 450 -33.33 8.78 43.01
N ASP F 451 -33.12 7.57 43.54
CA ASP F 451 -31.99 6.76 43.08
C ASP F 451 -32.09 6.51 41.59
N PHE F 452 -33.29 6.24 41.09
CA PHE F 452 -33.46 5.99 39.66
C PHE F 452 -33.37 7.27 38.86
N ARG F 453 -33.77 8.40 39.44
CA ARG F 453 -33.45 9.70 38.83
C ARG F 453 -31.96 9.84 38.60
N TRP F 454 -31.16 9.62 39.65
CA TRP F 454 -29.71 9.70 39.53
C TRP F 454 -29.20 8.70 38.51
N ALA F 455 -29.73 7.47 38.54
CA ALA F 455 -29.24 6.42 37.65
C ALA F 455 -29.51 6.77 36.19
N LEU F 456 -30.71 7.27 35.88
CA LEU F 456 -30.99 7.73 34.52
C LEU F 456 -30.08 8.89 34.15
N SER F 457 -29.83 9.79 35.10
CA SER F 457 -28.96 10.93 34.83
C SER F 457 -27.56 10.49 34.44
N GLN F 458 -27.03 9.47 35.13
CA GLN F 458 -25.64 9.07 34.87
C GLN F 458 -25.53 8.19 33.64
N SER F 459 -26.51 7.35 33.37
CA SER F 459 -26.36 6.33 32.34
C SER F 459 -26.42 6.94 30.95
N ASN F 460 -25.68 6.33 30.02
CA ASN F 460 -25.73 6.69 28.61
C ASN F 460 -26.04 5.44 27.80
N PRO F 461 -27.21 5.37 27.16
CA PRO F 461 -27.57 4.17 26.40
C PRO F 461 -26.62 3.92 25.24
N SER F 462 -26.50 2.65 24.86
CA SER F 462 -25.64 2.25 23.75
C SER F 462 -26.44 2.20 22.44
N PRO F 472 -35.04 17.07 12.01
CA PRO F 472 -34.10 17.94 12.74
C PRO F 472 -34.69 18.43 14.05
N GLN F 473 -34.03 19.44 14.64
CA GLN F 473 -34.51 20.00 15.89
C GLN F 473 -35.70 20.92 15.67
N VAL F 474 -35.78 21.55 14.48
CA VAL F 474 -36.79 22.57 14.25
C VAL F 474 -38.15 21.93 14.06
N THR F 475 -39.11 22.38 14.86
CA THR F 475 -40.49 21.95 14.78
C THR F 475 -41.31 23.18 14.42
N TRP F 476 -42.57 22.97 14.01
CA TRP F 476 -43.41 24.10 13.61
C TRP F 476 -43.53 25.14 14.71
N GLU F 477 -43.67 24.70 15.96
CA GLU F 477 -43.85 25.66 17.05
C GLU F 477 -42.64 26.57 17.19
N ASP F 478 -41.47 26.13 16.72
CA ASP F 478 -40.31 27.00 16.66
C ASP F 478 -40.52 28.12 15.64
N ILE F 479 -41.18 27.82 14.53
CA ILE F 479 -41.53 28.87 13.57
C ILE F 479 -42.65 29.72 14.15
N GLY F 480 -42.45 31.04 14.12
CA GLY F 480 -43.44 31.99 14.58
C GLY F 480 -44.09 32.68 13.39
N GLY F 481 -45.43 32.69 13.41
CA GLY F 481 -46.15 33.30 12.32
C GLY F 481 -46.11 32.43 11.07
N LEU F 482 -46.58 33.02 9.97
CA LEU F 482 -46.64 32.36 8.67
C LEU F 482 -47.42 31.04 8.75
N GLU F 483 -48.66 31.14 9.25
CA GLU F 483 -49.44 29.94 9.55
C GLU F 483 -49.93 29.25 8.29
N ASP F 484 -50.48 30.00 7.34
CA ASP F 484 -51.12 29.39 6.18
C ASP F 484 -50.15 28.53 5.37
N VAL F 485 -48.88 28.96 5.29
CA VAL F 485 -47.88 28.13 4.63
C VAL F 485 -47.73 26.80 5.35
N LYS F 486 -47.71 26.82 6.68
CA LYS F 486 -47.61 25.58 7.45
C LYS F 486 -48.81 24.69 7.19
N ARG F 487 -50.01 25.27 7.16
CA ARG F 487 -51.21 24.47 6.91
C ARG F 487 -51.14 23.81 5.55
N GLU F 488 -50.71 24.56 4.53
CA GLU F 488 -50.62 23.98 3.19
C GLU F 488 -49.62 22.82 3.13
N LEU F 489 -48.47 22.97 3.79
CA LEU F 489 -47.47 21.89 3.81
C LEU F 489 -48.02 20.65 4.50
N GLN F 490 -48.62 20.83 5.67
CA GLN F 490 -49.15 19.69 6.41
C GLN F 490 -50.23 18.98 5.60
N GLU F 491 -51.08 19.76 4.91
CA GLU F 491 -52.07 19.15 4.04
C GLU F 491 -51.40 18.34 2.94
N LEU F 492 -50.45 18.94 2.22
CA LEU F 492 -49.81 18.26 1.10
C LEU F 492 -49.11 16.98 1.55
N VAL F 493 -48.68 16.94 2.81
CA VAL F 493 -47.95 15.76 3.30
C VAL F 493 -48.92 14.67 3.75
N GLN F 494 -49.91 15.03 4.57
CA GLN F 494 -50.76 14.00 5.16
C GLN F 494 -51.78 13.47 4.16
N TYR F 495 -52.22 14.29 3.20
CA TYR F 495 -53.34 13.90 2.35
C TYR F 495 -53.12 12.61 1.56
N PRO F 496 -51.98 12.38 0.90
CA PRO F 496 -51.84 11.10 0.16
C PRO F 496 -51.94 9.87 1.06
N VAL F 497 -51.39 9.94 2.28
CA VAL F 497 -51.37 8.77 3.15
C VAL F 497 -52.75 8.50 3.73
N GLU F 498 -53.49 9.55 4.08
CA GLU F 498 -54.77 9.35 4.77
C GLU F 498 -55.78 8.65 3.86
N HIS F 499 -55.88 9.06 2.59
CA HIS F 499 -56.89 8.55 1.67
C HIS F 499 -56.30 8.25 0.31
N PRO F 500 -55.47 7.21 0.20
CA PRO F 500 -54.95 6.81 -1.12
C PRO F 500 -56.04 6.34 -2.07
N ASP F 501 -57.18 5.88 -1.54
CA ASP F 501 -58.26 5.44 -2.43
C ASP F 501 -58.89 6.61 -3.17
N LYS F 502 -58.88 7.81 -2.56
CA LYS F 502 -59.34 8.99 -3.27
C LYS F 502 -58.41 9.33 -4.43
N PHE F 503 -57.10 9.17 -4.23
CA PHE F 503 -56.16 9.34 -5.33
C PHE F 503 -56.39 8.31 -6.42
N LEU F 504 -56.52 7.03 -6.05
CA LEU F 504 -56.70 5.97 -7.02
C LEU F 504 -58.02 6.14 -7.80
N LYS F 505 -59.05 6.66 -7.12
CA LYS F 505 -60.34 6.82 -7.76
C LYS F 505 -60.30 7.88 -8.87
N PHE F 506 -59.55 8.96 -8.63
CA PHE F 506 -59.46 10.06 -9.59
C PHE F 506 -58.26 9.95 -10.51
N GLY F 507 -57.57 8.80 -10.51
CA GLY F 507 -56.47 8.55 -11.42
C GLY F 507 -55.33 9.53 -11.25
N MET F 508 -54.93 9.78 -10.01
CA MET F 508 -53.91 10.77 -9.69
C MET F 508 -52.76 10.10 -8.92
N THR F 509 -51.55 10.47 -9.29
CA THR F 509 -50.34 10.03 -8.61
C THR F 509 -49.78 11.20 -7.81
N PRO F 510 -49.46 11.01 -6.53
CA PRO F 510 -49.22 12.15 -5.65
C PRO F 510 -48.09 13.03 -6.15
N SER F 511 -48.25 14.34 -5.95
CA SER F 511 -47.22 15.30 -6.33
C SER F 511 -46.23 15.44 -5.19
N LYS F 512 -45.01 14.97 -5.42
CA LYS F 512 -43.95 14.97 -4.42
C LYS F 512 -42.95 16.10 -4.61
N GLY F 513 -43.33 17.18 -5.27
CA GLY F 513 -42.48 18.36 -5.40
C GLY F 513 -43.15 19.57 -4.80
N VAL F 514 -42.34 20.44 -4.19
CA VAL F 514 -42.81 21.73 -3.69
C VAL F 514 -41.73 22.77 -3.91
N LEU F 515 -42.15 23.97 -4.28
CA LEU F 515 -41.25 25.09 -4.55
C LEU F 515 -41.48 26.19 -3.51
N PHE F 516 -40.41 26.55 -2.81
CA PHE F 516 -40.44 27.63 -1.83
C PHE F 516 -39.72 28.82 -2.43
N TYR F 517 -40.25 30.02 -2.23
CA TYR F 517 -39.56 31.22 -2.67
C TYR F 517 -39.98 32.40 -1.82
N GLY F 518 -39.05 33.28 -1.55
CA GLY F 518 -39.32 34.47 -0.81
C GLY F 518 -38.09 35.31 -0.61
N PRO F 519 -38.27 36.50 -0.03
CA PRO F 519 -37.11 37.26 0.41
C PRO F 519 -36.31 36.47 1.42
N PRO F 520 -34.98 36.63 1.42
CA PRO F 520 -34.14 35.75 2.25
C PRO F 520 -34.44 35.87 3.73
N GLY F 521 -34.31 34.74 4.43
CA GLY F 521 -34.50 34.70 5.87
C GLY F 521 -35.94 34.54 6.32
N CYS F 522 -36.83 34.06 5.47
CA CYS F 522 -38.25 33.99 5.80
C CYS F 522 -38.69 32.59 6.23
N GLY F 523 -37.75 31.72 6.59
CA GLY F 523 -38.10 30.45 7.20
C GLY F 523 -38.35 29.31 6.25
N LYS F 524 -37.95 29.45 4.98
CA LYS F 524 -38.14 28.37 4.01
C LYS F 524 -37.37 27.12 4.45
N THR F 525 -36.11 27.30 4.84
CA THR F 525 -35.32 26.17 5.32
C THR F 525 -35.90 25.59 6.60
N LEU F 526 -36.33 26.46 7.52
CA LEU F 526 -36.96 26.00 8.75
C LEU F 526 -38.26 25.25 8.46
N LEU F 527 -39.04 25.75 7.51
CA LEU F 527 -40.25 25.04 7.12
C LEU F 527 -39.91 23.66 6.57
N ALA F 528 -38.86 23.57 5.75
CA ALA F 528 -38.43 22.29 5.22
C ALA F 528 -38.00 21.33 6.34
N LYS F 529 -37.25 21.84 7.32
CA LYS F 529 -36.81 21.01 8.44
C LYS F 529 -38.00 20.50 9.23
N ALA F 530 -38.96 21.38 9.52
CA ALA F 530 -40.12 20.98 10.31
C ALA F 530 -40.98 19.98 9.56
N ILE F 531 -41.14 20.16 8.25
CA ILE F 531 -41.95 19.21 7.50
C ILE F 531 -41.24 17.87 7.39
N ALA F 532 -39.90 17.89 7.35
CA ALA F 532 -39.13 16.65 7.41
C ALA F 532 -39.38 15.94 8.73
N ASN F 533 -39.41 16.69 9.84
CA ASN F 533 -39.73 16.08 11.12
C ASN F 533 -41.13 15.49 11.12
N GLU F 534 -42.11 16.23 10.61
CA GLU F 534 -43.50 15.78 10.66
C GLU F 534 -43.73 14.55 9.80
N CYS F 535 -43.10 14.51 8.62
CA CYS F 535 -43.25 13.33 7.76
C CYS F 535 -42.46 12.14 8.30
N GLN F 536 -41.59 12.39 9.29
CA GLN F 536 -40.72 11.35 9.85
C GLN F 536 -39.90 10.67 8.77
N ALA F 537 -39.05 11.44 8.10
CA ALA F 537 -38.13 10.93 7.10
C ALA F 537 -36.83 11.72 7.15
N ASN F 538 -35.77 11.12 6.63
CA ASN F 538 -34.46 11.76 6.67
C ASN F 538 -34.45 13.02 5.82
N PHE F 539 -33.66 13.99 6.23
CA PHE F 539 -33.57 15.30 5.57
C PHE F 539 -32.16 15.53 5.06
N ILE F 540 -32.04 15.89 3.79
CA ILE F 540 -30.77 16.25 3.18
C ILE F 540 -30.93 17.62 2.53
N SER F 541 -30.05 18.55 2.88
CA SER F 541 -30.11 19.92 2.38
C SER F 541 -28.90 20.19 1.51
N ILE F 542 -29.16 20.76 0.33
CA ILE F 542 -28.11 21.10 -0.64
C ILE F 542 -28.26 22.58 -1.01
N LYS F 543 -27.14 23.29 -1.04
CA LYS F 543 -27.14 24.69 -1.41
C LYS F 543 -27.07 24.84 -2.93
N GLY F 544 -27.09 26.09 -3.38
CA GLY F 544 -27.01 26.41 -4.79
C GLY F 544 -25.65 26.09 -5.39
N PRO F 545 -24.60 26.77 -4.91
CA PRO F 545 -23.23 26.47 -5.36
C PRO F 545 -22.54 25.44 -4.47
N ASN F 558 -21.89 14.91 -9.22
CA ASN F 558 -22.58 13.77 -8.62
C ASN F 558 -23.92 14.16 -8.00
N VAL F 559 -24.73 14.93 -8.72
CA VAL F 559 -26.12 15.14 -8.28
C VAL F 559 -26.91 13.86 -8.45
N ARG F 560 -26.57 13.06 -9.47
CA ARG F 560 -27.11 11.71 -9.57
C ARG F 560 -26.81 10.92 -8.31
N GLU F 561 -25.62 11.11 -7.75
CA GLU F 561 -25.30 10.48 -6.47
C GLU F 561 -26.21 11.02 -5.36
N ILE F 562 -26.57 12.30 -5.42
CA ILE F 562 -27.49 12.84 -4.42
C ILE F 562 -28.82 12.10 -4.48
N PHE F 563 -29.37 11.96 -5.69
CA PHE F 563 -30.68 11.30 -5.81
C PHE F 563 -30.59 9.83 -5.44
N ASP F 564 -29.49 9.15 -5.79
CA ASP F 564 -29.35 7.75 -5.43
C ASP F 564 -29.19 7.58 -3.92
N LYS F 565 -28.50 8.52 -3.26
CA LYS F 565 -28.38 8.47 -1.81
C LYS F 565 -29.73 8.70 -1.15
N ALA F 566 -30.56 9.56 -1.75
CA ALA F 566 -31.94 9.66 -1.29
C ALA F 566 -32.67 8.33 -1.47
N ARG F 567 -32.46 7.66 -2.61
CA ARG F 567 -33.17 6.42 -2.89
C ARG F 567 -32.79 5.32 -1.90
N GLN F 568 -31.51 5.19 -1.60
CA GLN F 568 -31.09 4.22 -0.57
C GLN F 568 -31.66 4.60 0.79
N ALA F 569 -31.68 5.89 1.10
CA ALA F 569 -32.20 6.41 2.35
C ALA F 569 -33.70 6.66 2.30
N ALA F 570 -34.44 5.92 1.49
CA ALA F 570 -35.89 6.01 1.51
C ALA F 570 -36.42 5.47 2.85
N PRO F 571 -37.37 6.18 3.49
CA PRO F 571 -37.93 7.48 3.10
C PRO F 571 -36.99 8.64 3.44
N CYS F 572 -37.01 9.67 2.62
CA CYS F 572 -36.12 10.81 2.80
C CYS F 572 -36.80 12.09 2.36
N VAL F 573 -36.18 13.21 2.71
CA VAL F 573 -36.59 14.53 2.24
C VAL F 573 -35.36 15.22 1.65
N LEU F 574 -35.51 15.77 0.45
CA LEU F 574 -34.43 16.44 -0.25
C LEU F 574 -34.77 17.92 -0.37
N PHE F 575 -33.84 18.78 0.03
CA PHE F 575 -34.06 20.22 -0.01
C PHE F 575 -33.01 20.85 -0.92
N PHE F 576 -33.46 21.70 -1.82
CA PHE F 576 -32.58 22.41 -2.74
C PHE F 576 -32.66 23.90 -2.45
N ASP F 577 -31.51 24.51 -2.15
CA ASP F 577 -31.45 25.90 -1.76
C ASP F 577 -30.96 26.75 -2.93
N GLN F 578 -31.47 27.98 -3.01
CA GLN F 578 -31.14 28.94 -4.07
C GLN F 578 -30.99 28.24 -5.42
N LEU F 579 -32.06 27.58 -5.86
CA LEU F 579 -32.03 26.88 -7.13
C LEU F 579 -31.76 27.83 -8.29
N ASP F 580 -32.04 29.11 -8.11
CA ASP F 580 -31.74 30.08 -9.15
C ASP F 580 -30.25 30.16 -9.41
N SER F 581 -29.43 29.97 -8.36
CA SER F 581 -27.99 29.90 -8.56
C SER F 581 -27.61 28.73 -9.45
N ILE F 582 -28.25 27.57 -9.24
CA ILE F 582 -28.04 26.44 -10.14
C ILE F 582 -28.47 26.79 -11.55
N ALA F 583 -29.64 27.42 -11.70
CA ALA F 583 -30.17 27.76 -13.01
C ALA F 583 -29.68 29.13 -13.47
N ALA F 596 -29.52 29.02 -21.52
CA ALA F 596 -30.88 28.62 -21.18
C ALA F 596 -30.89 27.34 -20.34
N ALA F 597 -29.98 26.42 -20.69
CA ALA F 597 -29.88 25.14 -20.02
C ALA F 597 -28.42 24.68 -19.98
N ASP F 598 -28.11 23.76 -19.07
CA ASP F 598 -26.76 23.32 -18.85
C ASP F 598 -26.74 21.84 -18.50
N ARG F 599 -25.53 21.32 -18.26
CA ARG F 599 -25.39 19.89 -17.97
C ARG F 599 -25.93 19.56 -16.59
N VAL F 600 -25.65 20.42 -15.61
CA VAL F 600 -26.06 20.14 -14.23
C VAL F 600 -27.57 20.15 -14.11
N ILE F 601 -28.22 21.17 -14.64
CA ILE F 601 -29.67 21.26 -14.49
C ILE F 601 -30.35 20.14 -15.29
N ASN F 602 -29.79 19.80 -16.44
CA ASN F 602 -30.38 18.71 -17.20
C ASN F 602 -30.20 17.38 -16.48
N GLN F 603 -29.07 17.21 -15.79
CA GLN F 603 -28.87 16.01 -14.99
C GLN F 603 -29.88 15.93 -13.85
N ILE F 604 -30.13 17.05 -13.16
CA ILE F 604 -31.10 17.01 -12.07
C ILE F 604 -32.51 16.78 -12.61
N LEU F 605 -32.84 17.36 -13.77
CA LEU F 605 -34.13 17.08 -14.41
C LEU F 605 -34.28 15.61 -14.76
N THR F 606 -33.25 15.00 -15.35
CA THR F 606 -33.34 13.58 -15.68
C THR F 606 -33.53 12.73 -14.43
N GLU F 607 -32.70 12.96 -13.40
CA GLU F 607 -32.80 12.14 -12.19
C GLU F 607 -34.13 12.36 -11.48
N MET F 608 -34.67 13.57 -11.56
CA MET F 608 -35.93 13.87 -10.87
C MET F 608 -37.13 13.33 -11.63
N ASP F 609 -37.08 13.36 -12.96
CA ASP F 609 -38.12 12.68 -13.72
C ASP F 609 -38.09 11.19 -13.44
N GLY F 610 -36.90 10.61 -13.27
CA GLY F 610 -36.81 9.22 -12.85
C GLY F 610 -37.39 9.01 -11.47
N MET F 611 -37.06 9.90 -10.53
CA MET F 611 -37.55 9.88 -9.16
C MET F 611 -39.07 9.92 -9.06
N SER F 612 -39.74 10.68 -9.94
CA SER F 612 -41.18 10.93 -9.78
C SER F 612 -41.97 9.64 -9.53
N THR F 613 -41.43 8.49 -9.95
CA THR F 613 -42.04 7.20 -9.61
C THR F 613 -42.02 6.95 -8.11
N LYS F 614 -40.93 7.33 -7.44
CA LYS F 614 -40.73 7.08 -6.00
C LYS F 614 -41.57 8.07 -5.20
N LYS F 615 -42.67 7.56 -4.64
CA LYS F 615 -43.61 8.40 -3.92
C LYS F 615 -43.18 8.65 -2.48
N ASN F 616 -42.38 7.75 -1.91
CA ASN F 616 -42.07 7.85 -0.49
C ASN F 616 -41.14 9.01 -0.18
N VAL F 617 -40.12 9.23 -1.01
CA VAL F 617 -39.16 10.27 -0.71
C VAL F 617 -39.64 11.60 -1.28
N PHE F 618 -39.44 12.67 -0.51
CA PHE F 618 -39.97 13.98 -0.85
C PHE F 618 -38.82 14.91 -1.20
N ILE F 619 -39.07 15.83 -2.13
CA ILE F 619 -38.09 16.82 -2.56
C ILE F 619 -38.65 18.21 -2.33
N ILE F 620 -37.85 19.09 -1.73
CA ILE F 620 -38.23 20.45 -1.42
C ILE F 620 -37.28 21.37 -2.17
N GLY F 621 -37.80 22.46 -2.72
CA GLY F 621 -36.99 23.42 -3.44
C GLY F 621 -37.22 24.82 -2.94
N ALA F 622 -36.15 25.61 -2.89
CA ALA F 622 -36.21 27.01 -2.49
C ALA F 622 -35.34 27.85 -3.41
N THR F 623 -35.91 28.93 -3.97
CA THR F 623 -35.18 29.85 -4.81
C THR F 623 -35.39 31.28 -4.31
N ASN F 624 -34.31 32.06 -4.30
CA ASN F 624 -34.40 33.42 -3.78
C ASN F 624 -35.13 34.33 -4.76
N ARG F 625 -34.79 34.24 -6.05
CA ARG F 625 -35.47 34.99 -7.09
C ARG F 625 -36.04 33.99 -8.09
N PRO F 626 -37.34 33.76 -8.09
CA PRO F 626 -37.89 32.65 -8.90
C PRO F 626 -37.92 32.92 -10.39
N ASP F 627 -37.78 34.17 -10.82
CA ASP F 627 -37.92 34.48 -12.24
C ASP F 627 -36.84 33.79 -13.07
N ILE F 628 -35.60 33.74 -12.55
CA ILE F 628 -34.49 33.17 -13.29
C ILE F 628 -34.34 31.66 -13.07
N ILE F 629 -35.30 31.02 -12.41
CA ILE F 629 -35.22 29.58 -12.22
C ILE F 629 -35.68 28.88 -13.50
N ASP F 630 -35.47 27.57 -13.56
CA ASP F 630 -35.90 26.80 -14.72
C ASP F 630 -37.41 26.71 -14.76
N PRO F 631 -38.06 27.19 -15.82
CA PRO F 631 -39.51 26.94 -15.97
C PRO F 631 -39.84 25.47 -16.14
N ALA F 632 -38.87 24.65 -16.56
CA ALA F 632 -39.09 23.21 -16.62
C ALA F 632 -39.31 22.64 -15.23
N ILE F 633 -38.58 23.16 -14.24
CA ILE F 633 -38.79 22.72 -12.86
C ILE F 633 -40.19 23.11 -12.41
N LEU F 634 -40.64 24.30 -12.81
CA LEU F 634 -41.96 24.79 -12.44
C LEU F 634 -43.06 23.91 -13.01
N ARG F 635 -42.80 23.26 -14.14
CA ARG F 635 -43.84 22.56 -14.88
C ARG F 635 -44.43 21.40 -14.07
N PRO F 636 -45.75 21.26 -14.05
CA PRO F 636 -46.37 20.13 -13.35
C PRO F 636 -45.90 18.79 -13.91
N GLY F 637 -45.78 17.82 -13.01
CA GLY F 637 -45.12 16.57 -13.29
C GLY F 637 -43.73 16.46 -12.70
N ARG F 638 -43.07 17.60 -12.45
CA ARG F 638 -41.84 17.59 -11.69
C ARG F 638 -42.03 18.27 -10.34
N LEU F 639 -42.39 19.56 -10.38
CA LEU F 639 -42.65 20.37 -9.19
C LEU F 639 -43.81 21.31 -9.50
N ASP F 640 -45.03 20.87 -9.16
CA ASP F 640 -46.21 21.66 -9.51
C ASP F 640 -46.69 22.51 -8.34
N GLN F 641 -46.39 22.10 -7.10
CA GLN F 641 -46.70 22.95 -5.96
C GLN F 641 -45.70 24.08 -5.84
N LEU F 642 -46.22 25.29 -5.66
CA LEU F 642 -45.45 26.52 -5.78
C LEU F 642 -45.94 27.50 -4.72
N ILE F 643 -45.10 27.81 -3.74
CA ILE F 643 -45.57 28.38 -2.48
C ILE F 643 -44.76 29.63 -2.16
N TYR F 644 -45.46 30.68 -1.73
CA TYR F 644 -44.85 31.96 -1.40
C TYR F 644 -44.75 32.11 0.12
N ILE F 645 -43.66 32.70 0.58
CA ILE F 645 -43.47 33.02 1.99
C ILE F 645 -43.28 34.53 2.11
N PRO F 646 -44.28 35.28 2.54
CA PRO F 646 -44.13 36.73 2.67
C PRO F 646 -43.28 37.11 3.88
N LEU F 647 -43.04 38.40 4.00
CA LEU F 647 -42.48 38.93 5.22
C LEU F 647 -43.49 38.75 6.36
N PRO F 648 -43.03 38.42 7.56
CA PRO F 648 -43.96 38.32 8.71
C PRO F 648 -44.67 39.64 8.95
N ASP F 649 -45.89 39.55 9.48
CA ASP F 649 -46.65 40.73 9.86
C ASP F 649 -46.48 41.01 11.35
N GLU F 650 -47.19 42.02 11.84
CA GLU F 650 -47.01 42.45 13.24
C GLU F 650 -47.27 41.30 14.20
N LYS F 651 -48.34 40.54 13.98
CA LYS F 651 -48.55 39.33 14.76
C LYS F 651 -47.43 38.33 14.53
N SER F 652 -46.98 38.18 13.28
CA SER F 652 -45.90 37.24 12.99
C SER F 652 -44.56 37.77 13.48
N ARG F 653 -44.35 39.09 13.47
CA ARG F 653 -43.16 39.66 14.08
C ARG F 653 -43.11 39.39 15.58
N VAL F 654 -44.25 39.58 16.26
CA VAL F 654 -44.32 39.26 17.68
C VAL F 654 -44.11 37.77 17.90
N ALA F 655 -44.64 36.93 17.01
CA ALA F 655 -44.45 35.49 17.14
C ALA F 655 -42.98 35.11 17.02
N ILE F 656 -42.28 35.70 16.05
CA ILE F 656 -40.86 35.41 15.88
C ILE F 656 -40.07 35.86 17.10
N LEU F 657 -40.37 37.07 17.60
CA LEU F 657 -39.67 37.54 18.79
C LEU F 657 -39.93 36.64 20.00
N LYS F 658 -41.18 36.18 20.15
CA LYS F 658 -41.48 35.27 21.25
C LYS F 658 -40.73 33.96 21.11
N ALA F 659 -40.70 33.40 19.90
CA ALA F 659 -40.00 32.13 19.69
C ALA F 659 -38.51 32.29 19.98
N ASN F 660 -37.93 33.43 19.60
CA ASN F 660 -36.52 33.67 19.86
C ASN F 660 -36.25 33.87 21.35
N LEU F 661 -37.11 34.63 22.02
CA LEU F 661 -36.90 35.04 23.40
C LEU F 661 -37.48 34.04 24.38
N ARG F 662 -37.98 32.90 23.90
CA ARG F 662 -38.40 31.84 24.81
C ARG F 662 -37.20 31.27 25.56
N LYS F 663 -36.06 31.17 24.88
CA LYS F 663 -34.85 30.69 25.56
C LYS F 663 -34.27 31.75 26.49
N SER F 664 -34.29 33.02 26.06
CA SER F 664 -33.63 34.10 26.77
C SER F 664 -34.62 34.90 27.58
N PRO F 665 -34.52 34.90 28.91
CA PRO F 665 -35.48 35.66 29.72
C PRO F 665 -35.29 37.16 29.52
N VAL F 666 -36.41 37.86 29.29
CA VAL F 666 -36.40 39.29 29.01
C VAL F 666 -37.05 40.03 30.17
N ALA F 667 -36.62 41.29 30.34
CA ALA F 667 -37.17 42.11 31.41
C ALA F 667 -38.64 42.43 31.15
N LYS F 668 -39.32 42.88 32.19
CA LYS F 668 -40.75 43.14 32.06
C LYS F 668 -41.01 44.44 31.31
N ASP F 669 -40.05 45.36 31.36
CA ASP F 669 -40.28 46.68 30.76
C ASP F 669 -40.23 46.62 29.25
N VAL F 670 -39.53 45.64 28.67
CA VAL F 670 -39.48 45.53 27.23
C VAL F 670 -40.85 45.11 26.71
N ASP F 671 -41.21 45.59 25.53
CA ASP F 671 -42.50 45.28 24.92
C ASP F 671 -42.27 44.68 23.53
N LEU F 672 -42.70 43.42 23.38
CA LEU F 672 -42.50 42.71 22.11
C LEU F 672 -43.24 43.39 20.98
N GLU F 673 -44.47 43.82 21.22
CA GLU F 673 -45.26 44.49 20.19
C GLU F 673 -44.61 45.81 19.78
N PHE F 674 -44.00 46.51 20.73
CA PHE F 674 -43.33 47.76 20.41
C PHE F 674 -42.14 47.49 19.49
N LEU F 675 -41.37 46.43 19.79
CA LEU F 675 -40.26 46.04 18.94
C LEU F 675 -40.75 45.66 17.54
N ALA F 676 -41.85 44.91 17.47
CA ALA F 676 -42.44 44.57 16.19
C ALA F 676 -42.86 45.83 15.43
N LYS F 677 -43.32 46.85 16.15
CA LYS F 677 -43.65 48.12 15.52
C LYS F 677 -42.40 48.78 14.94
N MET F 678 -41.27 48.70 15.66
CA MET F 678 -40.03 49.23 15.08
C MET F 678 -39.64 48.46 13.82
N THR F 679 -39.78 47.14 13.84
CA THR F 679 -39.37 46.28 12.72
C THR F 679 -40.50 46.12 11.71
N ASN F 680 -40.72 47.19 10.93
CA ASN F 680 -41.82 47.21 9.98
C ASN F 680 -41.52 46.33 8.77
N GLY F 681 -40.30 46.39 8.24
CA GLY F 681 -39.97 45.63 7.06
C GLY F 681 -38.90 44.60 7.28
N PHE F 682 -38.36 44.55 8.50
CA PHE F 682 -37.25 43.66 8.81
C PHE F 682 -37.69 42.20 8.76
N SER F 683 -36.82 41.35 8.21
CA SER F 683 -37.14 39.95 8.03
C SER F 683 -36.95 39.18 9.33
N GLY F 684 -37.21 37.88 9.28
CA GLY F 684 -37.05 37.05 10.46
C GLY F 684 -35.60 36.97 10.91
N ALA F 685 -34.69 36.82 9.96
CA ALA F 685 -33.28 36.71 10.31
C ALA F 685 -32.78 37.97 11.00
N ASP F 686 -33.25 39.13 10.56
CA ASP F 686 -32.89 40.38 11.23
C ASP F 686 -33.39 40.41 12.66
N LEU F 687 -34.62 39.94 12.90
CA LEU F 687 -35.15 39.90 14.26
C LEU F 687 -34.34 38.95 15.14
N THR F 688 -33.95 37.80 14.58
CA THR F 688 -33.11 36.87 15.34
C THR F 688 -31.76 37.51 15.65
N GLU F 689 -31.16 38.18 14.67
CA GLU F 689 -29.91 38.90 14.92
C GLU F 689 -30.09 39.97 15.98
N ILE F 690 -31.24 40.63 15.99
CA ILE F 690 -31.51 41.68 16.97
C ILE F 690 -31.53 41.10 18.37
N CYS F 691 -32.29 40.02 18.58
CA CYS F 691 -32.36 39.46 19.92
C CYS F 691 -31.01 38.91 20.35
N GLN F 692 -30.25 38.33 19.41
CA GLN F 692 -28.94 37.81 19.74
C GLN F 692 -27.97 38.93 20.12
N ARG F 693 -28.00 40.04 19.39
CA ARG F 693 -27.17 41.19 19.77
C ARG F 693 -27.58 41.73 21.14
N ALA F 694 -28.88 41.83 21.39
CA ALA F 694 -29.32 42.35 22.68
C ALA F 694 -28.84 41.45 23.82
N CYS F 695 -28.92 40.13 23.63
CA CYS F 695 -28.43 39.21 24.65
C CYS F 695 -26.93 39.34 24.82
N LYS F 696 -26.18 39.47 23.72
CA LYS F 696 -24.73 39.62 23.85
C LYS F 696 -24.37 40.87 24.62
N LEU F 697 -25.01 41.99 24.31
CA LEU F 697 -24.72 43.24 25.02
C LEU F 697 -25.14 43.14 26.49
N ALA F 698 -26.22 42.41 26.77
CA ALA F 698 -26.58 42.18 28.17
C ALA F 698 -25.50 41.39 28.89
N ILE F 699 -24.95 40.36 28.23
CA ILE F 699 -23.88 39.58 28.83
C ILE F 699 -22.65 40.45 29.08
N ARG F 700 -22.30 41.30 28.12
CA ARG F 700 -21.17 42.20 28.30
C ARG F 700 -21.41 43.14 29.48
N GLU F 701 -22.62 43.68 29.61
CA GLU F 701 -22.91 44.55 30.74
C GLU F 701 -22.78 43.82 32.07
N SER F 702 -23.31 42.59 32.13
CA SER F 702 -23.24 41.83 33.37
C SER F 702 -21.80 41.52 33.76
N ILE F 703 -20.99 41.12 32.77
CA ILE F 703 -19.59 40.81 33.07
C ILE F 703 -18.83 42.06 33.48
N GLU F 704 -19.13 43.20 32.86
CA GLU F 704 -18.49 44.44 33.29
C GLU F 704 -18.85 44.78 34.72
N SER F 705 -20.13 44.63 35.09
CA SER F 705 -20.52 44.93 36.47
C SER F 705 -19.86 43.99 37.45
N GLU F 706 -19.75 42.71 37.10
CA GLU F 706 -19.03 41.77 37.95
C GLU F 706 -17.56 42.16 38.10
N ILE F 707 -16.95 42.66 37.02
CA ILE F 707 -15.58 43.13 37.10
C ILE F 707 -15.48 44.30 38.06
N ARG F 708 -16.43 45.23 37.99
CA ARG F 708 -16.45 46.33 38.95
C ARG F 708 -16.57 45.81 40.36
N ARG F 709 -17.36 44.76 40.55
CA ARG F 709 -17.53 44.19 41.89
C ARG F 709 -16.23 43.59 42.40
N GLU F 710 -15.48 42.93 41.53
CA GLU F 710 -14.15 42.44 41.90
C GLU F 710 -13.23 43.59 42.26
N ARG F 711 -13.25 44.68 41.46
CA ARG F 711 -12.36 45.81 41.74
C ARG F 711 -12.68 46.44 43.08
N GLU F 712 -13.97 46.59 43.40
CA GLU F 712 -14.33 47.19 44.68
C GLU F 712 -14.00 46.24 45.83
N ARG F 713 -14.08 44.93 45.59
CA ARG F 713 -13.56 43.97 46.57
C ARG F 713 -12.05 44.12 46.73
N GLN F 714 -11.33 44.26 45.62
CA GLN F 714 -9.89 44.44 45.67
C GLN F 714 -9.52 45.85 46.10
N PRO F 727 -25.11 39.82 37.68
CA PRO F 727 -25.70 41.09 38.12
C PRO F 727 -27.12 41.29 37.60
N VAL F 728 -27.24 41.75 36.36
CA VAL F 728 -28.57 41.97 35.80
C VAL F 728 -29.21 40.62 35.48
N PRO F 729 -30.47 40.40 35.84
CA PRO F 729 -31.08 39.09 35.57
C PRO F 729 -31.44 38.88 34.11
N GLU F 730 -32.02 39.88 33.46
CA GLU F 730 -32.56 39.72 32.11
C GLU F 730 -32.17 40.91 31.24
N ILE F 731 -32.52 40.81 29.95
CA ILE F 731 -32.12 41.83 28.99
C ILE F 731 -32.92 43.10 29.23
N ARG F 732 -32.22 44.23 29.30
CA ARG F 732 -32.89 45.53 29.41
C ARG F 732 -33.32 46.01 28.03
N ARG F 733 -34.11 47.09 28.03
CA ARG F 733 -34.67 47.58 26.77
C ARG F 733 -33.65 48.34 25.94
N ASP F 734 -32.70 49.03 26.59
CA ASP F 734 -31.73 49.81 25.85
C ASP F 734 -30.88 48.91 24.95
N HIS F 735 -30.65 47.68 25.38
CA HIS F 735 -29.97 46.73 24.51
C HIS F 735 -30.78 46.49 23.25
N PHE F 736 -32.10 46.38 23.38
CA PHE F 736 -32.94 46.17 22.22
C PHE F 736 -32.98 47.41 21.32
N GLU F 737 -32.89 48.59 21.92
CA GLU F 737 -32.88 49.81 21.12
C GLU F 737 -31.59 49.94 20.32
N GLU F 738 -30.45 49.65 20.95
CA GLU F 738 -29.19 49.69 20.20
C GLU F 738 -29.11 48.55 19.19
N ALA F 739 -29.79 47.42 19.47
CA ALA F 739 -29.87 46.34 18.49
C ALA F 739 -30.73 46.75 17.29
N MET F 740 -31.82 47.48 17.55
CA MET F 740 -32.52 48.16 16.46
C MET F 740 -31.55 48.99 15.64
N ARG F 741 -30.75 49.82 16.30
CA ARG F 741 -29.87 50.74 15.59
C ARG F 741 -28.87 49.99 14.72
N PHE F 742 -28.27 48.91 15.26
CA PHE F 742 -27.23 48.20 14.51
C PHE F 742 -27.82 47.51 13.28
N ALA F 743 -29.04 46.98 13.41
CA ALA F 743 -29.61 46.17 12.35
C ALA F 743 -29.99 47.02 11.13
N ARG F 744 -29.97 46.39 9.96
CA ARG F 744 -30.39 47.00 8.71
C ARG F 744 -31.29 46.05 7.94
N ARG F 745 -32.07 46.62 7.02
CA ARG F 745 -33.04 45.84 6.28
C ARG F 745 -32.35 44.85 5.35
N SER F 746 -32.43 43.56 5.71
CA SER F 746 -31.67 42.54 4.98
C SER F 746 -32.15 42.41 3.54
N VAL F 747 -33.45 42.51 3.32
CA VAL F 747 -34.02 42.38 1.98
C VAL F 747 -34.70 43.69 1.61
N SER F 748 -34.43 44.14 0.38
CA SER F 748 -35.06 45.36 -0.10
C SER F 748 -36.55 45.16 -0.28
N ASP F 749 -37.31 46.25 -0.12
CA ASP F 749 -38.74 46.21 -0.40
C ASP F 749 -39.01 45.93 -1.87
N ASN F 750 -38.09 46.33 -2.74
CA ASN F 750 -38.25 46.10 -4.18
C ASN F 750 -38.24 44.62 -4.51
N ASP F 751 -37.32 43.87 -3.88
CA ASP F 751 -37.30 42.42 -4.07
C ASP F 751 -38.62 41.80 -3.62
N ILE F 752 -39.12 42.25 -2.48
CA ILE F 752 -40.40 41.76 -1.97
C ILE F 752 -41.52 42.07 -2.94
N ARG F 753 -41.49 43.26 -3.55
CA ARG F 753 -42.55 43.64 -4.50
C ARG F 753 -42.51 42.77 -5.75
N LYS F 754 -41.31 42.51 -6.26
CA LYS F 754 -41.20 41.60 -7.41
C LYS F 754 -41.71 40.21 -7.06
N TYR F 755 -41.39 39.73 -5.85
CA TYR F 755 -41.88 38.42 -5.44
C TYR F 755 -43.40 38.43 -5.26
N GLU F 756 -43.94 39.56 -4.79
CA GLU F 756 -45.40 39.71 -4.70
C GLU F 756 -46.04 39.61 -6.07
N MET F 757 -45.43 40.27 -7.06
CA MET F 757 -45.97 40.21 -8.42
C MET F 757 -45.88 38.81 -9.00
N PHE F 758 -44.78 38.11 -8.73
CA PHE F 758 -44.68 36.72 -9.17
C PHE F 758 -45.73 35.86 -8.48
N ALA F 759 -46.00 36.12 -7.21
CA ALA F 759 -47.06 35.40 -6.50
C ALA F 759 -48.43 35.68 -7.11
N GLN F 760 -48.69 36.92 -7.50
CA GLN F 760 -49.90 37.23 -8.25
C GLN F 760 -49.96 36.46 -9.56
N THR F 761 -48.81 36.30 -10.22
CA THR F 761 -48.77 35.52 -11.45
C THR F 761 -49.22 34.08 -11.21
N LEU F 762 -48.77 33.49 -10.11
CA LEU F 762 -49.11 32.12 -9.73
C LEU F 762 -50.61 31.89 -9.61
N SER F 770 -63.27 32.47 -18.25
CA SER F 770 -63.74 32.98 -19.54
C SER F 770 -64.26 31.83 -20.41
N PHE F 771 -65.29 31.14 -19.93
CA PHE F 771 -65.80 29.94 -20.60
C PHE F 771 -67.29 29.80 -20.34
N ARG F 772 -68.02 29.47 -21.41
CA ARG F 772 -69.48 29.30 -21.35
C ARG F 772 -69.80 27.91 -21.87
N PHE F 773 -70.53 27.14 -21.07
CA PHE F 773 -70.88 25.78 -21.46
C PHE F 773 -71.89 25.79 -22.60
N PRO F 774 -71.74 24.89 -23.58
CA PRO F 774 -72.81 24.70 -24.56
C PRO F 774 -74.08 24.22 -23.88
N SER F 775 -75.22 24.63 -24.43
CA SER F 775 -76.54 24.29 -23.89
C SER F 775 -76.70 24.72 -22.42
N UNK G 1 -9.67 22.30 -21.39
CA UNK G 1 -8.89 22.43 -20.17
C UNK G 1 -8.35 21.10 -19.69
N UNK G 2 -7.03 20.97 -19.64
CA UNK G 2 -6.41 19.77 -19.07
C UNK G 2 -6.20 19.96 -17.58
N UNK G 3 -5.77 18.89 -16.91
CA UNK G 3 -5.53 18.92 -15.47
C UNK G 3 -4.43 17.94 -15.09
N UNK G 4 -3.86 18.14 -13.90
CA UNK G 4 -2.84 17.27 -13.34
C UNK G 4 -3.27 16.75 -11.98
N UNK G 5 -2.72 15.61 -11.59
CA UNK G 5 -3.20 14.85 -10.43
C UNK G 5 -2.08 14.60 -9.43
N UNK G 6 -2.40 14.71 -8.15
CA UNK G 6 -1.48 14.38 -7.06
C UNK G 6 -1.98 13.10 -6.40
N UNK G 7 -1.13 12.09 -6.38
CA UNK G 7 -1.53 10.79 -5.84
C UNK G 7 -1.46 10.80 -4.32
N UNK G 8 -2.25 9.95 -3.70
CA UNK G 8 -2.20 9.69 -2.26
C UNK G 8 -2.12 8.19 -2.05
N UNK G 9 -1.10 7.75 -1.32
CA UNK G 9 -0.88 6.32 -1.13
C UNK G 9 -1.94 5.73 -0.22
PB ADP H . -41.04 14.93 -26.09
O1B ADP H . -39.98 14.94 -25.03
O2B ADP H . -41.41 16.30 -26.63
O3B ADP H . -40.84 13.89 -27.14
PA ADP H . -42.63 15.01 -23.84
O1A ADP H . -42.43 13.90 -22.85
O2A ADP H . -41.88 16.32 -23.72
O3A ADP H . -42.36 14.46 -25.32
O5' ADP H . -44.20 15.38 -23.85
C5' ADP H . -44.65 16.40 -22.97
C4' ADP H . -45.85 15.87 -22.20
O4' ADP H . -46.94 15.69 -23.11
C3' ADP H . -45.54 14.53 -21.59
O3' ADP H . -45.79 14.60 -20.18
C2' ADP H . -46.47 13.54 -22.25
O2' ADP H . -47.09 12.71 -21.27
C1' ADP H . -47.51 14.39 -22.96
N9 ADP H . -47.77 13.86 -24.31
C8 ADP H . -47.36 14.41 -25.46
N7 ADP H . -47.77 13.69 -26.53
C5 ADP H . -48.48 12.66 -26.05
C6 ADP H . -49.20 11.51 -26.64
N6 ADP H . -49.24 11.33 -27.98
N1 ADP H . -49.81 10.66 -25.80
C2 ADP H . -49.76 10.82 -24.46
N3 ADP H . -49.13 11.84 -23.86
C4 ADP H . -48.48 12.78 -24.60
PB ADP I . -21.90 -24.48 -3.52
O1B ADP I . -21.31 -24.06 -2.19
O2B ADP I . -21.07 -25.49 -4.27
O3B ADP I . -22.40 -23.32 -4.34
PA ADP I . -24.20 -25.87 -4.28
O1A ADP I . -23.50 -27.04 -4.95
O2A ADP I . -24.66 -24.70 -5.12
O3A ADP I . -23.23 -25.29 -3.13
O5' ADP I . -25.48 -26.42 -3.48
C5' ADP I . -26.77 -26.13 -4.00
C4' ADP I . -27.87 -26.89 -3.26
O4' ADP I . -29.14 -26.31 -3.61
C3' ADP I . -27.92 -28.34 -3.65
O3' ADP I . -27.46 -29.17 -2.58
C2' ADP I . -29.38 -28.63 -3.94
O2' ADP I . -29.97 -29.35 -2.86
C1' ADP I . -30.07 -27.29 -4.08
N9 ADP I . -30.30 -27.04 -5.52
C8 ADP I . -29.84 -26.00 -6.23
N7 ADP I . -30.21 -26.05 -7.53
C5 ADP I . -30.95 -27.17 -7.66
C6 ADP I . -31.65 -27.83 -8.77
N6 ADP I . -31.64 -27.30 -10.02
N1 ADP I . -32.28 -28.99 -8.50
C2 ADP I . -32.30 -29.52 -7.27
N3 ADP I . -31.68 -28.98 -6.22
C4 ADP I . -31.01 -27.81 -6.35
PG ATP J . -18.32 9.21 -44.24
O1G ATP J . -18.39 8.34 -43.04
O2G ATP J . -16.97 9.85 -44.41
O3G ATP J . -19.39 10.27 -44.30
PB ATP J . -17.83 7.18 -46.34
O1B ATP J . -16.49 6.89 -45.82
O2B ATP J . -17.91 7.53 -47.81
O3B ATP J . -18.52 8.35 -45.55
PA ATP J . -18.74 4.50 -45.52
O1A ATP J . -18.45 4.52 -44.07
O2A ATP J . -17.76 3.74 -46.37
O3A ATP J . -18.83 5.97 -46.11
O5' ATP J . -20.19 3.92 -45.79
C5' ATP J . -20.67 3.72 -47.14
C4' ATP J . -22.08 3.21 -47.05
O4' ATP J . -22.79 3.54 -48.27
C3' ATP J . -22.19 1.70 -46.96
O3' ATP J . -23.47 1.33 -46.45
C2' ATP J . -22.04 1.28 -48.42
O2' ATP J . -22.79 0.10 -48.71
C1' ATP J . -22.59 2.49 -49.19
N9 ATP J . -21.73 2.98 -50.25
C8 ATP J . -21.51 4.30 -50.56
N7 ATP J . -20.68 4.49 -51.55
C5 ATP J . -20.32 3.21 -51.92
C6 ATP J . -19.45 2.72 -52.93
N6 ATP J . -18.76 3.49 -53.76
N1 ATP J . -19.33 1.38 -53.04
C2 ATP J . -20.01 0.59 -52.21
N3 ATP J . -20.84 0.94 -51.23
C4 ATP J . -20.95 2.27 -51.14
PB ADP K . 3.65 -19.35 -23.86
O1B ADP K . 3.86 -19.71 -22.42
O2B ADP K . 4.87 -19.47 -24.73
O3B ADP K . 2.88 -18.06 -24.07
PA ADP K . 3.11 -21.72 -25.28
O1A ADP K . 4.53 -22.11 -24.92
O2A ADP K . 2.73 -21.42 -26.70
O3A ADP K . 2.63 -20.49 -24.37
O5' ADP K . 2.18 -22.93 -24.80
C5' ADP K . 2.54 -24.26 -25.17
C4' ADP K . 1.30 -24.98 -25.69
O4' ADP K . 0.84 -24.35 -26.90
C3' ADP K . 1.61 -26.42 -26.01
O3' ADP K . 0.74 -27.26 -25.25
C2' ADP K . 1.31 -26.60 -27.49
O2' ADP K . 0.30 -27.59 -27.65
C1' ADP K . 0.81 -25.26 -28.00
N9 ADP K . 1.75 -24.70 -29.00
C8 ADP K . 2.12 -23.41 -29.02
N7 ADP K . 2.99 -23.15 -30.02
C5 ADP K . 3.18 -24.32 -30.68
C6 ADP K . 3.98 -24.74 -31.85
N6 ADP K . 4.75 -23.86 -32.52
N1 ADP K . 3.90 -26.04 -32.22
C2 ADP K . 3.13 -26.91 -31.55
N3 ADP K . 2.38 -26.60 -30.48
C4 ADP K . 2.35 -25.33 -30.00
MG MG L . -17.12 7.34 -44.06
PG ATP M . 8.61 18.96 -40.43
O1G ATP M . 8.94 17.95 -39.40
O2G ATP M . 8.38 20.34 -39.88
O3G ATP M . 7.46 18.59 -41.33
PB ATP M . 11.35 18.86 -41.44
O1B ATP M . 11.77 18.33 -40.14
O2B ATP M . 12.03 20.11 -41.94
O3B ATP M . 9.83 19.14 -41.40
PA ATP M . 12.40 16.52 -42.89
O1A ATP M . 12.15 15.43 -41.94
O2A ATP M . 13.82 17.02 -42.93
O3A ATP M . 11.48 17.76 -42.60
O5' ATP M . 12.00 16.07 -44.35
C5' ATP M . 11.67 14.70 -44.64
C4' ATP M . 11.97 14.36 -46.07
O4' ATP M . 12.41 15.53 -46.78
C3' ATP M . 13.04 13.28 -46.26
O3' ATP M . 12.56 12.22 -47.07
C2' ATP M . 14.20 14.03 -46.90
O2' ATP M . 14.85 13.20 -47.86
C1' ATP M . 13.50 15.20 -47.60
N9 ATP M . 14.34 16.38 -47.73
C8 ATP M . 13.98 17.65 -47.39
N7 ATP M . 14.91 18.54 -47.59
C5 ATP M . 15.97 17.80 -48.12
C6 ATP M . 17.25 18.16 -48.55
N6 ATP M . 17.73 19.41 -48.52
N1 ATP M . 18.05 17.18 -49.01
C2 ATP M . 17.58 15.93 -49.05
N3 ATP M . 16.39 15.47 -48.67
C4 ATP M . 15.62 16.46 -48.20
PB ADP N . 29.11 -1.48 -10.90
O1B ADP N . 28.72 -2.48 -9.84
O2B ADP N . 28.17 -1.44 -12.07
O3B ADP N . 29.49 -0.13 -10.38
PA ADP N . 30.52 -3.61 -11.95
O1A ADP N . 31.50 -4.33 -11.09
O2A ADP N . 29.11 -4.09 -12.10
O3A ADP N . 30.45 -2.07 -11.53
O5' ADP N . 31.16 -3.61 -13.40
C5' ADP N . 30.94 -4.79 -14.16
C4' ADP N . 31.98 -4.92 -15.26
O4' ADP N . 32.76 -3.76 -15.46
C3' ADP N . 32.98 -6.00 -14.91
O3' ADP N . 32.53 -7.28 -15.34
C2' ADP N . 34.20 -5.59 -15.70
O2' ADP N . 34.38 -6.49 -16.79
C1' ADP N . 33.88 -4.21 -16.23
N9 ADP N . 35.10 -3.41 -16.10
C8 ADP N . 36.34 -3.88 -16.31
N7 ADP N . 37.28 -2.93 -16.14
C5 ADP N . 36.62 -1.81 -15.81
C6 ADP N . 37.01 -0.45 -15.48
N6 ADP N . 38.31 -0.09 -15.49
N1 ADP N . 36.06 0.44 -15.19
C2 ADP N . 34.77 0.06 -15.19
N3 ADP N . 34.33 -1.16 -15.47
C4 ADP N . 35.19 -2.13 -15.79
MG MG O . 10.71 17.59 -38.57
PG ATP P . 24.74 10.01 16.68
O1G ATP P . 24.11 9.57 15.41
O2G ATP P . 23.74 10.34 17.77
O3G ATP P . 25.77 9.04 17.24
PB ATP P . 26.04 12.60 17.25
O1B ATP P . 25.37 13.82 16.84
O2B ATP P . 25.93 12.26 18.72
O3B ATP P . 25.54 11.36 16.45
PA ATP P . 28.88 11.99 17.51
O1A ATP P . 28.96 10.53 17.29
O2A ATP P . 28.94 12.43 18.96
O3A ATP P . 27.59 12.61 16.91
O5' ATP P . 30.04 12.71 16.74
C5' ATP P . 31.14 11.96 16.19
C4' ATP P . 32.42 12.72 16.43
O4' ATP P . 32.18 14.12 16.20
C3' ATP P . 32.95 12.66 17.85
O3' ATP P . 33.76 11.50 18.03
C2' ATP P . 33.79 13.93 17.94
O2' ATP P . 35.10 13.71 17.42
C1' ATP P . 33.01 14.89 17.03
N9 ATP P . 32.17 15.83 17.76
C8 ATP P . 30.82 16.01 17.59
N7 ATP P . 30.30 16.92 18.37
C5 ATP P . 31.37 17.37 19.10
C6 ATP P . 31.48 18.34 20.11
N6 ATP P . 30.46 19.07 20.57
N1 ATP P . 32.71 18.56 20.64
C2 ATP P . 33.73 17.84 20.19
N3 ATP P . 33.75 16.90 19.24
C4 ATP P . 32.53 16.71 18.74
PG ATP Q . 17.04 34.33 -17.29
O1G ATP Q . 17.12 33.38 -16.15
O2G ATP Q . 15.84 35.22 -17.28
O3G ATP Q . 17.15 33.66 -18.64
PB ATP Q . 19.27 35.85 -16.21
O1B ATP Q . 19.30 34.93 -15.09
O2B ATP Q . 18.92 37.31 -15.95
O3B ATP Q . 18.25 35.31 -17.23
PA ATP Q . 22.10 35.40 -16.66
O1A ATP Q . 22.16 34.00 -16.23
O2A ATP Q . 22.65 36.41 -15.70
O3A ATP Q . 20.64 35.82 -16.98
O5' ATP Q . 22.91 35.54 -18.00
C5' ATP Q . 23.92 34.57 -18.36
C4' ATP Q . 24.86 35.16 -19.37
O4' ATP Q . 24.71 36.59 -19.39
C3' ATP Q . 26.34 34.88 -19.10
O3' ATP Q . 27.03 34.58 -20.31
C2' ATP Q . 26.84 36.20 -18.51
O2' ATP Q . 28.20 36.41 -18.85
C1' ATP Q . 25.97 37.20 -19.27
N9 ATP Q . 25.79 38.48 -18.61
C8 ATP Q . 24.60 39.15 -18.47
N7 ATP Q . 24.71 40.29 -17.85
C5 ATP Q . 26.05 40.39 -17.55
C6 ATP Q . 26.81 41.37 -16.88
N6 ATP Q . 26.28 42.49 -16.39
N1 ATP Q . 28.13 41.16 -16.75
C2 ATP Q . 28.65 40.04 -17.25
N3 ATP Q . 28.04 39.05 -17.90
C4 ATP Q . 26.74 39.28 -18.01
MG MG R . 18.47 32.62 -14.82
MG MG S . 24.23 8.51 18.30
PG ATP T . 1.19 6.91 31.73
O1G ATP T . 2.50 7.41 31.25
O2G ATP T . 0.07 7.07 30.74
O3G ATP T . 1.24 5.47 32.23
PB ATP T . 0.07 7.49 34.38
O1B ATP T . -1.29 8.00 34.45
O2B ATP T . 0.26 6.02 34.69
O3B ATP T . 0.71 7.73 32.99
PA ATP T . 1.74 7.99 36.71
O1A ATP T . 2.47 6.71 36.68
O2A ATP T . 0.68 8.13 37.76
O3A ATP T . 1.05 8.28 35.35
O5' ATP T . 2.73 9.20 36.90
C5' ATP T . 2.32 10.36 37.64
C4' ATP T . 3.49 11.17 38.13
O4' ATP T . 3.04 12.49 38.45
C3' ATP T . 4.08 10.68 39.43
O3' ATP T . 5.34 11.31 39.66
C2' ATP T . 3.05 11.18 40.44
O2' ATP T . 3.69 11.44 41.69
C1' ATP T . 2.56 12.49 39.80
N9 ATP T . 1.12 12.65 39.76
C8 ATP T . 0.32 12.58 38.66
N7 ATP T . -0.96 12.75 38.91
C5 ATP T . -0.99 12.96 40.27
C6 ATP T . -2.05 13.21 41.17
N6 ATP T . -3.33 13.30 40.78
N1 ATP T . -1.76 13.38 42.46
C2 ATP T . -0.48 13.28 42.84
N3 ATP T . 0.60 13.05 42.10
C4 ATP T . 0.27 12.89 40.82
PG ATP U . 0.51 37.41 5.68
O1G ATP U . 1.10 36.23 6.37
O2G ATP U . -0.91 37.19 5.21
O3G ATP U . 1.35 37.95 4.54
PB ATP U . 0.07 38.86 8.16
O1B ATP U . 0.03 37.58 8.88
O2B ATP U . -1.14 39.77 8.22
O3B ATP U . 0.39 38.61 6.68
PA ATP U . 2.23 39.76 9.88
O1A ATP U . 2.87 38.45 10.12
O2A ATP U . 1.42 40.34 11.01
O3A ATP U . 1.32 39.72 8.64
O5' ATP U . 3.30 40.85 9.52
C5' ATP U . 3.62 41.89 10.47
C4' ATP U . 4.96 42.49 10.16
O4' ATP U . 4.79 43.91 9.95
C3' ATP U . 5.94 42.42 11.31
O3' ATP U . 7.27 42.65 10.85
C2' ATP U . 5.45 43.56 12.21
O2' ATP U . 6.54 44.19 12.89
C1' ATP U . 4.86 44.56 11.21
N9 ATP U . 3.52 45.02 11.57
C8 ATP U . 2.37 44.82 10.84
N7 ATP U . 1.30 45.34 11.40
C5 ATP U . 1.79 45.91 12.56
C6 ATP U . 1.15 46.63 13.60
N6 ATP U . -0.16 46.89 13.62
N1 ATP U . 1.92 47.07 14.61
C2 ATP U . 3.23 46.81 14.59
N3 ATP U . 3.93 46.15 13.67
C4 ATP U . 3.15 45.73 12.68
MG MG V . 1.11 35.46 8.72
MG MG W . 1.41 4.62 34.08
PG ATP X . -22.78 -9.90 23.87
O1G ATP X . -23.01 -8.88 22.82
O2G ATP X . -22.60 -11.31 23.31
O3G ATP X . -21.61 -9.58 24.81
PB ATP X . -25.34 -10.89 24.99
O1B ATP X . -26.31 -10.59 23.93
O2B ATP X . -24.87 -12.32 25.12
O3B ATP X . -24.04 -10.01 24.82
PA ATP X . -25.64 -10.85 27.93
O1A ATP X . -24.34 -11.52 28.12
O2A ATP X . -26.84 -11.65 28.37
O3A ATP X . -25.86 -10.42 26.42
O5' ATP X . -25.64 -9.47 28.69
C5' ATP X . -26.87 -8.82 29.06
C4' ATP X . -26.97 -8.76 30.56
O4' ATP X . -28.21 -8.12 30.93
C3' ATP X . -27.00 -10.09 31.29
O3' ATP X . -26.61 -9.95 32.65
C2' ATP X . -28.48 -10.47 31.20
O2' ATP X . -28.85 -11.18 32.38
C1' ATP X . -29.19 -9.11 31.19
N9 ATP X . -30.23 -9.00 30.17
C8 ATP X . -30.12 -8.41 28.94
N7 ATP X . -31.23 -8.47 28.22
C5 ATP X . -32.11 -9.14 29.05
C6 ATP X . -33.46 -9.52 28.88
N6 ATP X . -34.17 -9.27 27.77
N1 ATP X . -34.05 -10.17 29.90
C2 ATP X . -33.35 -10.42 31.00
N3 ATP X . -32.08 -10.12 31.27
C4 ATP X . -31.51 -9.47 30.24
PB ADP Y . -33.33 31.43 4.31
O1B ADP Y . -32.08 30.62 4.04
O2B ADP Y . -34.60 30.64 4.25
O3B ADP Y . -33.37 32.76 3.60
PA ADP Y . -33.54 30.73 7.00
O1A ADP Y . -32.62 29.56 6.80
O2A ADP Y . -35.02 30.51 7.02
O3A ADP Y . -33.21 31.82 5.87
O5' ADP Y . -33.12 31.47 8.35
C5' ADP Y . -33.05 30.73 9.56
C4' ADP Y . -33.03 31.68 10.74
O4' ADP Y . -34.11 32.61 10.61
C3' ADP Y . -33.18 30.95 12.06
O3' ADP Y . -32.04 31.18 12.87
C2' ADP Y . -34.40 31.56 12.73
O2' ADP Y . -34.05 32.04 14.01
C1' ADP Y . -34.83 32.72 11.84
N9 ADP Y . -36.28 32.62 11.56
C8 ADP Y . -36.86 32.61 10.34
N7 ADP Y . -38.20 32.51 10.43
C5 ADP Y . -38.50 32.46 11.74
C6 ADP Y . -39.75 32.36 12.54
N6 ADP Y . -40.95 32.29 11.94
N1 ADP Y . -39.63 32.34 13.88
C2 ADP Y . -38.43 32.40 14.49
N3 ADP Y . -37.26 32.51 13.83
C4 ADP Y . -37.24 32.54 12.48
MG MG Z . -22.62 -13.59 25.08
#